data_2ROP
#
_entry.id   2ROP
#
_entity_poly.entity_id   1
_entity_poly.type   'polypeptide(L)'
_entity_poly.pdbx_seq_one_letter_code
;SANQNFNNSETLGHQGSHVVTLQLRIDGMHCKSCVLNIEENIGQLLGVQSIQVSLENKTAQVKYDPSCTSPVALQRAIEA
LPPGNFKVSLPDGAEGSGTDHRSSSSHSPGSPPRNQVQGTCSTTLIAIAGMTCASCVHSIEGMISQLEGVQQISVSLAEG
TATVLYNPAVISPEELRAAIEDMGFEASVVSESCSTNPLGNH
;
_entity_poly.pdbx_strand_id   A
#
# COMPACT_ATOMS: atom_id res chain seq x y z
N VAL A 20 -2.86 -9.28 -0.58
CA VAL A 20 -3.63 -9.38 0.67
C VAL A 20 -3.50 -10.77 1.31
N THR A 21 -3.77 -10.79 2.62
CA THR A 21 -3.52 -11.94 3.50
C THR A 21 -4.82 -12.60 3.91
N LEU A 22 -4.85 -13.93 3.85
CA LEU A 22 -5.94 -14.70 4.45
C LEU A 22 -5.49 -15.91 5.26
N GLN A 23 -6.43 -16.32 6.11
CA GLN A 23 -6.30 -17.33 7.14
C GLN A 23 -7.29 -18.44 6.87
N LEU A 24 -6.82 -19.68 6.99
CA LEU A 24 -7.68 -20.86 6.91
C LEU A 24 -7.22 -22.00 7.80
N ARG A 25 -8.14 -22.92 8.10
CA ARG A 25 -7.86 -24.21 8.73
C ARG A 25 -7.87 -25.33 7.69
N ILE A 26 -7.17 -26.42 8.00
CA ILE A 26 -6.99 -27.62 7.16
C ILE A 26 -7.16 -28.90 7.99
N ASP A 27 -7.79 -29.92 7.42
CA ASP A 27 -7.90 -31.28 7.98
C ASP A 27 -6.82 -32.17 7.36
N GLY A 28 -6.08 -32.86 8.22
CA GLY A 28 -4.91 -33.67 7.87
C GLY A 28 -3.58 -32.97 8.17
N MET A 29 -3.54 -31.64 8.32
CA MET A 29 -2.32 -30.91 8.72
C MET A 29 -1.85 -31.26 10.15
N HIS A 30 -2.69 -31.93 10.93
CA HIS A 30 -2.35 -32.59 12.18
C HIS A 30 -1.11 -33.51 12.03
N CYS A 31 -0.96 -34.21 10.89
CA CYS A 31 0.22 -35.05 10.61
C CYS A 31 1.46 -34.25 10.14
N LYS A 32 1.34 -32.92 10.03
CA LYS A 32 2.36 -31.92 9.66
C LYS A 32 2.73 -32.01 8.17
N SER A 33 3.24 -33.16 7.71
CA SER A 33 3.69 -33.41 6.33
C SER A 33 2.65 -33.07 5.25
N CYS A 34 1.35 -33.13 5.56
CA CYS A 34 0.24 -32.66 4.72
C CYS A 34 0.48 -31.25 4.15
N VAL A 35 1.09 -30.35 4.93
CA VAL A 35 1.32 -28.96 4.51
C VAL A 35 2.41 -28.81 3.43
N LEU A 36 3.29 -29.80 3.25
CA LEU A 36 4.48 -29.73 2.40
C LEU A 36 4.11 -29.68 0.91
N ASN A 37 3.33 -30.65 0.46
CA ASN A 37 2.85 -30.75 -0.92
C ASN A 37 1.90 -29.58 -1.28
N ILE A 38 1.18 -29.00 -0.30
CA ILE A 38 0.44 -27.73 -0.48
C ILE A 38 1.44 -26.59 -0.71
N GLU A 39 2.39 -26.39 0.20
CA GLU A 39 3.42 -25.33 0.15
C GLU A 39 4.18 -25.34 -1.19
N GLU A 40 4.51 -26.52 -1.73
CA GLU A 40 5.26 -26.65 -2.97
C GLU A 40 4.52 -26.04 -4.17
N ASN A 41 3.21 -26.26 -4.24
CA ASN A 41 2.36 -25.84 -5.36
C ASN A 41 1.76 -24.44 -5.18
N ILE A 42 1.55 -23.99 -3.94
CA ILE A 42 0.85 -22.73 -3.66
C ILE A 42 1.88 -21.62 -3.41
N GLY A 43 1.85 -20.60 -4.29
CA GLY A 43 2.85 -19.52 -4.34
C GLY A 43 3.53 -19.31 -5.69
N GLN A 44 3.48 -20.29 -6.59
CA GLN A 44 3.96 -20.15 -7.99
C GLN A 44 2.84 -19.80 -8.98
N LEU A 45 1.61 -19.65 -8.51
CA LEU A 45 0.38 -19.54 -9.30
C LEU A 45 0.00 -18.09 -9.62
N LEU A 46 -0.73 -17.89 -10.71
CA LEU A 46 -1.05 -16.55 -11.24
C LEU A 46 -1.65 -15.57 -10.22
N GLY A 47 -2.44 -16.04 -9.25
CA GLY A 47 -3.04 -15.26 -8.17
C GLY A 47 -2.47 -15.51 -6.77
N VAL A 48 -1.43 -16.33 -6.58
CA VAL A 48 -0.79 -16.55 -5.27
C VAL A 48 0.73 -16.48 -5.42
N GLN A 49 1.37 -15.53 -4.73
CA GLN A 49 2.78 -15.21 -4.94
C GLN A 49 3.74 -15.79 -3.89
N SER A 50 3.27 -16.02 -2.67
CA SER A 50 4.01 -16.71 -1.60
C SER A 50 3.06 -17.48 -0.67
N ILE A 51 3.61 -18.27 0.26
CA ILE A 51 2.84 -19.01 1.26
C ILE A 51 3.54 -18.94 2.62
N GLN A 52 2.77 -18.90 3.70
CA GLN A 52 3.24 -18.85 5.08
C GLN A 52 2.43 -19.86 5.92
N VAL A 53 3.02 -20.46 6.95
CA VAL A 53 2.34 -21.45 7.81
C VAL A 53 2.27 -20.94 9.26
N SER A 54 1.23 -21.36 9.99
CA SER A 54 1.00 -20.92 11.37
C SER A 54 0.48 -22.10 12.23
N LEU A 55 1.27 -23.18 12.30
CA LEU A 55 0.89 -24.47 12.86
C LEU A 55 0.71 -24.46 14.39
N GLU A 56 1.42 -23.55 15.08
CA GLU A 56 1.24 -23.26 16.51
C GLU A 56 -0.10 -22.55 16.83
N ASN A 57 -0.68 -21.85 15.84
CA ASN A 57 -2.04 -21.30 15.87
C ASN A 57 -3.08 -22.30 15.30
N LYS A 58 -2.61 -23.22 14.44
CA LYS A 58 -3.26 -24.36 13.75
C LYS A 58 -3.68 -24.01 12.31
N THR A 59 -3.37 -22.81 11.80
CA THR A 59 -3.84 -22.29 10.50
C THR A 59 -2.74 -22.26 9.45
N ALA A 60 -3.16 -22.06 8.19
CA ALA A 60 -2.28 -21.74 7.08
C ALA A 60 -2.55 -20.30 6.64
N GLN A 61 -1.51 -19.58 6.21
CA GLN A 61 -1.53 -18.16 5.97
C GLN A 61 -1.07 -17.86 4.54
N VAL A 62 -2.01 -17.49 3.68
CA VAL A 62 -1.74 -17.30 2.24
C VAL A 62 -1.59 -15.82 1.88
N LYS A 63 -0.68 -15.55 0.95
CA LYS A 63 -0.26 -14.22 0.48
C LYS A 63 -0.69 -14.11 -1.00
N TYR A 64 -1.92 -13.62 -1.24
CA TYR A 64 -2.62 -13.68 -2.54
C TYR A 64 -2.89 -12.34 -3.23
N ASP A 65 -3.02 -12.38 -4.57
CA ASP A 65 -3.35 -11.27 -5.46
C ASP A 65 -4.86 -11.29 -5.77
N PRO A 66 -5.63 -10.25 -5.38
CA PRO A 66 -7.08 -10.19 -5.61
C PRO A 66 -7.49 -9.97 -7.09
N SER A 67 -6.54 -9.96 -8.03
CA SER A 67 -6.79 -9.73 -9.46
C SER A 67 -7.21 -11.00 -10.23
N CYS A 68 -6.74 -12.18 -9.80
CA CYS A 68 -7.04 -13.48 -10.43
C CYS A 68 -7.88 -14.41 -9.55
N THR A 69 -7.88 -14.21 -8.23
CA THR A 69 -8.46 -15.14 -7.26
C THR A 69 -9.11 -14.42 -6.08
N SER A 70 -9.67 -15.19 -5.16
CA SER A 70 -10.53 -14.77 -4.06
C SER A 70 -10.66 -15.91 -3.04
N PRO A 71 -11.15 -15.68 -1.80
CA PRO A 71 -11.19 -16.70 -0.74
C PRO A 71 -11.80 -18.04 -1.17
N VAL A 72 -12.99 -18.02 -1.80
CA VAL A 72 -13.65 -19.22 -2.33
C VAL A 72 -12.89 -19.88 -3.50
N ALA A 73 -12.30 -19.09 -4.40
CA ALA A 73 -11.56 -19.60 -5.55
C ALA A 73 -10.24 -20.26 -5.13
N LEU A 74 -9.55 -19.68 -4.15
CA LEU A 74 -8.40 -20.26 -3.45
C LEU A 74 -8.80 -21.57 -2.78
N GLN A 75 -9.85 -21.54 -1.97
CA GLN A 75 -10.38 -22.71 -1.26
C GLN A 75 -10.60 -23.88 -2.21
N ARG A 76 -11.34 -23.65 -3.30
CA ARG A 76 -11.64 -24.65 -4.33
C ARG A 76 -10.42 -25.06 -5.17
N ALA A 77 -9.39 -24.21 -5.30
CA ALA A 77 -8.13 -24.57 -5.97
C ALA A 77 -7.30 -25.54 -5.11
N ILE A 78 -6.94 -25.10 -3.90
CA ILE A 78 -5.94 -25.78 -3.07
C ILE A 78 -6.46 -27.10 -2.47
N GLU A 79 -7.75 -27.21 -2.16
CA GLU A 79 -8.37 -28.43 -1.63
C GLU A 79 -8.36 -29.59 -2.67
N ALA A 80 -8.20 -29.31 -3.96
CA ALA A 80 -8.12 -30.32 -5.02
C ALA A 80 -6.69 -30.60 -5.54
N LEU A 81 -5.68 -30.08 -4.84
CA LEU A 81 -4.29 -30.51 -5.03
C LEU A 81 -4.14 -32.02 -4.72
N PRO A 82 -4.61 -32.53 -3.56
CA PRO A 82 -4.67 -33.96 -3.28
C PRO A 82 -5.90 -34.62 -3.93
N PRO A 83 -5.99 -35.97 -3.88
CA PRO A 83 -7.19 -36.74 -4.23
C PRO A 83 -8.24 -36.66 -3.11
N GLY A 84 -8.79 -35.46 -2.86
CA GLY A 84 -9.81 -35.23 -1.83
C GLY A 84 -9.34 -35.57 -0.42
N ASN A 85 -8.05 -35.37 -0.15
CA ASN A 85 -7.38 -35.92 1.05
C ASN A 85 -7.04 -34.91 2.17
N PHE A 86 -7.00 -33.61 1.83
CA PHE A 86 -6.71 -32.51 2.77
C PHE A 86 -7.78 -31.42 2.60
N LYS A 87 -8.72 -31.30 3.56
CA LYS A 87 -9.93 -30.48 3.45
C LYS A 87 -9.78 -29.12 4.16
N VAL A 88 -10.21 -28.01 3.56
CA VAL A 88 -10.06 -26.66 4.16
C VAL A 88 -11.34 -26.17 4.85
N SER A 89 -11.20 -25.25 5.80
CA SER A 89 -12.31 -24.48 6.38
C SER A 89 -11.93 -22.99 6.47
N LEU A 90 -12.68 -22.17 5.75
CA LEU A 90 -12.53 -20.71 5.61
C LEU A 90 -13.52 -19.98 6.54
N THR A 120 -5.44 21.57 -18.31
CA THR A 120 -5.60 22.46 -17.15
C THR A 120 -4.83 22.03 -15.90
N CYS A 121 -4.03 20.95 -15.97
CA CYS A 121 -3.43 20.29 -14.81
C CYS A 121 -2.01 19.75 -15.03
N SER A 122 -1.19 19.79 -13.99
CA SER A 122 0.10 19.10 -13.86
C SER A 122 0.32 18.71 -12.39
N THR A 123 1.21 17.74 -12.12
CA THR A 123 1.53 17.30 -10.75
C THR A 123 3.01 17.48 -10.49
N THR A 124 3.40 17.97 -9.31
CA THR A 124 4.82 18.06 -8.92
C THR A 124 5.05 17.76 -7.45
N LEU A 125 6.31 17.43 -7.13
CA LEU A 125 6.79 17.08 -5.80
C LEU A 125 7.84 18.12 -5.33
N ILE A 126 7.76 18.46 -4.04
CA ILE A 126 8.47 19.56 -3.36
C ILE A 126 9.20 19.00 -2.13
N ALA A 127 10.42 19.44 -1.85
CA ALA A 127 11.15 19.15 -0.61
C ALA A 127 11.15 20.40 0.31
N ILE A 128 10.85 20.25 1.60
CA ILE A 128 10.68 21.39 2.55
C ILE A 128 11.63 21.26 3.73
N ALA A 129 12.24 22.38 4.14
CA ALA A 129 13.18 22.50 5.25
C ALA A 129 12.71 23.55 6.28
N GLY A 130 11.52 23.31 6.80
CA GLY A 130 10.94 24.00 7.96
C GLY A 130 9.73 23.28 8.50
N MET A 131 9.92 22.00 8.84
CA MET A 131 8.92 21.14 9.45
C MET A 131 9.53 20.42 10.66
N THR A 132 9.03 20.80 11.85
CA THR A 132 9.57 20.44 13.17
C THR A 132 8.60 19.60 14.00
N CYS A 133 7.33 19.47 13.60
CA CYS A 133 6.25 18.69 14.22
C CYS A 133 5.18 18.33 13.18
N ALA A 134 4.31 17.34 13.43
CA ALA A 134 3.21 16.97 12.51
C ALA A 134 2.25 18.14 12.22
N SER A 135 2.05 19.05 13.17
CA SER A 135 1.27 20.28 13.02
C SER A 135 1.70 21.17 11.83
N CYS A 136 2.95 21.02 11.36
CA CYS A 136 3.42 21.63 10.12
C CYS A 136 2.55 21.22 8.92
N VAL A 137 2.06 19.99 8.88
CA VAL A 137 1.19 19.51 7.78
C VAL A 137 -0.10 20.32 7.73
N HIS A 138 -0.85 20.43 8.84
CA HIS A 138 -2.16 21.09 8.77
C HIS A 138 -2.02 22.60 8.51
N SER A 139 -0.86 23.15 8.87
CA SER A 139 -0.47 24.54 8.60
C SER A 139 -0.14 24.76 7.10
N ILE A 140 0.74 23.93 6.50
CA ILE A 140 1.14 24.03 5.08
C ILE A 140 -0.02 23.68 4.14
N GLU A 141 -0.60 22.48 4.31
CA GLU A 141 -1.74 21.98 3.52
C GLU A 141 -2.92 22.97 3.58
N GLY A 142 -3.08 23.70 4.70
CA GLY A 142 -4.06 24.77 4.88
C GLY A 142 -3.72 26.09 4.16
N MET A 143 -2.61 26.72 4.54
CA MET A 143 -2.28 28.09 4.12
C MET A 143 -1.87 28.21 2.65
N ILE A 144 -1.15 27.22 2.14
CA ILE A 144 -0.69 27.19 0.73
C ILE A 144 -1.85 26.91 -0.23
N SER A 145 -2.90 26.26 0.27
CA SER A 145 -4.15 26.02 -0.50
C SER A 145 -4.98 27.28 -0.83
N GLN A 146 -4.54 28.50 -0.47
CA GLN A 146 -5.34 29.74 -0.54
C GLN A 146 -4.97 30.71 -1.68
N LEU A 147 -3.91 30.41 -2.47
CA LEU A 147 -3.30 31.36 -3.41
C LEU A 147 -3.60 31.13 -4.91
N GLU A 148 -4.63 30.35 -5.22
CA GLU A 148 -5.16 30.05 -6.58
C GLU A 148 -4.32 29.01 -7.33
N GLY A 149 -4.89 28.39 -8.35
CA GLY A 149 -4.22 27.37 -9.20
C GLY A 149 -3.90 26.03 -8.52
N VAL A 150 -3.76 26.03 -7.20
CA VAL A 150 -3.59 24.86 -6.31
C VAL A 150 -4.89 24.04 -6.23
N GLN A 151 -5.00 22.99 -7.04
CA GLN A 151 -6.17 22.10 -7.07
C GLN A 151 -6.15 21.07 -5.92
N GLN A 152 -5.02 20.40 -5.67
CA GLN A 152 -4.88 19.42 -4.58
C GLN A 152 -3.47 19.49 -3.98
N ILE A 153 -3.33 19.44 -2.66
CA ILE A 153 -2.02 19.51 -1.97
C ILE A 153 -1.96 18.48 -0.83
N SER A 154 -0.84 17.75 -0.73
CA SER A 154 -0.55 16.75 0.31
C SER A 154 0.92 16.89 0.74
N VAL A 155 1.23 16.74 2.04
CA VAL A 155 2.60 16.91 2.58
C VAL A 155 2.86 15.94 3.75
N SER A 156 4.10 15.43 3.82
CA SER A 156 4.55 14.52 4.87
C SER A 156 5.98 14.80 5.34
N LEU A 157 6.19 14.71 6.66
CA LEU A 157 7.49 14.81 7.33
C LEU A 157 8.43 13.62 7.14
N ALA A 158 7.92 12.47 6.71
CA ALA A 158 8.65 11.20 6.65
C ALA A 158 9.95 11.29 5.82
N GLU A 159 9.87 11.97 4.67
CA GLU A 159 11.01 12.37 3.84
C GLU A 159 11.17 13.91 3.82
N GLY A 160 10.21 14.66 4.39
CA GLY A 160 10.16 16.13 4.33
C GLY A 160 9.68 16.66 2.99
N THR A 161 8.58 16.12 2.45
CA THR A 161 8.16 16.34 1.05
C THR A 161 6.66 16.49 0.89
N ALA A 162 6.25 17.32 -0.08
CA ALA A 162 4.88 17.54 -0.53
C ALA A 162 4.68 17.09 -1.98
N THR A 163 3.45 16.67 -2.32
CA THR A 163 3.00 16.42 -3.70
C THR A 163 1.74 17.23 -3.95
N VAL A 164 1.71 17.96 -5.07
CA VAL A 164 0.67 18.96 -5.35
C VAL A 164 0.29 18.96 -6.83
N LEU A 165 -1.03 19.04 -7.07
CA LEU A 165 -1.70 19.11 -8.37
C LEU A 165 -2.00 20.60 -8.61
N TYR A 166 -1.34 21.16 -9.62
CA TYR A 166 -1.38 22.59 -9.94
C TYR A 166 -1.94 22.85 -11.35
N ASN A 167 -2.42 24.07 -11.57
CA ASN A 167 -2.90 24.56 -12.85
C ASN A 167 -1.74 25.27 -13.58
N PRO A 168 -1.23 24.71 -14.70
CA PRO A 168 -0.03 25.21 -15.36
C PRO A 168 -0.27 26.49 -16.17
N ALA A 169 -1.52 26.91 -16.39
CA ALA A 169 -1.84 28.23 -16.92
C ALA A 169 -1.66 29.32 -15.84
N VAL A 170 -2.20 29.08 -14.64
CA VAL A 170 -2.23 30.03 -13.52
C VAL A 170 -0.89 30.13 -12.75
N ILE A 171 -0.22 29.01 -12.48
CA ILE A 171 0.95 28.96 -11.57
C ILE A 171 2.07 28.05 -12.06
N SER A 172 3.32 28.36 -11.70
CA SER A 172 4.51 27.54 -11.97
C SER A 172 5.13 26.97 -10.68
N PRO A 173 5.80 25.80 -10.70
CA PRO A 173 6.41 25.16 -9.53
C PRO A 173 7.28 26.09 -8.67
N GLU A 174 8.09 26.95 -9.30
CA GLU A 174 8.97 27.89 -8.58
C GLU A 174 8.22 28.93 -7.73
N GLU A 175 6.93 29.18 -8.00
CA GLU A 175 6.02 29.97 -7.17
C GLU A 175 5.53 29.24 -5.92
N LEU A 176 5.39 27.91 -5.97
CA LEU A 176 5.02 27.07 -4.83
C LEU A 176 6.07 27.24 -3.72
N ARG A 177 7.34 27.08 -4.10
CA ARG A 177 8.49 27.34 -3.25
C ARG A 177 8.42 28.73 -2.61
N ALA A 178 8.20 29.78 -3.41
CA ALA A 178 8.15 31.16 -2.94
C ALA A 178 7.08 31.39 -1.85
N ALA A 179 5.96 30.66 -1.87
CA ALA A 179 4.88 30.76 -0.89
C ALA A 179 5.26 30.18 0.48
N ILE A 180 5.98 29.05 0.52
CA ILE A 180 6.54 28.48 1.76
C ILE A 180 7.68 29.37 2.29
N GLU A 181 8.47 29.97 1.41
CA GLU A 181 9.48 30.96 1.79
C GLU A 181 8.84 32.23 2.41
N ASP A 182 7.66 32.66 1.91
CA ASP A 182 6.84 33.75 2.45
C ASP A 182 6.13 33.39 3.78
N MET A 183 5.81 32.11 3.98
CA MET A 183 5.27 31.57 5.24
C MET A 183 6.29 31.67 6.39
N GLY A 184 7.57 31.59 6.05
CA GLY A 184 8.71 31.76 6.93
C GLY A 184 9.71 30.59 6.98
N PHE A 185 9.62 29.65 6.03
CA PHE A 185 10.39 28.41 5.99
C PHE A 185 11.23 28.38 4.71
N GLU A 186 11.62 27.19 4.26
CA GLU A 186 12.37 26.96 3.03
C GLU A 186 11.76 25.79 2.28
N ALA A 187 11.64 25.95 0.98
CA ALA A 187 11.16 24.94 0.04
C ALA A 187 12.10 24.80 -1.18
N SER A 188 12.05 23.64 -1.81
CA SER A 188 12.82 23.26 -2.99
C SER A 188 11.95 22.42 -3.91
N VAL A 189 12.03 22.61 -5.23
CA VAL A 189 11.21 21.84 -6.20
C VAL A 189 12.02 20.64 -6.73
N VAL A 190 11.49 19.42 -6.54
CA VAL A 190 12.16 18.16 -6.94
C VAL A 190 11.49 17.55 -8.18
N VAL A 20 -2.79 -9.69 -0.02
CA VAL A 20 -3.53 -9.72 1.26
C VAL A 20 -3.24 -11.04 2.00
N THR A 21 -3.49 -11.03 3.33
CA THR A 21 -3.44 -12.22 4.20
C THR A 21 -4.86 -12.76 4.42
N LEU A 22 -4.95 -14.06 4.68
CA LEU A 22 -6.20 -14.83 4.78
C LEU A 22 -6.08 -15.93 5.84
N GLN A 23 -7.10 -16.09 6.67
CA GLN A 23 -7.11 -17.11 7.73
C GLN A 23 -7.89 -18.35 7.30
N LEU A 24 -7.20 -19.49 7.34
CA LEU A 24 -7.75 -20.79 6.93
C LEU A 24 -7.25 -21.95 7.78
N ARG A 25 -8.17 -22.87 8.11
CA ARG A 25 -7.84 -24.15 8.72
C ARG A 25 -7.80 -25.21 7.61
N ILE A 26 -6.66 -25.88 7.52
CA ILE A 26 -6.46 -27.09 6.71
C ILE A 26 -6.66 -28.30 7.63
N ASP A 27 -7.33 -29.33 7.15
CA ASP A 27 -7.59 -30.57 7.88
C ASP A 27 -6.54 -31.64 7.54
N GLY A 28 -6.15 -32.42 8.55
CA GLY A 28 -5.14 -33.47 8.45
C GLY A 28 -3.71 -32.99 8.73
N MET A 29 -3.48 -31.69 8.95
CA MET A 29 -2.14 -31.11 9.17
C MET A 29 -1.44 -31.50 10.49
N HIS A 30 -2.07 -32.31 11.35
CA HIS A 30 -1.39 -32.90 12.51
C HIS A 30 -0.23 -33.84 12.12
N CYS A 31 -0.11 -34.28 10.85
CA CYS A 31 1.11 -34.94 10.35
C CYS A 31 1.84 -33.93 9.46
N LYS A 32 3.12 -33.63 9.72
CA LYS A 32 3.92 -32.62 8.98
C LYS A 32 3.94 -32.85 7.45
N SER A 33 3.85 -34.09 7.00
CA SER A 33 3.83 -34.44 5.58
C SER A 33 2.60 -33.88 4.85
N CYS A 34 1.51 -33.55 5.55
CA CYS A 34 0.29 -33.04 4.95
C CYS A 34 0.47 -31.59 4.45
N VAL A 35 1.05 -30.68 5.26
CA VAL A 35 1.28 -29.30 4.83
C VAL A 35 2.42 -29.18 3.80
N LEU A 36 3.34 -30.16 3.76
CA LEU A 36 4.51 -30.14 2.88
C LEU A 36 4.12 -30.05 1.40
N ASN A 37 3.37 -31.03 0.87
CA ASN A 37 2.96 -31.02 -0.54
C ASN A 37 2.06 -29.82 -0.89
N ILE A 38 1.31 -29.25 0.06
CA ILE A 38 0.60 -27.96 -0.14
C ILE A 38 1.62 -26.81 -0.33
N GLU A 39 2.57 -26.66 0.60
CA GLU A 39 3.59 -25.61 0.58
C GLU A 39 4.50 -25.70 -0.66
N GLU A 40 4.71 -26.90 -1.21
CA GLU A 40 5.50 -27.13 -2.42
C GLU A 40 4.79 -26.60 -3.69
N ASN A 41 3.47 -26.77 -3.80
CA ASN A 41 2.69 -26.45 -5.01
C ASN A 41 2.06 -25.04 -5.05
N ILE A 42 1.89 -24.38 -3.90
CA ILE A 42 1.16 -23.11 -3.78
C ILE A 42 2.12 -21.92 -3.66
N GLY A 43 1.94 -20.98 -4.60
CA GLY A 43 2.76 -19.76 -4.76
C GLY A 43 3.05 -19.39 -6.22
N GLN A 44 2.76 -20.27 -7.17
CA GLN A 44 2.97 -20.09 -8.62
C GLN A 44 1.66 -19.90 -9.41
N LEU A 45 0.52 -19.83 -8.72
CA LEU A 45 -0.81 -19.78 -9.32
C LEU A 45 -1.13 -18.39 -9.91
N LEU A 46 -2.31 -18.28 -10.54
CA LEU A 46 -2.91 -17.05 -11.08
C LEU A 46 -2.70 -15.81 -10.21
N GLY A 47 -3.26 -15.81 -8.98
CA GLY A 47 -3.08 -14.72 -8.01
C GLY A 47 -2.38 -15.12 -6.70
N VAL A 48 -2.20 -16.40 -6.36
CA VAL A 48 -1.44 -16.77 -5.14
C VAL A 48 0.07 -16.65 -5.42
N GLN A 49 0.72 -15.68 -4.78
CA GLN A 49 2.14 -15.35 -4.99
C GLN A 49 3.06 -16.05 -3.97
N SER A 50 2.60 -16.21 -2.73
CA SER A 50 3.34 -16.93 -1.69
C SER A 50 2.42 -17.72 -0.74
N ILE A 51 3.02 -18.57 0.10
CA ILE A 51 2.35 -19.41 1.09
C ILE A 51 3.16 -19.40 2.39
N GLN A 52 2.47 -19.45 3.53
CA GLN A 52 3.03 -19.30 4.86
C GLN A 52 2.29 -20.27 5.81
N VAL A 53 2.88 -20.64 6.97
CA VAL A 53 2.22 -21.53 7.94
C VAL A 53 2.21 -20.94 9.35
N SER A 54 1.08 -21.11 10.03
CA SER A 54 0.80 -20.58 11.37
C SER A 54 0.39 -21.77 12.27
N LEU A 55 1.26 -22.78 12.35
CA LEU A 55 0.96 -24.09 12.93
C LEU A 55 0.66 -24.06 14.43
N GLU A 56 1.26 -23.13 15.18
CA GLU A 56 0.91 -22.89 16.59
C GLU A 56 -0.46 -22.19 16.77
N ASN A 57 -1.01 -21.61 15.72
CA ASN A 57 -2.39 -21.10 15.63
C ASN A 57 -3.35 -22.15 15.01
N LYS A 58 -2.82 -23.29 14.51
CA LYS A 58 -3.53 -24.43 13.90
C LYS A 58 -4.05 -24.09 12.48
N THR A 59 -3.66 -22.93 11.94
CA THR A 59 -4.04 -22.40 10.62
C THR A 59 -2.84 -22.37 9.69
N ALA A 60 -3.14 -22.18 8.42
CA ALA A 60 -2.16 -21.82 7.41
C ALA A 60 -2.24 -20.30 7.18
N GLN A 61 -1.42 -19.77 6.27
CA GLN A 61 -1.51 -18.36 5.89
C GLN A 61 -1.20 -18.23 4.39
N VAL A 62 -2.00 -17.48 3.62
CA VAL A 62 -1.80 -17.41 2.16
C VAL A 62 -1.72 -15.96 1.69
N LYS A 63 -0.78 -15.72 0.78
CA LYS A 63 -0.35 -14.39 0.33
C LYS A 63 -0.70 -14.24 -1.15
N TYR A 64 -1.95 -13.78 -1.39
CA TYR A 64 -2.57 -13.71 -2.71
C TYR A 64 -2.97 -12.29 -3.13
N ASP A 65 -3.05 -12.08 -4.44
CA ASP A 65 -3.47 -10.85 -5.11
C ASP A 65 -4.97 -10.96 -5.48
N PRO A 66 -5.84 -10.15 -4.85
CA PRO A 66 -7.29 -10.20 -5.10
C PRO A 66 -7.69 -9.64 -6.47
N SER A 67 -6.74 -9.06 -7.23
CA SER A 67 -6.96 -8.54 -8.58
C SER A 67 -6.80 -9.64 -9.66
N CYS A 68 -6.36 -10.85 -9.25
CA CYS A 68 -6.22 -12.03 -10.11
C CYS A 68 -7.10 -13.22 -9.66
N THR A 69 -7.18 -13.50 -8.35
CA THR A 69 -7.92 -14.62 -7.75
C THR A 69 -8.83 -14.12 -6.62
N SER A 70 -9.52 -15.00 -5.93
CA SER A 70 -10.48 -14.68 -4.87
C SER A 70 -10.73 -15.90 -3.97
N PRO A 71 -11.13 -15.74 -2.68
CA PRO A 71 -11.16 -16.82 -1.70
C PRO A 71 -11.76 -18.15 -2.17
N VAL A 72 -13.00 -18.23 -2.65
CA VAL A 72 -13.60 -19.51 -3.09
C VAL A 72 -12.86 -20.17 -4.26
N ALA A 73 -12.33 -19.38 -5.20
CA ALA A 73 -11.63 -19.88 -6.39
C ALA A 73 -10.22 -20.39 -6.04
N LEU A 74 -9.52 -19.66 -5.16
CA LEU A 74 -8.18 -20.02 -4.67
C LEU A 74 -8.25 -21.24 -3.74
N GLN A 75 -9.32 -21.34 -2.95
CA GLN A 75 -9.57 -22.47 -2.08
C GLN A 75 -9.86 -23.74 -2.89
N ARG A 76 -10.74 -23.66 -3.90
CA ARG A 76 -11.00 -24.73 -4.86
C ARG A 76 -9.75 -25.15 -5.65
N ALA A 77 -8.80 -24.25 -5.88
CA ALA A 77 -7.48 -24.60 -6.42
C ALA A 77 -6.68 -25.46 -5.45
N ILE A 78 -6.46 -25.00 -4.21
CA ILE A 78 -5.56 -25.70 -3.28
C ILE A 78 -6.14 -27.02 -2.72
N GLU A 79 -7.46 -27.09 -2.50
CA GLU A 79 -8.12 -28.26 -1.91
C GLU A 79 -8.09 -29.50 -2.84
N ALA A 80 -7.86 -29.33 -4.15
CA ALA A 80 -7.77 -30.42 -5.12
C ALA A 80 -6.34 -30.84 -5.47
N LEU A 81 -5.34 -30.31 -4.75
CA LEU A 81 -3.98 -30.86 -4.78
C LEU A 81 -3.98 -32.33 -4.32
N PRO A 82 -4.59 -32.68 -3.17
CA PRO A 82 -4.86 -34.06 -2.80
C PRO A 82 -6.12 -34.60 -3.51
N PRO A 83 -6.43 -35.91 -3.38
CA PRO A 83 -7.70 -36.50 -3.80
C PRO A 83 -8.85 -36.14 -2.83
N GLY A 84 -9.03 -34.85 -2.55
CA GLY A 84 -10.02 -34.33 -1.60
C GLY A 84 -9.69 -34.74 -0.17
N ASN A 85 -8.41 -34.76 0.20
CA ASN A 85 -7.95 -35.38 1.47
C ASN A 85 -7.64 -34.36 2.57
N PHE A 86 -6.89 -33.30 2.24
CA PHE A 86 -6.55 -32.19 3.12
C PHE A 86 -7.54 -31.05 2.84
N LYS A 87 -8.55 -30.90 3.70
CA LYS A 87 -9.71 -30.04 3.43
C LYS A 87 -9.66 -28.67 4.09
N VAL A 88 -10.17 -27.64 3.42
CA VAL A 88 -10.05 -26.25 3.85
C VAL A 88 -11.35 -25.73 4.47
N SER A 89 -11.22 -24.97 5.56
CA SER A 89 -12.32 -24.20 6.17
C SER A 89 -11.89 -22.76 6.51
N LEU A 90 -12.59 -21.79 5.91
CA LEU A 90 -12.47 -20.35 6.18
C LEU A 90 -13.59 -19.84 7.14
N THR A 120 -4.80 21.83 -18.09
CA THR A 120 -5.21 22.52 -16.85
C THR A 120 -4.65 21.93 -15.55
N CYS A 121 -3.93 20.81 -15.62
CA CYS A 121 -3.40 20.07 -14.46
C CYS A 121 -2.01 19.48 -14.73
N SER A 122 -1.11 19.60 -13.75
CA SER A 122 0.19 18.94 -13.67
C SER A 122 0.48 18.59 -12.20
N THR A 123 1.32 17.57 -11.94
CA THR A 123 1.72 17.21 -10.58
C THR A 123 3.21 17.45 -10.40
N THR A 124 3.63 17.95 -9.24
CA THR A 124 5.06 17.99 -8.87
C THR A 124 5.29 17.69 -7.38
N LEU A 125 6.52 17.25 -7.08
CA LEU A 125 7.03 16.98 -5.74
C LEU A 125 7.92 18.14 -5.27
N ILE A 126 7.78 18.58 -4.02
CA ILE A 126 8.56 19.67 -3.39
C ILE A 126 9.14 19.15 -2.07
N ALA A 127 10.41 19.41 -1.81
CA ALA A 127 11.07 19.16 -0.51
C ALA A 127 11.17 20.47 0.29
N ILE A 128 10.99 20.45 1.62
CA ILE A 128 10.97 21.68 2.44
C ILE A 128 11.87 21.55 3.67
N ALA A 129 12.69 22.57 3.88
CA ALA A 129 13.54 22.74 5.06
C ALA A 129 12.96 23.76 6.05
N GLY A 130 12.01 23.29 6.84
CA GLY A 130 11.52 23.98 8.06
C GLY A 130 10.40 23.25 8.78
N MET A 131 10.63 21.98 9.12
CA MET A 131 9.66 21.18 9.88
C MET A 131 10.31 20.34 10.99
N THR A 132 9.55 20.21 12.09
CA THR A 132 9.96 19.66 13.38
C THR A 132 8.80 19.03 14.15
N CYS A 133 7.56 19.50 13.92
CA CYS A 133 6.33 18.98 14.53
C CYS A 133 5.28 18.61 13.46
N ALA A 134 4.62 17.47 13.62
CA ALA A 134 3.59 16.95 12.71
C ALA A 134 2.47 17.96 12.36
N SER A 135 2.19 18.92 13.25
CA SER A 135 1.20 19.98 13.06
C SER A 135 1.42 20.80 11.79
N CYS A 136 2.68 20.97 11.36
CA CYS A 136 3.03 21.78 10.19
C CYS A 136 2.41 21.25 8.89
N VAL A 137 2.00 19.98 8.85
CA VAL A 137 1.21 19.43 7.74
C VAL A 137 -0.09 20.22 7.58
N HIS A 138 -0.93 20.27 8.62
CA HIS A 138 -2.23 20.94 8.55
C HIS A 138 -2.10 22.46 8.34
N SER A 139 -0.95 23.02 8.71
CA SER A 139 -0.54 24.40 8.40
C SER A 139 -0.19 24.59 6.92
N ILE A 140 0.82 23.89 6.37
CA ILE A 140 1.25 24.07 4.96
C ILE A 140 0.15 23.58 4.00
N GLU A 141 -0.29 22.34 4.18
CA GLU A 141 -1.33 21.71 3.37
C GLU A 141 -2.66 22.49 3.45
N GLY A 142 -2.92 23.16 4.59
CA GLY A 142 -4.05 24.07 4.77
C GLY A 142 -3.89 25.42 4.08
N MET A 143 -2.90 26.21 4.47
CA MET A 143 -2.76 27.62 4.08
C MET A 143 -2.40 27.82 2.62
N ILE A 144 -1.58 26.94 2.04
CA ILE A 144 -1.17 27.07 0.63
C ILE A 144 -2.35 26.82 -0.30
N SER A 145 -3.28 25.97 0.11
CA SER A 145 -4.53 25.70 -0.63
C SER A 145 -5.52 26.90 -0.71
N GLN A 146 -5.19 28.06 -0.12
CA GLN A 146 -6.02 29.28 -0.13
C GLN A 146 -5.69 30.26 -1.28
N LEU A 147 -4.62 30.00 -2.06
CA LEU A 147 -4.29 30.74 -3.29
C LEU A 147 -4.72 29.97 -4.56
N GLU A 148 -4.67 30.60 -5.74
CA GLU A 148 -5.16 30.01 -6.99
C GLU A 148 -4.20 28.99 -7.63
N GLY A 149 -4.72 28.22 -8.60
CA GLY A 149 -3.96 27.23 -9.37
C GLY A 149 -3.56 25.95 -8.61
N VAL A 150 -3.26 26.04 -7.31
CA VAL A 150 -3.01 24.87 -6.43
C VAL A 150 -4.32 24.16 -6.10
N GLN A 151 -4.68 23.17 -6.92
CA GLN A 151 -5.93 22.41 -6.83
C GLN A 151 -5.93 21.44 -5.64
N GLN A 152 -4.83 20.70 -5.44
CA GLN A 152 -4.72 19.71 -4.37
C GLN A 152 -3.28 19.73 -3.84
N ILE A 153 -3.10 19.55 -2.55
CA ILE A 153 -1.78 19.42 -1.94
C ILE A 153 -1.79 18.38 -0.82
N SER A 154 -0.75 17.56 -0.75
CA SER A 154 -0.63 16.44 0.17
C SER A 154 0.80 16.38 0.74
N VAL A 155 0.99 16.71 2.01
CA VAL A 155 2.31 16.90 2.65
C VAL A 155 2.58 15.76 3.64
N SER A 156 3.79 15.23 3.53
CA SER A 156 4.35 14.15 4.34
C SER A 156 5.57 14.70 5.06
N LEU A 157 5.37 15.19 6.28
CA LEU A 157 6.42 15.76 7.12
C LEU A 157 7.43 14.68 7.54
N ALA A 158 6.94 13.44 7.63
CA ALA A 158 7.68 12.20 7.76
C ALA A 158 8.80 12.05 6.72
N GLU A 159 8.55 12.46 5.48
CA GLU A 159 9.48 12.47 4.35
C GLU A 159 10.08 13.87 4.09
N GLY A 160 9.49 14.89 4.72
CA GLY A 160 9.76 16.32 4.54
C GLY A 160 9.27 16.86 3.20
N THR A 161 8.23 16.25 2.58
CA THR A 161 7.86 16.54 1.19
C THR A 161 6.38 16.85 1.00
N ALA A 162 6.10 17.79 0.10
CA ALA A 162 4.78 18.10 -0.41
C ALA A 162 4.61 17.52 -1.82
N THR A 163 3.51 16.82 -2.07
CA THR A 163 3.12 16.40 -3.43
C THR A 163 1.85 17.14 -3.79
N VAL A 164 1.86 17.86 -4.91
CA VAL A 164 0.82 18.86 -5.22
C VAL A 164 0.43 18.85 -6.69
N LEU A 165 -0.88 19.00 -6.92
CA LEU A 165 -1.55 19.12 -8.21
C LEU A 165 -1.80 20.61 -8.48
N TYR A 166 -1.10 21.16 -9.46
CA TYR A 166 -1.15 22.58 -9.82
C TYR A 166 -1.60 22.82 -11.27
N ASN A 167 -2.13 24.00 -11.54
CA ASN A 167 -2.55 24.45 -12.86
C ASN A 167 -1.48 25.34 -13.51
N PRO A 168 -0.80 24.85 -14.57
CA PRO A 168 0.35 25.53 -15.16
C PRO A 168 -0.05 26.78 -15.95
N ALA A 169 -1.35 26.99 -16.25
CA ALA A 169 -1.85 28.23 -16.85
C ALA A 169 -2.06 29.37 -15.83
N VAL A 170 -2.04 29.07 -14.52
CA VAL A 170 -2.42 29.98 -13.43
C VAL A 170 -1.25 30.25 -12.46
N ILE A 171 -0.38 29.26 -12.22
CA ILE A 171 0.77 29.36 -11.29
C ILE A 171 1.98 28.59 -11.84
N SER A 172 3.20 29.00 -11.51
CA SER A 172 4.42 28.23 -11.79
C SER A 172 4.96 27.57 -10.50
N PRO A 173 5.53 26.35 -10.54
CA PRO A 173 6.23 25.72 -9.42
C PRO A 173 7.31 26.62 -8.77
N GLU A 174 7.92 27.54 -9.53
CA GLU A 174 8.98 28.41 -9.02
C GLU A 174 8.42 29.46 -8.03
N GLU A 175 7.26 30.06 -8.32
CA GLU A 175 6.53 30.90 -7.37
C GLU A 175 5.80 30.10 -6.27
N LEU A 176 5.40 28.85 -6.56
CA LEU A 176 4.77 27.94 -5.61
C LEU A 176 5.66 27.71 -4.39
N ARG A 177 6.92 27.29 -4.60
CA ARG A 177 7.87 27.14 -3.49
C ARG A 177 8.16 28.47 -2.77
N ALA A 178 8.10 29.61 -3.48
CA ALA A 178 8.30 30.95 -2.90
C ALA A 178 7.16 31.38 -1.95
N ALA A 179 5.98 30.74 -1.99
CA ALA A 179 4.90 30.96 -1.02
C ALA A 179 5.20 30.33 0.35
N ILE A 180 5.86 29.17 0.33
CA ILE A 180 6.39 28.51 1.54
C ILE A 180 7.60 29.28 2.10
N GLU A 181 8.42 29.90 1.24
CA GLU A 181 9.48 30.83 1.67
C GLU A 181 8.92 32.11 2.32
N ASP A 182 7.74 32.58 1.89
CA ASP A 182 6.99 33.65 2.58
C ASP A 182 6.39 33.17 3.93
N MET A 183 6.05 31.88 4.05
CA MET A 183 5.62 31.25 5.32
C MET A 183 6.78 31.08 6.30
N GLY A 184 7.99 30.97 5.75
CA GLY A 184 9.27 31.04 6.44
C GLY A 184 10.22 29.86 6.28
N PHE A 185 9.97 28.97 5.31
CA PHE A 185 10.67 27.68 5.19
C PHE A 185 11.24 27.49 3.79
N GLU A 186 12.38 26.81 3.65
CA GLU A 186 13.08 26.79 2.36
C GLU A 186 12.69 25.55 1.57
N ALA A 187 11.80 25.80 0.63
CA ALA A 187 11.15 24.82 -0.22
C ALA A 187 11.84 24.74 -1.60
N SER A 188 11.90 23.54 -2.18
CA SER A 188 12.67 23.21 -3.39
C SER A 188 11.92 22.22 -4.29
N VAL A 189 11.83 22.52 -5.59
CA VAL A 189 11.01 21.76 -6.56
C VAL A 189 11.79 20.56 -7.10
N VAL A 190 11.95 19.55 -6.25
CA VAL A 190 12.65 18.29 -6.58
C VAL A 190 11.97 17.56 -7.75
N VAL A 20 -2.47 -9.48 -0.06
CA VAL A 20 -3.23 -9.48 1.20
C VAL A 20 -3.22 -10.86 1.88
N THR A 21 -3.62 -10.91 3.15
CA THR A 21 -3.66 -12.11 3.99
C THR A 21 -5.03 -12.77 4.02
N LEU A 22 -5.04 -14.10 4.11
CA LEU A 22 -6.22 -14.94 4.27
C LEU A 22 -5.90 -16.11 5.19
N GLN A 23 -6.72 -16.27 6.23
CA GLN A 23 -6.62 -17.33 7.21
C GLN A 23 -7.60 -18.45 6.88
N LEU A 24 -7.10 -19.67 6.90
CA LEU A 24 -7.93 -20.87 6.84
C LEU A 24 -7.37 -21.99 7.68
N ARG A 25 -8.26 -22.89 8.10
CA ARG A 25 -7.90 -24.09 8.84
C ARG A 25 -7.87 -25.28 7.86
N ILE A 26 -6.79 -26.06 7.86
CA ILE A 26 -6.67 -27.33 7.09
C ILE A 26 -6.80 -28.55 8.02
N ASP A 27 -7.37 -29.64 7.50
CA ASP A 27 -7.51 -30.94 8.13
C ASP A 27 -6.37 -31.87 7.69
N GLY A 28 -5.84 -32.68 8.62
CA GLY A 28 -4.74 -33.62 8.39
C GLY A 28 -3.37 -33.03 8.72
N MET A 29 -3.28 -31.72 9.00
CA MET A 29 -2.00 -31.07 9.33
C MET A 29 -1.35 -31.53 10.63
N HIS A 30 -2.06 -32.26 11.49
CA HIS A 30 -1.47 -32.95 12.63
C HIS A 30 -0.32 -33.88 12.22
N CYS A 31 -0.36 -34.49 11.01
CA CYS A 31 0.72 -35.33 10.46
C CYS A 31 1.99 -34.55 10.06
N LYS A 32 1.88 -33.23 9.90
CA LYS A 32 2.90 -32.25 9.50
C LYS A 32 3.17 -32.30 7.99
N SER A 33 3.55 -33.46 7.45
CA SER A 33 3.88 -33.66 6.02
C SER A 33 2.76 -33.22 5.06
N CYS A 34 1.51 -33.16 5.55
CA CYS A 34 0.37 -32.55 4.90
C CYS A 34 0.70 -31.14 4.35
N VAL A 35 1.35 -30.29 5.15
CA VAL A 35 1.66 -28.91 4.72
C VAL A 35 2.80 -28.82 3.68
N LEU A 36 3.62 -29.87 3.54
CA LEU A 36 4.78 -29.90 2.63
C LEU A 36 4.33 -29.85 1.17
N ASN A 37 3.48 -30.79 0.75
CA ASN A 37 2.95 -30.84 -0.62
C ASN A 37 2.20 -29.55 -0.98
N ILE A 38 1.48 -28.96 -0.01
CA ILE A 38 0.83 -27.65 -0.18
C ILE A 38 1.87 -26.53 -0.44
N GLU A 39 2.94 -26.44 0.35
CA GLU A 39 4.03 -25.46 0.19
C GLU A 39 4.75 -25.59 -1.16
N GLU A 40 4.92 -26.81 -1.69
CA GLU A 40 5.51 -27.06 -3.01
C GLU A 40 4.66 -26.49 -4.16
N ASN A 41 3.33 -26.64 -4.05
CA ASN A 41 2.38 -26.31 -5.12
C ASN A 41 1.84 -24.86 -5.08
N ILE A 42 1.60 -24.28 -3.89
CA ILE A 42 0.86 -23.03 -3.73
C ILE A 42 1.82 -21.85 -3.56
N GLY A 43 1.84 -20.96 -4.57
CA GLY A 43 2.81 -19.87 -4.69
C GLY A 43 3.09 -19.41 -6.13
N GLN A 44 2.82 -20.26 -7.14
CA GLN A 44 3.05 -19.96 -8.56
C GLN A 44 1.75 -19.74 -9.36
N LEU A 45 0.59 -19.95 -8.71
CA LEU A 45 -0.75 -19.88 -9.29
C LEU A 45 -1.12 -18.44 -9.63
N LEU A 46 -2.00 -18.29 -10.63
CA LEU A 46 -2.62 -17.06 -11.14
C LEU A 46 -2.42 -15.82 -10.24
N GLY A 47 -3.05 -15.79 -9.05
CA GLY A 47 -2.88 -14.71 -8.07
C GLY A 47 -2.21 -15.06 -6.74
N VAL A 48 -1.61 -16.25 -6.51
CA VAL A 48 -0.79 -16.45 -5.28
C VAL A 48 0.64 -16.02 -5.59
N GLN A 49 1.25 -15.20 -4.74
CA GLN A 49 2.65 -14.78 -4.87
C GLN A 49 3.55 -15.58 -3.92
N SER A 50 3.14 -15.79 -2.67
CA SER A 50 3.88 -16.54 -1.65
C SER A 50 2.96 -17.26 -0.64
N ILE A 51 3.50 -18.23 0.11
CA ILE A 51 2.77 -19.03 1.12
C ILE A 51 3.38 -18.87 2.52
N GLN A 52 2.58 -18.98 3.58
CA GLN A 52 2.95 -18.83 4.99
C GLN A 52 2.18 -19.83 5.86
N VAL A 53 2.72 -20.21 7.02
CA VAL A 53 2.18 -21.28 7.87
C VAL A 53 2.12 -20.84 9.33
N SER A 54 1.00 -21.17 10.01
CA SER A 54 0.77 -20.91 11.44
C SER A 54 0.18 -22.19 12.10
N LEU A 55 0.92 -23.31 11.94
CA LEU A 55 0.49 -24.67 12.28
C LEU A 55 0.31 -24.90 13.79
N GLU A 56 1.13 -24.22 14.59
CA GLU A 56 1.02 -24.09 16.05
C GLU A 56 -0.41 -23.72 16.50
N ASN A 57 -1.10 -22.91 15.72
CA ASN A 57 -2.49 -22.49 15.95
C ASN A 57 -3.46 -22.98 14.85
N LYS A 58 -3.07 -24.05 14.14
CA LYS A 58 -3.85 -24.84 13.18
C LYS A 58 -4.26 -24.13 11.88
N THR A 59 -3.71 -22.92 11.63
CA THR A 59 -4.04 -22.08 10.46
C THR A 59 -2.92 -22.05 9.43
N ALA A 60 -3.32 -21.97 8.17
CA ALA A 60 -2.44 -21.66 7.05
C ALA A 60 -2.70 -20.22 6.60
N GLN A 61 -1.74 -19.62 5.92
CA GLN A 61 -1.77 -18.20 5.61
C GLN A 61 -1.26 -17.95 4.19
N VAL A 62 -2.09 -17.39 3.32
CA VAL A 62 -1.75 -17.22 1.90
C VAL A 62 -1.64 -15.75 1.54
N LYS A 63 -0.56 -15.41 0.83
CA LYS A 63 -0.27 -14.05 0.37
C LYS A 63 -0.64 -13.96 -1.13
N TYR A 64 -1.88 -13.50 -1.37
CA TYR A 64 -2.50 -13.46 -2.70
C TYR A 64 -2.85 -12.04 -3.13
N ASP A 65 -2.86 -11.81 -4.45
CA ASP A 65 -3.24 -10.55 -5.09
C ASP A 65 -4.69 -10.64 -5.62
N PRO A 66 -5.64 -9.84 -5.08
CA PRO A 66 -7.05 -9.88 -5.43
C PRO A 66 -7.37 -9.28 -6.82
N SER A 67 -6.36 -8.89 -7.61
CA SER A 67 -6.52 -8.45 -9.01
C SER A 67 -6.94 -9.64 -9.91
N CYS A 68 -6.44 -10.83 -9.59
CA CYS A 68 -6.51 -12.02 -10.45
C CYS A 68 -7.35 -13.18 -9.88
N THR A 69 -7.49 -13.28 -8.56
CA THR A 69 -8.14 -14.40 -7.85
C THR A 69 -8.92 -13.93 -6.62
N SER A 70 -9.52 -14.85 -5.89
CA SER A 70 -10.39 -14.60 -4.73
C SER A 70 -10.38 -15.77 -3.73
N PRO A 71 -10.79 -15.57 -2.46
CA PRO A 71 -10.87 -16.65 -1.46
C PRO A 71 -11.59 -17.91 -1.92
N VAL A 72 -12.77 -17.82 -2.57
CA VAL A 72 -13.46 -19.04 -3.06
C VAL A 72 -12.74 -19.69 -4.25
N ALA A 73 -12.10 -18.92 -5.12
CA ALA A 73 -11.30 -19.46 -6.23
C ALA A 73 -10.03 -20.16 -5.72
N LEU A 74 -9.39 -19.62 -4.68
CA LEU A 74 -8.26 -20.23 -3.98
C LEU A 74 -8.69 -21.49 -3.23
N GLN A 75 -9.83 -21.46 -2.52
CA GLN A 75 -10.41 -22.62 -1.85
C GLN A 75 -10.60 -23.77 -2.83
N ARG A 76 -11.31 -23.55 -3.95
CA ARG A 76 -11.46 -24.52 -5.02
C ARG A 76 -10.11 -25.06 -5.53
N ALA A 77 -9.15 -24.19 -5.81
CA ALA A 77 -7.84 -24.56 -6.34
C ALA A 77 -7.09 -25.51 -5.39
N ILE A 78 -6.85 -25.08 -4.15
CA ILE A 78 -6.01 -25.82 -3.20
C ILE A 78 -6.68 -27.07 -2.61
N GLU A 79 -8.01 -27.06 -2.46
CA GLU A 79 -8.78 -28.16 -1.85
C GLU A 79 -8.52 -29.52 -2.53
N ALA A 80 -8.38 -29.54 -3.87
CA ALA A 80 -8.17 -30.76 -4.64
C ALA A 80 -6.70 -31.01 -5.03
N LEU A 81 -5.73 -30.44 -4.30
CA LEU A 81 -4.33 -30.90 -4.40
C LEU A 81 -4.25 -32.38 -3.99
N PRO A 82 -4.73 -32.79 -2.77
CA PRO A 82 -4.82 -34.19 -2.36
C PRO A 82 -5.93 -34.94 -3.11
N PRO A 83 -6.01 -36.28 -2.97
CA PRO A 83 -7.11 -37.12 -3.46
C PRO A 83 -8.41 -36.96 -2.63
N GLY A 84 -8.69 -35.74 -2.15
CA GLY A 84 -9.84 -35.41 -1.28
C GLY A 84 -9.55 -35.68 0.21
N ASN A 85 -8.29 -35.59 0.61
CA ASN A 85 -7.81 -36.04 1.94
C ASN A 85 -7.54 -34.89 2.93
N PHE A 86 -6.92 -33.79 2.47
CA PHE A 86 -6.71 -32.58 3.28
C PHE A 86 -7.84 -31.59 2.96
N LYS A 87 -8.66 -31.26 3.95
CA LYS A 87 -9.88 -30.43 3.85
C LYS A 87 -9.64 -29.00 4.34
N VAL A 88 -10.11 -27.96 3.65
CA VAL A 88 -9.99 -26.56 4.09
C VAL A 88 -11.29 -26.07 4.74
N SER A 89 -11.17 -25.14 5.68
CA SER A 89 -12.29 -24.47 6.37
C SER A 89 -12.06 -22.96 6.42
N LEU A 90 -12.86 -22.26 5.61
CA LEU A 90 -12.75 -20.80 5.41
C LEU A 90 -13.86 -20.00 6.12
N THR A 120 -6.96 22.12 -17.30
CA THR A 120 -5.49 22.12 -17.23
C THR A 120 -5.00 21.75 -15.84
N CYS A 121 -4.15 20.71 -15.74
CA CYS A 121 -3.65 20.17 -14.47
C CYS A 121 -2.30 19.43 -14.64
N SER A 122 -1.41 19.56 -13.67
CA SER A 122 -0.17 18.78 -13.54
C SER A 122 0.10 18.48 -12.06
N THR A 123 0.93 17.48 -11.75
CA THR A 123 1.41 17.20 -10.40
C THR A 123 2.91 17.47 -10.33
N THR A 124 3.41 17.99 -9.20
CA THR A 124 4.85 18.05 -8.89
C THR A 124 5.11 17.79 -7.40
N LEU A 125 6.37 17.51 -7.09
CA LEU A 125 6.87 17.14 -5.78
C LEU A 125 7.91 18.16 -5.29
N ILE A 126 7.71 18.63 -4.06
CA ILE A 126 8.43 19.74 -3.42
C ILE A 126 9.17 19.21 -2.19
N ALA A 127 10.39 19.69 -1.93
CA ALA A 127 11.17 19.42 -0.73
C ALA A 127 11.19 20.66 0.18
N ILE A 128 10.92 20.49 1.48
CA ILE A 128 10.75 21.59 2.44
C ILE A 128 11.68 21.40 3.65
N ALA A 129 12.33 22.47 4.09
CA ALA A 129 13.37 22.49 5.12
C ALA A 129 13.06 23.49 6.26
N GLY A 130 11.91 23.31 6.90
CA GLY A 130 11.55 24.00 8.15
C GLY A 130 10.40 23.31 8.88
N MET A 131 10.53 22.01 9.11
CA MET A 131 9.50 21.18 9.76
C MET A 131 10.13 20.32 10.87
N THR A 132 9.32 20.01 11.89
CA THR A 132 9.77 19.42 13.17
C THR A 132 8.62 18.68 13.88
N CYS A 133 7.38 19.14 13.69
CA CYS A 133 6.15 18.56 14.22
C CYS A 133 5.10 18.32 13.12
N ALA A 134 4.38 17.20 13.20
CA ALA A 134 3.31 16.79 12.28
C ALA A 134 2.26 17.88 12.00
N SER A 135 1.96 18.74 12.98
CA SER A 135 1.03 19.87 12.84
C SER A 135 1.32 20.76 11.62
N CYS A 136 2.60 20.89 11.24
CA CYS A 136 2.99 21.68 10.06
C CYS A 136 2.41 21.14 8.75
N VAL A 137 2.01 19.87 8.68
CA VAL A 137 1.23 19.34 7.54
C VAL A 137 -0.07 20.12 7.41
N HIS A 138 -0.93 20.09 8.44
CA HIS A 138 -2.23 20.74 8.40
C HIS A 138 -2.12 22.26 8.22
N SER A 139 -1.01 22.86 8.66
CA SER A 139 -0.69 24.27 8.42
C SER A 139 -0.29 24.56 6.97
N ILE A 140 0.59 23.77 6.35
CA ILE A 140 0.98 23.93 4.93
C ILE A 140 -0.21 23.59 4.02
N GLU A 141 -0.77 22.40 4.20
CA GLU A 141 -1.96 21.91 3.50
C GLU A 141 -3.14 22.90 3.61
N GLY A 142 -3.22 23.64 4.72
CA GLY A 142 -4.18 24.72 4.95
C GLY A 142 -3.86 26.04 4.26
N MET A 143 -2.72 26.66 4.60
CA MET A 143 -2.37 28.03 4.19
C MET A 143 -1.98 28.17 2.72
N ILE A 144 -1.32 27.16 2.15
CA ILE A 144 -0.85 27.23 0.76
C ILE A 144 -2.02 27.14 -0.22
N SER A 145 -3.09 26.45 0.16
CA SER A 145 -4.36 26.42 -0.60
C SER A 145 -5.00 27.81 -0.88
N GLN A 146 -4.55 28.90 -0.24
CA GLN A 146 -5.16 30.24 -0.35
C GLN A 146 -4.71 31.09 -1.56
N LEU A 147 -3.83 30.60 -2.44
CA LEU A 147 -3.16 31.45 -3.47
C LEU A 147 -3.44 31.13 -4.94
N GLU A 148 -4.38 30.24 -5.22
CA GLU A 148 -4.89 29.82 -6.54
C GLU A 148 -3.98 28.92 -7.37
N GLY A 149 -4.54 28.23 -8.37
CA GLY A 149 -3.85 27.24 -9.20
C GLY A 149 -3.62 25.91 -8.49
N VAL A 150 -3.18 25.94 -7.22
CA VAL A 150 -3.08 24.80 -6.27
C VAL A 150 -4.46 24.19 -5.97
N GLN A 151 -4.80 23.10 -6.65
CA GLN A 151 -6.07 22.40 -6.53
C GLN A 151 -6.07 21.43 -5.34
N GLN A 152 -5.19 20.43 -5.35
CA GLN A 152 -5.09 19.36 -4.35
C GLN A 152 -3.67 19.36 -3.78
N ILE A 153 -3.51 19.29 -2.46
CA ILE A 153 -2.20 19.40 -1.82
C ILE A 153 -2.06 18.41 -0.66
N SER A 154 -0.91 17.77 -0.56
CA SER A 154 -0.58 16.73 0.40
C SER A 154 0.88 16.88 0.86
N VAL A 155 1.22 16.45 2.07
CA VAL A 155 2.57 16.58 2.66
C VAL A 155 2.92 15.32 3.45
N SER A 156 4.18 14.89 3.30
CA SER A 156 4.83 13.79 4.01
C SER A 156 6.08 14.34 4.73
N LEU A 157 5.83 14.87 5.92
CA LEU A 157 6.82 15.49 6.80
C LEU A 157 7.94 14.50 7.19
N ALA A 158 7.58 13.21 7.21
CA ALA A 158 8.46 12.05 7.31
C ALA A 158 9.68 12.14 6.39
N GLU A 159 9.45 12.37 5.10
CA GLU A 159 10.50 12.54 4.08
C GLU A 159 10.83 14.03 3.85
N GLY A 160 10.05 14.93 4.45
CA GLY A 160 10.14 16.38 4.31
C GLY A 160 9.72 16.85 2.92
N THR A 161 8.63 16.29 2.39
CA THR A 161 8.18 16.51 0.99
C THR A 161 6.71 16.86 0.93
N ALA A 162 6.29 17.54 -0.14
CA ALA A 162 4.89 17.89 -0.42
C ALA A 162 4.53 17.57 -1.86
N THR A 163 3.42 16.85 -2.05
CA THR A 163 2.92 16.44 -3.38
C THR A 163 1.64 17.23 -3.69
N VAL A 164 1.61 17.91 -4.83
CA VAL A 164 0.55 18.89 -5.14
C VAL A 164 0.17 18.87 -6.62
N LEU A 165 -1.15 18.95 -6.85
CA LEU A 165 -1.83 19.07 -8.14
C LEU A 165 -2.10 20.57 -8.38
N TYR A 166 -1.46 21.12 -9.40
CA TYR A 166 -1.50 22.54 -9.76
C TYR A 166 -1.95 22.75 -11.22
N ASN A 167 -2.36 23.97 -11.56
CA ASN A 167 -2.67 24.37 -12.93
C ASN A 167 -1.44 25.09 -13.54
N PRO A 168 -0.77 24.50 -14.55
CA PRO A 168 0.50 25.00 -15.08
C PRO A 168 0.41 26.29 -15.92
N ALA A 169 -0.80 26.77 -16.27
CA ALA A 169 -0.99 28.09 -16.87
C ALA A 169 -1.19 29.19 -15.80
N VAL A 170 -1.89 28.87 -14.71
CA VAL A 170 -2.16 29.78 -13.58
C VAL A 170 -0.96 29.90 -12.63
N ILE A 171 -0.21 28.81 -12.37
CA ILE A 171 0.95 28.81 -11.48
C ILE A 171 2.05 27.85 -11.94
N SER A 172 3.29 28.19 -11.62
CA SER A 172 4.51 27.52 -12.07
C SER A 172 5.28 26.94 -10.85
N PRO A 173 6.03 25.84 -10.99
CA PRO A 173 6.79 25.24 -9.89
C PRO A 173 7.70 26.21 -9.12
N GLU A 174 8.35 27.17 -9.81
CA GLU A 174 9.17 28.20 -9.15
C GLU A 174 8.35 29.17 -8.27
N GLU A 175 7.07 29.39 -8.60
CA GLU A 175 6.12 30.15 -7.78
C GLU A 175 5.65 29.37 -6.54
N LEU A 176 5.47 28.04 -6.66
CA LEU A 176 4.99 27.18 -5.57
C LEU A 176 5.91 27.26 -4.35
N ARG A 177 7.21 27.04 -4.56
CA ARG A 177 8.21 27.05 -3.47
C ARG A 177 8.31 28.42 -2.77
N ALA A 178 8.23 29.53 -3.52
CA ALA A 178 8.40 30.88 -2.99
C ALA A 178 7.36 31.23 -1.91
N ALA A 179 6.16 30.65 -1.99
CA ALA A 179 5.06 30.88 -1.05
C ALA A 179 5.36 30.34 0.36
N ILE A 180 6.14 29.25 0.46
CA ILE A 180 6.58 28.66 1.74
C ILE A 180 7.67 29.54 2.41
N GLU A 181 8.51 30.22 1.63
CA GLU A 181 9.47 31.19 2.17
C GLU A 181 8.77 32.44 2.73
N ASP A 182 7.66 32.87 2.12
CA ASP A 182 6.79 33.92 2.68
C ASP A 182 6.01 33.44 3.92
N MET A 183 5.66 32.16 4.01
CA MET A 183 5.02 31.54 5.18
C MET A 183 5.97 31.55 6.39
N GLY A 184 7.24 31.21 6.16
CA GLY A 184 8.32 31.37 7.15
C GLY A 184 9.39 30.27 7.22
N PHE A 185 9.57 29.48 6.15
CA PHE A 185 10.43 28.29 6.12
C PHE A 185 11.34 28.33 4.88
N GLU A 186 11.81 27.17 4.39
CA GLU A 186 12.54 27.01 3.14
C GLU A 186 11.92 25.90 2.29
N ALA A 187 11.86 26.12 0.98
CA ALA A 187 11.31 25.17 0.01
C ALA A 187 12.07 25.14 -1.34
N SER A 188 12.05 23.98 -1.99
CA SER A 188 12.54 23.76 -3.35
C SER A 188 11.63 22.78 -4.11
N VAL A 189 11.45 22.94 -5.43
CA VAL A 189 10.73 21.96 -6.26
C VAL A 189 11.71 20.94 -6.85
N VAL A 190 11.44 19.66 -6.62
CA VAL A 190 12.29 18.53 -7.05
C VAL A 190 11.59 17.83 -8.20
N VAL A 20 -2.85 -9.33 -0.09
CA VAL A 20 -3.72 -9.57 1.08
C VAL A 20 -3.53 -10.97 1.65
N THR A 21 -3.97 -11.12 2.92
CA THR A 21 -3.84 -12.34 3.73
C THR A 21 -5.17 -13.10 3.70
N LEU A 22 -5.13 -14.36 4.12
CA LEU A 22 -6.30 -15.22 4.24
C LEU A 22 -6.21 -16.08 5.50
N GLN A 23 -7.33 -16.25 6.20
CA GLN A 23 -7.47 -17.21 7.29
C GLN A 23 -8.14 -18.47 6.77
N LEU A 24 -7.44 -19.57 6.98
CA LEU A 24 -7.93 -20.90 6.62
C LEU A 24 -7.48 -21.98 7.59
N ARG A 25 -8.42 -22.86 7.94
CA ARG A 25 -8.18 -24.03 8.79
C ARG A 25 -8.22 -25.31 7.97
N ILE A 26 -7.05 -25.91 7.77
CA ILE A 26 -6.84 -27.17 7.03
C ILE A 26 -6.87 -28.36 8.00
N ASP A 27 -7.39 -29.50 7.57
CA ASP A 27 -7.38 -30.80 8.26
C ASP A 27 -6.28 -31.73 7.70
N GLY A 28 -5.74 -32.63 8.54
CA GLY A 28 -4.67 -33.58 8.19
C GLY A 28 -3.26 -33.06 8.45
N MET A 29 -3.10 -31.76 8.74
CA MET A 29 -1.81 -31.09 8.99
C MET A 29 -1.10 -31.44 10.31
N HIS A 30 -1.66 -32.31 11.16
CA HIS A 30 -0.90 -32.87 12.29
C HIS A 30 0.34 -33.65 11.81
N CYS A 31 0.35 -34.16 10.55
CA CYS A 31 1.55 -34.71 9.92
C CYS A 31 2.20 -33.67 9.00
N LYS A 32 3.50 -33.43 9.15
CA LYS A 32 4.24 -32.40 8.39
C LYS A 32 4.11 -32.61 6.86
N SER A 33 4.19 -33.86 6.42
CA SER A 33 4.09 -34.25 5.01
C SER A 33 2.76 -33.84 4.34
N CYS A 34 1.69 -33.63 5.11
CA CYS A 34 0.38 -33.23 4.59
C CYS A 34 0.38 -31.77 4.12
N VAL A 35 1.01 -30.87 4.86
CA VAL A 35 1.17 -29.45 4.45
C VAL A 35 2.21 -29.29 3.35
N LEU A 36 3.24 -30.15 3.30
CA LEU A 36 4.33 -30.12 2.30
C LEU A 36 3.80 -30.03 0.87
N ASN A 37 3.01 -31.01 0.41
CA ASN A 37 2.52 -31.03 -0.98
C ASN A 37 1.63 -29.80 -1.32
N ILE A 38 1.00 -29.16 -0.33
CA ILE A 38 0.34 -27.85 -0.50
C ILE A 38 1.39 -26.74 -0.71
N GLU A 39 2.41 -26.67 0.14
CA GLU A 39 3.45 -25.63 0.11
C GLU A 39 4.35 -25.74 -1.13
N GLU A 40 4.49 -26.93 -1.71
CA GLU A 40 5.17 -27.17 -3.00
C GLU A 40 4.39 -26.53 -4.18
N ASN A 41 3.06 -26.61 -4.16
CA ASN A 41 2.16 -26.22 -5.28
C ASN A 41 1.60 -24.79 -5.23
N ILE A 42 1.50 -24.16 -4.06
CA ILE A 42 0.79 -22.89 -3.85
C ILE A 42 1.78 -21.76 -3.62
N GLY A 43 1.83 -20.82 -4.56
CA GLY A 43 2.85 -19.76 -4.65
C GLY A 43 3.44 -19.55 -6.05
N GLN A 44 3.23 -20.50 -6.97
CA GLN A 44 3.62 -20.40 -8.39
C GLN A 44 2.45 -20.03 -9.32
N LEU A 45 1.28 -19.70 -8.75
CA LEU A 45 0.02 -19.45 -9.44
C LEU A 45 -0.17 -17.97 -9.81
N LEU A 46 -1.05 -17.69 -10.78
CA LEU A 46 -1.21 -16.35 -11.37
C LEU A 46 -1.61 -15.22 -10.40
N GLY A 47 -2.23 -15.54 -9.26
CA GLY A 47 -2.55 -14.61 -8.18
C GLY A 47 -2.09 -15.03 -6.79
N VAL A 48 -1.39 -16.15 -6.60
CA VAL A 48 -0.74 -16.49 -5.31
C VAL A 48 0.77 -16.48 -5.51
N GLN A 49 1.45 -15.58 -4.80
CA GLN A 49 2.91 -15.39 -4.87
C GLN A 49 3.66 -16.07 -3.72
N SER A 50 3.07 -16.20 -2.53
CA SER A 50 3.74 -16.74 -1.36
C SER A 50 2.79 -17.51 -0.42
N ILE A 51 3.35 -18.38 0.40
CA ILE A 51 2.63 -19.29 1.31
C ILE A 51 3.34 -19.33 2.67
N GLN A 52 2.55 -19.31 3.74
CA GLN A 52 2.97 -19.17 5.13
C GLN A 52 2.09 -20.10 5.99
N VAL A 53 2.54 -20.46 7.20
CA VAL A 53 1.70 -21.13 8.20
C VAL A 53 1.67 -20.34 9.50
N SER A 54 0.56 -20.50 10.21
CA SER A 54 0.37 -20.06 11.59
C SER A 54 -0.06 -21.29 12.40
N LEU A 55 0.77 -22.35 12.34
CA LEU A 55 0.50 -23.71 12.82
C LEU A 55 0.35 -23.79 14.34
N GLU A 56 0.99 -22.88 15.08
CA GLU A 56 0.77 -22.66 16.51
C GLU A 56 -0.69 -22.33 16.87
N ASN A 57 -1.49 -21.87 15.90
CA ASN A 57 -2.93 -21.63 15.97
C ASN A 57 -3.73 -22.55 15.01
N LYS A 58 -3.05 -23.38 14.21
CA LYS A 58 -3.60 -24.40 13.31
C LYS A 58 -4.26 -23.80 12.06
N THR A 59 -3.98 -22.52 11.77
CA THR A 59 -4.33 -21.84 10.53
C THR A 59 -3.15 -21.88 9.58
N ALA A 60 -3.47 -21.96 8.30
CA ALA A 60 -2.53 -21.72 7.22
C ALA A 60 -2.73 -20.29 6.71
N GLN A 61 -1.72 -19.72 6.06
CA GLN A 61 -1.71 -18.30 5.74
C GLN A 61 -1.26 -18.13 4.29
N VAL A 62 -2.12 -17.59 3.42
CA VAL A 62 -1.76 -17.41 2.00
C VAL A 62 -1.68 -15.93 1.64
N LYS A 63 -0.60 -15.59 0.93
CA LYS A 63 -0.17 -14.23 0.57
C LYS A 63 -0.45 -14.06 -0.93
N TYR A 64 -1.60 -13.46 -1.25
CA TYR A 64 -2.18 -13.44 -2.58
C TYR A 64 -2.51 -12.02 -3.10
N ASP A 65 -2.52 -11.89 -4.42
CA ASP A 65 -2.70 -10.67 -5.18
C ASP A 65 -4.20 -10.58 -5.56
N PRO A 66 -4.98 -9.67 -4.94
CA PRO A 66 -6.45 -9.65 -5.04
C PRO A 66 -6.99 -9.22 -6.41
N SER A 67 -6.12 -8.95 -7.38
CA SER A 67 -6.49 -8.52 -8.74
C SER A 67 -6.84 -9.71 -9.65
N CYS A 68 -6.32 -10.91 -9.31
CA CYS A 68 -6.34 -12.10 -10.17
C CYS A 68 -7.08 -13.31 -9.56
N THR A 69 -7.29 -13.34 -8.25
CA THR A 69 -7.93 -14.46 -7.52
C THR A 69 -8.72 -13.96 -6.31
N SER A 70 -9.32 -14.86 -5.55
CA SER A 70 -10.18 -14.58 -4.38
C SER A 70 -10.49 -15.86 -3.56
N PRO A 71 -10.93 -15.72 -2.28
CA PRO A 71 -11.02 -16.82 -1.32
C PRO A 71 -11.72 -18.10 -1.79
N VAL A 72 -12.95 -18.05 -2.32
CA VAL A 72 -13.63 -19.30 -2.72
C VAL A 72 -12.97 -19.97 -3.93
N ALA A 73 -12.39 -19.19 -4.86
CA ALA A 73 -11.64 -19.71 -6.00
C ALA A 73 -10.34 -20.39 -5.55
N LEU A 74 -9.65 -19.81 -4.56
CA LEU A 74 -8.47 -20.40 -3.92
C LEU A 74 -8.82 -21.65 -3.12
N GLN A 75 -9.91 -21.64 -2.34
CA GLN A 75 -10.35 -22.79 -1.56
C GLN A 75 -10.54 -24.01 -2.47
N ARG A 76 -11.30 -23.84 -3.56
CA ARG A 76 -11.59 -24.89 -4.54
C ARG A 76 -10.36 -25.32 -5.35
N ALA A 77 -9.38 -24.43 -5.57
CA ALA A 77 -8.09 -24.80 -6.15
C ALA A 77 -7.30 -25.72 -5.22
N ILE A 78 -6.97 -25.25 -4.00
CA ILE A 78 -6.03 -25.94 -3.12
C ILE A 78 -6.60 -27.22 -2.49
N GLU A 79 -7.90 -27.27 -2.20
CA GLU A 79 -8.54 -28.44 -1.56
C GLU A 79 -8.52 -29.70 -2.42
N ALA A 80 -8.39 -29.58 -3.75
CA ALA A 80 -8.32 -30.70 -4.68
C ALA A 80 -6.91 -31.00 -5.19
N LEU A 81 -5.88 -30.47 -4.52
CA LEU A 81 -4.50 -30.91 -4.71
C LEU A 81 -4.35 -32.40 -4.31
N PRO A 82 -4.70 -32.81 -3.06
CA PRO A 82 -4.76 -34.21 -2.66
C PRO A 82 -6.00 -34.93 -3.23
N PRO A 83 -6.10 -36.27 -3.10
CA PRO A 83 -7.24 -37.05 -3.60
C PRO A 83 -8.45 -37.01 -2.64
N GLY A 84 -8.81 -35.82 -2.15
CA GLY A 84 -9.86 -35.64 -1.14
C GLY A 84 -9.35 -36.06 0.24
N ASN A 85 -8.28 -35.42 0.69
CA ASN A 85 -7.58 -35.81 1.95
C ASN A 85 -7.17 -34.67 2.90
N PHE A 86 -6.98 -33.43 2.42
CA PHE A 86 -6.64 -32.28 3.27
C PHE A 86 -7.74 -31.21 3.11
N LYS A 87 -8.69 -31.20 4.05
CA LYS A 87 -9.95 -30.47 3.96
C LYS A 87 -9.83 -29.06 4.57
N VAL A 88 -10.21 -28.01 3.86
CA VAL A 88 -10.05 -26.61 4.29
C VAL A 88 -11.39 -25.91 4.53
N SER A 89 -11.48 -25.18 5.65
CA SER A 89 -12.67 -24.47 6.12
C SER A 89 -12.38 -23.00 6.40
N LEU A 90 -13.26 -22.10 5.92
CA LEU A 90 -13.19 -20.65 6.14
C LEU A 90 -14.29 -20.21 7.13
N THR A 120 -4.90 22.27 -17.71
CA THR A 120 -5.20 22.98 -16.46
C THR A 120 -4.75 22.20 -15.23
N CYS A 121 -4.00 21.10 -15.40
CA CYS A 121 -3.71 20.12 -14.35
C CYS A 121 -2.41 19.32 -14.57
N SER A 122 -1.43 19.49 -13.69
CA SER A 122 -0.19 18.72 -13.65
C SER A 122 0.28 18.48 -12.21
N THR A 123 0.93 17.35 -11.93
CA THR A 123 1.39 17.01 -10.57
C THR A 123 2.87 17.33 -10.42
N THR A 124 3.27 17.84 -9.25
CA THR A 124 4.69 18.00 -8.85
C THR A 124 4.92 17.66 -7.39
N LEU A 125 6.19 17.49 -7.07
CA LEU A 125 6.73 17.17 -5.75
C LEU A 125 7.58 18.34 -5.25
N ILE A 126 7.40 18.77 -3.99
CA ILE A 126 8.18 19.85 -3.36
C ILE A 126 8.91 19.28 -2.13
N ALA A 127 10.20 19.57 -1.97
CA ALA A 127 10.98 19.23 -0.79
C ALA A 127 11.07 20.44 0.13
N ILE A 128 10.75 20.30 1.41
CA ILE A 128 10.57 21.41 2.36
C ILE A 128 11.39 21.20 3.63
N ALA A 129 12.06 22.24 4.10
CA ALA A 129 12.96 22.23 5.25
C ALA A 129 12.48 23.19 6.36
N GLY A 130 11.26 22.98 6.83
CA GLY A 130 10.73 23.64 8.02
C GLY A 130 9.54 22.92 8.62
N MET A 131 9.68 21.61 8.86
CA MET A 131 8.70 20.82 9.59
C MET A 131 9.39 20.05 10.70
N THR A 132 8.98 20.32 11.94
CA THR A 132 9.44 19.68 13.18
C THR A 132 8.39 18.69 13.69
N CYS A 133 7.12 19.08 13.61
CA CYS A 133 5.95 18.36 14.12
C CYS A 133 4.83 18.33 13.08
N ALA A 134 3.90 17.38 13.17
CA ALA A 134 2.81 17.26 12.19
C ALA A 134 1.92 18.51 12.07
N SER A 135 1.78 19.30 13.13
CA SER A 135 1.16 20.63 13.08
C SER A 135 1.73 21.49 11.93
N CYS A 136 3.04 21.37 11.65
CA CYS A 136 3.70 22.03 10.52
C CYS A 136 3.15 21.59 9.16
N VAL A 137 2.90 20.30 8.96
CA VAL A 137 2.26 19.78 7.74
C VAL A 137 0.91 20.45 7.59
N HIS A 138 0.05 20.35 8.62
CA HIS A 138 -1.33 20.80 8.50
C HIS A 138 -1.43 22.33 8.33
N SER A 139 -0.46 23.07 8.88
CA SER A 139 -0.28 24.51 8.67
C SER A 139 0.09 24.84 7.22
N ILE A 140 1.12 24.20 6.65
CA ILE A 140 1.59 24.48 5.27
C ILE A 140 0.55 23.99 4.24
N GLU A 141 0.15 22.72 4.38
CA GLU A 141 -0.91 22.07 3.60
C GLU A 141 -2.21 22.90 3.64
N GLY A 142 -2.50 23.57 4.77
CA GLY A 142 -3.62 24.50 4.93
C GLY A 142 -3.40 25.84 4.22
N MET A 143 -2.36 26.59 4.60
CA MET A 143 -2.13 27.97 4.13
C MET A 143 -1.88 28.05 2.63
N ILE A 144 -1.11 27.12 2.08
CA ILE A 144 -0.76 27.13 0.65
C ILE A 144 -1.97 26.80 -0.21
N SER A 145 -2.83 25.91 0.24
CA SER A 145 -4.09 25.56 -0.46
C SER A 145 -5.08 26.74 -0.59
N GLN A 146 -4.86 27.88 0.06
CA GLN A 146 -5.76 29.04 0.00
C GLN A 146 -5.64 29.86 -1.31
N LEU A 147 -4.54 29.74 -2.08
CA LEU A 147 -4.29 30.56 -3.28
C LEU A 147 -4.63 29.83 -4.60
N GLU A 148 -4.73 30.57 -5.71
CA GLU A 148 -5.18 30.04 -7.01
C GLU A 148 -4.13 29.20 -7.75
N GLY A 149 -4.62 28.25 -8.55
CA GLY A 149 -3.81 27.35 -9.38
C GLY A 149 -3.34 26.09 -8.64
N VAL A 150 -3.21 26.12 -7.31
CA VAL A 150 -2.98 24.94 -6.47
C VAL A 150 -4.31 24.23 -6.17
N GLN A 151 -4.61 23.20 -6.98
CA GLN A 151 -5.88 22.47 -6.98
C GLN A 151 -5.99 21.53 -5.76
N GLN A 152 -4.94 20.76 -5.49
CA GLN A 152 -4.83 19.75 -4.44
C GLN A 152 -3.41 19.76 -3.87
N ILE A 153 -3.21 19.71 -2.55
CA ILE A 153 -1.90 19.56 -1.91
C ILE A 153 -1.98 18.62 -0.70
N SER A 154 -1.00 17.71 -0.58
CA SER A 154 -0.85 16.77 0.55
C SER A 154 0.63 16.60 0.94
N VAL A 155 0.99 16.80 2.22
CA VAL A 155 2.39 16.90 2.68
C VAL A 155 2.66 15.90 3.82
N SER A 156 3.89 15.38 3.91
CA SER A 156 4.30 14.50 5.01
C SER A 156 5.75 14.77 5.48
N LEU A 157 5.96 14.63 6.79
CA LEU A 157 7.26 14.72 7.46
C LEU A 157 8.20 13.54 7.19
N ALA A 158 7.67 12.39 6.76
CA ALA A 158 8.41 11.13 6.60
C ALA A 158 9.69 11.26 5.76
N GLU A 159 9.64 12.13 4.74
CA GLU A 159 10.77 12.55 3.92
C GLU A 159 10.93 14.08 3.88
N GLY A 160 9.93 14.83 4.39
CA GLY A 160 9.87 16.30 4.37
C GLY A 160 9.40 16.81 3.01
N THR A 161 8.31 16.24 2.47
CA THR A 161 7.89 16.46 1.08
C THR A 161 6.39 16.63 0.92
N ALA A 162 6.01 17.49 -0.02
CA ALA A 162 4.65 17.73 -0.49
C ALA A 162 4.41 17.11 -1.87
N THR A 163 3.21 16.56 -2.09
CA THR A 163 2.74 16.17 -3.43
C THR A 163 1.53 17.03 -3.75
N VAL A 164 1.56 17.72 -4.88
CA VAL A 164 0.59 18.77 -5.20
C VAL A 164 0.21 18.77 -6.69
N LEU A 165 -1.06 19.02 -6.97
CA LEU A 165 -1.64 19.23 -8.30
C LEU A 165 -1.70 20.75 -8.54
N TYR A 166 -0.84 21.24 -9.44
CA TYR A 166 -0.83 22.64 -9.87
C TYR A 166 -1.41 22.81 -11.28
N ASN A 167 -1.89 24.01 -11.57
CA ASN A 167 -2.40 24.39 -12.88
C ASN A 167 -1.27 25.08 -13.67
N PRO A 168 -0.71 24.44 -14.71
CA PRO A 168 0.48 24.91 -15.39
C PRO A 168 0.20 26.09 -16.32
N ALA A 169 -1.07 26.40 -16.62
CA ALA A 169 -1.49 27.61 -17.31
C ALA A 169 -1.53 28.84 -16.37
N VAL A 170 -1.94 28.64 -15.11
CA VAL A 170 -2.23 29.71 -14.14
C VAL A 170 -1.06 30.03 -13.20
N ILE A 171 -0.24 29.05 -12.79
CA ILE A 171 0.84 29.26 -11.80
C ILE A 171 2.14 28.56 -12.20
N SER A 172 3.28 29.08 -11.75
CA SER A 172 4.62 28.54 -12.00
C SER A 172 5.12 27.72 -10.79
N PRO A 173 5.82 26.58 -10.95
CA PRO A 173 6.46 25.86 -9.84
C PRO A 173 7.35 26.71 -8.94
N GLU A 174 8.06 27.71 -9.50
CA GLU A 174 8.84 28.69 -8.71
C GLU A 174 7.96 29.55 -7.78
N GLU A 175 6.68 29.80 -8.13
CA GLU A 175 5.72 30.48 -7.24
C GLU A 175 5.29 29.58 -6.08
N LEU A 176 5.19 28.25 -6.29
CA LEU A 176 4.83 27.29 -5.24
C LEU A 176 5.84 27.36 -4.09
N ARG A 177 7.12 27.11 -4.39
CA ARG A 177 8.19 27.13 -3.37
C ARG A 177 8.32 28.51 -2.71
N ALA A 178 8.16 29.60 -3.47
CA ALA A 178 8.23 30.95 -2.95
C ALA A 178 7.12 31.27 -1.92
N ALA A 179 5.94 30.64 -2.02
CA ALA A 179 4.85 30.88 -1.07
C ALA A 179 5.15 30.28 0.32
N ILE A 180 5.90 29.17 0.38
CA ILE A 180 6.44 28.59 1.63
C ILE A 180 7.57 29.47 2.20
N GLU A 181 8.45 30.00 1.35
CA GLU A 181 9.48 30.96 1.76
C GLU A 181 8.88 32.26 2.31
N ASP A 182 7.74 32.72 1.77
CA ASP A 182 6.93 33.82 2.28
C ASP A 182 6.15 33.48 3.58
N MET A 183 5.89 32.19 3.84
CA MET A 183 5.24 31.74 5.07
C MET A 183 6.20 31.79 6.26
N GLY A 184 7.42 31.28 6.07
CA GLY A 184 8.53 31.34 7.04
C GLY A 184 9.35 30.05 7.18
N PHE A 185 9.67 29.39 6.06
CA PHE A 185 10.44 28.14 6.00
C PHE A 185 11.37 28.17 4.75
N GLU A 186 11.82 27.00 4.28
CA GLU A 186 12.51 26.82 2.99
C GLU A 186 11.86 25.68 2.19
N ALA A 187 11.77 25.86 0.87
CA ALA A 187 11.14 24.95 -0.09
C ALA A 187 11.93 24.85 -1.41
N SER A 188 11.88 23.67 -2.01
CA SER A 188 12.65 23.30 -3.22
C SER A 188 11.80 22.49 -4.22
N VAL A 189 11.88 22.83 -5.51
CA VAL A 189 11.14 22.14 -6.58
C VAL A 189 11.91 20.90 -7.05
N VAL A 190 11.80 19.84 -6.24
CA VAL A 190 12.37 18.52 -6.57
C VAL A 190 11.60 17.83 -7.71
N VAL A 20 -2.93 -9.73 -0.03
CA VAL A 20 -3.78 -10.00 1.15
C VAL A 20 -3.18 -11.05 2.06
N THR A 21 -3.33 -10.81 3.38
CA THR A 21 -3.10 -11.80 4.43
C THR A 21 -4.46 -12.44 4.63
N LEU A 22 -4.64 -13.59 3.99
CA LEU A 22 -5.84 -14.43 4.09
C LEU A 22 -5.44 -15.75 4.80
N GLN A 23 -6.39 -16.55 5.28
CA GLN A 23 -6.12 -17.81 5.95
C GLN A 23 -7.17 -18.87 5.71
N LEU A 24 -6.77 -20.11 5.99
CA LEU A 24 -7.62 -21.28 6.08
C LEU A 24 -7.16 -22.16 7.24
N ARG A 25 -8.11 -22.89 7.84
CA ARG A 25 -7.80 -23.95 8.79
C ARG A 25 -7.88 -25.29 8.05
N ILE A 26 -6.70 -25.84 7.74
CA ILE A 26 -6.52 -27.09 6.97
C ILE A 26 -6.82 -28.31 7.84
N ASP A 27 -7.35 -29.37 7.25
CA ASP A 27 -7.60 -30.69 7.83
C ASP A 27 -6.49 -31.68 7.46
N GLY A 28 -6.05 -32.46 8.45
CA GLY A 28 -4.98 -33.47 8.32
C GLY A 28 -3.58 -32.90 8.59
N MET A 29 -3.44 -31.57 8.72
CA MET A 29 -2.16 -30.88 8.92
C MET A 29 -1.42 -31.17 10.23
N HIS A 30 -2.00 -31.92 11.17
CA HIS A 30 -1.23 -32.48 12.29
C HIS A 30 -0.10 -33.41 11.76
N CYS A 31 -0.28 -34.04 10.59
CA CYS A 31 0.83 -34.69 9.89
C CYS A 31 1.51 -33.63 9.00
N LYS A 32 2.79 -33.36 9.23
CA LYS A 32 3.52 -32.28 8.53
C LYS A 32 3.50 -32.46 7.01
N SER A 33 3.53 -33.71 6.55
CA SER A 33 3.45 -34.08 5.13
C SER A 33 2.21 -33.50 4.44
N CYS A 34 1.10 -33.32 5.16
CA CYS A 34 -0.17 -32.85 4.64
C CYS A 34 -0.17 -31.37 4.27
N VAL A 35 0.48 -30.52 5.08
CA VAL A 35 0.72 -29.11 4.74
C VAL A 35 1.87 -28.93 3.73
N LEU A 36 2.88 -29.82 3.76
CA LEU A 36 4.08 -29.74 2.92
C LEU A 36 3.74 -29.69 1.42
N ASN A 37 2.98 -30.65 0.90
CA ASN A 37 2.62 -30.68 -0.53
C ASN A 37 1.84 -29.41 -0.96
N ILE A 38 1.03 -28.81 -0.08
CA ILE A 38 0.38 -27.51 -0.33
C ILE A 38 1.45 -26.41 -0.49
N GLU A 39 2.42 -26.36 0.43
CA GLU A 39 3.53 -25.38 0.46
C GLU A 39 4.48 -25.49 -0.75
N GLU A 40 4.60 -26.66 -1.39
CA GLU A 40 5.33 -26.82 -2.66
C GLU A 40 4.56 -26.29 -3.89
N ASN A 41 3.22 -26.46 -3.93
CA ASN A 41 2.39 -26.12 -5.09
C ASN A 41 1.82 -24.70 -5.06
N ILE A 42 1.49 -24.15 -3.89
CA ILE A 42 0.76 -22.89 -3.75
C ILE A 42 1.79 -21.78 -3.54
N GLY A 43 1.92 -20.89 -4.53
CA GLY A 43 3.00 -19.90 -4.62
C GLY A 43 3.62 -19.73 -6.01
N GLN A 44 3.37 -20.66 -6.94
CA GLN A 44 3.72 -20.52 -8.38
C GLN A 44 2.49 -20.22 -9.26
N LEU A 45 1.36 -19.88 -8.65
CA LEU A 45 0.06 -19.67 -9.30
C LEU A 45 -0.23 -18.19 -9.57
N LEU A 46 -0.99 -17.94 -10.65
CA LEU A 46 -1.42 -16.63 -11.14
C LEU A 46 -1.65 -15.59 -10.04
N GLY A 47 -2.55 -15.87 -9.08
CA GLY A 47 -2.87 -14.99 -7.96
C GLY A 47 -2.38 -15.45 -6.59
N VAL A 48 -1.39 -16.36 -6.47
CA VAL A 48 -0.72 -16.67 -5.19
C VAL A 48 0.77 -16.82 -5.45
N GLN A 49 1.55 -15.84 -4.98
CA GLN A 49 2.99 -15.72 -5.28
C GLN A 49 3.91 -16.14 -4.11
N SER A 50 3.39 -16.25 -2.89
CA SER A 50 4.09 -16.78 -1.72
C SER A 50 3.11 -17.53 -0.79
N ILE A 51 3.61 -18.28 0.20
CA ILE A 51 2.80 -19.04 1.16
C ILE A 51 3.43 -19.04 2.57
N GLN A 52 2.60 -19.04 3.60
CA GLN A 52 2.98 -18.85 5.00
C GLN A 52 2.12 -19.74 5.92
N VAL A 53 2.56 -20.06 7.14
CA VAL A 53 1.80 -20.92 8.08
C VAL A 53 1.85 -20.41 9.51
N SER A 54 0.86 -20.80 10.30
CA SER A 54 0.67 -20.45 11.71
C SER A 54 0.26 -21.73 12.48
N LEU A 55 1.09 -22.77 12.37
CA LEU A 55 0.79 -24.14 12.85
C LEU A 55 0.66 -24.23 14.36
N GLU A 56 1.26 -23.28 15.09
CA GLU A 56 1.16 -23.13 16.54
C GLU A 56 -0.26 -22.76 17.03
N ASN A 57 -1.12 -22.31 16.11
CA ASN A 57 -2.57 -22.10 16.27
C ASN A 57 -3.41 -22.84 15.20
N LYS A 58 -2.81 -23.75 14.42
CA LYS A 58 -3.45 -24.67 13.48
C LYS A 58 -4.04 -24.02 12.20
N THR A 59 -3.80 -22.73 11.95
CA THR A 59 -4.16 -22.02 10.71
C THR A 59 -2.97 -21.94 9.78
N ALA A 60 -3.26 -21.76 8.50
CA ALA A 60 -2.30 -21.47 7.45
C ALA A 60 -2.62 -20.12 6.81
N GLN A 61 -1.61 -19.35 6.41
CA GLN A 61 -1.75 -17.97 5.97
C GLN A 61 -1.42 -17.92 4.47
N VAL A 62 -2.36 -17.50 3.64
CA VAL A 62 -2.15 -17.38 2.19
C VAL A 62 -1.82 -15.92 1.87
N LYS A 63 -0.89 -15.71 0.96
CA LYS A 63 -0.46 -14.40 0.48
C LYS A 63 -0.95 -14.23 -0.96
N TYR A 64 -2.22 -13.82 -1.13
CA TYR A 64 -2.91 -13.85 -2.43
C TYR A 64 -3.07 -12.46 -3.06
N ASP A 65 -3.13 -12.42 -4.39
CA ASP A 65 -3.35 -11.24 -5.22
C ASP A 65 -4.83 -11.17 -5.66
N PRO A 66 -5.65 -10.30 -5.04
CA PRO A 66 -7.05 -10.06 -5.44
C PRO A 66 -7.23 -9.47 -6.84
N SER A 67 -6.14 -9.23 -7.58
CA SER A 67 -6.19 -8.77 -8.97
C SER A 67 -6.58 -9.89 -9.96
N CYS A 68 -6.51 -11.16 -9.54
CA CYS A 68 -6.67 -12.33 -10.42
C CYS A 68 -7.54 -13.48 -9.87
N THR A 69 -7.68 -13.62 -8.54
CA THR A 69 -8.36 -14.73 -7.86
C THR A 69 -9.09 -14.26 -6.60
N SER A 70 -9.79 -15.13 -5.89
CA SER A 70 -10.61 -14.80 -4.73
C SER A 70 -10.67 -15.95 -3.68
N PRO A 71 -11.00 -15.66 -2.40
CA PRO A 71 -10.88 -16.63 -1.30
C PRO A 71 -11.66 -17.94 -1.51
N VAL A 72 -12.96 -17.90 -1.83
CA VAL A 72 -13.73 -19.13 -2.09
C VAL A 72 -13.23 -19.93 -3.31
N ALA A 73 -12.66 -19.25 -4.32
CA ALA A 73 -12.07 -19.91 -5.49
C ALA A 73 -10.74 -20.61 -5.12
N LEU A 74 -9.86 -19.94 -4.38
CA LEU A 74 -8.65 -20.53 -3.82
C LEU A 74 -8.97 -21.71 -2.91
N GLN A 75 -10.01 -21.60 -2.07
CA GLN A 75 -10.46 -22.68 -1.21
C GLN A 75 -10.85 -23.93 -2.03
N ARG A 76 -11.47 -23.78 -3.21
CA ARG A 76 -11.75 -24.90 -4.12
C ARG A 76 -10.48 -25.43 -4.82
N ALA A 77 -9.56 -24.56 -5.23
CA ALA A 77 -8.32 -24.95 -5.92
C ALA A 77 -7.42 -25.83 -5.04
N ILE A 78 -7.00 -25.30 -3.88
CA ILE A 78 -5.95 -25.91 -3.06
C ILE A 78 -6.40 -27.22 -2.40
N GLU A 79 -7.70 -27.34 -2.11
CA GLU A 79 -8.34 -28.52 -1.53
C GLU A 79 -8.39 -29.72 -2.50
N ALA A 80 -8.13 -29.52 -3.80
CA ALA A 80 -8.02 -30.59 -4.81
C ALA A 80 -6.59 -30.87 -5.26
N LEU A 81 -5.59 -30.24 -4.64
CA LEU A 81 -4.18 -30.66 -4.81
C LEU A 81 -4.00 -32.16 -4.45
N PRO A 82 -4.50 -32.64 -3.29
CA PRO A 82 -4.59 -34.07 -2.99
C PRO A 82 -5.76 -34.73 -3.75
N PRO A 83 -5.88 -36.07 -3.71
CA PRO A 83 -7.04 -36.81 -4.21
C PRO A 83 -8.25 -36.70 -3.26
N GLY A 84 -8.54 -35.48 -2.76
CA GLY A 84 -9.59 -35.20 -1.79
C GLY A 84 -9.21 -35.53 -0.34
N ASN A 85 -7.92 -35.44 0.02
CA ASN A 85 -7.40 -35.94 1.31
C ASN A 85 -7.36 -34.83 2.39
N PHE A 86 -6.80 -33.67 2.04
CA PHE A 86 -6.67 -32.50 2.91
C PHE A 86 -7.78 -31.50 2.58
N LYS A 87 -8.59 -31.12 3.57
CA LYS A 87 -9.67 -30.13 3.42
C LYS A 87 -9.26 -28.76 3.97
N VAL A 88 -10.02 -27.71 3.63
CA VAL A 88 -9.81 -26.36 4.17
C VAL A 88 -11.12 -25.75 4.68
N SER A 89 -11.05 -25.06 5.83
CA SER A 89 -12.18 -24.32 6.43
C SER A 89 -11.94 -22.81 6.35
N LEU A 90 -12.98 -22.08 5.96
CA LEU A 90 -13.04 -20.62 5.84
C LEU A 90 -14.18 -20.04 6.71
N THR A 120 -5.75 20.85 -16.84
CA THR A 120 -6.08 21.90 -15.86
C THR A 120 -5.14 21.84 -14.66
N CYS A 121 -4.56 20.67 -14.44
CA CYS A 121 -3.56 20.39 -13.43
C CYS A 121 -2.28 19.74 -14.00
N SER A 122 -1.16 19.96 -13.35
CA SER A 122 0.12 19.27 -13.52
C SER A 122 0.72 19.06 -12.13
N THR A 123 1.50 17.99 -11.96
CA THR A 123 1.95 17.58 -10.63
C THR A 123 3.37 18.05 -10.38
N THR A 124 3.67 18.47 -9.15
CA THR A 124 5.01 18.73 -8.69
C THR A 124 5.16 18.33 -7.23
N LEU A 125 6.35 17.85 -6.90
CA LEU A 125 6.78 17.38 -5.59
C LEU A 125 7.90 18.31 -5.08
N ILE A 126 7.86 18.67 -3.81
CA ILE A 126 8.69 19.74 -3.19
C ILE A 126 9.28 19.22 -1.87
N ALA A 127 10.56 19.54 -1.62
CA ALA A 127 11.27 19.29 -0.38
C ALA A 127 11.31 20.59 0.45
N ILE A 128 10.95 20.53 1.74
CA ILE A 128 10.76 21.73 2.59
C ILE A 128 11.60 21.67 3.87
N ALA A 129 12.47 22.67 4.07
CA ALA A 129 13.28 22.89 5.27
C ALA A 129 12.55 23.84 6.25
N GLY A 130 11.39 23.38 6.72
CA GLY A 130 10.65 24.00 7.81
C GLY A 130 9.57 23.10 8.38
N MET A 131 9.94 21.89 8.79
CA MET A 131 9.02 20.92 9.38
C MET A 131 9.68 20.21 10.56
N THR A 132 9.06 20.33 11.74
CA THR A 132 9.58 19.86 13.04
C THR A 132 8.59 18.93 13.77
N CYS A 133 7.29 19.13 13.55
CA CYS A 133 6.18 18.36 14.13
C CYS A 133 4.99 18.28 13.15
N ALA A 134 4.05 17.37 13.34
CA ALA A 134 2.96 17.11 12.39
C ALA A 134 2.03 18.31 12.14
N SER A 135 1.83 19.20 13.12
CA SER A 135 1.13 20.47 12.91
C SER A 135 1.77 21.35 11.81
N CYS A 136 3.05 21.13 11.47
CA CYS A 136 3.69 21.73 10.29
C CYS A 136 3.04 21.26 8.98
N VAL A 137 2.76 19.96 8.84
CA VAL A 137 2.05 19.41 7.66
C VAL A 137 0.69 20.08 7.58
N HIS A 138 -0.10 20.03 8.63
CA HIS A 138 -1.46 20.58 8.59
C HIS A 138 -1.45 22.11 8.40
N SER A 139 -0.38 22.81 8.78
CA SER A 139 -0.20 24.23 8.47
C SER A 139 0.10 24.44 6.98
N ILE A 140 1.10 23.77 6.39
CA ILE A 140 1.46 23.95 4.96
C ILE A 140 0.32 23.48 4.05
N GLU A 141 -0.16 22.26 4.30
CA GLU A 141 -1.29 21.62 3.62
C GLU A 141 -2.57 22.45 3.74
N GLY A 142 -2.76 23.17 4.87
CA GLY A 142 -3.87 24.10 5.09
C GLY A 142 -3.72 25.43 4.34
N MET A 143 -2.66 26.19 4.65
CA MET A 143 -2.47 27.59 4.21
C MET A 143 -2.18 27.70 2.72
N ILE A 144 -1.30 26.86 2.17
CA ILE A 144 -0.87 27.00 0.77
C ILE A 144 -1.98 26.62 -0.21
N SER A 145 -2.96 25.85 0.26
CA SER A 145 -4.20 25.60 -0.47
C SER A 145 -5.18 26.80 -0.58
N GLN A 146 -4.89 27.96 0.02
CA GLN A 146 -5.83 29.10 0.06
C GLN A 146 -5.86 29.97 -1.21
N LEU A 147 -4.88 29.82 -2.10
CA LEU A 147 -4.63 30.71 -3.25
C LEU A 147 -5.27 30.22 -4.56
N GLU A 148 -5.05 30.93 -5.67
CA GLU A 148 -5.46 30.50 -7.03
C GLU A 148 -4.34 29.74 -7.74
N GLY A 149 -4.69 28.64 -8.41
CA GLY A 149 -3.75 27.75 -9.10
C GLY A 149 -3.37 26.47 -8.34
N VAL A 150 -4.07 26.10 -7.26
CA VAL A 150 -3.77 24.95 -6.38
C VAL A 150 -4.96 23.97 -6.34
N GLN A 151 -4.90 22.95 -7.20
CA GLN A 151 -5.97 21.97 -7.39
C GLN A 151 -6.01 21.00 -6.19
N GLN A 152 -4.86 20.44 -5.81
CA GLN A 152 -4.72 19.55 -4.65
C GLN A 152 -3.34 19.73 -4.01
N ILE A 153 -3.22 19.67 -2.68
CA ILE A 153 -1.93 19.60 -1.98
C ILE A 153 -1.98 18.55 -0.86
N SER A 154 -0.90 17.80 -0.69
CA SER A 154 -0.66 16.86 0.41
C SER A 154 0.80 16.95 0.87
N VAL A 155 1.11 16.80 2.15
CA VAL A 155 2.48 16.89 2.69
C VAL A 155 2.71 15.83 3.79
N SER A 156 3.93 15.29 3.92
CA SER A 156 4.26 14.34 4.99
C SER A 156 5.69 14.53 5.54
N LEU A 157 5.83 14.57 6.87
CA LEU A 157 7.10 14.56 7.60
C LEU A 157 7.82 13.21 7.51
N ALA A 158 7.08 12.14 7.19
CA ALA A 158 7.62 10.81 6.87
C ALA A 158 8.76 10.91 5.84
N GLU A 159 8.49 11.58 4.73
CA GLU A 159 9.45 11.81 3.64
C GLU A 159 10.12 13.18 3.75
N GLY A 160 9.48 14.16 4.41
CA GLY A 160 9.89 15.57 4.43
C GLY A 160 9.45 16.32 3.17
N THR A 161 8.37 15.87 2.50
CA THR A 161 7.99 16.36 1.16
C THR A 161 6.51 16.65 1.00
N ALA A 162 6.22 17.66 0.20
CA ALA A 162 4.88 17.99 -0.30
C ALA A 162 4.70 17.46 -1.72
N THR A 163 3.48 17.04 -2.07
CA THR A 163 3.08 16.75 -3.45
C THR A 163 1.80 17.51 -3.78
N VAL A 164 1.80 18.23 -4.90
CA VAL A 164 0.76 19.19 -5.23
C VAL A 164 0.43 19.16 -6.73
N LEU A 165 -0.86 19.29 -7.03
CA LEU A 165 -1.41 19.50 -8.36
C LEU A 165 -1.57 21.02 -8.54
N TYR A 166 -0.71 21.63 -9.34
CA TYR A 166 -0.79 23.06 -9.68
C TYR A 166 -1.40 23.27 -11.08
N ASN A 167 -1.96 24.46 -11.35
CA ASN A 167 -2.51 24.79 -12.65
C ASN A 167 -1.47 25.55 -13.50
N PRO A 168 -0.95 24.96 -14.58
CA PRO A 168 0.19 25.52 -15.31
C PRO A 168 -0.21 26.73 -16.17
N ALA A 169 -1.51 27.02 -16.33
CA ALA A 169 -2.01 28.27 -16.93
C ALA A 169 -2.05 29.44 -15.93
N VAL A 170 -1.81 29.20 -14.63
CA VAL A 170 -1.93 30.19 -13.54
C VAL A 170 -0.60 30.38 -12.79
N ILE A 171 0.13 29.30 -12.49
CA ILE A 171 1.31 29.31 -11.61
C ILE A 171 2.39 28.35 -12.10
N SER A 172 3.61 28.48 -11.58
CA SER A 172 4.81 27.72 -11.97
C SER A 172 5.46 27.03 -10.76
N PRO A 173 6.21 25.91 -10.90
CA PRO A 173 6.85 25.19 -9.80
C PRO A 173 7.67 26.07 -8.85
N GLU A 174 8.50 26.99 -9.37
CA GLU A 174 9.30 27.88 -8.50
C GLU A 174 8.44 28.93 -7.76
N GLU A 175 7.23 29.23 -8.23
CA GLU A 175 6.28 30.08 -7.51
C GLU A 175 5.65 29.35 -6.31
N LEU A 176 5.53 28.01 -6.37
CA LEU A 176 5.15 27.18 -5.22
C LEU A 176 6.22 27.30 -4.13
N ARG A 177 7.49 27.10 -4.49
CA ARG A 177 8.66 27.34 -3.64
C ARG A 177 8.62 28.74 -3.00
N ALA A 178 8.42 29.78 -3.81
CA ALA A 178 8.31 31.17 -3.32
C ALA A 178 7.12 31.40 -2.37
N ALA A 179 6.03 30.61 -2.48
CA ALA A 179 4.86 30.72 -1.61
C ALA A 179 5.14 30.17 -0.20
N ILE A 180 5.95 29.11 -0.10
CA ILE A 180 6.45 28.58 1.17
C ILE A 180 7.49 29.52 1.81
N GLU A 181 8.37 30.14 1.02
CA GLU A 181 9.26 31.21 1.50
C GLU A 181 8.50 32.46 1.95
N ASP A 182 7.41 32.83 1.28
CA ASP A 182 6.52 33.92 1.70
C ASP A 182 5.79 33.60 3.01
N MET A 183 5.42 32.33 3.25
CA MET A 183 4.81 31.88 4.50
C MET A 183 5.80 31.95 5.68
N GLY A 184 7.05 31.51 5.43
CA GLY A 184 8.18 31.70 6.34
C GLY A 184 9.15 30.54 6.49
N PHE A 185 9.23 29.60 5.53
CA PHE A 185 10.13 28.45 5.61
C PHE A 185 11.18 28.52 4.47
N GLU A 186 11.75 27.39 4.08
CA GLU A 186 12.60 27.24 2.89
C GLU A 186 12.13 26.03 2.09
N ALA A 187 12.14 26.16 0.77
CA ALA A 187 11.65 25.13 -0.16
C ALA A 187 12.55 24.92 -1.39
N SER A 188 12.56 23.70 -1.91
CA SER A 188 13.17 23.34 -3.20
C SER A 188 12.25 22.38 -3.97
N VAL A 189 12.08 22.56 -5.27
CA VAL A 189 11.30 21.63 -6.09
C VAL A 189 12.12 20.38 -6.42
N VAL A 190 11.49 19.22 -6.27
CA VAL A 190 12.03 17.89 -6.61
C VAL A 190 11.05 17.22 -7.59
N VAL A 20 -2.60 -9.66 0.03
CA VAL A 20 -3.37 -9.82 1.26
C VAL A 20 -3.17 -11.20 1.87
N THR A 21 -3.37 -11.28 3.19
CA THR A 21 -3.29 -12.53 3.95
C THR A 21 -4.68 -13.05 4.24
N LEU A 22 -4.86 -14.33 3.97
CA LEU A 22 -6.11 -15.06 4.21
C LEU A 22 -5.84 -16.26 5.10
N GLN A 23 -6.75 -16.45 6.07
CA GLN A 23 -6.63 -17.38 7.19
C GLN A 23 -7.35 -18.68 6.88
N LEU A 24 -6.65 -19.80 7.06
CA LEU A 24 -7.26 -21.12 6.92
C LEU A 24 -6.74 -22.12 7.93
N ARG A 25 -7.65 -22.95 8.42
CA ARG A 25 -7.35 -24.08 9.28
C ARG A 25 -7.59 -25.36 8.47
N ILE A 26 -6.53 -26.12 8.25
CA ILE A 26 -6.57 -27.34 7.43
C ILE A 26 -7.21 -28.49 8.20
N ASP A 27 -8.12 -29.18 7.52
CA ASP A 27 -8.97 -30.27 8.00
C ASP A 27 -8.39 -31.60 7.50
N GLY A 28 -7.75 -32.36 8.39
CA GLY A 28 -7.13 -33.65 8.09
C GLY A 28 -5.60 -33.64 7.89
N MET A 29 -4.89 -32.59 8.32
CA MET A 29 -3.43 -32.47 8.13
C MET A 29 -2.59 -33.54 8.88
N HIS A 30 -2.99 -33.95 10.07
CA HIS A 30 -2.31 -34.84 11.03
C HIS A 30 -1.03 -34.22 11.65
N CYS A 31 -0.16 -33.62 10.82
CA CYS A 31 1.16 -33.06 11.13
C CYS A 31 1.51 -31.94 10.14
N LYS A 32 2.50 -31.11 10.46
CA LYS A 32 3.02 -30.06 9.55
C LYS A 32 3.46 -30.64 8.19
N SER A 33 3.94 -31.89 8.14
CA SER A 33 4.28 -32.66 6.94
C SER A 33 3.21 -32.69 5.82
N CYS A 34 1.96 -32.35 6.13
CA CYS A 34 0.89 -32.06 5.16
C CYS A 34 1.25 -30.90 4.22
N VAL A 35 1.80 -29.82 4.77
CA VAL A 35 2.04 -28.54 4.08
C VAL A 35 3.14 -28.60 3.00
N LEU A 36 3.86 -29.72 2.87
CA LEU A 36 4.91 -29.91 1.85
C LEU A 36 4.31 -29.87 0.44
N ASN A 37 3.36 -30.76 0.12
CA ASN A 37 2.70 -30.73 -1.20
C ASN A 37 1.99 -29.38 -1.43
N ILE A 38 1.41 -28.79 -0.39
CA ILE A 38 0.82 -27.44 -0.43
C ILE A 38 1.84 -26.39 -0.85
N GLU A 39 3.05 -26.39 -0.29
CA GLU A 39 4.15 -25.50 -0.68
C GLU A 39 4.68 -25.76 -2.10
N GLU A 40 4.62 -27.00 -2.59
CA GLU A 40 5.00 -27.33 -3.97
C GLU A 40 4.05 -26.73 -5.03
N ASN A 41 2.75 -26.64 -4.70
CA ASN A 41 1.69 -26.12 -5.59
C ASN A 41 1.37 -24.64 -5.38
N ILE A 42 1.23 -24.20 -4.13
CA ILE A 42 0.62 -22.90 -3.79
C ILE A 42 1.72 -21.87 -3.52
N GLY A 43 1.78 -20.87 -4.41
CA GLY A 43 2.86 -19.88 -4.50
C GLY A 43 3.49 -19.74 -5.89
N GLN A 44 2.92 -20.41 -6.90
CA GLN A 44 3.30 -20.26 -8.32
C GLN A 44 2.12 -19.91 -9.25
N LEU A 45 0.90 -19.75 -8.71
CA LEU A 45 -0.32 -19.44 -9.46
C LEU A 45 -0.29 -18.03 -10.08
N LEU A 46 -1.26 -17.72 -10.93
CA LEU A 46 -1.49 -16.37 -11.47
C LEU A 46 -1.65 -15.29 -10.39
N GLY A 47 -2.32 -15.61 -9.26
CA GLY A 47 -2.59 -14.68 -8.16
C GLY A 47 -2.13 -15.14 -6.78
N VAL A 48 -1.31 -16.19 -6.63
CA VAL A 48 -0.65 -16.53 -5.36
C VAL A 48 0.86 -16.70 -5.59
N GLN A 49 1.67 -15.88 -4.91
CA GLN A 49 3.13 -15.90 -5.04
C GLN A 49 3.87 -16.44 -3.81
N SER A 50 3.26 -16.46 -2.63
CA SER A 50 3.86 -17.02 -1.40
C SER A 50 2.83 -17.74 -0.51
N ILE A 51 3.34 -18.50 0.45
CA ILE A 51 2.58 -19.34 1.40
C ILE A 51 3.25 -19.22 2.78
N GLN A 52 2.44 -19.13 3.83
CA GLN A 52 2.86 -18.81 5.19
C GLN A 52 2.36 -19.91 6.16
N VAL A 53 3.25 -20.45 6.99
CA VAL A 53 3.02 -21.62 7.84
C VAL A 53 2.71 -21.13 9.25
N SER A 54 1.46 -21.35 9.70
CA SER A 54 0.95 -20.75 10.94
C SER A 54 0.38 -21.85 11.87
N LEU A 55 1.18 -22.90 12.10
CA LEU A 55 0.81 -24.14 12.78
C LEU A 55 0.44 -23.98 14.26
N GLU A 56 0.77 -22.85 14.87
CA GLU A 56 0.41 -22.42 16.23
C GLU A 56 -1.06 -22.66 16.63
N ASN A 57 -2.02 -22.58 15.70
CA ASN A 57 -3.44 -22.97 15.91
C ASN A 57 -3.94 -24.00 14.88
N LYS A 58 -3.03 -24.77 14.27
CA LYS A 58 -3.26 -25.67 13.12
C LYS A 58 -3.69 -24.89 11.86
N THR A 59 -3.31 -23.60 11.80
CA THR A 59 -3.62 -22.66 10.72
C THR A 59 -2.49 -22.63 9.70
N ALA A 60 -2.81 -22.08 8.54
CA ALA A 60 -1.93 -21.74 7.45
C ALA A 60 -2.44 -20.41 6.87
N GLN A 61 -1.56 -19.60 6.30
CA GLN A 61 -1.95 -18.34 5.68
C GLN A 61 -1.48 -18.26 4.22
N VAL A 62 -2.34 -17.83 3.31
CA VAL A 62 -1.97 -17.64 1.90
C VAL A 62 -1.74 -16.16 1.57
N LYS A 63 -0.71 -15.89 0.76
CA LYS A 63 -0.31 -14.55 0.31
C LYS A 63 -0.79 -14.35 -1.14
N TYR A 64 -1.96 -13.72 -1.33
CA TYR A 64 -2.64 -13.64 -2.63
C TYR A 64 -2.87 -12.21 -3.14
N ASP A 65 -2.94 -12.07 -4.46
CA ASP A 65 -3.15 -10.84 -5.23
C ASP A 65 -4.65 -10.72 -5.61
N PRO A 66 -5.41 -9.76 -5.05
CA PRO A 66 -6.82 -9.52 -5.39
C PRO A 66 -7.10 -9.12 -6.84
N SER A 67 -6.07 -8.95 -7.68
CA SER A 67 -6.20 -8.59 -9.10
C SER A 67 -6.44 -9.81 -10.00
N CYS A 68 -6.17 -11.03 -9.51
CA CYS A 68 -6.37 -12.28 -10.25
C CYS A 68 -7.27 -13.31 -9.55
N THR A 69 -7.34 -13.32 -8.20
CA THR A 69 -8.00 -14.40 -7.44
C THR A 69 -8.76 -13.90 -6.22
N SER A 70 -9.39 -14.80 -5.48
CA SER A 70 -10.31 -14.52 -4.38
C SER A 70 -10.60 -15.78 -3.52
N PRO A 71 -11.12 -15.65 -2.27
CA PRO A 71 -11.26 -16.76 -1.33
C PRO A 71 -11.99 -17.99 -1.88
N VAL A 72 -13.17 -17.84 -2.50
CA VAL A 72 -13.94 -18.99 -3.05
C VAL A 72 -13.19 -19.69 -4.20
N ALA A 73 -12.51 -18.91 -5.05
CA ALA A 73 -11.71 -19.42 -6.16
C ALA A 73 -10.49 -20.20 -5.67
N LEU A 74 -9.83 -19.71 -4.61
CA LEU A 74 -8.72 -20.39 -3.94
C LEU A 74 -9.18 -21.67 -3.24
N GLN A 75 -10.26 -21.63 -2.46
CA GLN A 75 -10.75 -22.78 -1.70
C GLN A 75 -10.99 -24.00 -2.60
N ARG A 76 -11.69 -23.82 -3.74
CA ARG A 76 -11.98 -24.90 -4.69
C ARG A 76 -10.72 -25.50 -5.35
N ALA A 77 -9.65 -24.71 -5.53
CA ALA A 77 -8.34 -25.22 -5.96
C ALA A 77 -7.61 -25.97 -4.82
N ILE A 78 -7.30 -25.27 -3.73
CA ILE A 78 -6.42 -25.77 -2.65
C ILE A 78 -7.07 -26.86 -1.76
N GLU A 79 -8.39 -27.06 -1.74
CA GLU A 79 -8.99 -28.24 -1.09
C GLU A 79 -8.80 -29.54 -1.88
N ALA A 80 -8.83 -29.50 -3.21
CA ALA A 80 -8.65 -30.68 -4.07
C ALA A 80 -7.20 -30.83 -4.56
N LEU A 81 -6.30 -30.07 -3.94
CA LEU A 81 -4.86 -30.08 -4.02
C LEU A 81 -4.25 -31.49 -3.87
N PRO A 82 -4.54 -32.26 -2.80
CA PRO A 82 -4.18 -33.68 -2.69
C PRO A 82 -5.31 -34.61 -3.23
N PRO A 83 -5.08 -35.94 -3.26
CA PRO A 83 -6.07 -36.94 -3.65
C PRO A 83 -7.12 -37.22 -2.55
N GLY A 84 -7.78 -36.17 -2.03
CA GLY A 84 -8.84 -36.29 -1.03
C GLY A 84 -8.28 -36.57 0.37
N ASN A 85 -7.33 -35.72 0.79
CA ASN A 85 -6.52 -35.92 2.00
C ASN A 85 -6.52 -34.71 2.95
N PHE A 86 -6.62 -33.48 2.41
CA PHE A 86 -6.50 -32.21 3.14
C PHE A 86 -7.61 -31.26 2.67
N LYS A 87 -8.54 -30.93 3.58
CA LYS A 87 -9.60 -29.93 3.39
C LYS A 87 -9.19 -28.59 4.03
N VAL A 88 -9.97 -27.52 3.87
CA VAL A 88 -9.72 -26.23 4.55
C VAL A 88 -11.01 -25.65 5.11
N SER A 89 -10.93 -25.17 6.34
CA SER A 89 -11.95 -24.35 6.96
C SER A 89 -11.46 -22.90 7.07
N LEU A 90 -12.24 -21.97 6.52
CA LEU A 90 -11.98 -20.53 6.57
C LEU A 90 -12.76 -19.90 7.74
N THR A 120 -4.81 22.97 -18.43
CA THR A 120 -4.80 23.05 -16.96
C THR A 120 -4.38 21.69 -16.39
N CYS A 121 -3.96 21.68 -15.13
CA CYS A 121 -3.62 20.52 -14.30
C CYS A 121 -2.29 19.82 -14.69
N SER A 122 -1.34 19.90 -13.77
CA SER A 122 -0.09 19.12 -13.74
C SER A 122 0.28 18.83 -12.27
N THR A 123 0.92 17.71 -11.97
CA THR A 123 1.37 17.37 -10.60
C THR A 123 2.86 17.69 -10.45
N THR A 124 3.30 18.13 -9.26
CA THR A 124 4.69 18.32 -8.90
C THR A 124 4.94 17.97 -7.43
N LEU A 125 6.19 17.61 -7.14
CA LEU A 125 6.71 17.25 -5.83
C LEU A 125 7.77 18.29 -5.35
N ILE A 126 7.68 18.68 -4.08
CA ILE A 126 8.47 19.76 -3.43
C ILE A 126 9.21 19.20 -2.20
N ALA A 127 10.44 19.62 -1.96
CA ALA A 127 11.22 19.31 -0.75
C ALA A 127 11.30 20.55 0.18
N ILE A 128 10.95 20.42 1.46
CA ILE A 128 10.83 21.56 2.39
C ILE A 128 11.83 21.45 3.55
N ALA A 129 12.38 22.59 4.00
CA ALA A 129 13.35 22.71 5.09
C ALA A 129 12.91 23.69 6.21
N GLY A 130 11.74 23.42 6.80
CA GLY A 130 11.30 24.07 8.04
C GLY A 130 10.12 23.36 8.68
N MET A 131 10.19 22.03 8.77
CA MET A 131 9.14 21.18 9.33
C MET A 131 9.73 20.16 10.30
N THR A 132 9.68 20.51 11.59
CA THR A 132 10.19 19.74 12.73
C THR A 132 9.09 18.95 13.45
N CYS A 133 7.84 19.39 13.39
CA CYS A 133 6.70 18.79 14.09
C CYS A 133 5.57 18.46 13.10
N ALA A 134 4.76 17.44 13.36
CA ALA A 134 3.65 17.05 12.47
C ALA A 134 2.56 18.14 12.35
N SER A 135 2.43 19.02 13.32
CA SER A 135 1.62 20.25 13.26
C SER A 135 1.93 21.13 12.04
N CYS A 136 3.18 21.14 11.56
CA CYS A 136 3.62 21.87 10.37
C CYS A 136 2.82 21.46 9.12
N VAL A 137 2.40 20.19 9.04
CA VAL A 137 1.59 19.67 7.93
C VAL A 137 0.31 20.47 7.80
N HIS A 138 -0.46 20.61 8.88
CA HIS A 138 -1.75 21.28 8.85
C HIS A 138 -1.63 22.78 8.54
N SER A 139 -0.47 23.39 8.80
CA SER A 139 -0.19 24.76 8.35
C SER A 139 0.02 24.81 6.83
N ILE A 140 0.91 23.99 6.26
CA ILE A 140 1.19 24.02 4.81
C ILE A 140 0.01 23.48 4.00
N GLU A 141 -0.48 22.29 4.34
CA GLU A 141 -1.70 21.69 3.77
C GLU A 141 -2.88 22.67 3.86
N GLY A 142 -3.03 23.38 4.99
CA GLY A 142 -4.15 24.29 5.23
C GLY A 142 -4.05 25.59 4.46
N MET A 143 -3.00 26.38 4.72
CA MET A 143 -2.83 27.75 4.23
C MET A 143 -2.53 27.82 2.74
N ILE A 144 -1.72 26.88 2.22
CA ILE A 144 -1.29 26.95 0.81
C ILE A 144 -2.47 26.63 -0.12
N SER A 145 -3.35 25.72 0.29
CA SER A 145 -4.58 25.40 -0.44
C SER A 145 -5.62 26.55 -0.51
N GLN A 146 -5.33 27.75 0.01
CA GLN A 146 -6.22 28.91 -0.02
C GLN A 146 -5.95 29.87 -1.21
N LEU A 147 -4.85 29.71 -1.95
CA LEU A 147 -4.47 30.60 -3.06
C LEU A 147 -4.69 29.96 -4.45
N GLU A 148 -4.62 30.75 -5.53
CA GLU A 148 -4.93 30.27 -6.87
C GLU A 148 -3.93 29.25 -7.44
N GLY A 149 -4.39 28.51 -8.45
CA GLY A 149 -3.61 27.54 -9.21
C GLY A 149 -3.42 26.19 -8.52
N VAL A 150 -3.35 26.14 -7.19
CA VAL A 150 -3.23 24.90 -6.39
C VAL A 150 -4.59 24.21 -6.20
N GLN A 151 -4.87 23.17 -7.01
CA GLN A 151 -6.10 22.38 -6.94
C GLN A 151 -6.13 21.45 -5.71
N GLN A 152 -5.02 20.75 -5.44
CA GLN A 152 -4.87 19.78 -4.35
C GLN A 152 -3.46 19.83 -3.79
N ILE A 153 -3.27 19.89 -2.46
CA ILE A 153 -1.95 19.74 -1.84
C ILE A 153 -1.93 18.73 -0.69
N SER A 154 -0.84 17.98 -0.61
CA SER A 154 -0.48 17.01 0.41
C SER A 154 0.96 17.28 0.87
N VAL A 155 1.30 17.12 2.17
CA VAL A 155 2.67 17.25 2.70
C VAL A 155 2.92 16.28 3.87
N SER A 156 4.14 15.77 4.02
CA SER A 156 4.48 14.81 5.09
C SER A 156 5.85 15.03 5.76
N LEU A 157 5.86 14.92 7.09
CA LEU A 157 7.02 14.91 7.98
C LEU A 157 7.87 13.64 7.86
N ALA A 158 7.33 12.57 7.28
CA ALA A 158 8.00 11.28 7.07
C ALA A 158 9.22 11.42 6.16
N GLU A 159 9.06 12.15 5.06
CA GLU A 159 10.07 12.39 4.02
C GLU A 159 10.48 13.87 3.91
N GLY A 160 9.69 14.80 4.50
CA GLY A 160 9.88 16.24 4.42
C GLY A 160 9.43 16.84 3.08
N THR A 161 8.44 16.22 2.42
CA THR A 161 8.05 16.53 1.03
C THR A 161 6.56 16.79 0.88
N ALA A 162 6.22 17.61 -0.12
CA ALA A 162 4.85 17.88 -0.56
C ALA A 162 4.59 17.35 -1.97
N THR A 163 3.36 16.90 -2.24
CA THR A 163 2.84 16.56 -3.57
C THR A 163 1.65 17.49 -3.84
N VAL A 164 1.68 18.20 -4.96
CA VAL A 164 0.71 19.26 -5.26
C VAL A 164 0.28 19.20 -6.73
N LEU A 165 -1.04 19.37 -6.96
CA LEU A 165 -1.68 19.50 -8.26
C LEU A 165 -1.80 21.00 -8.53
N TYR A 166 -1.03 21.50 -9.48
CA TYR A 166 -1.03 22.89 -9.88
C TYR A 166 -1.59 23.09 -11.30
N ASN A 167 -2.10 24.29 -11.58
CA ASN A 167 -2.58 24.69 -12.90
C ASN A 167 -1.46 25.48 -13.61
N PRO A 168 -0.79 24.92 -14.64
CA PRO A 168 0.36 25.58 -15.26
C PRO A 168 -0.02 26.86 -16.02
N ALA A 169 -1.32 27.08 -16.32
CA ALA A 169 -1.79 28.35 -16.88
C ALA A 169 -1.83 29.49 -15.83
N VAL A 170 -1.76 29.18 -14.54
CA VAL A 170 -1.86 30.11 -13.39
C VAL A 170 -0.56 30.19 -12.57
N ILE A 171 0.22 29.11 -12.48
CA ILE A 171 1.36 29.03 -11.55
C ILE A 171 2.48 28.08 -12.05
N SER A 172 3.74 28.32 -11.68
CA SER A 172 4.87 27.40 -11.94
C SER A 172 5.47 26.80 -10.65
N PRO A 173 6.19 25.66 -10.72
CA PRO A 173 6.92 25.06 -9.59
C PRO A 173 7.82 26.04 -8.81
N GLU A 174 8.51 26.98 -9.48
CA GLU A 174 9.27 28.03 -8.77
C GLU A 174 8.39 28.86 -7.81
N GLU A 175 7.13 29.12 -8.18
CA GLU A 175 6.16 29.84 -7.35
C GLU A 175 5.65 28.96 -6.19
N LEU A 176 5.56 27.64 -6.39
CA LEU A 176 5.20 26.70 -5.33
C LEU A 176 6.22 26.78 -4.18
N ARG A 177 7.52 26.66 -4.48
CA ARG A 177 8.56 26.82 -3.45
C ARG A 177 8.54 28.24 -2.85
N ALA A 178 8.38 29.28 -3.66
CA ALA A 178 8.30 30.67 -3.19
C ALA A 178 7.15 30.90 -2.20
N ALA A 179 6.00 30.23 -2.37
CA ALA A 179 4.83 30.40 -1.50
C ALA A 179 5.03 29.78 -0.10
N ILE A 180 5.75 28.66 -0.01
CA ILE A 180 6.14 28.04 1.27
C ILE A 180 7.20 28.90 1.97
N GLU A 181 8.13 29.46 1.19
CA GLU A 181 9.12 30.43 1.69
C GLU A 181 8.40 31.66 2.26
N ASP A 182 7.42 32.22 1.56
CA ASP A 182 6.60 33.36 1.99
C ASP A 182 5.68 33.06 3.19
N MET A 183 5.33 31.78 3.44
CA MET A 183 4.59 31.37 4.65
C MET A 183 5.47 31.51 5.89
N GLY A 184 6.76 31.17 5.76
CA GLY A 184 7.77 31.27 6.81
C GLY A 184 8.74 30.09 6.92
N PHE A 185 8.96 29.34 5.84
CA PHE A 185 9.85 28.17 5.82
C PHE A 185 10.90 28.36 4.71
N GLU A 186 11.43 27.27 4.16
CA GLU A 186 12.26 27.23 2.95
C GLU A 186 11.84 26.00 2.14
N ALA A 187 11.82 26.14 0.82
CA ALA A 187 11.39 25.09 -0.11
C ALA A 187 12.25 25.00 -1.38
N SER A 188 12.24 23.80 -1.96
CA SER A 188 13.04 23.37 -3.11
C SER A 188 12.18 22.51 -4.05
N VAL A 189 12.36 22.62 -5.36
CA VAL A 189 11.61 21.84 -6.36
C VAL A 189 12.32 20.52 -6.69
N VAL A 190 11.56 19.42 -6.65
CA VAL A 190 12.02 18.04 -6.86
C VAL A 190 11.03 17.27 -7.75
N VAL A 20 -2.92 -9.12 -0.05
CA VAL A 20 -3.66 -9.29 1.21
C VAL A 20 -3.50 -10.71 1.74
N THR A 21 -3.83 -10.91 3.02
CA THR A 21 -3.65 -12.20 3.71
C THR A 21 -5.00 -12.87 3.96
N LEU A 22 -5.04 -14.20 3.90
CA LEU A 22 -6.26 -15.01 4.06
C LEU A 22 -6.14 -15.99 5.22
N GLN A 23 -7.20 -16.10 6.02
CA GLN A 23 -7.27 -17.01 7.15
C GLN A 23 -7.98 -18.29 6.76
N LEU A 24 -7.25 -19.38 6.98
CA LEU A 24 -7.72 -20.73 6.76
C LEU A 24 -7.09 -21.74 7.69
N ARG A 25 -7.88 -22.72 8.12
CA ARG A 25 -7.44 -23.85 8.93
C ARG A 25 -7.56 -25.13 8.11
N ILE A 26 -6.43 -25.81 7.86
CA ILE A 26 -6.36 -27.09 7.13
C ILE A 26 -6.66 -28.28 8.06
N ASP A 27 -7.27 -29.35 7.55
CA ASP A 27 -7.58 -30.60 8.27
C ASP A 27 -6.66 -31.75 7.84
N GLY A 28 -6.50 -32.77 8.71
CA GLY A 28 -5.60 -33.91 8.49
C GLY A 28 -4.14 -33.65 8.86
N MET A 29 -3.79 -32.39 9.16
CA MET A 29 -2.44 -31.95 9.52
C MET A 29 -1.88 -32.54 10.83
N HIS A 30 -2.62 -33.37 11.54
CA HIS A 30 -2.09 -34.17 12.65
C HIS A 30 -0.94 -35.11 12.20
N CYS A 31 -0.86 -35.46 10.91
CA CYS A 31 0.27 -36.19 10.30
C CYS A 31 1.44 -35.27 9.86
N LYS A 32 1.26 -33.94 9.93
CA LYS A 32 2.17 -32.82 9.62
C LYS A 32 2.69 -32.76 8.17
N SER A 33 3.36 -33.80 7.69
CA SER A 33 4.02 -33.89 6.37
C SER A 33 3.07 -33.61 5.18
N CYS A 34 1.76 -33.60 5.44
CA CYS A 34 0.69 -33.12 4.59
C CYS A 34 0.97 -31.73 4.00
N VAL A 35 1.55 -30.82 4.80
CA VAL A 35 1.71 -29.41 4.41
C VAL A 35 2.76 -29.19 3.30
N LEU A 36 3.68 -30.15 3.10
CA LEU A 36 4.73 -30.08 2.10
C LEU A 36 4.18 -29.97 0.67
N ASN A 37 3.34 -30.93 0.25
CA ASN A 37 2.76 -30.90 -1.10
C ASN A 37 1.87 -29.66 -1.32
N ILE A 38 1.25 -29.10 -0.28
CA ILE A 38 0.59 -27.79 -0.36
C ILE A 38 1.62 -26.70 -0.70
N GLU A 39 2.70 -26.57 0.09
CA GLU A 39 3.76 -25.57 -0.11
C GLU A 39 4.50 -25.73 -1.46
N GLU A 40 4.65 -26.96 -1.96
CA GLU A 40 5.26 -27.27 -3.26
C GLU A 40 4.42 -26.77 -4.44
N ASN A 41 3.10 -26.94 -4.38
CA ASN A 41 2.17 -26.62 -5.47
C ASN A 41 1.58 -25.21 -5.42
N ILE A 42 1.64 -24.53 -4.27
CA ILE A 42 1.03 -23.20 -4.06
C ILE A 42 2.12 -22.18 -3.75
N GLY A 43 2.09 -21.07 -4.49
CA GLY A 43 2.94 -19.88 -4.31
C GLY A 43 3.36 -19.17 -5.61
N GLN A 44 3.05 -19.75 -6.76
CA GLN A 44 3.41 -19.29 -8.11
C GLN A 44 2.18 -18.97 -8.98
N LEU A 45 0.96 -19.15 -8.44
CA LEU A 45 -0.31 -18.90 -9.13
C LEU A 45 -0.41 -17.42 -9.52
N LEU A 46 -1.29 -17.08 -10.47
CA LEU A 46 -1.36 -15.71 -11.00
C LEU A 46 -1.58 -14.63 -9.91
N GLY A 47 -2.42 -14.89 -8.90
CA GLY A 47 -2.63 -13.99 -7.77
C GLY A 47 -1.85 -14.35 -6.50
N VAL A 48 -1.59 -15.63 -6.18
CA VAL A 48 -0.75 -16.01 -5.02
C VAL A 48 0.75 -15.92 -5.38
N GLN A 49 1.48 -15.05 -4.69
CA GLN A 49 2.94 -14.92 -4.85
C GLN A 49 3.75 -15.52 -3.68
N SER A 50 3.15 -15.77 -2.52
CA SER A 50 3.78 -16.55 -1.44
C SER A 50 2.78 -17.35 -0.60
N ILE A 51 3.19 -18.51 -0.08
CA ILE A 51 2.45 -19.26 0.96
C ILE A 51 3.22 -19.21 2.29
N GLN A 52 2.51 -18.89 3.38
CA GLN A 52 3.02 -18.86 4.74
C GLN A 52 2.21 -19.85 5.60
N VAL A 53 2.87 -20.53 6.55
CA VAL A 53 2.31 -21.66 7.30
C VAL A 53 2.30 -21.34 8.81
N SER A 54 1.12 -21.34 9.45
CA SER A 54 0.89 -20.82 10.81
C SER A 54 0.37 -21.91 11.79
N LEU A 55 1.12 -23.01 11.91
CA LEU A 55 0.69 -24.23 12.60
C LEU A 55 0.56 -24.11 14.12
N GLU A 56 1.08 -23.05 14.73
CA GLU A 56 0.91 -22.74 16.15
C GLU A 56 -0.57 -22.56 16.56
N ASN A 57 -1.38 -22.01 15.65
CA ASN A 57 -2.84 -21.92 15.77
C ASN A 57 -3.55 -22.79 14.71
N LYS A 58 -2.81 -23.73 14.09
CA LYS A 58 -3.27 -24.73 13.11
C LYS A 58 -3.71 -24.09 11.77
N THR A 59 -3.42 -22.81 11.56
CA THR A 59 -3.83 -21.98 10.42
C THR A 59 -2.74 -21.95 9.36
N ALA A 60 -3.06 -21.31 8.24
CA ALA A 60 -2.15 -20.93 7.18
C ALA A 60 -2.40 -19.45 6.83
N GLN A 61 -1.48 -18.81 6.12
CA GLN A 61 -1.57 -17.44 5.65
C GLN A 61 -1.11 -17.40 4.21
N VAL A 62 -2.03 -17.18 3.28
CA VAL A 62 -1.70 -17.08 1.84
C VAL A 62 -1.61 -15.60 1.44
N LYS A 63 -0.55 -15.25 0.71
CA LYS A 63 -0.25 -13.89 0.24
C LYS A 63 -0.72 -13.71 -1.21
N TYR A 64 -1.93 -13.16 -1.40
CA TYR A 64 -2.62 -13.07 -2.69
C TYR A 64 -3.05 -11.65 -3.09
N ASP A 65 -3.05 -11.37 -4.39
CA ASP A 65 -3.59 -10.14 -4.99
C ASP A 65 -5.00 -10.41 -5.53
N PRO A 66 -6.05 -9.72 -5.03
CA PRO A 66 -7.44 -9.93 -5.44
C PRO A 66 -7.72 -9.41 -6.86
N SER A 67 -6.72 -8.90 -7.58
CA SER A 67 -6.86 -8.53 -9.00
C SER A 67 -6.94 -9.78 -9.91
N CYS A 68 -6.35 -10.90 -9.49
CA CYS A 68 -6.18 -12.11 -10.31
C CYS A 68 -6.98 -13.33 -9.83
N THR A 69 -7.41 -13.35 -8.57
CA THR A 69 -8.02 -14.51 -7.88
C THR A 69 -9.09 -14.06 -6.89
N SER A 70 -9.68 -14.99 -6.15
CA SER A 70 -10.62 -14.74 -5.05
C SER A 70 -10.69 -15.95 -4.08
N PRO A 71 -11.06 -15.77 -2.79
CA PRO A 71 -11.03 -16.82 -1.77
C PRO A 71 -11.66 -18.17 -2.15
N VAL A 72 -12.85 -18.22 -2.75
CA VAL A 72 -13.47 -19.52 -3.10
C VAL A 72 -12.74 -20.23 -4.26
N ALA A 73 -12.15 -19.47 -5.19
CA ALA A 73 -11.32 -20.01 -6.26
C ALA A 73 -9.98 -20.55 -5.75
N LEU A 74 -9.46 -19.98 -4.66
CA LEU A 74 -8.31 -20.52 -3.92
C LEU A 74 -8.71 -21.79 -3.15
N GLN A 75 -9.76 -21.72 -2.31
CA GLN A 75 -10.24 -22.84 -1.48
C GLN A 75 -10.40 -24.13 -2.31
N ARG A 76 -11.22 -24.08 -3.38
CA ARG A 76 -11.52 -25.26 -4.21
C ARG A 76 -10.32 -25.76 -5.02
N ALA A 77 -9.36 -24.90 -5.37
CA ALA A 77 -8.13 -25.30 -6.05
C ALA A 77 -7.21 -26.10 -5.12
N ILE A 78 -6.86 -25.52 -3.96
CA ILE A 78 -5.83 -26.10 -3.08
C ILE A 78 -6.33 -27.38 -2.37
N GLU A 79 -7.63 -27.47 -2.06
CA GLU A 79 -8.23 -28.64 -1.39
C GLU A 79 -8.29 -29.89 -2.29
N ALA A 80 -8.15 -29.75 -3.61
CA ALA A 80 -8.12 -30.89 -4.54
C ALA A 80 -6.70 -31.24 -5.02
N LEU A 81 -5.66 -30.66 -4.40
CA LEU A 81 -4.28 -31.14 -4.57
C LEU A 81 -4.18 -32.61 -4.12
N PRO A 82 -4.60 -32.97 -2.88
CA PRO A 82 -4.77 -34.36 -2.47
C PRO A 82 -6.06 -34.95 -3.05
N PRO A 83 -6.32 -36.27 -2.87
CA PRO A 83 -7.60 -36.90 -3.18
C PRO A 83 -8.67 -36.55 -2.13
N GLY A 84 -8.90 -35.25 -1.91
CA GLY A 84 -9.82 -34.74 -0.87
C GLY A 84 -9.37 -35.09 0.55
N ASN A 85 -8.08 -35.34 0.74
CA ASN A 85 -7.55 -35.90 2.00
C ASN A 85 -7.17 -34.82 3.03
N PHE A 86 -6.74 -33.66 2.53
CA PHE A 86 -6.48 -32.45 3.32
C PHE A 86 -7.57 -31.43 3.00
N LYS A 87 -8.38 -31.08 3.99
CA LYS A 87 -9.52 -30.18 3.86
C LYS A 87 -9.14 -28.74 4.26
N VAL A 88 -9.84 -27.70 3.80
CA VAL A 88 -9.66 -26.32 4.31
C VAL A 88 -10.97 -25.72 4.83
N SER A 89 -10.94 -25.11 6.01
CA SER A 89 -12.03 -24.28 6.53
C SER A 89 -11.62 -22.80 6.57
N LEU A 90 -12.44 -21.94 5.96
CA LEU A 90 -12.35 -20.48 6.04
C LEU A 90 -13.35 -19.96 7.10
N THR A 120 -4.00 22.75 -18.19
CA THR A 120 -4.23 22.83 -16.75
C THR A 120 -3.83 21.48 -16.15
N CYS A 121 -3.74 21.43 -14.82
CA CYS A 121 -3.62 20.21 -14.02
C CYS A 121 -2.42 19.30 -14.31
N SER A 122 -1.34 19.49 -13.57
CA SER A 122 -0.14 18.65 -13.59
C SER A 122 0.43 18.48 -12.17
N THR A 123 1.22 17.44 -11.92
CA THR A 123 1.72 17.07 -10.59
C THR A 123 3.15 17.56 -10.39
N THR A 124 3.47 18.02 -9.17
CA THR A 124 4.83 18.34 -8.75
C THR A 124 5.06 18.00 -7.29
N LEU A 125 6.28 17.53 -7.01
CA LEU A 125 6.80 17.30 -5.66
C LEU A 125 7.77 18.44 -5.25
N ILE A 126 7.62 18.92 -4.03
CA ILE A 126 8.46 19.97 -3.40
C ILE A 126 9.23 19.34 -2.23
N ALA A 127 10.52 19.65 -2.12
CA ALA A 127 11.40 19.23 -1.03
C ALA A 127 11.64 20.43 -0.08
N ILE A 128 11.36 20.30 1.22
CA ILE A 128 11.28 21.44 2.16
C ILE A 128 12.25 21.29 3.34
N ALA A 129 12.82 22.41 3.79
CA ALA A 129 13.77 22.49 4.91
C ALA A 129 13.34 23.51 5.98
N GLY A 130 12.14 23.33 6.49
CA GLY A 130 11.62 23.98 7.69
C GLY A 130 10.29 23.41 8.12
N MET A 131 10.20 22.08 8.22
CA MET A 131 9.06 21.41 8.87
C MET A 131 9.53 20.47 9.96
N THR A 132 8.76 20.44 11.04
CA THR A 132 8.97 19.70 12.29
C THR A 132 7.59 19.52 12.89
N CYS A 133 7.35 18.37 13.51
CA CYS A 133 6.12 18.03 14.21
C CYS A 133 4.92 17.82 13.27
N ALA A 134 4.07 16.84 13.58
CA ALA A 134 2.89 16.49 12.79
C ALA A 134 1.98 17.70 12.48
N SER A 135 1.85 18.63 13.43
CA SER A 135 1.00 19.82 13.29
C SER A 135 1.40 20.73 12.13
N CYS A 136 2.67 20.70 11.71
CA CYS A 136 3.17 21.51 10.60
C CYS A 136 2.54 21.12 9.25
N VAL A 137 2.21 19.84 9.06
CA VAL A 137 1.48 19.36 7.87
C VAL A 137 0.18 20.14 7.74
N HIS A 138 -0.71 20.07 8.74
CA HIS A 138 -2.03 20.68 8.66
C HIS A 138 -1.98 22.23 8.61
N SER A 139 -0.86 22.81 9.05
CA SER A 139 -0.56 24.24 8.90
C SER A 139 -0.26 24.61 7.44
N ILE A 140 0.75 23.99 6.81
CA ILE A 140 1.20 24.27 5.44
C ILE A 140 0.18 23.79 4.40
N GLU A 141 -0.28 22.55 4.52
CA GLU A 141 -1.36 21.94 3.74
C GLU A 141 -2.64 22.79 3.75
N GLY A 142 -2.84 23.58 4.82
CA GLY A 142 -3.83 24.65 4.93
C GLY A 142 -3.44 25.90 4.15
N MET A 143 -2.32 26.53 4.51
CA MET A 143 -1.86 27.83 3.98
C MET A 143 -1.79 27.89 2.46
N ILE A 144 -1.28 26.83 1.82
CA ILE A 144 -1.10 26.76 0.36
C ILE A 144 -2.44 26.62 -0.37
N SER A 145 -3.41 25.94 0.24
CA SER A 145 -4.76 25.73 -0.31
C SER A 145 -5.62 27.01 -0.47
N GLN A 146 -5.08 28.18 -0.14
CA GLN A 146 -5.75 29.48 -0.21
C GLN A 146 -5.60 30.21 -1.55
N LEU A 147 -4.48 30.01 -2.26
CA LEU A 147 -4.16 30.73 -3.51
C LEU A 147 -4.82 30.09 -4.74
N GLU A 148 -4.66 30.69 -5.92
CA GLU A 148 -5.16 30.12 -7.18
C GLU A 148 -4.21 29.14 -7.85
N GLY A 149 -4.83 28.26 -8.62
CA GLY A 149 -4.17 27.18 -9.38
C GLY A 149 -3.97 25.85 -8.64
N VAL A 150 -4.42 25.68 -7.39
CA VAL A 150 -4.17 24.48 -6.56
C VAL A 150 -5.39 23.57 -6.48
N GLN A 151 -5.43 22.53 -7.32
CA GLN A 151 -6.45 21.48 -7.29
C GLN A 151 -6.32 20.67 -6.00
N GLN A 152 -5.10 20.21 -5.70
CA GLN A 152 -4.81 19.42 -4.51
C GLN A 152 -3.45 19.78 -3.92
N ILE A 153 -3.31 19.82 -2.60
CA ILE A 153 -2.01 19.87 -1.92
C ILE A 153 -2.01 19.00 -0.66
N SER A 154 -0.90 18.31 -0.48
CA SER A 154 -0.65 17.30 0.54
C SER A 154 0.80 17.42 1.03
N VAL A 155 1.08 17.14 2.30
CA VAL A 155 2.46 17.20 2.85
C VAL A 155 2.74 15.96 3.70
N SER A 156 3.94 15.39 3.54
CA SER A 156 4.45 14.26 4.32
C SER A 156 5.65 14.66 5.18
N LEU A 157 5.38 14.92 6.46
CA LEU A 157 6.37 15.13 7.53
C LEU A 157 7.36 13.95 7.60
N ALA A 158 6.89 12.75 7.24
CA ALA A 158 7.66 11.51 7.11
C ALA A 158 8.94 11.63 6.27
N GLU A 159 8.92 12.48 5.24
CA GLU A 159 10.02 12.67 4.29
C GLU A 159 10.38 14.14 4.07
N GLY A 160 9.63 15.10 4.63
CA GLY A 160 9.86 16.53 4.47
C GLY A 160 9.40 17.04 3.09
N THR A 161 8.37 16.42 2.51
CA THR A 161 7.96 16.66 1.12
C THR A 161 6.55 17.21 1.07
N ALA A 162 6.24 17.98 0.02
CA ALA A 162 4.88 18.44 -0.27
C ALA A 162 4.52 18.04 -1.71
N THR A 163 3.41 17.30 -1.87
CA THR A 163 2.92 16.89 -3.20
C THR A 163 1.69 17.69 -3.58
N VAL A 164 1.67 18.22 -4.80
CA VAL A 164 0.65 19.16 -5.25
C VAL A 164 0.26 18.90 -6.71
N LEU A 165 -1.06 18.99 -6.97
CA LEU A 165 -1.68 19.00 -8.29
C LEU A 165 -1.92 20.48 -8.62
N TYR A 166 -0.99 21.08 -9.37
CA TYR A 166 -1.04 22.51 -9.73
C TYR A 166 -1.59 22.72 -11.14
N ASN A 167 -2.06 23.93 -11.43
CA ASN A 167 -2.51 24.36 -12.74
C ASN A 167 -1.39 25.15 -13.43
N PRO A 168 -0.64 24.56 -14.38
CA PRO A 168 0.48 25.24 -15.00
C PRO A 168 0.06 26.46 -15.84
N ALA A 169 -1.23 26.58 -16.19
CA ALA A 169 -1.80 27.75 -16.86
C ALA A 169 -2.01 28.98 -15.95
N VAL A 170 -1.93 28.79 -14.62
CA VAL A 170 -2.12 29.83 -13.58
C VAL A 170 -0.86 30.02 -12.72
N ILE A 171 -0.16 28.95 -12.34
CA ILE A 171 0.96 28.98 -11.38
C ILE A 171 2.13 28.10 -11.84
N SER A 172 3.36 28.48 -11.48
CA SER A 172 4.59 27.73 -11.81
C SER A 172 5.26 27.15 -10.54
N PRO A 173 6.03 26.04 -10.61
CA PRO A 173 6.67 25.43 -9.45
C PRO A 173 7.52 26.40 -8.60
N GLU A 174 8.24 27.32 -9.25
CA GLU A 174 9.00 28.36 -8.53
C GLU A 174 8.11 29.29 -7.67
N GLU A 175 6.84 29.50 -8.03
CA GLU A 175 5.86 30.22 -7.21
C GLU A 175 5.40 29.40 -5.99
N LEU A 176 5.35 28.07 -6.09
CA LEU A 176 5.08 27.17 -4.95
C LEU A 176 6.20 27.30 -3.92
N ARG A 177 7.46 27.20 -4.37
CA ARG A 177 8.67 27.42 -3.56
C ARG A 177 8.63 28.78 -2.84
N ALA A 178 8.35 29.86 -3.58
CA ALA A 178 8.23 31.20 -3.01
C ALA A 178 7.12 31.32 -1.94
N ALA A 179 6.03 30.55 -2.04
CA ALA A 179 4.92 30.57 -1.09
C ALA A 179 5.26 29.93 0.28
N ILE A 180 6.13 28.91 0.29
CA ILE A 180 6.69 28.33 1.53
C ILE A 180 7.76 29.27 2.14
N GLU A 181 8.59 29.90 1.29
CA GLU A 181 9.55 30.91 1.74
C GLU A 181 8.85 32.17 2.28
N ASP A 182 7.64 32.50 1.79
CA ASP A 182 6.83 33.58 2.34
C ASP A 182 6.33 33.28 3.76
N MET A 183 5.99 32.02 4.04
CA MET A 183 5.60 31.56 5.38
C MET A 183 6.76 31.61 6.37
N GLY A 184 7.99 31.47 5.87
CA GLY A 184 9.24 31.70 6.59
C GLY A 184 10.16 30.48 6.73
N PHE A 185 9.99 29.48 5.86
CA PHE A 185 10.80 28.26 5.80
C PHE A 185 11.73 28.32 4.56
N GLU A 186 12.15 27.16 4.04
CA GLU A 186 12.83 27.03 2.75
C GLU A 186 12.24 25.85 2.00
N ALA A 187 12.04 26.05 0.70
CA ALA A 187 11.56 25.06 -0.24
C ALA A 187 12.50 24.91 -1.45
N SER A 188 12.40 23.77 -2.10
CA SER A 188 13.12 23.40 -3.34
C SER A 188 12.14 22.65 -4.24
N VAL A 189 12.13 22.96 -5.54
CA VAL A 189 11.28 22.22 -6.50
C VAL A 189 11.98 20.95 -6.97
N VAL A 190 11.28 19.82 -6.90
CA VAL A 190 11.73 18.54 -7.48
C VAL A 190 10.61 18.03 -8.39
N VAL A 20 -2.31 -9.02 -0.42
CA VAL A 20 -3.51 -9.30 0.36
C VAL A 20 -3.39 -10.70 1.00
N THR A 21 -4.07 -10.92 2.14
CA THR A 21 -3.90 -12.13 2.97
C THR A 21 -5.24 -12.82 3.21
N LEU A 22 -5.22 -14.16 3.26
CA LEU A 22 -6.35 -15.05 3.49
C LEU A 22 -5.88 -16.26 4.32
N GLN A 23 -6.69 -16.73 5.28
CA GLN A 23 -6.44 -17.95 6.03
C GLN A 23 -7.61 -18.90 6.11
N LEU A 24 -7.30 -20.20 6.13
CA LEU A 24 -8.23 -21.32 6.32
C LEU A 24 -7.68 -22.31 7.36
N ARG A 25 -8.58 -23.09 7.95
CA ARG A 25 -8.21 -24.16 8.88
C ARG A 25 -8.13 -25.47 8.09
N ILE A 26 -6.90 -25.87 7.78
CA ILE A 26 -6.58 -27.15 7.12
C ILE A 26 -6.67 -28.32 8.11
N ASP A 27 -7.32 -29.40 7.70
CA ASP A 27 -7.39 -30.67 8.42
C ASP A 27 -6.36 -31.69 7.88
N GLY A 28 -5.68 -32.38 8.79
CA GLY A 28 -4.65 -33.39 8.50
C GLY A 28 -3.21 -32.89 8.66
N MET A 29 -3.01 -31.58 8.86
CA MET A 29 -1.68 -30.97 9.09
C MET A 29 -0.94 -31.49 10.33
N HIS A 30 -1.63 -32.13 11.28
CA HIS A 30 -1.01 -32.79 12.43
C HIS A 30 -0.11 -33.99 12.03
N CYS A 31 -0.20 -34.51 10.79
CA CYS A 31 0.75 -35.48 10.22
C CYS A 31 2.06 -34.83 9.71
N LYS A 32 2.11 -33.49 9.64
CA LYS A 32 3.17 -32.64 9.06
C LYS A 32 3.20 -32.73 7.52
N SER A 33 3.41 -33.94 6.99
CA SER A 33 3.47 -34.27 5.55
C SER A 33 2.36 -33.64 4.71
N CYS A 34 1.14 -33.52 5.26
CA CYS A 34 -0.01 -32.85 4.66
C CYS A 34 0.36 -31.49 4.07
N VAL A 35 1.12 -30.67 4.79
CA VAL A 35 1.43 -29.30 4.35
C VAL A 35 2.48 -29.21 3.24
N LEU A 36 3.28 -30.26 3.00
CA LEU A 36 4.32 -30.27 1.96
C LEU A 36 3.71 -30.14 0.57
N ASN A 37 2.71 -30.97 0.24
CA ASN A 37 2.01 -30.91 -1.05
C ASN A 37 1.48 -29.49 -1.33
N ILE A 38 0.97 -28.84 -0.28
CA ILE A 38 0.40 -27.48 -0.35
C ILE A 38 1.51 -26.45 -0.62
N GLU A 39 2.59 -26.45 0.19
CA GLU A 39 3.77 -25.60 0.05
C GLU A 39 4.49 -25.75 -1.31
N GLU A 40 4.52 -26.95 -1.90
CA GLU A 40 5.12 -27.15 -3.23
C GLU A 40 4.33 -26.44 -4.33
N ASN A 41 3.00 -26.49 -4.26
CA ASN A 41 2.11 -26.02 -5.32
C ASN A 41 1.61 -24.58 -5.15
N ILE A 42 1.35 -24.13 -3.92
CA ILE A 42 0.68 -22.85 -3.63
C ILE A 42 1.75 -21.80 -3.30
N GLY A 43 1.86 -20.79 -4.16
CA GLY A 43 2.96 -19.81 -4.13
C GLY A 43 3.47 -19.38 -5.50
N GLN A 44 3.35 -20.24 -6.52
CA GLN A 44 3.82 -19.98 -7.89
C GLN A 44 2.68 -19.68 -8.89
N LEU A 45 1.43 -19.62 -8.41
CA LEU A 45 0.23 -19.55 -9.23
C LEU A 45 -0.16 -18.11 -9.60
N LEU A 46 -1.03 -17.95 -10.61
CA LEU A 46 -1.55 -16.69 -11.16
C LEU A 46 -1.65 -15.53 -10.15
N GLY A 47 -2.46 -15.67 -9.09
CA GLY A 47 -2.64 -14.63 -8.07
C GLY A 47 -1.79 -14.81 -6.81
N VAL A 48 -1.34 -16.03 -6.47
CA VAL A 48 -0.58 -16.28 -5.23
C VAL A 48 0.89 -15.92 -5.41
N GLN A 49 1.42 -15.07 -4.53
CA GLN A 49 2.84 -14.65 -4.54
C GLN A 49 3.68 -15.47 -3.56
N SER A 50 3.16 -15.77 -2.36
CA SER A 50 3.81 -16.63 -1.35
C SER A 50 2.81 -17.40 -0.45
N ILE A 51 3.34 -18.18 0.49
CA ILE A 51 2.61 -19.02 1.47
C ILE A 51 3.20 -18.76 2.88
N GLN A 52 2.38 -18.80 3.94
CA GLN A 52 2.82 -18.59 5.32
C GLN A 52 2.22 -19.69 6.23
N VAL A 53 3.11 -20.47 6.85
CA VAL A 53 2.81 -21.73 7.56
C VAL A 53 2.88 -21.48 9.07
N SER A 54 1.71 -21.21 9.65
CA SER A 54 1.54 -20.84 11.07
C SER A 54 0.78 -21.94 11.86
N LEU A 55 1.30 -23.17 11.83
CA LEU A 55 0.61 -24.39 12.31
C LEU A 55 0.20 -24.34 13.78
N GLU A 56 0.93 -23.60 14.62
CA GLU A 56 0.64 -23.38 16.04
C GLU A 56 -0.78 -22.82 16.30
N ASN A 57 -1.39 -22.13 15.32
CA ASN A 57 -2.73 -21.56 15.41
C ASN A 57 -3.81 -22.37 14.67
N LYS A 58 -3.46 -23.50 14.04
CA LYS A 58 -4.31 -24.38 13.19
C LYS A 58 -4.75 -23.75 11.84
N THR A 59 -4.61 -22.43 11.68
CA THR A 59 -4.93 -21.67 10.46
C THR A 59 -3.66 -21.49 9.66
N ALA A 60 -3.75 -21.80 8.37
CA ALA A 60 -2.69 -21.57 7.39
C ALA A 60 -2.98 -20.28 6.62
N GLN A 61 -1.94 -19.53 6.24
CA GLN A 61 -2.05 -18.18 5.69
C GLN A 61 -1.55 -18.20 4.22
N VAL A 62 -2.26 -17.57 3.28
CA VAL A 62 -1.76 -17.40 1.90
C VAL A 62 -1.64 -15.90 1.55
N LYS A 63 -0.56 -15.58 0.82
CA LYS A 63 -0.15 -14.22 0.48
C LYS A 63 -0.28 -14.05 -1.06
N TYR A 64 -1.37 -13.39 -1.46
CA TYR A 64 -1.85 -13.29 -2.84
C TYR A 64 -2.09 -11.83 -3.25
N ASP A 65 -2.54 -11.60 -4.48
CA ASP A 65 -3.05 -10.31 -4.96
C ASP A 65 -4.52 -10.48 -5.42
N PRO A 66 -5.45 -9.55 -5.11
CA PRO A 66 -6.87 -9.75 -5.31
C PRO A 66 -7.33 -9.52 -6.76
N SER A 67 -6.41 -9.28 -7.70
CA SER A 67 -6.71 -8.89 -9.08
C SER A 67 -7.21 -10.07 -9.94
N CYS A 68 -6.79 -11.29 -9.61
CA CYS A 68 -6.99 -12.50 -10.43
C CYS A 68 -7.75 -13.64 -9.73
N THR A 69 -7.76 -13.65 -8.39
CA THR A 69 -8.32 -14.72 -7.54
C THR A 69 -8.91 -14.12 -6.25
N SER A 70 -9.44 -14.97 -5.38
CA SER A 70 -10.14 -14.58 -4.14
C SER A 70 -10.31 -15.78 -3.17
N PRO A 71 -10.75 -15.57 -1.91
CA PRO A 71 -10.92 -16.62 -0.91
C PRO A 71 -11.62 -17.90 -1.38
N VAL A 72 -12.79 -17.83 -2.01
CA VAL A 72 -13.53 -19.03 -2.44
C VAL A 72 -12.85 -19.76 -3.61
N ALA A 73 -12.22 -19.02 -4.53
CA ALA A 73 -11.48 -19.58 -5.66
C ALA A 73 -10.20 -20.30 -5.17
N LEU A 74 -9.49 -19.68 -4.22
CA LEU A 74 -8.33 -20.27 -3.55
C LEU A 74 -8.72 -21.51 -2.76
N GLN A 75 -9.79 -21.45 -1.94
CA GLN A 75 -10.24 -22.60 -1.14
C GLN A 75 -10.44 -23.84 -2.01
N ARG A 76 -11.25 -23.71 -3.06
CA ARG A 76 -11.61 -24.79 -3.98
C ARG A 76 -10.40 -25.32 -4.76
N ALA A 77 -9.47 -24.45 -5.14
CA ALA A 77 -8.21 -24.85 -5.79
C ALA A 77 -7.32 -25.69 -4.86
N ILE A 78 -7.01 -25.19 -3.66
CA ILE A 78 -6.04 -25.83 -2.77
C ILE A 78 -6.57 -27.13 -2.14
N GLU A 79 -7.88 -27.26 -1.90
CA GLU A 79 -8.46 -28.47 -1.31
C GLU A 79 -8.36 -29.70 -2.22
N ALA A 80 -8.31 -29.51 -3.54
CA ALA A 80 -8.20 -30.59 -4.52
C ALA A 80 -6.75 -30.91 -4.95
N LEU A 81 -5.74 -30.32 -4.29
CA LEU A 81 -4.34 -30.74 -4.45
C LEU A 81 -4.12 -32.21 -4.06
N PRO A 82 -4.54 -32.67 -2.86
CA PRO A 82 -4.52 -34.09 -2.53
C PRO A 82 -5.58 -34.87 -3.31
N PRO A 83 -5.51 -36.22 -3.30
CA PRO A 83 -6.57 -37.10 -3.80
C PRO A 83 -7.72 -37.17 -2.79
N GLY A 84 -8.36 -36.01 -2.54
CA GLY A 84 -9.50 -35.86 -1.64
C GLY A 84 -9.16 -36.19 -0.20
N ASN A 85 -8.12 -35.57 0.37
CA ASN A 85 -7.58 -35.96 1.70
C ASN A 85 -7.49 -34.80 2.72
N PHE A 86 -6.90 -33.66 2.35
CA PHE A 86 -6.72 -32.51 3.26
C PHE A 86 -7.85 -31.51 3.00
N LYS A 87 -8.67 -31.24 4.02
CA LYS A 87 -9.86 -30.38 3.91
C LYS A 87 -9.58 -28.95 4.41
N VAL A 88 -10.25 -27.92 3.87
CA VAL A 88 -10.13 -26.54 4.34
C VAL A 88 -11.48 -25.92 4.72
N SER A 89 -11.46 -25.11 5.79
CA SER A 89 -12.63 -24.44 6.37
C SER A 89 -12.46 -22.91 6.37
N LEU A 90 -13.52 -22.19 5.96
CA LEU A 90 -13.64 -20.73 5.98
C LEU A 90 -14.99 -20.29 6.61
N THR A 120 -5.92 20.98 -17.92
CA THR A 120 -5.83 22.01 -16.87
C THR A 120 -5.08 21.55 -15.61
N CYS A 121 -4.18 20.57 -15.72
CA CYS A 121 -3.58 19.86 -14.58
C CYS A 121 -2.13 19.38 -14.78
N SER A 122 -1.26 19.65 -13.80
CA SER A 122 0.11 19.16 -13.70
C SER A 122 0.52 18.88 -12.24
N THR A 123 1.35 17.87 -11.99
CA THR A 123 1.86 17.52 -10.64
C THR A 123 3.26 18.08 -10.46
N THR A 124 3.60 18.46 -9.23
CA THR A 124 4.98 18.80 -8.82
C THR A 124 5.22 18.39 -7.37
N LEU A 125 6.44 17.90 -7.12
CA LEU A 125 6.92 17.50 -5.79
C LEU A 125 7.98 18.51 -5.27
N ILE A 126 8.00 18.77 -3.96
CA ILE A 126 8.78 19.85 -3.30
C ILE A 126 9.49 19.30 -2.05
N ALA A 127 10.75 19.68 -1.84
CA ALA A 127 11.53 19.40 -0.63
C ALA A 127 11.53 20.63 0.30
N ILE A 128 11.29 20.47 1.60
CA ILE A 128 11.08 21.61 2.54
C ILE A 128 11.78 21.34 3.88
N ALA A 129 12.55 22.31 4.36
CA ALA A 129 13.28 22.23 5.62
C ALA A 129 12.65 23.06 6.75
N GLY A 130 11.36 22.87 7.03
CA GLY A 130 10.71 23.52 8.18
C GLY A 130 9.48 22.79 8.67
N MET A 131 9.64 21.49 8.95
CA MET A 131 8.67 20.65 9.62
C MET A 131 9.34 19.88 10.76
N THR A 132 8.53 19.52 11.75
CA THR A 132 8.95 18.97 13.05
C THR A 132 7.83 18.17 13.71
N CYS A 133 6.59 18.63 13.58
CA CYS A 133 5.36 17.99 14.06
C CYS A 133 4.27 17.97 12.99
N ALA A 134 3.27 17.08 13.08
CA ALA A 134 2.23 16.93 12.06
C ALA A 134 1.40 18.21 11.82
N SER A 135 1.20 19.04 12.84
CA SER A 135 0.61 20.39 12.74
C SER A 135 1.28 21.28 11.67
N CYS A 136 2.56 21.03 11.36
CA CYS A 136 3.28 21.67 10.25
C CYS A 136 2.63 21.44 8.87
N VAL A 137 1.89 20.34 8.69
CA VAL A 137 1.11 20.13 7.46
C VAL A 137 0.11 21.26 7.27
N HIS A 138 -0.63 21.63 8.30
CA HIS A 138 -1.63 22.70 8.25
C HIS A 138 -1.01 24.10 8.12
N SER A 139 0.29 24.22 8.38
CA SER A 139 1.07 25.44 8.07
C SER A 139 1.25 25.57 6.56
N ILE A 140 1.81 24.55 5.91
CA ILE A 140 2.09 24.50 4.46
C ILE A 140 0.78 24.43 3.67
N GLU A 141 -0.08 23.44 3.97
CA GLU A 141 -1.42 23.32 3.42
C GLU A 141 -2.23 24.61 3.66
N GLY A 142 -2.00 25.32 4.77
CA GLY A 142 -2.64 26.60 5.06
C GLY A 142 -2.23 27.69 4.08
N MET A 143 -0.94 27.86 3.81
CA MET A 143 -0.48 28.89 2.86
C MET A 143 -0.91 28.57 1.43
N ILE A 144 -0.71 27.32 0.99
CA ILE A 144 -0.96 26.89 -0.40
C ILE A 144 -2.45 26.78 -0.72
N SER A 145 -3.23 26.03 0.05
CA SER A 145 -4.61 25.65 -0.31
C SER A 145 -5.59 26.83 -0.46
N GLN A 146 -5.22 28.00 0.07
CA GLN A 146 -6.01 29.23 0.05
C GLN A 146 -6.06 29.92 -1.31
N LEU A 147 -5.01 29.81 -2.13
CA LEU A 147 -4.95 30.45 -3.46
C LEU A 147 -5.52 29.52 -4.56
N GLU A 148 -5.52 29.95 -5.82
CA GLU A 148 -6.04 29.18 -6.95
C GLU A 148 -4.97 28.24 -7.53
N GLY A 149 -5.27 27.58 -8.66
CA GLY A 149 -4.36 26.67 -9.35
C GLY A 149 -4.23 25.30 -8.65
N VAL A 150 -4.06 25.30 -7.34
CA VAL A 150 -4.00 24.13 -6.44
C VAL A 150 -5.32 23.36 -6.40
N GLN A 151 -5.43 22.27 -7.16
CA GLN A 151 -6.56 21.34 -7.05
C GLN A 151 -6.38 20.35 -5.88
N GLN A 152 -5.15 19.85 -5.67
CA GLN A 152 -4.84 18.91 -4.59
C GLN A 152 -3.48 19.26 -3.96
N ILE A 153 -3.33 19.07 -2.64
CA ILE A 153 -2.03 19.15 -1.96
C ILE A 153 -1.89 18.15 -0.80
N SER A 154 -0.72 17.53 -0.72
CA SER A 154 -0.36 16.40 0.13
C SER A 154 1.05 16.59 0.71
N VAL A 155 1.34 16.12 1.94
CA VAL A 155 2.67 16.26 2.60
C VAL A 155 3.00 15.01 3.43
N SER A 156 4.26 14.58 3.34
CA SER A 156 4.82 13.43 4.07
C SER A 156 6.07 13.84 4.88
N LEU A 157 5.84 14.27 6.12
CA LEU A 157 6.84 14.62 7.13
C LEU A 157 7.87 13.49 7.38
N ALA A 158 7.43 12.25 7.19
CA ALA A 158 8.21 11.01 7.15
C ALA A 158 9.47 11.06 6.27
N GLU A 159 9.44 11.84 5.20
CA GLU A 159 10.52 12.03 4.23
C GLU A 159 10.82 13.51 3.97
N GLY A 160 10.05 14.42 4.58
CA GLY A 160 10.20 15.86 4.45
C GLY A 160 9.78 16.40 3.09
N THR A 161 8.74 15.82 2.45
CA THR A 161 8.32 16.25 1.09
C THR A 161 6.86 16.67 1.06
N ALA A 162 6.54 17.54 0.10
CA ALA A 162 5.18 17.91 -0.28
C ALA A 162 4.94 17.54 -1.75
N THR A 163 3.69 17.20 -2.11
CA THR A 163 3.30 16.93 -3.50
C THR A 163 1.94 17.54 -3.82
N VAL A 164 1.83 18.23 -4.95
CA VAL A 164 0.68 19.09 -5.28
C VAL A 164 0.30 18.97 -6.76
N LEU A 165 -1.01 19.01 -7.02
CA LEU A 165 -1.61 19.14 -8.36
C LEU A 165 -1.94 20.61 -8.58
N TYR A 166 -1.16 21.28 -9.41
CA TYR A 166 -1.33 22.68 -9.81
C TYR A 166 -1.81 22.81 -11.26
N ASN A 167 -2.42 23.94 -11.61
CA ASN A 167 -2.85 24.25 -12.97
C ASN A 167 -1.77 25.11 -13.65
N PRO A 168 -1.13 24.62 -14.73
CA PRO A 168 0.03 25.28 -15.31
C PRO A 168 -0.31 26.54 -16.12
N ALA A 169 -1.60 26.79 -16.39
CA ALA A 169 -2.10 28.05 -16.96
C ALA A 169 -2.38 29.14 -15.89
N VAL A 170 -2.30 28.79 -14.60
CA VAL A 170 -2.60 29.67 -13.45
C VAL A 170 -1.36 29.98 -12.61
N ILE A 171 -0.42 29.04 -12.45
CA ILE A 171 0.77 29.20 -11.57
C ILE A 171 1.92 28.27 -11.99
N SER A 172 3.15 28.60 -11.58
CA SER A 172 4.40 27.88 -11.90
C SER A 172 5.02 27.21 -10.65
N PRO A 173 5.76 26.09 -10.78
CA PRO A 173 6.43 25.40 -9.67
C PRO A 173 7.27 26.31 -8.75
N GLU A 174 8.06 27.22 -9.32
CA GLU A 174 8.90 28.11 -8.50
C GLU A 174 8.10 29.19 -7.75
N GLU A 175 6.85 29.46 -8.12
CA GLU A 175 5.93 30.31 -7.37
C GLU A 175 5.39 29.61 -6.11
N LEU A 176 5.25 28.28 -6.13
CA LEU A 176 4.86 27.46 -4.98
C LEU A 176 5.86 27.63 -3.83
N ARG A 177 7.15 27.46 -4.14
CA ARG A 177 8.27 27.65 -3.20
C ARG A 177 8.19 28.99 -2.45
N ALA A 178 7.96 30.08 -3.18
CA ALA A 178 7.99 31.43 -2.61
C ALA A 178 6.93 31.66 -1.52
N ALA A 179 5.84 30.89 -1.50
CA ALA A 179 4.79 30.98 -0.48
C ALA A 179 5.25 30.39 0.87
N ILE A 180 6.04 29.32 0.80
CA ILE A 180 6.63 28.65 1.97
C ILE A 180 7.79 29.50 2.55
N GLU A 181 8.62 30.07 1.67
CA GLU A 181 9.66 31.05 2.06
C GLU A 181 9.07 32.35 2.65
N ASP A 182 7.84 32.74 2.26
CA ASP A 182 7.12 33.87 2.85
C ASP A 182 6.66 33.60 4.29
N MET A 183 6.28 32.35 4.60
CA MET A 183 5.88 31.94 5.95
C MET A 183 7.08 31.82 6.90
N GLY A 184 8.23 31.42 6.36
CA GLY A 184 9.51 31.33 7.07
C GLY A 184 10.12 29.92 7.09
N PHE A 185 9.96 29.15 6.01
CA PHE A 185 10.46 27.79 5.83
C PHE A 185 11.12 27.64 4.44
N GLU A 186 12.15 26.80 4.31
CA GLU A 186 13.01 26.77 3.12
C GLU A 186 12.65 25.60 2.21
N ALA A 187 11.92 25.94 1.15
CA ALA A 187 11.41 25.07 0.10
C ALA A 187 12.28 25.09 -1.16
N SER A 188 12.35 23.97 -1.86
CA SER A 188 12.92 23.85 -3.20
C SER A 188 12.11 22.84 -4.03
N VAL A 189 11.96 23.09 -5.34
CA VAL A 189 11.26 22.15 -6.22
C VAL A 189 12.12 20.90 -6.46
N VAL A 190 11.49 19.73 -6.40
CA VAL A 190 12.05 18.42 -6.79
C VAL A 190 11.08 17.79 -7.81
N VAL A 20 -2.31 -9.42 0.07
CA VAL A 20 -3.08 -9.56 1.32
C VAL A 20 -2.93 -10.96 1.92
N THR A 21 -3.04 -11.04 3.26
CA THR A 21 -3.04 -12.29 4.04
C THR A 21 -4.47 -12.70 4.34
N LEU A 22 -4.75 -13.97 4.11
CA LEU A 22 -6.03 -14.65 4.31
C LEU A 22 -5.77 -15.88 5.19
N GLN A 23 -6.54 -16.03 6.26
CA GLN A 23 -6.39 -17.10 7.26
C GLN A 23 -7.37 -18.24 6.96
N LEU A 24 -6.86 -19.47 7.05
CA LEU A 24 -7.64 -20.70 6.84
C LEU A 24 -7.20 -21.86 7.74
N ARG A 25 -8.11 -22.82 7.95
CA ARG A 25 -7.88 -24.02 8.75
C ARG A 25 -7.98 -25.26 7.86
N ILE A 26 -6.95 -26.09 7.88
CA ILE A 26 -6.83 -27.35 7.15
C ILE A 26 -7.10 -28.58 8.07
N ASP A 27 -7.62 -29.66 7.49
CA ASP A 27 -7.82 -30.96 8.15
C ASP A 27 -6.66 -31.92 7.81
N GLY A 28 -6.14 -32.61 8.84
CA GLY A 28 -5.06 -33.58 8.73
C GLY A 28 -3.65 -32.97 8.85
N MET A 29 -3.55 -31.65 9.07
CA MET A 29 -2.29 -30.90 9.06
C MET A 29 -1.36 -31.13 10.26
N HIS A 30 -1.79 -31.85 11.29
CA HIS A 30 -0.89 -32.28 12.37
C HIS A 30 0.27 -33.15 11.87
N CYS A 31 0.16 -33.76 10.67
CA CYS A 31 1.32 -34.32 9.98
C CYS A 31 1.92 -33.21 9.10
N LYS A 32 3.18 -32.83 9.34
CA LYS A 32 3.85 -31.71 8.63
C LYS A 32 3.97 -31.95 7.10
N SER A 33 3.87 -33.19 6.62
CA SER A 33 3.75 -33.49 5.19
C SER A 33 2.47 -32.94 4.53
N CYS A 34 1.37 -32.67 5.26
CA CYS A 34 0.15 -32.12 4.67
C CYS A 34 0.42 -30.75 4.05
N VAL A 35 1.00 -29.81 4.80
CA VAL A 35 1.34 -28.48 4.28
C VAL A 35 2.50 -28.50 3.27
N LEU A 36 3.29 -29.58 3.19
CA LEU A 36 4.42 -29.72 2.26
C LEU A 36 3.92 -29.85 0.81
N ASN A 37 3.13 -30.88 0.49
CA ASN A 37 2.58 -31.04 -0.86
C ASN A 37 1.62 -29.87 -1.23
N ILE A 38 0.98 -29.21 -0.26
CA ILE A 38 0.28 -27.93 -0.51
C ILE A 38 1.27 -26.83 -0.93
N GLU A 39 2.37 -26.59 -0.19
CA GLU A 39 3.41 -25.59 -0.50
C GLU A 39 4.11 -25.85 -1.84
N GLU A 40 4.28 -27.10 -2.27
CA GLU A 40 4.81 -27.41 -3.61
C GLU A 40 3.99 -26.71 -4.71
N ASN A 41 2.67 -26.81 -4.60
CA ASN A 41 1.72 -26.35 -5.62
C ASN A 41 1.26 -24.89 -5.44
N ILE A 42 1.22 -24.37 -4.20
CA ILE A 42 0.61 -23.07 -3.86
C ILE A 42 1.68 -22.03 -3.49
N GLY A 43 1.80 -21.01 -4.35
CA GLY A 43 2.83 -19.95 -4.28
C GLY A 43 3.49 -19.64 -5.63
N GLN A 44 3.34 -20.51 -6.62
CA GLN A 44 3.87 -20.32 -7.98
C GLN A 44 2.77 -19.89 -8.98
N LEU A 45 1.56 -19.63 -8.48
CA LEU A 45 0.40 -19.19 -9.25
C LEU A 45 0.52 -17.73 -9.71
N LEU A 46 -0.48 -17.26 -10.45
CA LEU A 46 -0.63 -15.88 -10.91
C LEU A 46 -0.80 -14.92 -9.73
N GLY A 47 -1.95 -14.98 -9.03
CA GLY A 47 -2.28 -14.06 -7.93
C GLY A 47 -1.63 -14.46 -6.61
N VAL A 48 -1.53 -15.76 -6.29
CA VAL A 48 -0.84 -16.23 -5.06
C VAL A 48 0.67 -16.25 -5.30
N GLN A 49 1.43 -15.51 -4.48
CA GLN A 49 2.88 -15.34 -4.62
C GLN A 49 3.71 -15.90 -3.45
N SER A 50 3.10 -16.16 -2.29
CA SER A 50 3.72 -16.89 -1.18
C SER A 50 2.70 -17.74 -0.42
N ILE A 51 3.16 -18.70 0.38
CA ILE A 51 2.35 -19.44 1.35
C ILE A 51 3.03 -19.41 2.71
N GLN A 52 2.32 -18.94 3.73
CA GLN A 52 2.82 -18.75 5.09
C GLN A 52 2.07 -19.72 6.02
N VAL A 53 2.75 -20.29 7.01
CA VAL A 53 2.22 -21.32 7.89
C VAL A 53 2.13 -20.80 9.31
N SER A 54 1.03 -21.11 9.98
CA SER A 54 0.69 -20.64 11.33
C SER A 54 0.14 -21.85 12.12
N LEU A 55 0.96 -22.91 12.14
CA LEU A 55 0.61 -24.27 12.59
C LEU A 55 0.33 -24.39 14.08
N GLU A 56 0.89 -23.50 14.90
CA GLU A 56 0.67 -23.45 16.35
C GLU A 56 -0.81 -23.34 16.66
N ASN A 57 -1.50 -22.38 16.06
CA ASN A 57 -2.96 -22.20 16.16
C ASN A 57 -3.71 -22.94 15.02
N LYS A 58 -3.07 -23.92 14.37
CA LYS A 58 -3.65 -24.85 13.38
C LYS A 58 -4.13 -24.14 12.10
N THR A 59 -3.50 -23.02 11.76
CA THR A 59 -3.85 -22.15 10.63
C THR A 59 -2.79 -22.17 9.55
N ALA A 60 -3.21 -21.94 8.32
CA ALA A 60 -2.32 -21.66 7.20
C ALA A 60 -2.81 -20.36 6.56
N GLN A 61 -1.91 -19.65 5.89
CA GLN A 61 -2.13 -18.27 5.53
C GLN A 61 -1.59 -17.93 4.14
N VAL A 62 -2.49 -17.55 3.23
CA VAL A 62 -2.13 -17.35 1.81
C VAL A 62 -1.92 -15.86 1.51
N LYS A 63 -0.87 -15.58 0.73
CA LYS A 63 -0.40 -14.25 0.33
C LYS A 63 -0.70 -14.04 -1.16
N TYR A 64 -1.83 -13.36 -1.43
CA TYR A 64 -2.43 -13.23 -2.77
C TYR A 64 -2.75 -11.77 -3.16
N ASP A 65 -2.82 -11.52 -4.47
CA ASP A 65 -3.31 -10.28 -5.08
C ASP A 65 -4.78 -10.45 -5.57
N PRO A 66 -5.75 -9.68 -5.02
CA PRO A 66 -7.15 -9.64 -5.45
C PRO A 66 -7.41 -9.22 -6.92
N SER A 67 -6.37 -8.88 -7.68
CA SER A 67 -6.47 -8.49 -9.11
C SER A 67 -6.75 -9.69 -10.04
N CYS A 68 -6.42 -10.92 -9.60
CA CYS A 68 -6.40 -12.12 -10.45
C CYS A 68 -6.95 -13.40 -9.83
N THR A 69 -7.24 -13.43 -8.52
CA THR A 69 -7.84 -14.58 -7.82
C THR A 69 -8.73 -14.11 -6.67
N SER A 70 -9.34 -15.04 -5.94
CA SER A 70 -10.30 -14.75 -4.88
C SER A 70 -10.49 -15.93 -3.88
N PRO A 71 -10.93 -15.67 -2.63
CA PRO A 71 -11.02 -16.66 -1.56
C PRO A 71 -11.71 -17.99 -1.92
N VAL A 72 -12.96 -17.99 -2.43
CA VAL A 72 -13.67 -19.24 -2.73
C VAL A 72 -13.02 -20.01 -3.87
N ALA A 73 -12.47 -19.29 -4.86
CA ALA A 73 -11.75 -19.87 -5.99
C ALA A 73 -10.46 -20.57 -5.56
N LEU A 74 -9.72 -19.95 -4.64
CA LEU A 74 -8.55 -20.54 -3.99
C LEU A 74 -8.93 -21.74 -3.11
N GLN A 75 -10.00 -21.64 -2.32
CA GLN A 75 -10.45 -22.74 -1.46
C GLN A 75 -10.76 -24.00 -2.31
N ARG A 76 -11.46 -23.83 -3.44
CA ARG A 76 -11.76 -24.92 -4.40
C ARG A 76 -10.52 -25.41 -5.17
N ALA A 77 -9.54 -24.54 -5.44
CA ALA A 77 -8.27 -24.91 -6.07
C ALA A 77 -7.37 -25.74 -5.13
N ILE A 78 -7.12 -25.28 -3.91
CA ILE A 78 -6.18 -25.94 -3.00
C ILE A 78 -6.71 -27.24 -2.39
N GLU A 79 -8.03 -27.35 -2.14
CA GLU A 79 -8.61 -28.50 -1.42
C GLU A 79 -8.53 -29.81 -2.21
N ALA A 80 -8.57 -29.76 -3.55
CA ALA A 80 -8.51 -30.96 -4.39
C ALA A 80 -7.07 -31.34 -4.79
N LEU A 81 -6.04 -30.68 -4.25
CA LEU A 81 -4.64 -31.09 -4.42
C LEU A 81 -4.40 -32.57 -4.02
N PRO A 82 -4.75 -33.03 -2.80
CA PRO A 82 -4.66 -34.45 -2.44
C PRO A 82 -5.74 -35.29 -3.14
N PRO A 83 -5.66 -36.63 -3.07
CA PRO A 83 -6.66 -37.57 -3.60
C PRO A 83 -7.91 -37.66 -2.70
N GLY A 84 -8.50 -36.51 -2.37
CA GLY A 84 -9.62 -36.40 -1.42
C GLY A 84 -9.16 -36.78 -0.02
N ASN A 85 -8.22 -36.02 0.55
CA ASN A 85 -7.66 -36.30 1.88
C ASN A 85 -7.64 -35.09 2.82
N PHE A 86 -6.99 -33.97 2.45
CA PHE A 86 -6.89 -32.78 3.30
C PHE A 86 -8.03 -31.83 2.95
N LYS A 87 -8.83 -31.43 3.93
CA LYS A 87 -9.92 -30.46 3.77
C LYS A 87 -9.47 -29.06 4.19
N VAL A 88 -10.19 -28.01 3.80
CA VAL A 88 -9.94 -26.65 4.27
C VAL A 88 -11.23 -25.86 4.53
N SER A 89 -11.26 -25.12 5.65
CA SER A 89 -12.35 -24.25 6.10
C SER A 89 -11.86 -22.79 6.21
N LEU A 90 -12.68 -21.83 5.80
CA LEU A 90 -12.43 -20.39 5.93
C LEU A 90 -13.41 -19.71 6.91
N THR A 120 -4.58 22.03 -18.47
CA THR A 120 -4.51 22.44 -17.05
C THR A 120 -4.09 21.26 -16.18
N CYS A 121 -4.08 21.45 -14.86
CA CYS A 121 -3.99 20.42 -13.82
C CYS A 121 -2.84 19.38 -13.97
N SER A 122 -1.69 19.64 -13.34
CA SER A 122 -0.50 18.76 -13.34
C SER A 122 0.07 18.60 -11.92
N THR A 123 0.55 17.41 -11.54
CA THR A 123 1.01 17.14 -10.16
C THR A 123 2.53 17.27 -10.09
N THR A 124 3.05 17.96 -9.07
CA THR A 124 4.50 18.08 -8.80
C THR A 124 4.85 17.89 -7.34
N LEU A 125 6.13 17.54 -7.13
CA LEU A 125 6.77 17.22 -5.86
C LEU A 125 7.70 18.37 -5.41
N ILE A 126 7.65 18.72 -4.14
CA ILE A 126 8.47 19.77 -3.50
C ILE A 126 9.13 19.16 -2.25
N ALA A 127 10.43 19.40 -2.05
CA ALA A 127 11.16 19.02 -0.83
C ALA A 127 11.29 20.25 0.09
N ILE A 128 10.94 20.12 1.37
CA ILE A 128 10.78 21.26 2.31
C ILE A 128 11.59 21.04 3.59
N ALA A 129 12.08 22.15 4.17
CA ALA A 129 12.89 22.17 5.39
C ALA A 129 12.44 23.26 6.38
N GLY A 130 11.19 23.22 6.82
CA GLY A 130 10.73 24.00 7.97
C GLY A 130 9.41 23.53 8.54
N MET A 131 9.27 22.23 8.79
CA MET A 131 8.06 21.65 9.38
C MET A 131 8.25 21.34 10.86
N THR A 132 9.28 20.53 11.20
CA THR A 132 9.77 20.14 12.56
C THR A 132 8.80 19.28 13.37
N CYS A 133 7.50 19.56 13.28
CA CYS A 133 6.40 18.91 14.00
C CYS A 133 5.22 18.62 13.06
N ALA A 134 4.43 17.59 13.40
CA ALA A 134 3.30 17.12 12.58
C ALA A 134 2.26 18.22 12.27
N SER A 135 1.94 19.07 13.23
CA SER A 135 0.95 20.15 13.05
C SER A 135 1.27 21.04 11.83
N CYS A 136 2.57 21.26 11.55
CA CYS A 136 3.01 22.09 10.44
C CYS A 136 2.60 21.53 9.07
N VAL A 137 2.38 20.21 8.95
CA VAL A 137 1.78 19.63 7.74
C VAL A 137 0.39 20.23 7.54
N HIS A 138 -0.49 20.12 8.53
CA HIS A 138 -1.85 20.66 8.43
C HIS A 138 -1.86 22.19 8.34
N SER A 139 -0.82 22.87 8.83
CA SER A 139 -0.64 24.31 8.63
C SER A 139 -0.30 24.65 7.16
N ILE A 140 0.65 23.97 6.52
CA ILE A 140 1.04 24.20 5.11
C ILE A 140 -0.06 23.72 4.16
N GLU A 141 -0.47 22.46 4.32
CA GLU A 141 -1.57 21.80 3.60
C GLU A 141 -2.89 22.60 3.74
N GLY A 142 -3.08 23.30 4.86
CA GLY A 142 -4.18 24.25 5.08
C GLY A 142 -4.00 25.60 4.39
N MET A 143 -2.95 26.35 4.74
CA MET A 143 -2.75 27.76 4.36
C MET A 143 -2.44 27.97 2.87
N ILE A 144 -1.60 27.13 2.28
CA ILE A 144 -1.21 27.27 0.86
C ILE A 144 -2.38 26.90 -0.06
N SER A 145 -3.28 26.05 0.41
CA SER A 145 -4.51 25.63 -0.29
C SER A 145 -5.56 26.75 -0.51
N GLN A 146 -5.29 27.98 -0.07
CA GLN A 146 -6.27 29.10 -0.08
C GLN A 146 -6.13 30.08 -1.26
N LEU A 147 -5.10 29.93 -2.10
CA LEU A 147 -4.84 30.79 -3.27
C LEU A 147 -5.21 30.07 -4.59
N GLU A 148 -5.14 30.76 -5.73
CA GLU A 148 -5.36 30.14 -7.04
C GLU A 148 -4.11 29.36 -7.52
N GLY A 149 -4.35 28.23 -8.18
CA GLY A 149 -3.32 27.38 -8.80
C GLY A 149 -2.76 26.23 -7.96
N VAL A 150 -3.38 25.87 -6.82
CA VAL A 150 -2.91 24.84 -5.85
C VAL A 150 -3.80 23.58 -5.77
N GLN A 151 -5.11 23.71 -6.03
CA GLN A 151 -6.17 22.67 -6.07
C GLN A 151 -6.12 21.57 -5.00
N GLN A 152 -5.17 20.63 -5.07
CA GLN A 152 -5.06 19.51 -4.12
C GLN A 152 -3.61 19.35 -3.66
N ILE A 153 -3.37 19.39 -2.35
CA ILE A 153 -2.02 19.31 -1.75
C ILE A 153 -1.96 18.23 -0.65
N SER A 154 -0.89 17.44 -0.63
CA SER A 154 -0.64 16.34 0.32
C SER A 154 0.83 16.40 0.78
N VAL A 155 1.11 16.43 2.09
CA VAL A 155 2.44 16.73 2.67
C VAL A 155 2.70 15.84 3.89
N SER A 156 3.92 15.33 4.03
CA SER A 156 4.30 14.40 5.11
C SER A 156 5.75 14.62 5.58
N LEU A 157 6.02 14.54 6.90
CA LEU A 157 7.35 14.78 7.48
C LEU A 157 8.42 13.76 7.07
N ALA A 158 8.02 12.51 6.81
CA ALA A 158 8.87 11.34 6.61
C ALA A 158 10.05 11.61 5.66
N GLU A 159 9.74 12.06 4.45
CA GLU A 159 10.69 12.50 3.44
C GLU A 159 10.79 14.04 3.39
N GLY A 160 9.94 14.75 4.14
CA GLY A 160 9.85 16.22 4.14
C GLY A 160 9.25 16.75 2.84
N THR A 161 8.30 16.02 2.24
CA THR A 161 7.81 16.25 0.88
C THR A 161 6.35 16.64 0.80
N ALA A 162 6.09 17.59 -0.09
CA ALA A 162 4.76 17.96 -0.55
C ALA A 162 4.55 17.43 -1.96
N THR A 163 3.36 16.91 -2.25
CA THR A 163 2.91 16.62 -3.62
C THR A 163 1.62 17.38 -3.85
N VAL A 164 1.57 18.17 -4.90
CA VAL A 164 0.53 19.18 -5.12
C VAL A 164 0.12 19.25 -6.59
N LEU A 165 -1.18 19.46 -6.83
CA LEU A 165 -1.84 19.52 -8.13
C LEU A 165 -1.86 20.99 -8.54
N TYR A 166 -0.84 21.40 -9.31
CA TYR A 166 -0.66 22.80 -9.67
C TYR A 166 -1.28 23.10 -11.04
N ASN A 167 -1.58 24.37 -11.29
CA ASN A 167 -2.13 24.83 -12.55
C ASN A 167 -1.00 25.34 -13.46
N PRO A 168 -0.62 24.60 -14.52
CA PRO A 168 0.51 24.97 -15.35
C PRO A 168 0.21 26.17 -16.26
N ALA A 169 -1.07 26.51 -16.48
CA ALA A 169 -1.50 27.69 -17.24
C ALA A 169 -1.44 29.00 -16.43
N VAL A 170 -1.55 28.94 -15.10
CA VAL A 170 -1.69 30.09 -14.18
C VAL A 170 -0.46 30.29 -13.27
N ILE A 171 0.34 29.26 -12.94
CA ILE A 171 1.45 29.38 -11.99
C ILE A 171 2.64 28.48 -12.37
N SER A 172 3.87 28.92 -12.07
CA SER A 172 5.10 28.14 -12.25
C SER A 172 5.54 27.50 -10.91
N PRO A 173 6.12 26.28 -10.89
CA PRO A 173 6.64 25.64 -9.67
C PRO A 173 7.57 26.51 -8.82
N GLU A 174 8.36 27.40 -9.43
CA GLU A 174 9.17 28.37 -8.66
C GLU A 174 8.34 29.35 -7.79
N GLU A 175 7.10 29.66 -8.18
CA GLU A 175 6.14 30.43 -7.37
C GLU A 175 5.52 29.60 -6.22
N LEU A 176 5.40 28.27 -6.36
CA LEU A 176 5.04 27.38 -5.25
C LEU A 176 6.12 27.44 -4.17
N ARG A 177 7.38 27.32 -4.60
CA ARG A 177 8.57 27.43 -3.76
C ARG A 177 8.55 28.73 -2.94
N ALA A 178 8.27 29.85 -3.63
CA ALA A 178 8.17 31.17 -3.02
C ALA A 178 7.06 31.28 -1.95
N ALA A 179 5.97 30.50 -2.03
CA ALA A 179 4.84 30.60 -1.09
C ALA A 179 5.17 30.00 0.29
N ILE A 180 5.91 28.89 0.33
CA ILE A 180 6.44 28.29 1.57
C ILE A 180 7.57 29.16 2.15
N GLU A 181 8.39 29.77 1.30
CA GLU A 181 9.42 30.72 1.72
C GLU A 181 8.83 32.04 2.24
N ASP A 182 7.68 32.47 1.72
CA ASP A 182 6.87 33.62 2.16
C ASP A 182 6.21 33.38 3.54
N MET A 183 5.90 32.12 3.85
CA MET A 183 5.41 31.69 5.17
C MET A 183 6.52 31.77 6.22
N GLY A 184 7.76 31.44 5.81
CA GLY A 184 8.99 31.64 6.57
C GLY A 184 9.96 30.45 6.61
N PHE A 185 9.81 29.48 5.72
CA PHE A 185 10.56 28.22 5.71
C PHE A 185 11.50 28.16 4.49
N GLU A 186 11.93 26.96 4.08
CA GLU A 186 12.63 26.71 2.83
C GLU A 186 11.96 25.57 2.07
N ALA A 187 11.88 25.74 0.76
CA ALA A 187 11.34 24.78 -0.19
C ALA A 187 12.27 24.57 -1.40
N SER A 188 12.22 23.38 -2.00
CA SER A 188 13.06 22.96 -3.13
C SER A 188 12.23 22.29 -4.24
N VAL A 189 12.45 22.71 -5.48
CA VAL A 189 11.70 22.17 -6.65
C VAL A 189 12.34 20.87 -7.16
N VAL A 190 12.01 19.77 -6.48
CA VAL A 190 12.38 18.37 -6.83
C VAL A 190 11.35 17.73 -7.79
N VAL A 20 -2.72 -9.55 -0.12
CA VAL A 20 -3.50 -9.55 1.11
C VAL A 20 -3.47 -10.92 1.81
N THR A 21 -3.81 -10.88 3.10
CA THR A 21 -3.68 -11.97 4.07
C THR A 21 -5.02 -12.67 4.25
N LEU A 22 -4.98 -14.00 4.31
CA LEU A 22 -6.16 -14.87 4.42
C LEU A 22 -5.87 -16.06 5.33
N GLN A 23 -6.86 -16.39 6.17
CA GLN A 23 -6.83 -17.44 7.19
C GLN A 23 -7.48 -18.71 6.69
N LEU A 24 -6.80 -19.83 6.93
CA LEU A 24 -7.35 -21.15 6.71
C LEU A 24 -6.85 -22.12 7.76
N ARG A 25 -7.77 -22.90 8.31
CA ARG A 25 -7.44 -24.02 9.19
C ARG A 25 -7.52 -25.29 8.36
N ILE A 26 -6.38 -25.97 8.15
CA ILE A 26 -6.32 -27.20 7.33
C ILE A 26 -6.85 -28.38 8.14
N ASP A 27 -7.78 -29.10 7.54
CA ASP A 27 -8.59 -30.16 8.13
C ASP A 27 -8.13 -31.52 7.61
N GLY A 28 -7.47 -32.29 8.47
CA GLY A 28 -6.94 -33.62 8.18
C GLY A 28 -5.42 -33.64 7.96
N MET A 29 -4.69 -32.56 8.27
CA MET A 29 -3.24 -32.46 8.06
C MET A 29 -2.42 -33.55 8.78
N HIS A 30 -2.83 -33.96 9.99
CA HIS A 30 -2.19 -34.90 10.92
C HIS A 30 -0.88 -34.35 11.53
N CYS A 31 -0.03 -33.74 10.71
CA CYS A 31 1.32 -33.27 11.01
C CYS A 31 1.83 -32.34 9.89
N LYS A 32 2.92 -31.62 10.12
CA LYS A 32 3.38 -30.55 9.22
C LYS A 32 3.56 -31.02 7.76
N SER A 33 4.01 -32.25 7.50
CA SER A 33 4.35 -32.74 6.16
C SER A 33 3.22 -32.67 5.13
N CYS A 34 1.96 -32.63 5.58
CA CYS A 34 0.78 -32.30 4.76
C CYS A 34 0.99 -31.03 3.94
N VAL A 35 1.61 -30.01 4.54
CA VAL A 35 1.78 -28.70 3.90
C VAL A 35 2.80 -28.70 2.77
N LEU A 36 3.64 -29.74 2.60
CA LEU A 36 4.60 -29.79 1.50
C LEU A 36 3.91 -29.81 0.13
N ASN A 37 2.93 -30.69 -0.10
CA ASN A 37 2.19 -30.73 -1.37
C ASN A 37 1.61 -29.35 -1.71
N ILE A 38 1.08 -28.68 -0.68
CA ILE A 38 0.49 -27.33 -0.76
C ILE A 38 1.58 -26.30 -1.13
N GLU A 39 2.69 -26.28 -0.39
CA GLU A 39 3.86 -25.40 -0.57
C GLU A 39 4.57 -25.58 -1.93
N GLU A 40 4.57 -26.79 -2.49
CA GLU A 40 5.07 -27.07 -3.84
C GLU A 40 4.19 -26.43 -4.93
N ASN A 41 2.87 -26.54 -4.80
CA ASN A 41 1.91 -26.17 -5.85
C ASN A 41 1.33 -24.74 -5.73
N ILE A 42 1.20 -24.20 -4.52
CA ILE A 42 0.49 -22.95 -4.25
C ILE A 42 1.50 -21.84 -3.92
N GLY A 43 1.58 -20.84 -4.80
CA GLY A 43 2.58 -19.76 -4.79
C GLY A 43 3.41 -19.65 -6.08
N GLN A 44 3.50 -20.74 -6.85
CA GLN A 44 4.08 -20.70 -8.21
C GLN A 44 3.09 -20.14 -9.25
N LEU A 45 1.84 -19.99 -8.82
CA LEU A 45 0.68 -19.44 -9.52
C LEU A 45 0.81 -17.94 -9.77
N LEU A 46 -0.21 -17.31 -10.38
CA LEU A 46 -0.20 -15.88 -10.68
C LEU A 46 -0.58 -15.03 -9.45
N GLY A 47 -1.84 -15.08 -9.03
CA GLY A 47 -2.36 -14.26 -7.94
C GLY A 47 -1.77 -14.63 -6.58
N VAL A 48 -1.66 -15.91 -6.24
CA VAL A 48 -0.92 -16.33 -5.03
C VAL A 48 0.57 -16.12 -5.28
N GLN A 49 1.16 -15.24 -4.47
CA GLN A 49 2.57 -14.87 -4.56
C GLN A 49 3.41 -15.68 -3.57
N SER A 50 2.90 -15.87 -2.35
CA SER A 50 3.58 -16.63 -1.29
C SER A 50 2.59 -17.41 -0.39
N ILE A 51 3.14 -18.31 0.42
CA ILE A 51 2.43 -19.17 1.37
C ILE A 51 3.21 -19.19 2.69
N GLN A 52 2.50 -19.21 3.81
CA GLN A 52 3.02 -19.05 5.17
C GLN A 52 2.28 -20.00 6.14
N VAL A 53 2.91 -20.39 7.24
CA VAL A 53 2.43 -21.34 8.24
C VAL A 53 2.08 -20.61 9.54
N SER A 54 1.03 -21.06 10.22
CA SER A 54 0.71 -20.64 11.58
C SER A 54 0.21 -21.86 12.41
N LEU A 55 1.02 -22.94 12.44
CA LEU A 55 0.71 -24.22 13.09
C LEU A 55 0.55 -24.12 14.61
N GLU A 56 1.08 -23.05 15.22
CA GLU A 56 0.82 -22.71 16.63
C GLU A 56 -0.68 -22.55 16.96
N ASN A 57 -1.51 -22.24 15.96
CA ASN A 57 -2.97 -22.23 16.02
C ASN A 57 -3.60 -23.13 14.92
N LYS A 58 -2.82 -24.06 14.33
CA LYS A 58 -3.23 -25.02 13.31
C LYS A 58 -3.73 -24.36 12.00
N THR A 59 -3.42 -23.07 11.81
CA THR A 59 -3.76 -22.31 10.62
C THR A 59 -2.58 -22.27 9.66
N ALA A 60 -2.93 -21.98 8.43
CA ALA A 60 -2.06 -21.65 7.33
C ALA A 60 -2.48 -20.26 6.82
N GLN A 61 -1.54 -19.55 6.22
CA GLN A 61 -1.65 -18.15 5.88
C GLN A 61 -1.23 -17.97 4.42
N VAL A 62 -2.12 -17.49 3.56
CA VAL A 62 -1.81 -17.27 2.13
C VAL A 62 -1.67 -15.78 1.84
N LYS A 63 -0.69 -15.45 0.98
CA LYS A 63 -0.37 -14.10 0.52
C LYS A 63 -0.70 -14.01 -0.98
N TYR A 64 -1.90 -13.51 -1.30
CA TYR A 64 -2.45 -13.46 -2.66
C TYR A 64 -2.84 -12.05 -3.10
N ASP A 65 -2.76 -11.76 -4.39
CA ASP A 65 -3.19 -10.51 -5.00
C ASP A 65 -4.63 -10.70 -5.51
N PRO A 66 -5.60 -9.87 -5.07
CA PRO A 66 -6.98 -9.88 -5.56
C PRO A 66 -7.12 -9.72 -7.09
N SER A 67 -6.06 -9.32 -7.78
CA SER A 67 -6.01 -9.10 -9.23
C SER A 67 -6.38 -10.31 -10.09
N CYS A 68 -6.15 -11.54 -9.60
CA CYS A 68 -6.26 -12.78 -10.40
C CYS A 68 -6.95 -13.98 -9.74
N THR A 69 -7.19 -13.94 -8.42
CA THR A 69 -7.82 -15.02 -7.64
C THR A 69 -8.64 -14.47 -6.47
N SER A 70 -9.30 -15.33 -5.71
CA SER A 70 -10.23 -14.96 -4.61
C SER A 70 -10.42 -16.12 -3.61
N PRO A 71 -10.89 -15.87 -2.37
CA PRO A 71 -10.95 -16.90 -1.32
C PRO A 71 -11.69 -18.19 -1.69
N VAL A 72 -12.91 -18.12 -2.26
CA VAL A 72 -13.62 -19.34 -2.71
C VAL A 72 -12.97 -20.02 -3.92
N ALA A 73 -12.36 -19.25 -4.82
CA ALA A 73 -11.62 -19.78 -5.97
C ALA A 73 -10.34 -20.52 -5.53
N LEU A 74 -9.69 -20.03 -4.47
CA LEU A 74 -8.58 -20.71 -3.80
C LEU A 74 -9.05 -21.95 -3.05
N GLN A 75 -10.11 -21.87 -2.24
CA GLN A 75 -10.61 -23.01 -1.47
C GLN A 75 -10.90 -24.22 -2.36
N ARG A 76 -11.77 -24.06 -3.37
CA ARG A 76 -12.15 -25.14 -4.28
C ARG A 76 -10.94 -25.72 -5.05
N ALA A 77 -9.92 -24.90 -5.35
CA ALA A 77 -8.67 -25.35 -5.97
C ALA A 77 -7.79 -26.15 -5.00
N ILE A 78 -7.34 -25.55 -3.90
CA ILE A 78 -6.30 -26.14 -3.04
C ILE A 78 -6.79 -27.36 -2.24
N GLU A 79 -8.09 -27.41 -1.91
CA GLU A 79 -8.72 -28.56 -1.26
C GLU A 79 -8.59 -29.84 -2.12
N ALA A 80 -8.64 -29.70 -3.45
CA ALA A 80 -8.63 -30.85 -4.38
C ALA A 80 -7.27 -31.12 -5.01
N LEU A 81 -6.18 -30.53 -4.49
CA LEU A 81 -4.81 -30.96 -4.82
C LEU A 81 -4.62 -32.45 -4.44
N PRO A 82 -4.84 -32.85 -3.17
CA PRO A 82 -4.77 -34.24 -2.74
C PRO A 82 -5.97 -35.07 -3.24
N PRO A 83 -5.92 -36.42 -3.06
CA PRO A 83 -7.04 -37.32 -3.30
C PRO A 83 -8.08 -37.24 -2.16
N GLY A 84 -8.65 -36.04 -1.95
CA GLY A 84 -9.62 -35.74 -0.90
C GLY A 84 -9.06 -35.89 0.51
N ASN A 85 -7.78 -35.56 0.71
CA ASN A 85 -7.05 -35.87 1.95
C ASN A 85 -6.95 -34.66 2.90
N PHE A 86 -6.69 -33.47 2.36
CA PHE A 86 -6.50 -32.24 3.12
C PHE A 86 -7.62 -31.25 2.76
N LYS A 87 -8.44 -30.88 3.74
CA LYS A 87 -9.53 -29.88 3.61
C LYS A 87 -9.08 -28.52 4.17
N VAL A 88 -9.86 -27.46 3.96
CA VAL A 88 -9.62 -26.12 4.57
C VAL A 88 -10.91 -25.54 5.11
N SER A 89 -10.88 -25.07 6.36
CA SER A 89 -11.99 -24.35 6.99
C SER A 89 -11.68 -22.85 7.06
N LEU A 90 -12.51 -22.04 6.38
CA LEU A 90 -12.33 -20.58 6.27
C LEU A 90 -13.28 -19.77 7.21
N THR A 120 -4.86 21.16 -18.83
CA THR A 120 -4.26 22.32 -18.14
C THR A 120 -4.12 22.05 -16.64
N CYS A 121 -3.31 21.03 -16.34
CA CYS A 121 -3.02 20.50 -15.01
C CYS A 121 -1.76 19.61 -15.04
N SER A 122 -0.96 19.69 -13.99
CA SER A 122 0.19 18.81 -13.79
C SER A 122 0.39 18.50 -12.30
N THR A 123 1.09 17.39 -12.00
CA THR A 123 1.50 17.07 -10.64
C THR A 123 2.94 17.49 -10.45
N THR A 124 3.26 18.04 -9.27
CA THR A 124 4.62 18.38 -8.85
C THR A 124 4.81 18.08 -7.38
N LEU A 125 6.06 17.74 -7.05
CA LEU A 125 6.54 17.40 -5.73
C LEU A 125 7.56 18.46 -5.26
N ILE A 126 7.44 18.88 -4.00
CA ILE A 126 8.23 19.93 -3.34
C ILE A 126 8.97 19.31 -2.16
N ALA A 127 10.24 19.66 -1.95
CA ALA A 127 10.99 19.34 -0.75
C ALA A 127 10.98 20.55 0.20
N ILE A 128 10.78 20.36 1.51
CA ILE A 128 10.68 21.46 2.48
C ILE A 128 11.72 21.28 3.59
N ALA A 129 12.36 22.37 4.02
CA ALA A 129 13.38 22.45 5.06
C ALA A 129 12.97 23.40 6.22
N GLY A 130 11.84 23.09 6.83
CA GLY A 130 11.40 23.69 8.10
C GLY A 130 10.22 22.92 8.68
N MET A 131 10.38 21.62 8.83
CA MET A 131 9.40 20.72 9.44
C MET A 131 10.14 19.76 10.37
N THR A 132 9.66 19.72 11.63
CA THR A 132 10.22 18.91 12.72
C THR A 132 9.12 18.40 13.65
N CYS A 133 7.98 19.10 13.68
CA CYS A 133 6.74 18.70 14.32
C CYS A 133 5.63 18.51 13.28
N ALA A 134 4.77 17.51 13.48
CA ALA A 134 3.57 17.24 12.66
C ALA A 134 2.69 18.48 12.42
N SER A 135 2.62 19.40 13.39
CA SER A 135 1.84 20.63 13.31
C SER A 135 2.19 21.53 12.12
N CYS A 136 3.40 21.42 11.56
CA CYS A 136 3.76 22.17 10.35
C CYS A 136 2.87 21.79 9.14
N VAL A 137 2.36 20.56 9.10
CA VAL A 137 1.43 20.10 8.04
C VAL A 137 0.18 20.98 8.01
N HIS A 138 -0.50 21.18 9.14
CA HIS A 138 -1.76 21.93 9.15
C HIS A 138 -1.56 23.44 8.89
N SER A 139 -0.34 23.93 9.07
CA SER A 139 0.10 25.27 8.63
C SER A 139 0.32 25.33 7.11
N ILE A 140 1.18 24.46 6.55
CA ILE A 140 1.50 24.48 5.10
C ILE A 140 0.28 24.09 4.25
N GLU A 141 -0.29 22.91 4.49
CA GLU A 141 -1.49 22.43 3.81
C GLU A 141 -2.70 23.37 4.06
N GLY A 142 -2.68 24.11 5.18
CA GLY A 142 -3.67 25.13 5.52
C GLY A 142 -3.55 26.40 4.69
N MET A 143 -2.40 27.06 4.71
CA MET A 143 -2.16 28.34 4.02
C MET A 143 -2.02 28.18 2.50
N ILE A 144 -1.23 27.21 2.03
CA ILE A 144 -0.86 27.05 0.60
C ILE A 144 -2.02 26.54 -0.24
N SER A 145 -2.98 25.86 0.37
CA SER A 145 -4.21 25.41 -0.32
C SER A 145 -5.14 26.53 -0.81
N GLN A 146 -4.99 27.77 -0.32
CA GLN A 146 -5.95 28.86 -0.51
C GLN A 146 -5.72 29.73 -1.76
N LEU A 147 -4.59 29.57 -2.44
CA LEU A 147 -4.17 30.41 -3.57
C LEU A 147 -4.85 30.00 -4.89
N GLU A 148 -4.49 30.69 -5.98
CA GLU A 148 -4.99 30.42 -7.33
C GLU A 148 -4.04 29.47 -8.06
N GLY A 149 -4.57 28.37 -8.60
CA GLY A 149 -3.82 27.35 -9.35
C GLY A 149 -3.52 26.04 -8.60
N VAL A 150 -4.21 25.72 -7.50
CA VAL A 150 -4.00 24.55 -6.61
C VAL A 150 -5.27 23.67 -6.49
N GLN A 151 -5.31 22.56 -7.23
CA GLN A 151 -6.44 21.62 -7.21
C GLN A 151 -6.42 20.70 -5.97
N GLN A 152 -5.27 20.08 -5.68
CA GLN A 152 -5.06 19.12 -4.59
C GLN A 152 -3.68 19.39 -3.96
N ILE A 153 -3.56 19.29 -2.64
CA ILE A 153 -2.28 19.46 -1.92
C ILE A 153 -2.18 18.51 -0.72
N SER A 154 -1.06 17.81 -0.58
CA SER A 154 -0.79 16.92 0.56
C SER A 154 0.70 16.96 0.99
N VAL A 155 0.99 17.31 2.25
CA VAL A 155 2.38 17.44 2.77
C VAL A 155 2.63 16.51 3.96
N SER A 156 3.81 15.88 3.97
CA SER A 156 4.19 14.80 4.88
C SER A 156 5.66 14.92 5.34
N LEU A 157 5.90 14.76 6.63
CA LEU A 157 7.24 14.83 7.25
C LEU A 157 8.16 13.64 6.97
N ALA A 158 7.62 12.50 6.53
CA ALA A 158 8.34 11.24 6.36
C ALA A 158 9.63 11.39 5.52
N GLU A 159 9.52 12.10 4.40
CA GLU A 159 10.62 12.50 3.51
C GLU A 159 10.84 14.03 3.53
N GLY A 160 9.97 14.77 4.22
CA GLY A 160 9.93 16.24 4.24
C GLY A 160 9.43 16.83 2.92
N THR A 161 8.29 16.34 2.40
CA THR A 161 7.82 16.63 1.04
C THR A 161 6.33 16.88 0.92
N ALA A 162 5.95 17.71 -0.05
CA ALA A 162 4.59 17.96 -0.50
C ALA A 162 4.38 17.41 -1.92
N THR A 163 3.23 16.81 -2.20
CA THR A 163 2.76 16.46 -3.55
C THR A 163 1.47 17.24 -3.80
N VAL A 164 1.44 17.97 -4.92
CA VAL A 164 0.36 18.90 -5.24
C VAL A 164 0.03 18.87 -6.74
N LEU A 165 -1.27 18.97 -7.05
CA LEU A 165 -1.83 19.04 -8.40
C LEU A 165 -2.06 20.53 -8.69
N TYR A 166 -1.25 21.09 -9.58
CA TYR A 166 -1.25 22.51 -9.92
C TYR A 166 -1.68 22.79 -11.36
N ASN A 167 -2.11 24.02 -11.63
CA ASN A 167 -2.46 24.49 -12.96
C ASN A 167 -1.26 25.29 -13.57
N PRO A 168 -0.62 24.79 -14.64
CA PRO A 168 0.59 25.41 -15.19
C PRO A 168 0.36 26.69 -16.01
N ALA A 169 -0.89 27.07 -16.30
CA ALA A 169 -1.21 28.38 -16.85
C ALA A 169 -1.37 29.43 -15.73
N VAL A 170 -1.95 29.05 -14.59
CA VAL A 170 -2.25 29.94 -13.46
C VAL A 170 -1.05 30.13 -12.50
N ILE A 171 -0.17 29.13 -12.29
CA ILE A 171 0.98 29.23 -11.37
C ILE A 171 2.19 28.39 -11.81
N SER A 172 3.40 28.83 -11.44
CA SER A 172 4.68 28.21 -11.76
C SER A 172 5.27 27.40 -10.59
N PRO A 173 5.98 26.28 -10.81
CA PRO A 173 6.57 25.48 -9.73
C PRO A 173 7.52 26.23 -8.78
N GLU A 174 8.28 27.22 -9.28
CA GLU A 174 9.09 28.08 -8.41
C GLU A 174 8.24 29.08 -7.57
N GLU A 175 7.01 29.40 -8.00
CA GLU A 175 6.04 30.16 -7.20
C GLU A 175 5.47 29.31 -6.05
N LEU A 176 5.21 28.01 -6.29
CA LEU A 176 4.84 27.05 -5.24
C LEU A 176 5.90 27.04 -4.14
N ARG A 177 7.16 26.81 -4.52
CA ARG A 177 8.33 26.84 -3.64
C ARG A 177 8.36 28.13 -2.81
N ALA A 178 8.33 29.29 -3.48
CA ALA A 178 8.38 30.59 -2.83
C ALA A 178 7.14 30.89 -1.95
N ALA A 179 6.01 30.20 -2.13
CA ALA A 179 4.83 30.38 -1.27
C ALA A 179 5.03 29.80 0.14
N ILE A 180 5.80 28.72 0.27
CA ILE A 180 6.22 28.13 1.56
C ILE A 180 7.24 29.05 2.25
N GLU A 181 8.16 29.65 1.49
CA GLU A 181 9.11 30.64 2.00
C GLU A 181 8.42 31.93 2.46
N ASP A 182 7.31 32.31 1.83
CA ASP A 182 6.39 33.38 2.24
C ASP A 182 5.50 33.02 3.46
N MET A 183 5.55 31.77 3.94
CA MET A 183 4.80 31.27 5.10
C MET A 183 5.66 31.27 6.38
N GLY A 184 6.88 30.75 6.29
CA GLY A 184 7.83 30.74 7.42
C GLY A 184 8.93 29.69 7.42
N PHE A 185 9.20 29.04 6.28
CA PHE A 185 10.10 27.89 6.19
C PHE A 185 11.05 28.09 5.00
N GLU A 186 11.71 27.02 4.55
CA GLU A 186 12.48 26.99 3.31
C GLU A 186 12.01 25.84 2.43
N ALA A 187 12.04 26.01 1.12
CA ALA A 187 11.58 25.02 0.15
C ALA A 187 12.48 24.85 -1.09
N SER A 188 12.33 23.70 -1.76
CA SER A 188 12.96 23.35 -3.03
C SER A 188 11.94 22.64 -3.93
N VAL A 189 11.96 22.91 -5.24
CA VAL A 189 11.09 22.20 -6.20
C VAL A 189 11.80 20.93 -6.65
N VAL A 190 11.11 19.79 -6.57
CA VAL A 190 11.65 18.46 -6.95
C VAL A 190 10.72 17.83 -7.99
N VAL A 20 -2.18 -9.11 -0.47
CA VAL A 20 -3.21 -9.26 0.55
C VAL A 20 -3.10 -10.65 1.21
N THR A 21 -3.63 -10.83 2.42
CA THR A 21 -3.45 -12.08 3.19
C THR A 21 -4.75 -12.58 3.80
N LEU A 22 -4.96 -13.90 3.74
CA LEU A 22 -6.12 -14.57 4.35
C LEU A 22 -5.78 -15.77 5.22
N GLN A 23 -6.78 -16.13 6.03
CA GLN A 23 -6.80 -17.20 7.01
C GLN A 23 -7.72 -18.33 6.54
N LEU A 24 -7.22 -19.56 6.62
CA LEU A 24 -8.03 -20.76 6.39
C LEU A 24 -7.60 -21.93 7.27
N ARG A 25 -8.49 -22.88 7.56
CA ARG A 25 -8.20 -24.00 8.45
C ARG A 25 -8.27 -25.34 7.71
N ILE A 26 -7.09 -25.92 7.49
CA ILE A 26 -6.86 -27.21 6.82
C ILE A 26 -6.89 -28.38 7.82
N ASP A 27 -7.44 -29.52 7.40
CA ASP A 27 -7.46 -30.81 8.09
C ASP A 27 -6.32 -31.70 7.57
N GLY A 28 -5.70 -32.49 8.46
CA GLY A 28 -4.63 -33.42 8.14
C GLY A 28 -3.22 -32.83 8.26
N MET A 29 -3.09 -31.50 8.37
CA MET A 29 -1.82 -30.79 8.51
C MET A 29 -1.04 -31.15 9.78
N HIS A 30 -1.71 -31.63 10.83
CA HIS A 30 -1.02 -32.10 12.03
C HIS A 30 -0.22 -33.40 11.81
N CYS A 31 -0.44 -34.17 10.74
CA CYS A 31 0.48 -35.26 10.35
C CYS A 31 1.78 -34.72 9.70
N LYS A 32 1.85 -33.40 9.46
CA LYS A 32 2.93 -32.58 8.91
C LYS A 32 3.15 -32.80 7.42
N SER A 33 3.31 -34.03 6.96
CA SER A 33 3.53 -34.39 5.55
C SER A 33 2.43 -33.85 4.60
N CYS A 34 1.23 -33.55 5.12
CA CYS A 34 0.14 -32.85 4.45
C CYS A 34 0.58 -31.44 3.98
N VAL A 35 1.22 -30.65 4.84
CA VAL A 35 1.53 -29.25 4.52
C VAL A 35 2.66 -29.12 3.49
N LEU A 36 3.55 -30.13 3.39
CA LEU A 36 4.64 -30.17 2.41
C LEU A 36 4.12 -30.05 0.98
N ASN A 37 3.18 -30.91 0.57
CA ASN A 37 2.64 -30.88 -0.80
C ASN A 37 2.02 -29.52 -1.12
N ILE A 38 1.35 -28.90 -0.14
CA ILE A 38 0.77 -27.56 -0.27
C ILE A 38 1.90 -26.50 -0.43
N GLU A 39 2.91 -26.50 0.43
CA GLU A 39 4.06 -25.59 0.42
C GLU A 39 4.88 -25.66 -0.89
N GLU A 40 5.02 -26.85 -1.47
CA GLU A 40 5.74 -27.06 -2.75
C GLU A 40 5.01 -26.43 -3.94
N ASN A 41 3.68 -26.53 -3.97
CA ASN A 41 2.83 -26.13 -5.11
C ASN A 41 2.22 -24.71 -5.00
N ILE A 42 1.83 -24.26 -3.80
CA ILE A 42 1.02 -23.04 -3.65
C ILE A 42 1.96 -21.85 -3.41
N GLY A 43 1.87 -20.89 -4.33
CA GLY A 43 2.82 -19.78 -4.50
C GLY A 43 3.34 -19.66 -5.94
N GLN A 44 3.22 -20.73 -6.75
CA GLN A 44 3.67 -20.75 -8.14
C GLN A 44 2.60 -20.23 -9.11
N LEU A 45 1.40 -19.93 -8.60
CA LEU A 45 0.19 -19.61 -9.35
C LEU A 45 0.18 -18.14 -9.83
N LEU A 46 -0.87 -17.78 -10.56
CA LEU A 46 -1.19 -16.42 -11.02
C LEU A 46 -1.34 -15.43 -9.85
N GLY A 47 -2.47 -15.48 -9.12
CA GLY A 47 -2.79 -14.54 -8.03
C GLY A 47 -2.27 -14.92 -6.64
N VAL A 48 -1.92 -16.19 -6.37
CA VAL A 48 -1.19 -16.57 -5.14
C VAL A 48 0.32 -16.44 -5.38
N GLN A 49 0.94 -15.49 -4.68
CA GLN A 49 2.36 -15.18 -4.80
C GLN A 49 3.23 -16.07 -3.90
N SER A 50 2.79 -16.28 -2.66
CA SER A 50 3.51 -17.07 -1.65
C SER A 50 2.53 -17.78 -0.69
N ILE A 51 3.07 -18.57 0.24
CA ILE A 51 2.32 -19.35 1.24
C ILE A 51 3.06 -19.26 2.59
N GLN A 52 2.32 -19.15 3.68
CA GLN A 52 2.83 -18.93 5.02
C GLN A 52 2.22 -19.98 5.97
N VAL A 53 3.07 -20.78 6.60
CA VAL A 53 2.72 -22.02 7.31
C VAL A 53 2.63 -21.76 8.83
N SER A 54 1.44 -21.34 9.26
CA SER A 54 1.14 -20.84 10.62
C SER A 54 0.49 -21.92 11.53
N LEU A 55 1.15 -23.08 11.66
CA LEU A 55 0.61 -24.26 12.36
C LEU A 55 0.29 -24.01 13.84
N GLU A 56 0.99 -23.06 14.48
CA GLU A 56 0.73 -22.62 15.84
C GLU A 56 -0.73 -22.15 16.06
N ASN A 57 -1.35 -21.54 15.05
CA ASN A 57 -2.75 -21.11 15.10
C ASN A 57 -3.71 -22.16 14.49
N LYS A 58 -3.19 -23.30 14.01
CA LYS A 58 -3.92 -24.43 13.38
C LYS A 58 -4.55 -24.08 12.01
N THR A 59 -4.38 -22.83 11.58
CA THR A 59 -4.73 -22.29 10.26
C THR A 59 -3.48 -22.23 9.37
N ALA A 60 -3.67 -22.00 8.08
CA ALA A 60 -2.61 -21.67 7.14
C ALA A 60 -2.91 -20.27 6.56
N GLN A 61 -1.87 -19.52 6.22
CA GLN A 61 -1.93 -18.13 5.80
C GLN A 61 -1.45 -18.04 4.34
N VAL A 62 -2.24 -17.45 3.43
CA VAL A 62 -1.87 -17.37 1.99
C VAL A 62 -1.63 -15.92 1.57
N LYS A 63 -0.55 -15.69 0.83
CA LYS A 63 -0.10 -14.39 0.35
C LYS A 63 -0.56 -14.23 -1.11
N TYR A 64 -1.70 -13.57 -1.30
CA TYR A 64 -2.46 -13.50 -2.56
C TYR A 64 -2.68 -12.04 -3.04
N ASP A 65 -3.38 -11.85 -4.18
CA ASP A 65 -3.86 -10.54 -4.66
C ASP A 65 -5.36 -10.62 -5.01
N PRO A 66 -6.19 -9.62 -4.62
CA PRO A 66 -7.65 -9.70 -4.74
C PRO A 66 -8.17 -9.31 -6.14
N SER A 67 -7.30 -9.25 -7.15
CA SER A 67 -7.68 -9.02 -8.55
C SER A 67 -7.44 -10.28 -9.40
N CYS A 68 -6.37 -11.05 -9.11
CA CYS A 68 -6.10 -12.31 -9.81
C CYS A 68 -6.71 -13.55 -9.15
N THR A 69 -7.10 -13.50 -7.88
CA THR A 69 -7.80 -14.58 -7.17
C THR A 69 -8.77 -14.06 -6.11
N SER A 70 -9.39 -14.97 -5.36
CA SER A 70 -10.38 -14.70 -4.32
C SER A 70 -10.39 -15.82 -3.26
N PRO A 71 -11.06 -15.64 -2.09
CA PRO A 71 -11.09 -16.67 -1.04
C PRO A 71 -11.75 -17.98 -1.51
N VAL A 72 -12.89 -17.92 -2.21
CA VAL A 72 -13.51 -19.10 -2.83
C VAL A 72 -12.63 -19.74 -3.92
N ALA A 73 -11.92 -18.93 -4.72
CA ALA A 73 -11.00 -19.44 -5.75
C ALA A 73 -9.79 -20.16 -5.13
N LEU A 74 -9.24 -19.63 -4.02
CA LEU A 74 -8.25 -20.27 -3.15
C LEU A 74 -8.79 -21.61 -2.64
N GLN A 75 -9.97 -21.59 -1.99
CA GLN A 75 -10.56 -22.75 -1.32
C GLN A 75 -10.84 -23.90 -2.31
N ARG A 76 -11.32 -23.57 -3.52
CA ARG A 76 -11.58 -24.53 -4.60
C ARG A 76 -10.30 -25.10 -5.21
N ALA A 77 -9.24 -24.30 -5.34
CA ALA A 77 -7.96 -24.74 -5.91
C ALA A 77 -7.20 -25.69 -4.97
N ILE A 78 -6.85 -25.25 -3.76
CA ILE A 78 -5.90 -25.98 -2.91
C ILE A 78 -6.43 -27.31 -2.32
N GLU A 79 -7.74 -27.44 -2.15
CA GLU A 79 -8.39 -28.62 -1.55
C GLU A 79 -8.37 -29.89 -2.43
N ALA A 80 -8.09 -29.75 -3.73
CA ALA A 80 -7.93 -30.88 -4.66
C ALA A 80 -6.47 -31.17 -5.03
N LEU A 81 -5.50 -30.52 -4.37
CA LEU A 81 -4.09 -30.96 -4.44
C LEU A 81 -3.96 -32.42 -3.95
N PRO A 82 -4.52 -32.80 -2.78
CA PRO A 82 -4.66 -34.20 -2.40
C PRO A 82 -5.82 -34.86 -3.15
N PRO A 83 -5.97 -36.20 -3.05
CA PRO A 83 -7.15 -36.93 -3.54
C PRO A 83 -8.35 -36.74 -2.58
N GLY A 84 -8.69 -35.50 -2.24
CA GLY A 84 -9.78 -35.17 -1.32
C GLY A 84 -9.47 -35.48 0.15
N ASN A 85 -8.19 -35.46 0.54
CA ASN A 85 -7.76 -35.91 1.88
C ASN A 85 -7.60 -34.74 2.87
N PHE A 86 -6.95 -33.66 2.43
CA PHE A 86 -6.69 -32.47 3.25
C PHE A 86 -7.76 -31.42 2.98
N LYS A 87 -8.74 -31.29 3.89
CA LYS A 87 -9.96 -30.49 3.71
C LYS A 87 -9.82 -29.10 4.33
N VAL A 88 -10.34 -28.06 3.70
CA VAL A 88 -10.12 -26.67 4.12
C VAL A 88 -11.41 -25.86 4.23
N SER A 89 -11.53 -25.11 5.33
CA SER A 89 -12.67 -24.25 5.66
C SER A 89 -12.25 -22.78 5.78
N LEU A 90 -13.15 -21.89 5.35
CA LEU A 90 -12.92 -20.44 5.22
C LEU A 90 -13.80 -19.63 6.19
N THR A 120 -3.85 22.40 -18.29
CA THR A 120 -4.45 23.04 -17.10
C THR A 120 -4.19 22.31 -15.77
N CYS A 121 -3.61 21.12 -15.85
CA CYS A 121 -3.33 20.22 -14.70
C CYS A 121 -1.94 19.58 -14.80
N SER A 122 -1.12 19.68 -13.76
CA SER A 122 0.17 18.96 -13.63
C SER A 122 0.46 18.60 -12.16
N THR A 123 1.23 17.53 -11.90
CA THR A 123 1.63 17.11 -10.54
C THR A 123 3.11 17.37 -10.33
N THR A 124 3.50 17.83 -9.14
CA THR A 124 4.91 17.91 -8.73
C THR A 124 5.14 17.61 -7.26
N LEU A 125 6.39 17.23 -6.99
CA LEU A 125 6.95 16.92 -5.68
C LEU A 125 7.80 18.11 -5.17
N ILE A 126 7.54 18.59 -3.96
CA ILE A 126 8.32 19.67 -3.32
C ILE A 126 9.05 19.09 -2.11
N ALA A 127 10.33 19.42 -1.90
CA ALA A 127 11.04 19.10 -0.65
C ALA A 127 11.11 20.37 0.22
N ILE A 128 10.60 20.32 1.45
CA ILE A 128 10.52 21.49 2.36
C ILE A 128 11.51 21.32 3.52
N ALA A 129 12.26 22.37 3.86
CA ALA A 129 13.25 22.41 4.94
C ALA A 129 12.84 23.39 6.06
N GLY A 130 11.65 23.18 6.62
CA GLY A 130 11.18 23.85 7.84
C GLY A 130 10.02 23.09 8.48
N MET A 131 10.23 21.82 8.77
CA MET A 131 9.20 20.93 9.32
C MET A 131 9.83 19.87 10.22
N THR A 132 9.18 19.60 11.36
CA THR A 132 9.70 18.77 12.46
C THR A 132 8.58 18.26 13.37
N CYS A 133 7.53 19.07 13.52
CA CYS A 133 6.32 18.77 14.24
C CYS A 133 5.18 18.50 13.24
N ALA A 134 4.36 17.48 13.52
CA ALA A 134 3.23 17.07 12.68
C ALA A 134 2.25 18.21 12.33
N SER A 135 2.15 19.22 13.21
CA SER A 135 1.29 20.41 13.00
C SER A 135 1.60 21.15 11.69
N CYS A 136 2.85 21.15 11.23
CA CYS A 136 3.24 21.85 10.01
C CYS A 136 2.49 21.33 8.75
N VAL A 137 1.97 20.10 8.80
CA VAL A 137 1.03 19.59 7.77
C VAL A 137 -0.24 20.45 7.75
N HIS A 138 -1.01 20.55 8.85
CA HIS A 138 -2.23 21.35 8.86
C HIS A 138 -1.97 22.86 8.64
N SER A 139 -0.75 23.31 8.89
CA SER A 139 -0.28 24.66 8.53
C SER A 139 -0.08 24.82 7.02
N ILE A 140 0.79 24.02 6.37
CA ILE A 140 1.11 24.19 4.94
C ILE A 140 -0.08 23.82 4.06
N GLU A 141 -0.65 22.63 4.28
CA GLU A 141 -1.85 22.12 3.61
C GLU A 141 -3.05 23.09 3.81
N GLY A 142 -3.09 23.78 4.96
CA GLY A 142 -4.09 24.80 5.31
C GLY A 142 -3.88 26.15 4.61
N MET A 143 -2.76 26.83 4.87
CA MET A 143 -2.50 28.20 4.40
C MET A 143 -2.22 28.28 2.90
N ILE A 144 -1.40 27.39 2.36
CA ILE A 144 -0.94 27.45 0.95
C ILE A 144 -2.03 27.09 -0.03
N SER A 145 -2.96 26.24 0.37
CA SER A 145 -4.07 25.75 -0.48
C SER A 145 -5.09 26.83 -0.93
N GLN A 146 -4.90 28.10 -0.56
CA GLN A 146 -5.89 29.18 -0.70
C GLN A 146 -5.58 30.22 -1.80
N LEU A 147 -4.39 30.19 -2.42
CA LEU A 147 -3.91 31.22 -3.36
C LEU A 147 -4.17 30.92 -4.85
N GLU A 148 -4.98 29.90 -5.13
CA GLU A 148 -5.45 29.44 -6.44
C GLU A 148 -4.36 28.76 -7.29
N GLY A 149 -4.78 28.03 -8.33
CA GLY A 149 -3.91 27.15 -9.13
C GLY A 149 -3.56 25.85 -8.41
N VAL A 150 -3.31 25.93 -7.11
CA VAL A 150 -3.16 24.82 -6.15
C VAL A 150 -4.48 24.03 -6.02
N GLN A 151 -4.57 22.90 -6.72
CA GLN A 151 -5.79 22.09 -6.80
C GLN A 151 -5.90 21.07 -5.65
N GLN A 152 -4.88 20.22 -5.46
CA GLN A 152 -4.89 19.12 -4.48
C GLN A 152 -3.50 19.01 -3.85
N ILE A 153 -3.39 19.12 -2.53
CA ILE A 153 -2.10 19.25 -1.82
C ILE A 153 -2.05 18.30 -0.61
N SER A 154 -1.00 17.50 -0.51
CA SER A 154 -0.80 16.52 0.57
C SER A 154 0.70 16.46 0.94
N VAL A 155 1.05 16.04 2.16
CA VAL A 155 2.43 16.13 2.70
C VAL A 155 2.81 14.87 3.48
N SER A 156 4.08 14.46 3.33
CA SER A 156 4.78 13.41 4.06
C SER A 156 5.94 14.06 4.87
N LEU A 157 5.65 14.52 6.09
CA LEU A 157 6.65 15.10 7.00
C LEU A 157 7.73 14.07 7.39
N ALA A 158 7.34 12.80 7.36
CA ALA A 158 8.16 11.59 7.42
C ALA A 158 9.41 11.60 6.51
N GLU A 159 9.34 12.30 5.37
CA GLU A 159 10.46 12.53 4.44
C GLU A 159 10.77 14.03 4.30
N GLY A 160 9.80 14.89 4.64
CA GLY A 160 9.86 16.33 4.48
C GLY A 160 9.38 16.78 3.09
N THR A 161 8.36 16.11 2.52
CA THR A 161 7.97 16.29 1.11
C THR A 161 6.48 16.58 0.95
N ALA A 162 6.13 17.48 0.04
CA ALA A 162 4.75 17.72 -0.40
C ALA A 162 4.51 17.14 -1.80
N THR A 163 3.35 16.49 -1.99
CA THR A 163 2.88 16.06 -3.32
C THR A 163 1.65 16.90 -3.68
N VAL A 164 1.70 17.61 -4.81
CA VAL A 164 0.68 18.61 -5.13
C VAL A 164 0.33 18.64 -6.63
N LEU A 165 -0.98 18.81 -6.92
CA LEU A 165 -1.56 19.06 -8.24
C LEU A 165 -1.69 20.58 -8.39
N TYR A 166 -0.97 21.15 -9.34
CA TYR A 166 -1.01 22.58 -9.68
C TYR A 166 -1.50 22.81 -11.12
N ASN A 167 -2.02 24.01 -11.39
CA ASN A 167 -2.43 24.45 -12.71
C ASN A 167 -1.34 25.36 -13.35
N PRO A 168 -0.57 24.86 -14.34
CA PRO A 168 0.52 25.62 -14.96
C PRO A 168 0.06 26.84 -15.78
N ALA A 169 -1.24 26.96 -16.09
CA ALA A 169 -1.82 28.17 -16.70
C ALA A 169 -2.16 29.27 -15.67
N VAL A 170 -2.10 28.96 -14.38
CA VAL A 170 -2.44 29.86 -13.26
C VAL A 170 -1.22 30.16 -12.38
N ILE A 171 -0.29 29.21 -12.17
CA ILE A 171 0.89 29.40 -11.33
C ILE A 171 2.01 28.37 -11.65
N SER A 172 3.27 28.77 -11.50
CA SER A 172 4.44 27.91 -11.66
C SER A 172 4.97 27.36 -10.31
N PRO A 173 5.58 26.15 -10.27
CA PRO A 173 6.32 25.63 -9.13
C PRO A 173 7.38 26.60 -8.56
N GLU A 174 7.97 27.48 -9.38
CA GLU A 174 8.91 28.51 -8.90
C GLU A 174 8.21 29.57 -8.03
N GLU A 175 6.95 29.88 -8.34
CA GLU A 175 6.09 30.77 -7.55
C GLU A 175 5.59 30.04 -6.29
N LEU A 176 5.33 28.72 -6.40
CA LEU A 176 4.91 27.81 -5.36
C LEU A 176 5.94 27.74 -4.22
N ARG A 177 7.20 27.36 -4.50
CA ARG A 177 8.25 27.34 -3.48
C ARG A 177 8.47 28.72 -2.83
N ALA A 178 8.40 29.80 -3.61
CA ALA A 178 8.48 31.16 -3.11
C ALA A 178 7.32 31.53 -2.16
N ALA A 179 6.15 30.89 -2.27
CA ALA A 179 5.03 31.12 -1.35
C ALA A 179 5.25 30.49 0.03
N ILE A 180 6.00 29.38 0.10
CA ILE A 180 6.51 28.79 1.35
C ILE A 180 7.65 29.64 1.94
N GLU A 181 8.50 30.26 1.11
CA GLU A 181 9.51 31.22 1.57
C GLU A 181 8.88 32.47 2.21
N ASP A 182 7.77 32.97 1.64
CA ASP A 182 6.93 34.06 2.18
C ASP A 182 6.21 33.66 3.48
N MET A 183 5.88 32.37 3.66
CA MET A 183 5.32 31.82 4.90
C MET A 183 6.37 31.80 6.02
N GLY A 184 7.61 31.49 5.66
CA GLY A 184 8.79 31.62 6.52
C GLY A 184 9.73 30.41 6.57
N PHE A 185 9.62 29.45 5.64
CA PHE A 185 10.42 28.23 5.62
C PHE A 185 11.33 28.26 4.36
N GLU A 186 11.80 27.09 3.90
CA GLU A 186 12.47 26.94 2.61
C GLU A 186 11.90 25.73 1.87
N ALA A 187 11.80 25.87 0.56
CA ALA A 187 11.17 24.89 -0.35
C ALA A 187 11.97 24.69 -1.65
N SER A 188 12.10 23.44 -2.09
CA SER A 188 12.85 23.00 -3.28
C SER A 188 11.95 22.23 -4.26
N VAL A 189 11.98 22.59 -5.54
CA VAL A 189 11.15 21.98 -6.61
C VAL A 189 11.84 20.73 -7.16
N VAL A 190 11.86 19.68 -6.34
CA VAL A 190 12.54 18.41 -6.67
C VAL A 190 11.81 17.65 -7.79
N VAL A 20 -2.29 -9.24 0.14
CA VAL A 20 -3.40 -9.55 1.03
C VAL A 20 -3.23 -10.97 1.62
N THR A 21 -3.77 -11.19 2.82
CA THR A 21 -3.68 -12.43 3.60
C THR A 21 -5.04 -13.12 3.72
N LEU A 22 -5.03 -14.39 4.17
CA LEU A 22 -6.22 -15.23 4.35
C LEU A 22 -6.11 -16.08 5.61
N GLN A 23 -7.20 -16.19 6.39
CA GLN A 23 -7.28 -17.17 7.46
C GLN A 23 -8.07 -18.38 7.00
N LEU A 24 -7.37 -19.50 7.04
CA LEU A 24 -7.91 -20.83 6.73
C LEU A 24 -7.33 -21.92 7.64
N ARG A 25 -8.21 -22.83 8.06
CA ARG A 25 -7.86 -24.06 8.76
C ARG A 25 -7.92 -25.23 7.78
N ILE A 26 -7.01 -26.18 7.93
CA ILE A 26 -6.89 -27.41 7.13
C ILE A 26 -7.35 -28.62 7.95
N ASP A 27 -7.84 -29.68 7.31
CA ASP A 27 -8.13 -30.99 7.91
C ASP A 27 -7.07 -32.03 7.50
N GLY A 28 -6.68 -32.88 8.44
CA GLY A 28 -5.64 -33.91 8.26
C GLY A 28 -4.21 -33.40 8.46
N MET A 29 -4.05 -32.12 8.84
CA MET A 29 -2.74 -31.45 9.02
C MET A 29 -1.91 -31.91 10.22
N HIS A 30 -2.44 -32.81 11.05
CA HIS A 30 -1.72 -33.43 12.18
C HIS A 30 -0.35 -34.02 11.81
N CYS A 31 -0.13 -34.43 10.56
CA CYS A 31 1.19 -34.81 10.01
C CYS A 31 1.64 -33.83 8.92
N LYS A 32 2.92 -33.44 8.93
CA LYS A 32 3.46 -32.35 8.10
C LYS A 32 3.40 -32.63 6.58
N SER A 33 3.19 -33.88 6.17
CA SER A 33 2.89 -34.24 4.78
C SER A 33 1.75 -33.43 4.16
N CYS A 34 0.76 -33.00 4.97
CA CYS A 34 -0.38 -32.22 4.54
C CYS A 34 0.03 -30.80 4.11
N VAL A 35 0.67 -30.01 4.98
CA VAL A 35 1.15 -28.67 4.62
C VAL A 35 2.22 -28.72 3.52
N LEU A 36 3.01 -29.81 3.44
CA LEU A 36 4.11 -29.96 2.49
C LEU A 36 3.64 -29.85 1.03
N ASN A 37 2.76 -30.74 0.59
CA ASN A 37 2.27 -30.74 -0.80
C ASN A 37 1.47 -29.47 -1.13
N ILE A 38 0.75 -28.89 -0.15
CA ILE A 38 0.08 -27.60 -0.33
C ILE A 38 1.13 -26.51 -0.62
N GLU A 39 2.16 -26.39 0.22
CA GLU A 39 3.22 -25.39 0.10
C GLU A 39 4.06 -25.56 -1.18
N GLU A 40 4.35 -26.79 -1.60
CA GLU A 40 5.16 -27.08 -2.79
C GLU A 40 4.46 -26.61 -4.08
N ASN A 41 3.13 -26.72 -4.13
CA ASN A 41 2.30 -26.34 -5.29
C ASN A 41 1.74 -24.91 -5.26
N ILE A 42 1.60 -24.29 -4.09
CA ILE A 42 0.91 -23.00 -3.94
C ILE A 42 1.95 -21.89 -3.69
N GLY A 43 1.92 -20.89 -4.58
CA GLY A 43 2.86 -19.76 -4.63
C GLY A 43 3.49 -19.53 -6.00
N GLN A 44 3.51 -20.56 -6.85
CA GLN A 44 4.02 -20.52 -8.23
C GLN A 44 2.97 -20.03 -9.25
N LEU A 45 1.76 -19.73 -8.77
CA LEU A 45 0.57 -19.42 -9.54
C LEU A 45 0.47 -17.93 -9.98
N LEU A 46 -0.67 -17.56 -10.55
CA LEU A 46 -1.07 -16.20 -10.97
C LEU A 46 -1.30 -15.27 -9.75
N GLY A 47 -2.47 -15.29 -9.11
CA GLY A 47 -2.81 -14.33 -8.05
C GLY A 47 -2.10 -14.61 -6.71
N VAL A 48 -1.79 -15.86 -6.39
CA VAL A 48 -0.92 -16.22 -5.24
C VAL A 48 0.56 -16.14 -5.65
N GLN A 49 1.37 -15.41 -4.88
CA GLN A 49 2.83 -15.27 -5.14
C GLN A 49 3.72 -15.88 -4.05
N SER A 50 3.25 -16.04 -2.83
CA SER A 50 3.99 -16.69 -1.74
C SER A 50 3.06 -17.48 -0.80
N ILE A 51 3.62 -18.34 0.05
CA ILE A 51 2.87 -19.20 0.98
C ILE A 51 3.58 -19.28 2.33
N GLN A 52 2.80 -19.30 3.41
CA GLN A 52 3.28 -19.19 4.78
C GLN A 52 2.46 -20.10 5.71
N VAL A 53 3.04 -20.49 6.84
CA VAL A 53 2.47 -21.41 7.82
C VAL A 53 2.24 -20.66 9.12
N SER A 54 1.06 -20.79 9.73
CA SER A 54 0.72 -20.16 11.03
C SER A 54 0.32 -21.25 12.05
N LEU A 55 1.18 -22.26 12.24
CA LEU A 55 0.89 -23.45 13.04
C LEU A 55 0.79 -23.19 14.56
N GLU A 56 1.33 -22.09 15.08
CA GLU A 56 1.08 -21.64 16.45
C GLU A 56 -0.42 -21.43 16.70
N ASN A 57 -1.12 -20.93 15.68
CA ASN A 57 -2.54 -20.67 15.63
C ASN A 57 -3.34 -21.82 14.95
N LYS A 58 -2.64 -22.81 14.34
CA LYS A 58 -3.18 -23.98 13.64
C LYS A 58 -3.84 -23.60 12.29
N THR A 59 -3.57 -22.39 11.79
CA THR A 59 -3.97 -21.92 10.46
C THR A 59 -2.81 -22.04 9.48
N ALA A 60 -3.16 -21.95 8.20
CA ALA A 60 -2.22 -21.72 7.12
C ALA A 60 -2.28 -20.23 6.77
N GLN A 61 -1.36 -19.72 5.97
CA GLN A 61 -1.38 -18.32 5.55
C GLN A 61 -1.02 -18.17 4.08
N VAL A 62 -1.96 -17.72 3.25
CA VAL A 62 -1.70 -17.56 1.80
C VAL A 62 -1.55 -16.09 1.42
N LYS A 63 -0.50 -15.81 0.65
CA LYS A 63 0.00 -14.47 0.33
C LYS A 63 -0.30 -14.18 -1.15
N TYR A 64 -1.39 -13.44 -1.37
CA TYR A 64 -2.01 -13.23 -2.68
C TYR A 64 -2.31 -11.75 -2.96
N ASP A 65 -2.90 -11.44 -4.13
CA ASP A 65 -3.48 -10.13 -4.43
C ASP A 65 -4.96 -10.34 -4.83
N PRO A 66 -5.89 -9.47 -4.40
CA PRO A 66 -7.31 -9.62 -4.73
C PRO A 66 -7.64 -9.17 -6.17
N SER A 67 -6.64 -8.96 -7.03
CA SER A 67 -6.79 -8.42 -8.38
C SER A 67 -6.95 -9.49 -9.46
N CYS A 68 -6.55 -10.73 -9.14
CA CYS A 68 -6.52 -11.89 -10.06
C CYS A 68 -7.26 -13.14 -9.53
N THR A 69 -7.49 -13.25 -8.21
CA THR A 69 -8.13 -14.40 -7.53
C THR A 69 -8.98 -13.93 -6.34
N SER A 70 -9.58 -14.87 -5.61
CA SER A 70 -10.33 -14.63 -4.37
C SER A 70 -10.50 -15.91 -3.51
N PRO A 71 -10.73 -15.78 -2.18
CA PRO A 71 -10.85 -16.87 -1.21
C PRO A 71 -11.69 -18.09 -1.60
N VAL A 72 -12.88 -17.92 -2.18
CA VAL A 72 -13.72 -19.06 -2.61
C VAL A 72 -13.07 -19.87 -3.75
N ALA A 73 -12.39 -19.20 -4.69
CA ALA A 73 -11.64 -19.84 -5.77
C ALA A 73 -10.37 -20.51 -5.24
N LEU A 74 -9.68 -19.85 -4.30
CA LEU A 74 -8.48 -20.38 -3.62
C LEU A 74 -8.80 -21.66 -2.83
N GLN A 75 -9.87 -21.67 -2.02
CA GLN A 75 -10.30 -22.87 -1.31
C GLN A 75 -10.47 -24.05 -2.29
N ARG A 76 -11.26 -23.85 -3.35
CA ARG A 76 -11.56 -24.86 -4.37
C ARG A 76 -10.31 -25.34 -5.13
N ALA A 77 -9.33 -24.47 -5.36
CA ALA A 77 -8.07 -24.81 -6.04
C ALA A 77 -7.18 -25.70 -5.18
N ILE A 78 -6.83 -25.26 -3.97
CA ILE A 78 -5.81 -25.94 -3.15
C ILE A 78 -6.28 -27.27 -2.56
N GLU A 79 -7.58 -27.44 -2.33
CA GLU A 79 -8.13 -28.60 -1.63
C GLU A 79 -8.00 -29.92 -2.41
N ALA A 80 -7.98 -29.89 -3.74
CA ALA A 80 -7.88 -31.10 -4.56
C ALA A 80 -6.44 -31.51 -4.89
N LEU A 81 -5.43 -30.85 -4.30
CA LEU A 81 -4.03 -31.30 -4.35
C LEU A 81 -3.87 -32.76 -3.86
N PRO A 82 -4.37 -33.14 -2.66
CA PRO A 82 -4.44 -34.53 -2.24
C PRO A 82 -5.46 -35.36 -3.04
N PRO A 83 -5.38 -36.70 -2.98
CA PRO A 83 -6.29 -37.62 -3.65
C PRO A 83 -7.59 -37.81 -2.83
N GLY A 84 -8.24 -36.71 -2.43
CA GLY A 84 -9.44 -36.70 -1.59
C GLY A 84 -9.13 -36.98 -0.13
N ASN A 85 -8.20 -36.22 0.46
CA ASN A 85 -7.66 -36.49 1.80
C ASN A 85 -7.60 -35.29 2.77
N PHE A 86 -7.13 -34.12 2.32
CA PHE A 86 -7.12 -32.89 3.12
C PHE A 86 -8.28 -31.99 2.67
N LYS A 87 -9.02 -31.42 3.63
CA LYS A 87 -10.12 -30.48 3.42
C LYS A 87 -9.74 -29.08 3.93
N VAL A 88 -10.29 -28.00 3.37
CA VAL A 88 -10.16 -26.65 3.96
C VAL A 88 -11.43 -26.29 4.71
N SER A 89 -11.28 -25.68 5.88
CA SER A 89 -12.38 -25.12 6.67
C SER A 89 -12.28 -23.59 6.64
N LEU A 90 -13.25 -22.96 5.99
CA LEU A 90 -13.40 -21.50 5.85
C LEU A 90 -14.55 -21.01 6.74
N THR A 120 -5.38 21.64 -17.58
CA THR A 120 -5.62 22.54 -16.45
C THR A 120 -5.01 22.03 -15.13
N CYS A 121 -4.52 20.79 -15.15
CA CYS A 121 -4.10 20.01 -13.99
C CYS A 121 -2.80 19.23 -14.22
N SER A 122 -1.80 19.41 -13.36
CA SER A 122 -0.55 18.62 -13.31
C SER A 122 -0.13 18.35 -11.87
N THR A 123 0.63 17.29 -11.60
CA THR A 123 1.18 17.00 -10.26
C THR A 123 2.69 17.18 -10.26
N THR A 124 3.24 17.80 -9.20
CA THR A 124 4.70 17.85 -8.92
C THR A 124 5.01 17.62 -7.45
N LEU A 125 6.29 17.31 -7.19
CA LEU A 125 6.86 17.03 -5.87
C LEU A 125 7.80 18.17 -5.44
N ILE A 126 7.61 18.73 -4.24
CA ILE A 126 8.47 19.80 -3.69
C ILE A 126 9.26 19.27 -2.49
N ALA A 127 10.50 19.73 -2.32
CA ALA A 127 11.39 19.37 -1.20
C ALA A 127 11.50 20.56 -0.23
N ILE A 128 11.17 20.39 1.06
CA ILE A 128 10.98 21.48 2.04
C ILE A 128 11.74 21.22 3.35
N ALA A 129 12.32 22.27 3.94
CA ALA A 129 13.11 22.23 5.17
C ALA A 129 12.68 23.26 6.23
N GLY A 130 11.47 23.10 6.76
CA GLY A 130 11.07 23.81 7.98
C GLY A 130 9.72 23.37 8.54
N MET A 131 9.51 22.07 8.71
CA MET A 131 8.17 21.57 9.08
C MET A 131 8.09 21.02 10.50
N THR A 132 8.92 20.02 10.86
CA THR A 132 9.11 19.36 12.18
C THR A 132 7.89 18.76 12.88
N CYS A 133 6.68 19.26 12.63
CA CYS A 133 5.45 18.92 13.36
C CYS A 133 4.31 18.58 12.41
N ALA A 134 3.50 17.57 12.75
CA ALA A 134 2.27 17.26 12.04
C ALA A 134 1.30 18.45 12.01
N SER A 135 1.26 19.26 13.06
CA SER A 135 0.45 20.49 13.10
C SER A 135 0.93 21.52 12.07
N CYS A 136 2.24 21.56 11.77
CA CYS A 136 2.79 22.34 10.66
C CYS A 136 2.40 21.76 9.29
N VAL A 137 2.41 20.44 9.12
CA VAL A 137 1.85 19.80 7.90
C VAL A 137 0.41 20.23 7.68
N HIS A 138 -0.46 20.04 8.68
CA HIS A 138 -1.87 20.43 8.59
C HIS A 138 -2.03 21.93 8.29
N SER A 139 -1.14 22.77 8.82
CA SER A 139 -1.12 24.21 8.58
C SER A 139 -0.68 24.58 7.15
N ILE A 140 0.37 23.95 6.61
CA ILE A 140 0.83 24.16 5.22
C ILE A 140 -0.26 23.69 4.24
N GLU A 141 -0.73 22.46 4.44
CA GLU A 141 -1.83 21.83 3.71
C GLU A 141 -3.09 22.73 3.73
N GLY A 142 -3.36 23.41 4.84
CA GLY A 142 -4.46 24.36 5.01
C GLY A 142 -4.23 25.69 4.30
N MET A 143 -3.14 26.38 4.65
CA MET A 143 -2.84 27.76 4.24
C MET A 143 -2.53 27.90 2.76
N ILE A 144 -1.68 27.03 2.21
CA ILE A 144 -1.24 27.16 0.81
C ILE A 144 -2.41 26.93 -0.14
N SER A 145 -3.30 26.01 0.21
CA SER A 145 -4.54 25.68 -0.49
C SER A 145 -5.52 26.88 -0.71
N GLN A 146 -5.28 28.04 -0.09
CA GLN A 146 -6.16 29.22 -0.17
C GLN A 146 -5.82 30.17 -1.35
N LEU A 147 -4.71 29.97 -2.08
CA LEU A 147 -4.28 30.83 -3.21
C LEU A 147 -4.45 30.17 -4.61
N GLU A 148 -4.14 30.92 -5.67
CA GLU A 148 -4.30 30.53 -7.08
C GLU A 148 -3.60 29.21 -7.49
N GLY A 149 -4.14 28.53 -8.50
CA GLY A 149 -3.51 27.37 -9.17
C GLY A 149 -3.39 26.09 -8.36
N VAL A 150 -3.25 26.16 -7.03
CA VAL A 150 -3.13 24.99 -6.13
C VAL A 150 -4.51 24.36 -5.86
N GLN A 151 -4.85 23.37 -6.69
CA GLN A 151 -6.12 22.65 -6.68
C GLN A 151 -6.17 21.58 -5.57
N GLN A 152 -5.08 20.86 -5.33
CA GLN A 152 -4.96 19.88 -4.24
C GLN A 152 -3.53 19.89 -3.70
N ILE A 153 -3.33 19.69 -2.40
CA ILE A 153 -2.01 19.61 -1.77
C ILE A 153 -1.97 18.53 -0.68
N SER A 154 -0.87 17.78 -0.64
CA SER A 154 -0.54 16.81 0.40
C SER A 154 0.97 16.91 0.72
N VAL A 155 1.37 16.90 2.00
CA VAL A 155 2.76 17.07 2.45
C VAL A 155 3.06 16.20 3.68
N SER A 156 4.31 15.75 3.83
CA SER A 156 4.73 14.90 4.96
C SER A 156 6.15 15.21 5.45
N LEU A 157 6.36 15.02 6.77
CA LEU A 157 7.68 15.09 7.42
C LEU A 157 8.60 13.92 7.07
N ALA A 158 8.04 12.79 6.65
CA ALA A 158 8.75 11.51 6.48
C ALA A 158 10.03 11.65 5.65
N GLU A 159 9.96 12.44 4.57
CA GLU A 159 11.10 12.83 3.74
C GLU A 159 11.19 14.36 3.56
N GLY A 160 10.22 15.12 4.13
CA GLY A 160 10.10 16.57 4.00
C GLY A 160 9.60 16.99 2.62
N THR A 161 8.61 16.29 2.06
CA THR A 161 8.20 16.43 0.64
C THR A 161 6.70 16.61 0.48
N ALA A 162 6.31 17.40 -0.54
CA ALA A 162 4.93 17.77 -0.86
C ALA A 162 4.52 17.30 -2.26
N THR A 163 3.48 16.44 -2.37
CA THR A 163 2.86 16.03 -3.65
C THR A 163 1.60 16.87 -3.84
N VAL A 164 1.62 17.74 -4.84
CA VAL A 164 0.60 18.79 -5.02
C VAL A 164 0.14 18.86 -6.48
N LEU A 165 -1.17 19.03 -6.67
CA LEU A 165 -1.87 19.17 -7.95
C LEU A 165 -2.03 20.68 -8.20
N TYR A 166 -1.26 21.17 -9.16
CA TYR A 166 -1.23 22.57 -9.57
C TYR A 166 -1.77 22.77 -11.00
N ASN A 167 -2.11 24.02 -11.33
CA ASN A 167 -2.50 24.41 -12.67
C ASN A 167 -1.26 24.96 -13.40
N PRO A 168 -0.76 24.26 -14.44
CA PRO A 168 0.48 24.62 -15.11
C PRO A 168 0.32 25.81 -16.08
N ALA A 169 -0.91 26.24 -16.38
CA ALA A 169 -1.18 27.48 -17.12
C ALA A 169 -1.17 28.73 -16.20
N VAL A 170 -1.60 28.57 -14.95
CA VAL A 170 -1.79 29.67 -13.98
C VAL A 170 -0.59 29.88 -13.05
N ILE A 171 -0.01 28.83 -12.44
CA ILE A 171 1.06 28.97 -11.42
C ILE A 171 2.31 28.17 -11.79
N SER A 172 3.48 28.65 -11.38
CA SER A 172 4.77 28.02 -11.60
C SER A 172 5.25 27.19 -10.39
N PRO A 173 5.98 26.08 -10.61
CA PRO A 173 6.71 25.39 -9.54
C PRO A 173 7.66 26.29 -8.76
N GLU A 174 8.16 27.39 -9.37
CA GLU A 174 8.95 28.40 -8.67
C GLU A 174 8.12 29.21 -7.65
N GLU A 175 6.85 29.48 -7.95
CA GLU A 175 5.93 30.19 -7.08
C GLU A 175 5.52 29.36 -5.86
N LEU A 176 5.45 28.02 -6.03
CA LEU A 176 5.20 27.07 -4.94
C LEU A 176 6.27 27.23 -3.86
N ARG A 177 7.57 27.08 -4.20
CA ARG A 177 8.65 27.24 -3.20
C ARG A 177 8.67 28.66 -2.59
N ALA A 178 8.48 29.69 -3.41
CA ALA A 178 8.44 31.08 -2.94
C ALA A 178 7.35 31.32 -1.87
N ALA A 179 6.20 30.64 -1.96
CA ALA A 179 5.11 30.77 -1.00
C ALA A 179 5.43 30.15 0.37
N ILE A 180 6.17 29.04 0.39
CA ILE A 180 6.70 28.42 1.62
C ILE A 180 7.87 29.24 2.21
N GLU A 181 8.76 29.78 1.38
CA GLU A 181 9.81 30.70 1.82
C GLU A 181 9.22 31.99 2.42
N ASP A 182 8.06 32.44 1.92
CA ASP A 182 7.20 33.51 2.45
C ASP A 182 6.40 33.12 3.71
N MET A 183 6.31 31.83 4.06
CA MET A 183 5.71 31.35 5.32
C MET A 183 6.71 31.39 6.48
N GLY A 184 8.01 31.41 6.13
CA GLY A 184 9.14 31.49 7.04
C GLY A 184 10.00 30.24 7.12
N PHE A 185 9.91 29.35 6.11
CA PHE A 185 10.65 28.10 6.02
C PHE A 185 11.62 28.14 4.82
N GLU A 186 12.06 26.99 4.32
CA GLU A 186 12.80 26.86 3.07
C GLU A 186 12.16 25.78 2.20
N ALA A 187 12.12 26.06 0.90
CA ALA A 187 11.57 25.17 -0.12
C ALA A 187 12.43 25.14 -1.39
N SER A 188 12.45 23.99 -2.04
CA SER A 188 13.31 23.66 -3.18
C SER A 188 12.52 22.80 -4.16
N VAL A 189 12.70 23.03 -5.45
CA VAL A 189 11.89 22.40 -6.50
C VAL A 189 12.53 21.10 -6.97
N VAL A 190 11.71 20.04 -7.00
CA VAL A 190 12.00 18.78 -7.68
C VAL A 190 10.73 18.45 -8.49
N VAL A 20 -2.68 -9.20 -0.39
CA VAL A 20 -3.33 -9.39 0.93
C VAL A 20 -3.12 -10.81 1.46
N THR A 21 -3.26 -10.93 2.79
CA THR A 21 -3.08 -12.19 3.52
C THR A 21 -4.44 -12.72 4.01
N LEU A 22 -4.69 -14.01 3.84
CA LEU A 22 -5.97 -14.66 4.14
C LEU A 22 -5.75 -15.94 4.95
N GLN A 23 -6.53 -16.11 6.02
CA GLN A 23 -6.39 -17.17 7.03
C GLN A 23 -7.30 -18.36 6.75
N LEU A 24 -6.77 -19.57 6.91
CA LEU A 24 -7.54 -20.81 6.80
C LEU A 24 -7.09 -21.90 7.77
N ARG A 25 -8.03 -22.76 8.14
CA ARG A 25 -7.78 -24.00 8.89
C ARG A 25 -7.77 -25.19 7.93
N ILE A 26 -6.60 -25.81 7.78
CA ILE A 26 -6.42 -27.08 7.04
C ILE A 26 -6.64 -28.27 7.99
N ASP A 27 -7.28 -29.34 7.50
CA ASP A 27 -7.40 -30.63 8.18
C ASP A 27 -6.38 -31.64 7.63
N GLY A 28 -5.80 -32.46 8.53
CA GLY A 28 -4.75 -33.45 8.22
C GLY A 28 -3.34 -32.95 8.53
N MET A 29 -3.15 -31.65 8.75
CA MET A 29 -1.83 -31.04 8.97
C MET A 29 -1.07 -31.52 10.22
N HIS A 30 -1.71 -32.19 11.17
CA HIS A 30 -1.01 -32.86 12.28
C HIS A 30 -0.02 -33.94 11.80
N CYS A 31 -0.25 -34.51 10.60
CA CYS A 31 0.65 -35.49 9.98
C CYS A 31 1.90 -34.86 9.32
N LYS A 32 1.97 -33.51 9.31
CA LYS A 32 3.05 -32.63 8.83
C LYS A 32 3.22 -32.66 7.30
N SER A 33 3.44 -33.83 6.70
CA SER A 33 3.56 -34.01 5.24
C SER A 33 2.35 -33.46 4.45
N CYS A 34 1.18 -33.39 5.10
CA CYS A 34 -0.04 -32.77 4.59
C CYS A 34 0.19 -31.31 4.18
N VAL A 35 0.79 -30.50 5.07
CA VAL A 35 1.09 -29.10 4.75
C VAL A 35 2.32 -28.94 3.84
N LEU A 36 3.28 -29.86 3.93
CA LEU A 36 4.52 -29.84 3.13
C LEU A 36 4.21 -29.73 1.65
N ASN A 37 3.43 -30.67 1.11
CA ASN A 37 3.13 -30.67 -0.32
C ASN A 37 2.43 -29.37 -0.72
N ILE A 38 1.44 -28.88 0.04
CA ILE A 38 0.74 -27.61 -0.26
C ILE A 38 1.74 -26.43 -0.32
N GLU A 39 2.77 -26.45 0.54
CA GLU A 39 3.82 -25.42 0.57
C GLU A 39 4.73 -25.48 -0.68
N GLU A 40 4.81 -26.61 -1.40
CA GLU A 40 5.50 -26.75 -2.69
C GLU A 40 4.73 -26.06 -3.84
N ASN A 41 3.45 -26.40 -3.99
CA ASN A 41 2.59 -26.10 -5.14
C ASN A 41 1.73 -24.82 -5.04
N ILE A 42 1.52 -24.25 -3.84
CA ILE A 42 0.83 -22.97 -3.69
C ILE A 42 1.90 -21.87 -3.57
N GLY A 43 1.71 -20.78 -4.33
CA GLY A 43 2.70 -19.71 -4.55
C GLY A 43 3.07 -19.46 -6.01
N GLN A 44 2.58 -20.30 -6.92
CA GLN A 44 2.82 -20.26 -8.37
C GLN A 44 1.52 -20.25 -9.18
N LEU A 45 0.38 -19.93 -8.54
CA LEU A 45 -0.93 -19.77 -9.16
C LEU A 45 -1.11 -18.33 -9.64
N LEU A 46 -1.99 -18.13 -10.62
CA LEU A 46 -2.47 -16.86 -11.17
C LEU A 46 -2.30 -15.64 -10.24
N GLY A 47 -3.00 -15.62 -9.09
CA GLY A 47 -2.86 -14.56 -8.08
C GLY A 47 -2.05 -14.93 -6.84
N VAL A 48 -1.76 -16.20 -6.51
CA VAL A 48 -0.98 -16.51 -5.30
C VAL A 48 0.52 -16.38 -5.56
N GLN A 49 1.21 -15.56 -4.75
CA GLN A 49 2.68 -15.45 -4.79
C GLN A 49 3.36 -16.25 -3.68
N SER A 50 2.75 -16.40 -2.50
CA SER A 50 3.33 -17.17 -1.39
C SER A 50 2.26 -17.84 -0.51
N ILE A 51 2.66 -18.81 0.30
CA ILE A 51 1.90 -19.44 1.37
C ILE A 51 2.81 -19.47 2.60
N GLN A 52 2.32 -19.02 3.75
CA GLN A 52 3.04 -19.15 5.02
C GLN A 52 2.09 -19.74 6.07
N VAL A 53 2.59 -20.27 7.18
CA VAL A 53 1.76 -21.02 8.15
C VAL A 53 1.97 -20.55 9.59
N SER A 54 1.04 -20.94 10.45
CA SER A 54 1.12 -20.79 11.90
C SER A 54 0.55 -22.04 12.58
N LEU A 55 1.30 -23.16 12.46
CA LEU A 55 0.90 -24.49 12.93
C LEU A 55 0.67 -24.54 14.45
N GLU A 56 1.26 -23.61 15.20
CA GLU A 56 0.98 -23.40 16.64
C GLU A 56 -0.51 -23.22 16.97
N ASN A 57 -1.27 -22.64 16.03
CA ASN A 57 -2.71 -22.41 16.11
C ASN A 57 -3.51 -23.33 15.16
N LYS A 58 -2.83 -24.08 14.28
CA LYS A 58 -3.38 -24.96 13.22
C LYS A 58 -3.87 -24.16 11.99
N THR A 59 -3.47 -22.90 11.86
CA THR A 59 -3.82 -22.03 10.72
C THR A 59 -2.69 -21.99 9.71
N ALA A 60 -3.09 -21.80 8.46
CA ALA A 60 -2.25 -21.49 7.33
C ALA A 60 -2.73 -20.14 6.76
N GLN A 61 -1.86 -19.34 6.14
CA GLN A 61 -2.25 -18.04 5.59
C GLN A 61 -1.66 -17.76 4.20
N VAL A 62 -2.53 -17.48 3.23
CA VAL A 62 -2.18 -17.38 1.80
C VAL A 62 -1.95 -15.91 1.39
N LYS A 63 -0.90 -15.67 0.62
CA LYS A 63 -0.42 -14.34 0.23
C LYS A 63 -0.68 -14.16 -1.28
N TYR A 64 -1.74 -13.41 -1.63
CA TYR A 64 -2.28 -13.33 -2.99
C TYR A 64 -2.61 -11.90 -3.45
N ASP A 65 -2.71 -11.74 -4.77
CA ASP A 65 -3.14 -10.54 -5.45
C ASP A 65 -4.66 -10.65 -5.73
N PRO A 66 -5.49 -9.82 -5.09
CA PRO A 66 -6.94 -9.84 -5.28
C PRO A 66 -7.37 -9.33 -6.67
N SER A 67 -6.43 -8.87 -7.49
CA SER A 67 -6.65 -8.43 -8.88
C SER A 67 -6.69 -9.61 -9.87
N CYS A 68 -6.29 -10.79 -9.42
CA CYS A 68 -6.13 -11.99 -10.24
C CYS A 68 -7.00 -13.18 -9.76
N THR A 69 -7.22 -13.30 -8.45
CA THR A 69 -7.91 -14.42 -7.78
C THR A 69 -8.73 -13.94 -6.59
N SER A 70 -9.39 -14.86 -5.90
CA SER A 70 -10.38 -14.56 -4.85
C SER A 70 -10.63 -15.77 -3.91
N PRO A 71 -11.08 -15.55 -2.65
CA PRO A 71 -11.17 -16.60 -1.62
C PRO A 71 -11.86 -17.91 -2.02
N VAL A 72 -13.06 -17.90 -2.64
CA VAL A 72 -13.73 -19.14 -3.04
C VAL A 72 -13.03 -19.85 -4.21
N ALA A 73 -12.42 -19.10 -5.14
CA ALA A 73 -11.64 -19.65 -6.24
C ALA A 73 -10.35 -20.31 -5.73
N LEU A 74 -9.72 -19.71 -4.70
CA LEU A 74 -8.56 -20.24 -3.98
C LEU A 74 -8.92 -21.51 -3.20
N GLN A 75 -10.02 -21.54 -2.44
CA GLN A 75 -10.47 -22.75 -1.74
C GLN A 75 -10.58 -23.91 -2.75
N ARG A 76 -11.32 -23.68 -3.85
CA ARG A 76 -11.56 -24.66 -4.91
C ARG A 76 -10.30 -25.05 -5.69
N ALA A 77 -9.26 -24.21 -5.73
CA ALA A 77 -7.94 -24.56 -6.25
C ALA A 77 -7.16 -25.48 -5.30
N ILE A 78 -6.88 -25.01 -4.09
CA ILE A 78 -5.92 -25.67 -3.19
C ILE A 78 -6.42 -26.98 -2.55
N GLU A 79 -7.72 -27.14 -2.32
CA GLU A 79 -8.22 -28.33 -1.63
C GLU A 79 -8.15 -29.62 -2.47
N ALA A 80 -8.11 -29.51 -3.81
CA ALA A 80 -8.01 -30.66 -4.71
C ALA A 80 -6.56 -31.00 -5.10
N LEU A 81 -5.58 -30.53 -4.33
CA LEU A 81 -4.19 -31.02 -4.42
C LEU A 81 -4.15 -32.51 -4.01
N PRO A 82 -4.58 -32.92 -2.80
CA PRO A 82 -4.69 -34.32 -2.40
C PRO A 82 -5.81 -35.05 -3.13
N PRO A 83 -5.87 -36.39 -3.03
CA PRO A 83 -6.86 -37.24 -3.68
C PRO A 83 -8.20 -37.26 -2.92
N GLY A 84 -8.65 -36.09 -2.44
CA GLY A 84 -9.77 -35.94 -1.53
C GLY A 84 -9.35 -36.34 -0.12
N ASN A 85 -8.38 -35.60 0.46
CA ASN A 85 -7.75 -36.04 1.73
C ASN A 85 -7.26 -34.95 2.71
N PHE A 86 -7.10 -33.69 2.29
CA PHE A 86 -6.87 -32.54 3.18
C PHE A 86 -7.96 -31.50 2.90
N LYS A 87 -8.63 -30.99 3.93
CA LYS A 87 -9.78 -30.09 3.83
C LYS A 87 -9.44 -28.66 4.29
N VAL A 88 -9.97 -27.62 3.65
CA VAL A 88 -9.71 -26.21 4.03
C VAL A 88 -10.99 -25.50 4.46
N SER A 89 -10.94 -24.77 5.57
CA SER A 89 -12.08 -23.99 6.06
C SER A 89 -11.69 -22.53 6.35
N LEU A 90 -12.38 -21.63 5.66
CA LEU A 90 -12.24 -20.17 5.69
C LEU A 90 -13.59 -19.44 5.51
N THR A 120 -3.78 21.80 -18.63
CA THR A 120 -3.55 22.33 -17.26
C THR A 120 -3.48 21.15 -16.28
N CYS A 121 -3.66 21.37 -14.98
CA CYS A 121 -3.86 20.36 -13.93
C CYS A 121 -2.86 19.18 -13.92
N SER A 122 -1.70 19.43 -13.33
CA SER A 122 -0.50 18.56 -13.37
C SER A 122 0.13 18.36 -11.98
N THR A 123 0.67 17.16 -11.69
CA THR A 123 1.21 16.86 -10.35
C THR A 123 2.72 17.02 -10.30
N THR A 124 3.24 17.77 -9.32
CA THR A 124 4.68 17.83 -9.04
C THR A 124 4.96 17.55 -7.56
N LEU A 125 6.23 17.26 -7.28
CA LEU A 125 6.76 16.96 -5.95
C LEU A 125 7.66 18.10 -5.46
N ILE A 126 7.46 18.56 -4.22
CA ILE A 126 8.19 19.66 -3.56
C ILE A 126 8.92 19.10 -2.33
N ALA A 127 10.16 19.51 -2.09
CA ALA A 127 10.93 19.24 -0.88
C ALA A 127 10.94 20.50 0.01
N ILE A 128 10.53 20.42 1.28
CA ILE A 128 10.31 21.58 2.15
C ILE A 128 11.09 21.45 3.46
N ALA A 129 11.88 22.48 3.79
CA ALA A 129 12.71 22.60 4.98
C ALA A 129 12.14 23.58 6.02
N GLY A 130 11.09 23.14 6.69
CA GLY A 130 10.57 23.77 7.91
C GLY A 130 9.38 23.03 8.49
N MET A 131 9.52 21.73 8.72
CA MET A 131 8.46 20.88 9.28
C MET A 131 9.05 19.94 10.33
N THR A 132 9.06 20.35 11.59
CA THR A 132 9.70 19.64 12.71
C THR A 132 8.74 18.73 13.48
N CYS A 133 7.46 19.08 13.50
CA CYS A 133 6.38 18.29 14.11
C CYS A 133 5.27 18.05 13.07
N ALA A 134 4.49 16.98 13.22
CA ALA A 134 3.38 16.69 12.30
C ALA A 134 2.34 17.83 12.22
N SER A 135 2.14 18.60 13.29
CA SER A 135 1.30 19.80 13.27
C SER A 135 1.71 20.82 12.19
N CYS A 136 2.97 20.82 11.73
CA CYS A 136 3.42 21.63 10.60
C CYS A 136 2.62 21.33 9.31
N VAL A 137 2.10 20.11 9.14
CA VAL A 137 1.25 19.74 8.01
C VAL A 137 -0.03 20.58 7.99
N HIS A 138 -0.76 20.70 9.11
CA HIS A 138 -2.00 21.47 9.14
C HIS A 138 -1.78 22.98 8.91
N SER A 139 -0.56 23.46 9.16
CA SER A 139 -0.14 24.81 8.79
C SER A 139 0.09 24.93 7.28
N ILE A 140 1.04 24.20 6.70
CA ILE A 140 1.45 24.39 5.29
C ILE A 140 0.35 23.93 4.33
N GLU A 141 -0.19 22.72 4.53
CA GLU A 141 -1.29 22.20 3.72
C GLU A 141 -2.57 23.05 3.87
N GLY A 142 -2.73 23.75 5.01
CA GLY A 142 -3.81 24.70 5.26
C GLY A 142 -3.62 26.00 4.48
N MET A 143 -2.49 26.69 4.73
CA MET A 143 -2.18 28.04 4.24
C MET A 143 -1.86 28.09 2.75
N ILE A 144 -1.14 27.11 2.21
CA ILE A 144 -0.76 27.12 0.78
C ILE A 144 -1.96 26.86 -0.11
N SER A 145 -2.92 26.06 0.36
CA SER A 145 -4.18 25.79 -0.35
C SER A 145 -5.12 27.02 -0.53
N GLN A 146 -4.74 28.21 -0.05
CA GLN A 146 -5.58 29.43 -0.08
C GLN A 146 -5.31 30.38 -1.27
N LEU A 147 -4.22 30.16 -2.02
CA LEU A 147 -3.87 30.90 -3.25
C LEU A 147 -4.41 30.19 -4.51
N GLU A 148 -4.42 30.86 -5.67
CA GLU A 148 -5.02 30.30 -6.88
C GLU A 148 -4.02 29.51 -7.73
N GLY A 149 -4.45 28.36 -8.25
CA GLY A 149 -3.68 27.45 -9.10
C GLY A 149 -3.12 26.21 -8.39
N VAL A 150 -3.63 25.89 -7.20
CA VAL A 150 -3.29 24.71 -6.38
C VAL A 150 -4.56 23.88 -6.08
N GLN A 151 -4.83 22.87 -6.90
CA GLN A 151 -6.04 22.03 -6.83
C GLN A 151 -6.02 21.17 -5.56
N GLN A 152 -4.98 20.36 -5.38
CA GLN A 152 -4.89 19.34 -4.33
C GLN A 152 -3.46 19.33 -3.77
N ILE A 153 -3.30 19.36 -2.45
CA ILE A 153 -1.99 19.40 -1.79
C ILE A 153 -1.96 18.44 -0.60
N SER A 154 -0.90 17.63 -0.54
CA SER A 154 -0.61 16.67 0.54
C SER A 154 0.90 16.75 0.85
N VAL A 155 1.29 16.71 2.12
CA VAL A 155 2.68 16.86 2.58
C VAL A 155 2.99 15.96 3.78
N SER A 156 4.23 15.45 3.86
CA SER A 156 4.62 14.44 4.87
C SER A 156 5.97 14.70 5.56
N LEU A 157 5.97 14.52 6.89
CA LEU A 157 7.14 14.53 7.78
C LEU A 157 8.14 13.39 7.51
N ALA A 158 7.72 12.33 6.81
CA ALA A 158 8.53 11.14 6.54
C ALA A 158 9.81 11.46 5.73
N GLU A 159 9.72 12.39 4.80
CA GLU A 159 10.85 12.88 3.97
C GLU A 159 10.91 14.43 3.94
N GLY A 160 9.89 15.10 4.49
CA GLY A 160 9.73 16.55 4.40
C GLY A 160 9.24 16.97 3.01
N THR A 161 8.34 16.19 2.38
CA THR A 161 7.98 16.35 0.97
C THR A 161 6.48 16.41 0.73
N ALA A 162 6.10 17.20 -0.27
CA ALA A 162 4.72 17.42 -0.72
C ALA A 162 4.48 16.91 -2.14
N THR A 163 3.31 16.31 -2.37
CA THR A 163 2.78 16.01 -3.71
C THR A 163 1.60 16.94 -3.94
N VAL A 164 1.63 17.72 -5.02
CA VAL A 164 0.65 18.78 -5.26
C VAL A 164 0.27 18.87 -6.73
N LEU A 165 -1.04 19.01 -6.98
CA LEU A 165 -1.67 19.13 -8.29
C LEU A 165 -1.83 20.63 -8.57
N TYR A 166 -0.94 21.16 -9.40
CA TYR A 166 -0.88 22.58 -9.75
C TYR A 166 -1.44 22.88 -11.15
N ASN A 167 -1.71 24.16 -11.42
CA ASN A 167 -2.29 24.64 -12.67
C ASN A 167 -1.24 25.38 -13.51
N PRO A 168 -0.54 24.72 -14.45
CA PRO A 168 0.59 25.30 -15.19
C PRO A 168 0.14 26.43 -16.13
N ALA A 169 -1.15 26.50 -16.48
CA ALA A 169 -1.75 27.63 -17.19
C ALA A 169 -1.86 28.92 -16.34
N VAL A 170 -1.74 28.82 -15.01
CA VAL A 170 -2.03 29.88 -14.01
C VAL A 170 -0.83 30.23 -13.12
N ILE A 171 -0.01 29.26 -12.70
CA ILE A 171 1.07 29.42 -11.71
C ILE A 171 2.31 28.57 -12.09
N SER A 172 3.49 29.02 -11.68
CA SER A 172 4.74 28.24 -11.78
C SER A 172 5.16 27.57 -10.44
N PRO A 173 5.73 26.34 -10.46
CA PRO A 173 6.36 25.73 -9.29
C PRO A 173 7.43 26.62 -8.62
N GLU A 174 8.07 27.53 -9.38
CA GLU A 174 9.13 28.40 -8.86
C GLU A 174 8.57 29.46 -7.89
N GLU A 175 7.41 30.05 -8.19
CA GLU A 175 6.65 30.89 -7.26
C GLU A 175 5.84 30.10 -6.21
N LEU A 176 5.48 28.84 -6.48
CA LEU A 176 4.92 27.90 -5.50
C LEU A 176 5.90 27.72 -4.34
N ARG A 177 7.17 27.41 -4.66
CA ARG A 177 8.30 27.41 -3.72
C ARG A 177 8.38 28.74 -2.93
N ALA A 178 8.25 29.89 -3.61
CA ALA A 178 8.27 31.21 -2.98
C ALA A 178 7.09 31.48 -2.02
N ALA A 179 5.97 30.75 -2.13
CA ALA A 179 4.84 30.86 -1.19
C ALA A 179 5.14 30.24 0.18
N ILE A 180 5.97 29.20 0.20
CA ILE A 180 6.51 28.59 1.43
C ILE A 180 7.60 29.48 2.06
N GLU A 181 8.48 30.09 1.26
CA GLU A 181 9.45 31.08 1.75
C GLU A 181 8.77 32.38 2.27
N ASP A 182 7.59 32.72 1.74
CA ASP A 182 6.71 33.77 2.26
C ASP A 182 6.04 33.37 3.59
N MET A 183 5.56 32.12 3.71
CA MET A 183 4.99 31.61 4.98
C MET A 183 6.04 31.61 6.11
N GLY A 184 7.31 31.41 5.71
CA GLY A 184 8.50 31.52 6.54
C GLY A 184 9.14 30.18 6.85
N PHE A 185 9.26 29.32 5.84
CA PHE A 185 10.03 28.09 5.88
C PHE A 185 11.03 28.13 4.70
N GLU A 186 11.58 27.01 4.25
CA GLU A 186 12.33 26.92 3.00
C GLU A 186 11.73 25.83 2.12
N ALA A 187 11.82 25.99 0.81
CA ALA A 187 11.26 25.05 -0.16
C ALA A 187 12.15 24.87 -1.40
N SER A 188 11.98 23.72 -2.03
CA SER A 188 12.72 23.26 -3.20
C SER A 188 11.77 22.48 -4.12
N VAL A 189 11.85 22.69 -5.43
CA VAL A 189 11.06 21.90 -6.39
C VAL A 189 11.85 20.64 -6.77
N VAL A 190 11.21 19.47 -6.67
CA VAL A 190 11.74 18.19 -7.18
C VAL A 190 10.78 17.71 -8.28
N VAL A 20 -2.19 -9.46 0.01
CA VAL A 20 -2.88 -9.58 1.31
C VAL A 20 -2.80 -10.99 1.91
N THR A 21 -2.98 -11.04 3.24
CA THR A 21 -3.05 -12.24 4.10
C THR A 21 -4.49 -12.61 4.44
N LEU A 22 -4.71 -13.92 4.65
CA LEU A 22 -6.02 -14.59 4.78
C LEU A 22 -5.98 -15.75 5.77
N GLN A 23 -7.04 -15.99 6.55
CA GLN A 23 -7.06 -17.11 7.51
C GLN A 23 -7.74 -18.33 6.88
N LEU A 24 -6.98 -19.41 6.86
CA LEU A 24 -7.45 -20.71 6.39
C LEU A 24 -7.12 -21.85 7.35
N ARG A 25 -8.15 -22.60 7.71
CA ARG A 25 -8.06 -23.72 8.64
C ARG A 25 -8.18 -25.04 7.88
N ILE A 26 -7.06 -25.76 7.83
CA ILE A 26 -6.97 -27.09 7.20
C ILE A 26 -7.57 -28.16 8.14
N ASP A 27 -8.01 -29.30 7.60
CA ASP A 27 -8.37 -30.50 8.38
C ASP A 27 -7.78 -31.76 7.75
N GLY A 28 -7.46 -32.74 8.60
CA GLY A 28 -6.77 -33.98 8.21
C GLY A 28 -5.26 -33.80 8.05
N MET A 29 -4.68 -32.67 8.47
CA MET A 29 -3.29 -32.31 8.16
C MET A 29 -2.25 -33.21 8.84
N HIS A 30 -2.51 -33.71 10.05
CA HIS A 30 -1.63 -34.55 10.89
C HIS A 30 -0.42 -33.78 11.44
N CYS A 31 0.33 -33.10 10.56
CA CYS A 31 1.58 -32.39 10.84
C CYS A 31 2.09 -31.58 9.62
N LYS A 32 3.29 -30.99 9.72
CA LYS A 32 3.99 -30.25 8.65
C LYS A 32 3.99 -31.00 7.29
N SER A 33 4.03 -32.33 7.27
CA SER A 33 4.03 -33.14 6.04
C SER A 33 2.86 -32.81 5.08
N CYS A 34 1.71 -32.37 5.59
CA CYS A 34 0.56 -31.95 4.78
C CYS A 34 0.85 -30.70 3.92
N VAL A 35 1.52 -29.69 4.47
CA VAL A 35 1.78 -28.43 3.75
C VAL A 35 2.85 -28.56 2.64
N LEU A 36 3.54 -29.70 2.51
CA LEU A 36 4.56 -29.89 1.46
C LEU A 36 3.94 -29.81 0.05
N ASN A 37 2.97 -30.67 -0.29
CA ASN A 37 2.31 -30.61 -1.61
C ASN A 37 1.59 -29.27 -1.82
N ILE A 38 1.07 -28.65 -0.74
CA ILE A 38 0.51 -27.30 -0.78
C ILE A 38 1.61 -26.31 -1.24
N GLU A 39 2.75 -26.23 -0.57
CA GLU A 39 3.91 -25.38 -0.91
C GLU A 39 4.51 -25.66 -2.30
N GLU A 40 4.52 -26.92 -2.74
CA GLU A 40 5.01 -27.32 -4.07
C GLU A 40 4.18 -26.68 -5.20
N ASN A 41 2.85 -26.64 -5.02
CA ASN A 41 1.89 -26.12 -6.00
C ASN A 41 1.45 -24.66 -5.81
N ILE A 42 1.36 -24.17 -4.57
CA ILE A 42 0.72 -22.90 -4.22
C ILE A 42 1.78 -21.85 -3.86
N GLY A 43 1.91 -20.83 -4.72
CA GLY A 43 2.96 -19.79 -4.67
C GLY A 43 3.75 -19.66 -5.98
N GLN A 44 3.70 -20.67 -6.84
CA GLN A 44 4.22 -20.62 -8.22
C GLN A 44 3.19 -20.03 -9.22
N LEU A 45 1.97 -19.80 -8.73
CA LEU A 45 0.78 -19.42 -9.49
C LEU A 45 0.75 -17.94 -9.89
N LEU A 46 -0.34 -17.57 -10.58
CA LEU A 46 -0.75 -16.20 -10.92
C LEU A 46 -1.12 -15.38 -9.68
N GLY A 47 -2.32 -15.59 -9.11
CA GLY A 47 -2.81 -14.76 -7.99
C GLY A 47 -2.11 -15.04 -6.66
N VAL A 48 -1.76 -16.29 -6.37
CA VAL A 48 -0.97 -16.63 -5.16
C VAL A 48 0.52 -16.65 -5.49
N GLN A 49 1.27 -15.78 -4.82
CA GLN A 49 2.73 -15.67 -4.98
C GLN A 49 3.51 -16.34 -3.85
N SER A 50 2.93 -16.50 -2.65
CA SER A 50 3.57 -17.15 -1.51
C SER A 50 2.59 -17.85 -0.57
N ILE A 51 3.07 -18.85 0.18
CA ILE A 51 2.31 -19.57 1.21
C ILE A 51 3.08 -19.53 2.55
N GLN A 52 2.36 -19.49 3.67
CA GLN A 52 2.88 -19.31 5.03
C GLN A 52 2.06 -20.19 6.00
N VAL A 53 2.48 -20.42 7.25
CA VAL A 53 1.72 -21.23 8.23
C VAL A 53 1.72 -20.64 9.64
N SER A 54 0.75 -21.07 10.45
CA SER A 54 0.53 -20.69 11.84
C SER A 54 0.09 -21.95 12.63
N LEU A 55 0.93 -22.99 12.60
CA LEU A 55 0.62 -24.36 13.06
C LEU A 55 0.27 -24.50 14.55
N GLU A 56 0.87 -23.72 15.45
CA GLU A 56 0.44 -23.72 16.87
C GLU A 56 -0.97 -23.15 17.08
N ASN A 57 -1.50 -22.42 16.10
CA ASN A 57 -2.88 -21.94 16.03
C ASN A 57 -3.73 -22.77 15.04
N LYS A 58 -3.11 -23.76 14.37
CA LYS A 58 -3.70 -24.76 13.47
C LYS A 58 -4.20 -24.17 12.13
N THR A 59 -3.87 -22.91 11.86
CA THR A 59 -4.17 -22.17 10.63
C THR A 59 -2.97 -22.20 9.71
N ALA A 60 -3.25 -22.10 8.43
CA ALA A 60 -2.30 -21.82 7.38
C ALA A 60 -2.55 -20.38 6.89
N GLN A 61 -1.67 -19.87 6.05
CA GLN A 61 -1.66 -18.47 5.67
C GLN A 61 -1.30 -18.32 4.19
N VAL A 62 -1.99 -17.44 3.46
CA VAL A 62 -1.73 -17.27 2.01
C VAL A 62 -1.49 -15.81 1.63
N LYS A 63 -0.43 -15.58 0.85
CA LYS A 63 0.06 -14.28 0.41
C LYS A 63 -0.33 -14.12 -1.08
N TYR A 64 -1.47 -13.47 -1.33
CA TYR A 64 -2.13 -13.42 -2.64
C TYR A 64 -2.56 -12.01 -3.11
N ASP A 65 -2.81 -11.91 -4.42
CA ASP A 65 -3.30 -10.75 -5.15
C ASP A 65 -4.83 -10.83 -5.36
N PRO A 66 -5.63 -9.93 -4.75
CA PRO A 66 -7.09 -9.93 -4.87
C PRO A 66 -7.60 -9.34 -6.21
N SER A 67 -6.81 -9.36 -7.29
CA SER A 67 -7.21 -8.85 -8.62
C SER A 67 -7.22 -9.95 -9.70
N CYS A 68 -6.40 -11.01 -9.53
CA CYS A 68 -6.43 -12.21 -10.37
C CYS A 68 -7.32 -13.34 -9.82
N THR A 69 -7.49 -13.41 -8.49
CA THR A 69 -8.16 -14.51 -7.76
C THR A 69 -8.94 -14.00 -6.54
N SER A 70 -9.57 -14.90 -5.79
CA SER A 70 -10.33 -14.60 -4.57
C SER A 70 -10.47 -15.84 -3.65
N PRO A 71 -10.83 -15.67 -2.35
CA PRO A 71 -10.81 -16.72 -1.33
C PRO A 71 -11.55 -18.02 -1.70
N VAL A 72 -12.81 -17.95 -2.18
CA VAL A 72 -13.60 -19.15 -2.51
C VAL A 72 -13.00 -19.93 -3.70
N ALA A 73 -12.44 -19.21 -4.69
CA ALA A 73 -11.78 -19.83 -5.84
C ALA A 73 -10.49 -20.54 -5.42
N LEU A 74 -9.68 -19.91 -4.56
CA LEU A 74 -8.47 -20.50 -3.99
C LEU A 74 -8.78 -21.71 -3.11
N GLN A 75 -9.78 -21.62 -2.22
CA GLN A 75 -10.21 -22.72 -1.34
C GLN A 75 -10.45 -24.00 -2.16
N ARG A 76 -11.33 -23.92 -3.17
CA ARG A 76 -11.71 -25.06 -4.00
C ARG A 76 -10.57 -25.53 -4.94
N ALA A 77 -9.60 -24.67 -5.27
CA ALA A 77 -8.38 -25.05 -5.97
C ALA A 77 -7.43 -25.88 -5.09
N ILE A 78 -7.03 -25.35 -3.93
CA ILE A 78 -6.00 -25.97 -3.07
C ILE A 78 -6.49 -27.24 -2.38
N GLU A 79 -7.79 -27.33 -2.05
CA GLU A 79 -8.37 -28.48 -1.36
C GLU A 79 -8.23 -29.80 -2.16
N ALA A 80 -8.21 -29.74 -3.50
CA ALA A 80 -8.14 -30.92 -4.35
C ALA A 80 -6.71 -31.26 -4.84
N LEU A 81 -5.69 -30.67 -4.23
CA LEU A 81 -4.29 -31.09 -4.40
C LEU A 81 -4.04 -32.54 -3.90
N PRO A 82 -4.46 -32.93 -2.69
CA PRO A 82 -4.37 -34.32 -2.19
C PRO A 82 -5.45 -35.24 -2.78
N PRO A 83 -5.36 -36.57 -2.54
CA PRO A 83 -6.36 -37.57 -2.88
C PRO A 83 -7.56 -37.51 -1.93
N GLY A 84 -8.27 -36.37 -1.93
CA GLY A 84 -9.47 -36.12 -1.10
C GLY A 84 -9.17 -36.17 0.40
N ASN A 85 -7.95 -35.77 0.80
CA ASN A 85 -7.42 -36.02 2.16
C ASN A 85 -7.41 -34.79 3.07
N PHE A 86 -6.90 -33.66 2.57
CA PHE A 86 -6.84 -32.40 3.33
C PHE A 86 -8.06 -31.55 2.98
N LYS A 87 -8.79 -31.07 3.99
CA LYS A 87 -9.91 -30.13 3.86
C LYS A 87 -9.42 -28.71 4.14
N VAL A 88 -10.11 -27.67 3.65
CA VAL A 88 -9.80 -26.29 4.04
C VAL A 88 -11.08 -25.47 4.24
N SER A 89 -11.10 -24.67 5.30
CA SER A 89 -12.26 -23.88 5.75
C SER A 89 -11.93 -22.37 5.89
N LEU A 90 -12.90 -21.55 5.48
CA LEU A 90 -12.76 -20.12 5.17
C LEU A 90 -13.95 -19.30 5.69
N THR A 120 -6.26 23.21 -17.05
CA THR A 120 -4.87 22.84 -17.34
C THR A 120 -4.25 22.37 -16.04
N CYS A 121 -3.79 21.12 -15.96
CA CYS A 121 -3.32 20.53 -14.70
C CYS A 121 -2.13 19.57 -14.88
N SER A 122 -1.18 19.66 -13.96
CA SER A 122 0.05 18.90 -13.87
C SER A 122 0.38 18.59 -12.39
N THR A 123 1.12 17.51 -12.12
CA THR A 123 1.53 17.14 -10.76
C THR A 123 2.98 17.55 -10.51
N THR A 124 3.30 17.95 -9.28
CA THR A 124 4.67 18.23 -8.83
C THR A 124 4.87 17.81 -7.38
N LEU A 125 6.11 17.45 -7.08
CA LEU A 125 6.59 17.10 -5.74
C LEU A 125 7.59 18.16 -5.27
N ILE A 126 7.49 18.57 -4.00
CA ILE A 126 8.28 19.60 -3.32
C ILE A 126 9.05 18.96 -2.17
N ALA A 127 10.31 19.32 -2.00
CA ALA A 127 11.14 18.98 -0.85
C ALA A 127 11.21 20.17 0.12
N ILE A 128 10.91 20.00 1.41
CA ILE A 128 10.79 21.09 2.39
C ILE A 128 11.76 20.88 3.57
N ALA A 129 12.42 21.96 3.99
CA ALA A 129 13.41 21.99 5.08
C ALA A 129 13.05 23.06 6.12
N GLY A 130 11.89 22.87 6.75
CA GLY A 130 11.47 23.61 7.94
C GLY A 130 10.21 23.01 8.52
N MET A 131 10.26 21.71 8.86
CA MET A 131 9.11 20.97 9.40
C MET A 131 9.56 20.04 10.54
N THR A 132 9.83 20.65 11.69
CA THR A 132 10.21 19.95 12.95
C THR A 132 9.00 19.36 13.68
N CYS A 133 7.80 19.86 13.39
CA CYS A 133 6.51 19.47 13.98
C CYS A 133 5.48 19.13 12.90
N ALA A 134 4.51 18.27 13.21
CA ALA A 134 3.43 17.91 12.29
C ALA A 134 2.42 19.05 12.08
N SER A 135 2.29 19.98 13.03
CA SER A 135 1.49 21.19 12.86
C SER A 135 1.86 21.95 11.57
N CYS A 136 3.15 21.97 11.22
CA CYS A 136 3.69 22.53 9.98
C CYS A 136 3.02 21.97 8.71
N VAL A 137 2.66 20.68 8.71
CA VAL A 137 1.92 20.06 7.60
C VAL A 137 0.59 20.78 7.44
N HIS A 138 -0.22 20.86 8.50
CA HIS A 138 -1.55 21.44 8.44
C HIS A 138 -1.52 22.97 8.23
N SER A 139 -0.39 23.63 8.49
CA SER A 139 -0.12 25.02 8.10
C SER A 139 0.11 25.17 6.60
N ILE A 140 1.06 24.41 6.00
CA ILE A 140 1.35 24.45 4.55
C ILE A 140 0.13 23.96 3.75
N GLU A 141 -0.29 22.73 4.03
CA GLU A 141 -1.44 22.04 3.44
C GLU A 141 -2.75 22.83 3.65
N GLY A 142 -2.82 23.61 4.74
CA GLY A 142 -3.91 24.52 5.08
C GLY A 142 -3.94 25.80 4.24
N MET A 143 -2.85 26.56 4.26
CA MET A 143 -2.75 27.89 3.64
C MET A 143 -2.75 27.82 2.11
N ILE A 144 -1.95 26.91 1.54
CA ILE A 144 -1.68 26.89 0.09
C ILE A 144 -2.92 26.49 -0.70
N SER A 145 -3.70 25.53 -0.22
CA SER A 145 -4.91 25.06 -0.92
C SER A 145 -6.05 26.14 -1.03
N GLN A 146 -5.86 27.34 -0.46
CA GLN A 146 -6.82 28.45 -0.52
C GLN A 146 -6.60 29.40 -1.71
N LEU A 147 -5.44 29.38 -2.38
CA LEU A 147 -5.16 30.22 -3.57
C LEU A 147 -5.42 29.46 -4.88
N GLU A 148 -5.57 30.19 -5.99
CA GLU A 148 -5.93 29.60 -7.29
C GLU A 148 -4.77 28.88 -7.99
N GLY A 149 -5.08 28.08 -9.01
CA GLY A 149 -4.12 27.24 -9.73
C GLY A 149 -3.73 25.96 -8.97
N VAL A 150 -3.50 26.02 -7.66
CA VAL A 150 -3.25 24.84 -6.80
C VAL A 150 -4.56 24.11 -6.47
N GLN A 151 -4.85 23.04 -7.22
CA GLN A 151 -6.06 22.22 -7.09
C GLN A 151 -6.05 21.42 -5.78
N GLN A 152 -4.98 20.67 -5.49
CA GLN A 152 -4.85 19.87 -4.28
C GLN A 152 -3.39 19.90 -3.80
N ILE A 153 -3.17 19.89 -2.49
CA ILE A 153 -1.84 19.76 -1.88
C ILE A 153 -1.89 18.77 -0.71
N SER A 154 -0.86 17.94 -0.58
CA SER A 154 -0.65 16.99 0.52
C SER A 154 0.83 16.98 0.93
N VAL A 155 1.15 16.99 2.23
CA VAL A 155 2.55 17.02 2.76
C VAL A 155 2.72 16.18 4.03
N SER A 156 3.91 15.58 4.20
CA SER A 156 4.26 14.76 5.37
C SER A 156 5.74 14.95 5.79
N LEU A 157 6.05 14.76 7.08
CA LEU A 157 7.42 14.86 7.62
C LEU A 157 8.34 13.70 7.25
N ALA A 158 7.79 12.49 7.04
CA ALA A 158 8.49 11.21 6.91
C ALA A 158 9.71 11.21 6.00
N GLU A 159 9.63 11.94 4.89
CA GLU A 159 10.70 12.17 3.93
C GLU A 159 10.92 13.69 3.69
N GLY A 160 10.13 14.54 4.36
CA GLY A 160 10.10 16.00 4.28
C GLY A 160 9.61 16.51 2.93
N THR A 161 8.46 16.00 2.47
CA THR A 161 7.99 16.16 1.08
C THR A 161 6.48 16.39 0.96
N ALA A 162 6.13 17.20 -0.02
CA ALA A 162 4.75 17.46 -0.47
C ALA A 162 4.53 16.97 -1.90
N THR A 163 3.33 16.46 -2.21
CA THR A 163 2.87 16.17 -3.58
C THR A 163 1.60 16.99 -3.84
N VAL A 164 1.59 17.75 -4.93
CA VAL A 164 0.59 18.77 -5.22
C VAL A 164 0.18 18.78 -6.69
N LEU A 165 -1.11 18.96 -6.92
CA LEU A 165 -1.78 19.08 -8.22
C LEU A 165 -1.97 20.56 -8.54
N TYR A 166 -1.34 21.06 -9.59
CA TYR A 166 -1.32 22.50 -9.92
C TYR A 166 -1.54 22.80 -11.42
N ASN A 167 -1.97 24.02 -11.71
CA ASN A 167 -2.18 24.53 -13.06
C ASN A 167 -0.96 25.36 -13.53
N PRO A 168 -0.25 24.93 -14.58
CA PRO A 168 1.00 25.54 -15.04
C PRO A 168 0.80 26.79 -15.92
N ALA A 169 -0.46 27.19 -16.21
CA ALA A 169 -0.79 28.46 -16.86
C ALA A 169 -1.09 29.58 -15.82
N VAL A 170 -1.74 29.22 -14.71
CA VAL A 170 -2.20 30.12 -13.64
C VAL A 170 -1.14 30.30 -12.53
N ILE A 171 -0.31 29.28 -12.26
CA ILE A 171 0.79 29.34 -11.28
C ILE A 171 2.06 28.64 -11.82
N SER A 172 3.14 28.59 -11.05
CA SER A 172 4.43 27.99 -11.40
C SER A 172 5.02 27.25 -10.20
N PRO A 173 5.79 26.16 -10.40
CA PRO A 173 6.56 25.53 -9.33
C PRO A 173 7.46 26.51 -8.56
N GLU A 174 7.91 27.61 -9.19
CA GLU A 174 8.77 28.60 -8.53
C GLU A 174 7.99 29.39 -7.47
N GLU A 175 6.69 29.58 -7.69
CA GLU A 175 5.75 30.24 -6.78
C GLU A 175 5.40 29.36 -5.59
N LEU A 176 5.29 28.03 -5.80
CA LEU A 176 4.96 27.05 -4.76
C LEU A 176 5.99 27.13 -3.63
N ARG A 177 7.28 26.95 -3.95
CA ARG A 177 8.35 27.06 -2.94
C ARG A 177 8.46 28.46 -2.33
N ALA A 178 8.30 29.53 -3.13
CA ALA A 178 8.30 30.91 -2.61
C ALA A 178 7.21 31.16 -1.55
N ALA A 179 6.06 30.46 -1.61
CA ALA A 179 4.99 30.63 -0.63
C ALA A 179 5.36 30.05 0.75
N ILE A 180 6.17 28.98 0.78
CA ILE A 180 6.74 28.41 2.02
C ILE A 180 7.84 29.32 2.58
N GLU A 181 8.63 29.99 1.74
CA GLU A 181 9.59 31.01 2.20
C GLU A 181 8.92 32.30 2.70
N ASP A 182 7.74 32.63 2.18
CA ASP A 182 6.86 33.70 2.69
C ASP A 182 6.18 33.34 4.01
N MET A 183 5.90 32.04 4.24
CA MET A 183 5.39 31.53 5.52
C MET A 183 6.47 31.62 6.60
N GLY A 184 7.68 31.14 6.28
CA GLY A 184 8.88 31.26 7.12
C GLY A 184 9.70 29.98 7.25
N PHE A 185 9.92 29.24 6.16
CA PHE A 185 10.68 27.99 6.10
C PHE A 185 11.52 27.95 4.81
N GLU A 186 11.89 26.76 4.31
CA GLU A 186 12.55 26.58 3.01
C GLU A 186 11.90 25.45 2.21
N ALA A 187 11.84 25.66 0.90
CA ALA A 187 11.27 24.71 -0.05
C ALA A 187 12.07 24.65 -1.36
N SER A 188 12.14 23.46 -1.95
CA SER A 188 12.83 23.18 -3.22
C SER A 188 11.94 22.34 -4.13
N VAL A 189 11.95 22.61 -5.44
CA VAL A 189 11.14 21.84 -6.40
C VAL A 189 11.85 20.54 -6.78
N VAL A 190 11.12 19.43 -6.75
CA VAL A 190 11.54 18.13 -7.30
C VAL A 190 10.47 17.70 -8.32
N VAL A 20 -2.46 -9.14 -0.63
CA VAL A 20 -3.50 -9.32 0.35
C VAL A 20 -3.30 -10.66 1.08
N THR A 21 -3.72 -10.71 2.34
CA THR A 21 -3.40 -11.81 3.25
C THR A 21 -4.65 -12.39 3.86
N LEU A 22 -4.75 -13.72 3.90
CA LEU A 22 -5.86 -14.42 4.55
C LEU A 22 -5.49 -15.68 5.32
N GLN A 23 -6.45 -16.14 6.12
CA GLN A 23 -6.34 -17.18 7.13
C GLN A 23 -7.29 -18.34 6.83
N LEU A 24 -6.76 -19.56 6.81
CA LEU A 24 -7.55 -20.76 6.54
C LEU A 24 -7.12 -21.97 7.35
N ARG A 25 -8.08 -22.74 7.86
CA ARG A 25 -7.79 -23.89 8.71
C ARG A 25 -7.82 -25.16 7.88
N ILE A 26 -6.65 -25.75 7.67
CA ILE A 26 -6.45 -27.01 6.94
C ILE A 26 -6.70 -28.19 7.89
N ASP A 27 -7.45 -29.19 7.43
CA ASP A 27 -7.74 -30.43 8.15
C ASP A 27 -6.87 -31.57 7.62
N GLY A 28 -6.19 -32.24 8.55
CA GLY A 28 -5.20 -33.28 8.28
C GLY A 28 -3.76 -32.83 8.51
N MET A 29 -3.52 -31.54 8.80
CA MET A 29 -2.19 -30.99 9.12
C MET A 29 -1.52 -31.60 10.36
N HIS A 30 -2.24 -32.39 11.16
CA HIS A 30 -1.70 -33.25 12.22
C HIS A 30 -0.58 -34.22 11.72
N CYS A 31 -0.41 -34.36 10.41
CA CYS A 31 0.72 -35.00 9.74
C CYS A 31 1.41 -33.97 8.83
N LYS A 32 2.74 -33.78 8.93
CA LYS A 32 3.49 -32.75 8.19
C LYS A 32 3.35 -32.88 6.66
N SER A 33 3.20 -34.10 6.15
CA SER A 33 2.95 -34.38 4.73
C SER A 33 1.78 -33.55 4.14
N CYS A 34 0.77 -33.20 4.96
CA CYS A 34 -0.38 -32.39 4.54
C CYS A 34 0.05 -30.97 4.13
N VAL A 35 0.71 -30.21 5.01
CA VAL A 35 1.16 -28.85 4.65
C VAL A 35 2.31 -28.89 3.64
N LEU A 36 3.10 -29.97 3.58
CA LEU A 36 4.25 -30.11 2.67
C LEU A 36 3.84 -29.98 1.21
N ASN A 37 2.98 -30.86 0.71
CA ASN A 37 2.57 -30.82 -0.70
C ASN A 37 1.84 -29.52 -1.05
N ILE A 38 1.08 -28.94 -0.10
CA ILE A 38 0.46 -27.61 -0.28
C ILE A 38 1.55 -26.53 -0.47
N GLU A 39 2.57 -26.48 0.41
CA GLU A 39 3.68 -25.51 0.36
C GLU A 39 4.55 -25.69 -0.90
N GLU A 40 4.68 -26.91 -1.42
CA GLU A 40 5.40 -27.16 -2.67
C GLU A 40 4.63 -26.62 -3.89
N ASN A 41 3.33 -26.90 -3.99
CA ASN A 41 2.51 -26.64 -5.17
C ASN A 41 1.81 -25.26 -5.20
N ILE A 42 1.75 -24.53 -4.08
CA ILE A 42 1.07 -23.21 -4.00
C ILE A 42 2.08 -22.06 -3.97
N GLY A 43 1.95 -21.16 -4.96
CA GLY A 43 2.81 -19.99 -5.17
C GLY A 43 3.47 -19.95 -6.56
N GLN A 44 3.55 -21.08 -7.26
CA GLN A 44 3.95 -21.17 -8.68
C GLN A 44 2.81 -20.75 -9.64
N LEU A 45 1.65 -20.45 -9.06
CA LEU A 45 0.42 -20.00 -9.67
C LEU A 45 0.40 -18.47 -9.88
N LEU A 46 -0.73 -17.94 -10.35
CA LEU A 46 -0.96 -16.53 -10.67
C LEU A 46 -1.40 -15.75 -9.42
N GLY A 47 -2.68 -15.82 -9.03
CA GLY A 47 -3.26 -15.00 -7.96
C GLY A 47 -2.78 -15.38 -6.57
N VAL A 48 -2.46 -16.65 -6.31
CA VAL A 48 -1.74 -17.06 -5.10
C VAL A 48 -0.24 -17.03 -5.41
N GLN A 49 0.52 -16.17 -4.71
CA GLN A 49 1.92 -15.88 -5.03
C GLN A 49 2.91 -16.48 -4.04
N SER A 50 2.56 -16.50 -2.76
CA SER A 50 3.38 -17.07 -1.68
C SER A 50 2.52 -17.68 -0.57
N ILE A 51 3.13 -18.43 0.33
CA ILE A 51 2.44 -19.23 1.35
C ILE A 51 3.20 -19.15 2.69
N GLN A 52 2.46 -19.09 3.79
CA GLN A 52 2.94 -18.88 5.15
C GLN A 52 2.17 -19.87 6.07
N VAL A 53 2.70 -20.26 7.23
CA VAL A 53 2.00 -21.17 8.16
C VAL A 53 1.88 -20.53 9.54
N SER A 54 0.77 -20.81 10.22
CA SER A 54 0.50 -20.36 11.59
C SER A 54 0.10 -21.60 12.43
N LEU A 55 0.98 -22.62 12.43
CA LEU A 55 0.73 -23.95 13.02
C LEU A 55 0.55 -23.89 14.54
N GLU A 56 1.19 -22.91 15.20
CA GLU A 56 0.94 -22.62 16.61
C GLU A 56 -0.55 -22.36 16.90
N ASN A 57 -1.27 -21.71 15.97
CA ASN A 57 -2.70 -21.46 16.02
C ASN A 57 -3.52 -22.41 15.10
N LYS A 58 -2.85 -23.36 14.43
CA LYS A 58 -3.41 -24.44 13.59
C LYS A 58 -4.08 -23.95 12.28
N THR A 59 -3.87 -22.67 11.91
CA THR A 59 -4.25 -22.11 10.60
C THR A 59 -3.02 -22.05 9.70
N ALA A 60 -3.29 -21.91 8.41
CA ALA A 60 -2.33 -21.51 7.40
C ALA A 60 -2.65 -20.06 7.01
N GLN A 61 -1.68 -19.40 6.39
CA GLN A 61 -1.69 -17.98 6.13
C GLN A 61 -1.20 -17.78 4.70
N VAL A 62 -1.92 -17.07 3.85
CA VAL A 62 -1.58 -17.05 2.40
C VAL A 62 -1.39 -15.64 1.88
N LYS A 63 -0.39 -15.47 1.02
CA LYS A 63 -0.11 -14.25 0.28
C LYS A 63 -0.71 -14.37 -1.14
N TYR A 64 -1.78 -13.62 -1.38
CA TYR A 64 -2.56 -13.64 -2.63
C TYR A 64 -2.78 -12.20 -3.15
N ASP A 65 -3.45 -12.02 -4.29
CA ASP A 65 -3.90 -10.72 -4.79
C ASP A 65 -5.43 -10.76 -5.04
N PRO A 66 -6.21 -9.75 -4.61
CA PRO A 66 -7.68 -9.80 -4.59
C PRO A 66 -8.34 -9.57 -5.97
N SER A 67 -7.61 -9.76 -7.04
CA SER A 67 -8.01 -9.53 -8.44
C SER A 67 -7.87 -10.83 -9.26
N CYS A 68 -6.69 -11.44 -9.18
CA CYS A 68 -6.30 -12.63 -9.94
C CYS A 68 -6.87 -13.95 -9.39
N THR A 69 -7.19 -13.98 -8.09
CA THR A 69 -7.94 -15.05 -7.40
C THR A 69 -8.81 -14.44 -6.30
N SER A 70 -9.52 -15.26 -5.55
CA SER A 70 -10.43 -14.84 -4.49
C SER A 70 -10.48 -15.91 -3.39
N PRO A 71 -10.97 -15.60 -2.16
CA PRO A 71 -11.09 -16.56 -1.08
C PRO A 71 -11.74 -17.88 -1.51
N VAL A 72 -12.94 -17.87 -2.08
CA VAL A 72 -13.65 -19.09 -2.52
C VAL A 72 -12.91 -19.86 -3.62
N ALA A 73 -12.25 -19.17 -4.56
CA ALA A 73 -11.52 -19.79 -5.67
C ALA A 73 -10.22 -20.45 -5.20
N LEU A 74 -9.39 -19.67 -4.49
CA LEU A 74 -8.07 -20.08 -4.00
C LEU A 74 -8.19 -21.27 -3.04
N GLN A 75 -9.24 -21.27 -2.22
CA GLN A 75 -9.59 -22.36 -1.34
C GLN A 75 -9.79 -23.66 -2.12
N ARG A 76 -10.70 -23.69 -3.10
CA ARG A 76 -10.93 -24.88 -3.95
C ARG A 76 -9.71 -25.25 -4.80
N ALA A 77 -8.91 -24.28 -5.23
CA ALA A 77 -7.66 -24.53 -5.94
C ALA A 77 -6.70 -25.37 -5.10
N ILE A 78 -6.43 -24.95 -3.85
CA ILE A 78 -5.53 -25.71 -2.98
C ILE A 78 -6.15 -27.00 -2.43
N GLU A 79 -7.47 -27.05 -2.22
CA GLU A 79 -8.15 -28.22 -1.66
C GLU A 79 -8.20 -29.42 -2.62
N ALA A 80 -8.12 -29.21 -3.93
CA ALA A 80 -8.08 -30.30 -4.92
C ALA A 80 -6.66 -30.67 -5.39
N LEU A 81 -5.61 -30.16 -4.72
CA LEU A 81 -4.24 -30.64 -4.92
C LEU A 81 -4.11 -32.15 -4.65
N PRO A 82 -4.44 -32.66 -3.43
CA PRO A 82 -4.33 -34.08 -3.11
C PRO A 82 -5.46 -34.87 -3.79
N PRO A 83 -5.42 -36.22 -3.71
CA PRO A 83 -6.53 -37.09 -4.11
C PRO A 83 -7.65 -37.03 -3.06
N GLY A 84 -8.31 -35.87 -2.95
CA GLY A 84 -9.43 -35.60 -2.04
C GLY A 84 -9.09 -35.89 -0.58
N ASN A 85 -7.92 -35.41 -0.12
CA ASN A 85 -7.31 -35.86 1.16
C ASN A 85 -7.16 -34.78 2.27
N PHE A 86 -7.17 -33.49 1.94
CA PHE A 86 -6.94 -32.36 2.88
C PHE A 86 -8.00 -31.26 2.68
N LYS A 87 -8.83 -30.99 3.69
CA LYS A 87 -9.99 -30.07 3.61
C LYS A 87 -9.67 -28.69 4.20
N VAL A 88 -10.11 -27.57 3.60
CA VAL A 88 -9.94 -26.20 4.14
C VAL A 88 -11.25 -25.55 4.55
N SER A 89 -11.19 -24.84 5.67
CA SER A 89 -12.30 -24.11 6.30
C SER A 89 -11.95 -22.63 6.48
N LEU A 90 -12.85 -21.75 6.02
CA LEU A 90 -12.71 -20.30 6.04
C LEU A 90 -13.51 -19.63 7.19
N THR A 120 -5.50 22.07 -17.56
CA THR A 120 -5.56 22.94 -16.36
C THR A 120 -4.94 22.31 -15.11
N CYS A 121 -4.10 21.29 -15.27
CA CYS A 121 -3.58 20.42 -14.20
C CYS A 121 -2.25 19.73 -14.54
N SER A 122 -1.30 19.79 -13.62
CA SER A 122 -0.04 19.03 -13.61
C SER A 122 0.38 18.73 -12.16
N THR A 123 1.00 17.57 -11.88
CA THR A 123 1.46 17.21 -10.53
C THR A 123 2.98 17.34 -10.43
N THR A 124 3.49 17.93 -9.34
CA THR A 124 4.92 18.01 -9.00
C THR A 124 5.15 17.76 -7.51
N LEU A 125 6.32 17.19 -7.19
CA LEU A 125 6.83 16.90 -5.86
C LEU A 125 7.77 18.01 -5.38
N ILE A 126 7.70 18.36 -4.10
CA ILE A 126 8.45 19.46 -3.47
C ILE A 126 9.18 18.93 -2.23
N ALA A 127 10.45 19.28 -2.07
CA ALA A 127 11.23 18.99 -0.85
C ALA A 127 11.21 20.24 0.04
N ILE A 128 10.90 20.09 1.33
CA ILE A 128 10.62 21.23 2.23
C ILE A 128 11.38 21.09 3.56
N ALA A 129 11.98 22.19 4.01
CA ALA A 129 12.74 22.30 5.26
C ALA A 129 12.18 23.38 6.19
N GLY A 130 11.03 23.08 6.78
CA GLY A 130 10.45 23.82 7.90
C GLY A 130 9.15 23.25 8.44
N MET A 131 9.14 21.96 8.78
CA MET A 131 7.99 21.36 9.49
C MET A 131 8.27 21.10 10.99
N THR A 132 9.30 20.29 11.31
CA THR A 132 9.65 19.71 12.64
C THR A 132 8.54 18.89 13.34
N CYS A 133 7.37 19.48 13.56
CA CYS A 133 6.22 18.94 14.28
C CYS A 133 5.04 18.72 13.33
N ALA A 134 4.19 17.73 13.65
CA ALA A 134 3.04 17.32 12.85
C ALA A 134 2.03 18.46 12.65
N SER A 135 1.87 19.31 13.66
CA SER A 135 1.13 20.58 13.59
C SER A 135 1.44 21.37 12.31
N CYS A 136 2.73 21.52 11.95
CA CYS A 136 3.15 22.31 10.80
C CYS A 136 2.81 21.64 9.45
N VAL A 137 2.67 20.31 9.40
CA VAL A 137 2.15 19.61 8.22
C VAL A 137 0.71 20.05 7.98
N HIS A 138 -0.14 19.95 9.01
CA HIS A 138 -1.53 20.37 8.91
C HIS A 138 -1.67 21.88 8.60
N SER A 139 -0.73 22.72 9.09
CA SER A 139 -0.67 24.15 8.77
C SER A 139 -0.32 24.42 7.30
N ILE A 140 0.76 23.84 6.76
CA ILE A 140 1.18 24.05 5.35
C ILE A 140 0.10 23.56 4.38
N GLU A 141 -0.42 22.35 4.64
CA GLU A 141 -1.55 21.74 3.93
C GLU A 141 -2.82 22.59 4.01
N GLY A 142 -2.99 23.38 5.09
CA GLY A 142 -4.04 24.38 5.24
C GLY A 142 -3.78 25.65 4.41
N MET A 143 -2.68 26.34 4.67
CA MET A 143 -2.38 27.68 4.14
C MET A 143 -2.15 27.70 2.63
N ILE A 144 -1.32 26.77 2.12
CA ILE A 144 -0.85 26.81 0.74
C ILE A 144 -1.96 26.47 -0.26
N SER A 145 -2.86 25.57 0.13
CA SER A 145 -4.05 25.13 -0.63
C SER A 145 -4.96 26.28 -1.15
N GLN A 146 -4.87 27.45 -0.53
CA GLN A 146 -5.79 28.58 -0.67
C GLN A 146 -5.48 29.53 -1.84
N LEU A 147 -4.25 29.54 -2.37
CA LEU A 147 -3.82 30.51 -3.38
C LEU A 147 -4.01 29.99 -4.82
N GLU A 148 -4.22 30.90 -5.76
CA GLU A 148 -4.65 30.56 -7.12
C GLU A 148 -3.64 29.66 -7.84
N GLY A 149 -4.17 28.64 -8.50
CA GLY A 149 -3.41 27.65 -9.27
C GLY A 149 -2.99 26.40 -8.50
N VAL A 150 -2.79 26.44 -7.16
CA VAL A 150 -2.60 25.21 -6.35
C VAL A 150 -3.97 24.64 -5.99
N GLN A 151 -4.41 23.69 -6.83
CA GLN A 151 -5.73 23.07 -6.73
C GLN A 151 -5.79 22.07 -5.58
N GLN A 152 -4.78 21.22 -5.39
CA GLN A 152 -4.73 20.27 -4.27
C GLN A 152 -3.30 20.16 -3.74
N ILE A 153 -3.09 19.92 -2.43
CA ILE A 153 -1.76 19.70 -1.85
C ILE A 153 -1.75 18.63 -0.75
N SER A 154 -0.63 17.93 -0.64
CA SER A 154 -0.30 16.86 0.30
C SER A 154 1.11 17.12 0.87
N VAL A 155 1.36 16.96 2.17
CA VAL A 155 2.71 17.13 2.79
C VAL A 155 2.94 16.19 3.97
N SER A 156 4.18 15.70 4.13
CA SER A 156 4.59 14.78 5.20
C SER A 156 6.01 15.09 5.75
N LEU A 157 6.22 14.81 7.04
CA LEU A 157 7.51 14.86 7.73
C LEU A 157 8.43 13.68 7.43
N ALA A 158 7.85 12.52 7.08
CA ALA A 158 8.53 11.22 6.97
C ALA A 158 9.75 11.25 6.05
N GLU A 159 9.71 12.07 5.00
CA GLU A 159 10.82 12.40 4.12
C GLU A 159 11.04 13.93 4.06
N GLY A 160 10.11 14.75 4.59
CA GLY A 160 10.13 16.20 4.48
C GLY A 160 9.69 16.65 3.10
N THR A 161 8.62 16.05 2.56
CA THR A 161 8.19 16.19 1.17
C THR A 161 6.71 16.45 1.05
N ALA A 162 6.37 17.24 0.03
CA ALA A 162 5.01 17.53 -0.40
C ALA A 162 4.79 17.12 -1.86
N THR A 163 3.54 16.97 -2.26
CA THR A 163 3.13 16.84 -3.65
C THR A 163 1.83 17.59 -3.86
N VAL A 164 1.75 18.27 -5.00
CA VAL A 164 0.70 19.25 -5.27
C VAL A 164 0.25 19.16 -6.73
N LEU A 165 -1.05 19.36 -6.92
CA LEU A 165 -1.72 19.45 -8.22
C LEU A 165 -1.79 20.96 -8.53
N TYR A 166 -0.87 21.43 -9.35
CA TYR A 166 -0.79 22.82 -9.78
C TYR A 166 -1.37 23.01 -11.18
N ASN A 167 -1.83 24.22 -11.47
CA ASN A 167 -2.38 24.59 -12.77
C ASN A 167 -1.31 25.33 -13.60
N PRO A 168 -0.77 24.71 -14.67
CA PRO A 168 0.37 25.25 -15.39
C PRO A 168 0.01 26.45 -16.26
N ALA A 169 -1.30 26.74 -16.44
CA ALA A 169 -1.77 27.97 -17.07
C ALA A 169 -1.84 29.18 -16.10
N VAL A 170 -1.82 28.94 -14.78
CA VAL A 170 -2.11 29.95 -13.74
C VAL A 170 -0.95 30.18 -12.75
N ILE A 171 -0.10 29.18 -12.50
CA ILE A 171 1.04 29.28 -11.58
C ILE A 171 2.25 28.52 -12.13
N SER A 172 3.46 29.01 -11.86
CA SER A 172 4.71 28.36 -12.27
C SER A 172 5.31 27.54 -11.11
N PRO A 173 6.06 26.43 -11.36
CA PRO A 173 6.73 25.66 -10.32
C PRO A 173 7.53 26.51 -9.33
N GLU A 174 8.22 27.55 -9.82
CA GLU A 174 9.05 28.41 -8.97
C GLU A 174 8.23 29.21 -7.95
N GLU A 175 6.95 29.45 -8.25
CA GLU A 175 6.00 30.10 -7.35
C GLU A 175 5.47 29.19 -6.23
N LEU A 176 5.44 27.87 -6.46
CA LEU A 176 4.97 26.89 -5.48
C LEU A 176 5.86 26.97 -4.23
N ARG A 177 7.18 26.87 -4.43
CA ARG A 177 8.15 27.01 -3.34
C ARG A 177 8.16 28.43 -2.75
N ALA A 178 7.95 29.47 -3.56
CA ALA A 178 7.91 30.86 -3.09
C ALA A 178 6.80 31.12 -2.07
N ALA A 179 5.68 30.37 -2.11
CA ALA A 179 4.58 30.49 -1.15
C ALA A 179 4.96 29.98 0.26
N ILE A 180 5.75 28.91 0.32
CA ILE A 180 6.32 28.38 1.57
C ILE A 180 7.45 29.30 2.09
N GLU A 181 8.26 29.87 1.18
CA GLU A 181 9.26 30.89 1.55
C GLU A 181 8.59 32.16 2.11
N ASP A 182 7.40 32.55 1.62
CA ASP A 182 6.57 33.62 2.18
C ASP A 182 5.91 33.25 3.53
N MET A 183 5.72 31.95 3.83
CA MET A 183 5.17 31.45 5.10
C MET A 183 6.20 31.52 6.25
N GLY A 184 7.49 31.41 5.90
CA GLY A 184 8.63 31.51 6.81
C GLY A 184 9.45 30.22 6.94
N PHE A 185 9.51 29.42 5.88
CA PHE A 185 10.23 28.15 5.80
C PHE A 185 11.04 28.09 4.49
N GLU A 186 11.41 26.90 4.01
CA GLU A 186 12.07 26.71 2.71
C GLU A 186 11.50 25.51 1.97
N ALA A 187 11.39 25.65 0.65
CA ALA A 187 10.88 24.65 -0.28
C ALA A 187 11.69 24.61 -1.59
N SER A 188 11.74 23.46 -2.26
CA SER A 188 12.35 23.28 -3.59
C SER A 188 11.54 22.32 -4.48
N VAL A 189 11.25 22.72 -5.72
CA VAL A 189 10.46 21.94 -6.68
C VAL A 189 11.31 20.87 -7.39
N VAL A 190 11.49 19.74 -6.70
CA VAL A 190 12.27 18.58 -7.17
C VAL A 190 11.55 17.80 -8.28
N VAL A 20 -2.22 -9.42 -0.31
CA VAL A 20 -3.32 -9.48 0.63
C VAL A 20 -3.28 -10.87 1.32
N THR A 21 -3.92 -10.98 2.50
CA THR A 21 -3.81 -12.16 3.39
C THR A 21 -5.17 -12.84 3.58
N LEU A 22 -5.17 -14.16 3.70
CA LEU A 22 -6.35 -15.01 3.88
C LEU A 22 -6.03 -16.16 4.83
N GLN A 23 -6.86 -16.34 5.87
CA GLN A 23 -6.67 -17.34 6.92
C GLN A 23 -7.46 -18.62 6.66
N LEU A 24 -6.81 -19.77 6.87
CA LEU A 24 -7.43 -21.07 6.75
C LEU A 24 -6.95 -22.08 7.79
N ARG A 25 -7.88 -22.96 8.19
CA ARG A 25 -7.64 -24.10 9.08
C ARG A 25 -7.77 -25.40 8.29
N ILE A 26 -6.63 -26.05 8.07
CA ILE A 26 -6.47 -27.30 7.29
C ILE A 26 -6.75 -28.56 8.14
N ASP A 27 -7.30 -29.62 7.53
CA ASP A 27 -7.43 -30.96 8.14
C ASP A 27 -6.29 -31.88 7.68
N GLY A 28 -5.76 -32.70 8.61
CA GLY A 28 -4.65 -33.63 8.38
C GLY A 28 -3.26 -33.04 8.67
N MET A 29 -3.17 -31.74 8.95
CA MET A 29 -1.89 -31.03 9.10
C MET A 29 -1.02 -31.48 10.28
N HIS A 30 -1.54 -32.22 11.26
CA HIS A 30 -0.69 -32.85 12.30
C HIS A 30 0.28 -33.92 11.73
N CYS A 31 0.10 -34.37 10.48
CA CYS A 31 1.01 -35.36 9.86
C CYS A 31 2.35 -34.76 9.39
N LYS A 32 2.47 -33.42 9.27
CA LYS A 32 3.59 -32.65 8.69
C LYS A 32 3.67 -32.80 7.17
N SER A 33 3.66 -34.03 6.67
CA SER A 33 3.60 -34.35 5.25
C SER A 33 2.35 -33.80 4.53
N CYS A 34 1.28 -33.44 5.28
CA CYS A 34 0.08 -32.80 4.75
C CYS A 34 0.39 -31.42 4.17
N VAL A 35 1.04 -30.53 4.93
CA VAL A 35 1.24 -29.14 4.45
C VAL A 35 2.25 -29.07 3.30
N LEU A 36 3.21 -30.01 3.24
CA LEU A 36 4.27 -30.02 2.23
C LEU A 36 3.72 -29.97 0.80
N ASN A 37 2.74 -30.81 0.46
CA ASN A 37 2.17 -30.83 -0.91
C ASN A 37 1.54 -29.49 -1.29
N ILE A 38 0.86 -28.87 -0.32
CA ILE A 38 0.22 -27.56 -0.49
C ILE A 38 1.30 -26.48 -0.72
N GLU A 39 2.32 -26.48 0.14
CA GLU A 39 3.42 -25.52 0.16
C GLU A 39 4.26 -25.59 -1.12
N GLU A 40 4.55 -26.80 -1.61
CA GLU A 40 5.35 -27.00 -2.80
C GLU A 40 4.62 -26.48 -4.07
N ASN A 41 3.30 -26.68 -4.17
CA ASN A 41 2.52 -26.38 -5.37
C ASN A 41 1.91 -24.96 -5.43
N ILE A 42 1.66 -24.32 -4.29
CA ILE A 42 0.95 -23.03 -4.20
C ILE A 42 1.95 -21.88 -3.97
N GLY A 43 1.98 -20.95 -4.94
CA GLY A 43 2.89 -19.78 -4.97
C GLY A 43 3.51 -19.48 -6.35
N GLN A 44 3.48 -20.45 -7.27
CA GLN A 44 3.96 -20.31 -8.65
C GLN A 44 2.84 -19.82 -9.58
N LEU A 45 1.62 -19.70 -9.05
CA LEU A 45 0.40 -19.29 -9.72
C LEU A 45 0.37 -17.77 -9.97
N LEU A 46 -0.60 -17.27 -10.75
CA LEU A 46 -0.63 -15.86 -11.17
C LEU A 46 -0.84 -14.94 -9.96
N GLY A 47 -1.97 -15.06 -9.25
CA GLY A 47 -2.33 -14.21 -8.12
C GLY A 47 -1.59 -14.58 -6.83
N VAL A 48 -1.46 -15.87 -6.50
CA VAL A 48 -0.78 -16.33 -5.27
C VAL A 48 0.74 -16.28 -5.45
N GLN A 49 1.44 -15.56 -4.56
CA GLN A 49 2.90 -15.49 -4.54
C GLN A 49 3.50 -16.51 -3.55
N SER A 50 2.93 -16.59 -2.35
CA SER A 50 3.50 -17.35 -1.24
C SER A 50 2.42 -17.91 -0.30
N ILE A 51 2.83 -18.75 0.66
CA ILE A 51 2.01 -19.35 1.72
C ILE A 51 2.86 -19.40 2.99
N GLN A 52 2.39 -18.83 4.10
CA GLN A 52 3.08 -18.87 5.39
C GLN A 52 2.18 -19.56 6.45
N VAL A 53 2.75 -20.25 7.44
CA VAL A 53 1.98 -21.11 8.35
C VAL A 53 1.85 -20.46 9.73
N SER A 54 0.81 -20.86 10.47
CA SER A 54 0.56 -20.43 11.84
C SER A 54 0.06 -21.67 12.64
N LEU A 55 0.88 -22.72 12.65
CA LEU A 55 0.56 -24.05 13.19
C LEU A 55 0.39 -24.05 14.70
N GLU A 56 1.00 -23.10 15.40
CA GLU A 56 0.76 -22.83 16.83
C GLU A 56 -0.67 -22.36 17.15
N ASN A 57 -1.44 -22.03 16.12
CA ASN A 57 -2.86 -21.70 16.14
C ASN A 57 -3.69 -22.63 15.21
N LYS A 58 -3.05 -23.68 14.63
CA LYS A 58 -3.61 -24.65 13.66
C LYS A 58 -4.06 -24.01 12.33
N THR A 59 -3.65 -22.76 12.08
CA THR A 59 -3.95 -21.98 10.87
C THR A 59 -2.77 -21.94 9.91
N ALA A 60 -3.07 -21.50 8.70
CA ALA A 60 -2.13 -21.15 7.64
C ALA A 60 -2.67 -19.89 6.95
N GLN A 61 -1.83 -19.05 6.35
CA GLN A 61 -2.30 -17.91 5.55
C GLN A 61 -1.63 -17.82 4.17
N VAL A 62 -2.45 -17.61 3.14
CA VAL A 62 -1.99 -17.50 1.76
C VAL A 62 -1.81 -16.03 1.38
N LYS A 63 -0.70 -15.76 0.70
CA LYS A 63 -0.20 -14.44 0.34
C LYS A 63 -0.43 -14.24 -1.17
N TYR A 64 -1.62 -13.74 -1.50
CA TYR A 64 -2.11 -13.54 -2.87
C TYR A 64 -2.32 -12.06 -3.16
N ASP A 65 -2.78 -11.71 -4.35
CA ASP A 65 -3.27 -10.37 -4.71
C ASP A 65 -4.73 -10.55 -5.21
N PRO A 66 -5.66 -9.62 -4.89
CA PRO A 66 -7.09 -9.85 -5.12
C PRO A 66 -7.56 -9.54 -6.55
N SER A 67 -6.67 -9.22 -7.50
CA SER A 67 -7.06 -8.84 -8.87
C SER A 67 -7.52 -10.04 -9.72
N CYS A 68 -6.72 -11.12 -9.76
CA CYS A 68 -6.93 -12.29 -10.63
C CYS A 68 -7.69 -13.46 -9.97
N THR A 69 -7.79 -13.47 -8.63
CA THR A 69 -8.39 -14.56 -7.84
C THR A 69 -9.06 -14.04 -6.57
N SER A 70 -9.71 -14.95 -5.83
CA SER A 70 -10.47 -14.63 -4.61
C SER A 70 -10.61 -15.85 -3.67
N PRO A 71 -10.94 -15.64 -2.37
CA PRO A 71 -10.89 -16.70 -1.35
C PRO A 71 -11.67 -17.97 -1.70
N VAL A 72 -12.91 -17.86 -2.18
CA VAL A 72 -13.71 -19.04 -2.58
C VAL A 72 -13.06 -19.80 -3.75
N ALA A 73 -12.51 -19.09 -4.74
CA ALA A 73 -11.84 -19.68 -5.89
C ALA A 73 -10.54 -20.40 -5.50
N LEU A 74 -9.78 -19.82 -4.56
CA LEU A 74 -8.58 -20.45 -3.98
C LEU A 74 -8.93 -21.70 -3.17
N GLN A 75 -10.02 -21.69 -2.41
CA GLN A 75 -10.52 -22.87 -1.69
C GLN A 75 -10.85 -24.01 -2.68
N ARG A 76 -11.53 -23.76 -3.80
CA ARG A 76 -11.76 -24.79 -4.83
C ARG A 76 -10.45 -25.32 -5.44
N ALA A 77 -9.43 -24.47 -5.64
CA ALA A 77 -8.16 -24.83 -6.24
C ALA A 77 -7.27 -25.71 -5.33
N ILE A 78 -6.91 -25.20 -4.14
CA ILE A 78 -5.89 -25.85 -3.29
C ILE A 78 -6.36 -27.13 -2.61
N GLU A 79 -7.65 -27.21 -2.26
CA GLU A 79 -8.23 -28.32 -1.51
C GLU A 79 -8.29 -29.62 -2.34
N ALA A 80 -8.23 -29.52 -3.67
CA ALA A 80 -8.24 -30.65 -4.61
C ALA A 80 -6.84 -31.07 -5.09
N LEU A 81 -5.77 -30.57 -4.46
CA LEU A 81 -4.41 -31.11 -4.63
C LEU A 81 -4.32 -32.59 -4.20
N PRO A 82 -4.78 -32.98 -2.98
CA PRO A 82 -4.91 -34.38 -2.58
C PRO A 82 -6.04 -35.10 -3.34
N PRO A 83 -6.18 -36.45 -3.19
CA PRO A 83 -7.33 -37.21 -3.69
C PRO A 83 -8.58 -37.02 -2.81
N GLY A 84 -8.88 -35.79 -2.39
CA GLY A 84 -9.97 -35.46 -1.47
C GLY A 84 -9.64 -35.93 -0.05
N ASN A 85 -8.53 -35.42 0.51
CA ASN A 85 -8.01 -35.88 1.81
C ASN A 85 -7.59 -34.76 2.80
N PHE A 86 -6.91 -33.71 2.34
CA PHE A 86 -6.61 -32.51 3.14
C PHE A 86 -7.65 -31.44 2.81
N LYS A 87 -8.48 -31.06 3.79
CA LYS A 87 -9.56 -30.08 3.63
C LYS A 87 -9.17 -28.70 4.19
N VAL A 88 -9.81 -27.61 3.76
CA VAL A 88 -9.58 -26.26 4.30
C VAL A 88 -10.88 -25.59 4.75
N SER A 89 -10.85 -24.89 5.88
CA SER A 89 -11.99 -24.10 6.38
C SER A 89 -11.58 -22.67 6.74
N LEU A 90 -12.35 -21.69 6.24
CA LEU A 90 -12.09 -20.25 6.38
C LEU A 90 -12.92 -19.63 7.53
N THR A 120 -3.50 21.73 -18.69
CA THR A 120 -3.42 22.18 -17.28
C THR A 120 -3.51 20.97 -16.34
N CYS A 121 -3.50 21.22 -15.02
CA CYS A 121 -3.60 20.21 -13.96
C CYS A 121 -2.48 19.15 -14.03
N SER A 122 -1.37 19.35 -13.32
CA SER A 122 -0.24 18.40 -13.28
C SER A 122 0.35 18.28 -11.89
N THR A 123 0.97 17.14 -11.58
CA THR A 123 1.52 16.89 -10.24
C THR A 123 3.01 17.17 -10.22
N THR A 124 3.47 17.96 -9.25
CA THR A 124 4.89 18.13 -8.93
C THR A 124 5.14 17.84 -7.45
N LEU A 125 6.39 17.42 -7.19
CA LEU A 125 6.94 17.10 -5.89
C LEU A 125 7.82 18.26 -5.40
N ILE A 126 7.61 18.70 -4.17
CA ILE A 126 8.36 19.77 -3.47
C ILE A 126 9.10 19.17 -2.28
N ALA A 127 10.36 19.57 -2.05
CA ALA A 127 11.11 19.26 -0.82
C ALA A 127 11.17 20.50 0.09
N ILE A 128 10.74 20.39 1.36
CA ILE A 128 10.54 21.56 2.26
C ILE A 128 11.50 21.53 3.47
N ALA A 129 12.04 22.68 3.84
CA ALA A 129 12.83 22.94 5.05
C ALA A 129 12.07 23.85 6.04
N GLY A 130 11.03 23.28 6.65
CA GLY A 130 10.31 23.84 7.80
C GLY A 130 9.22 22.92 8.32
N MET A 131 9.63 21.69 8.64
CA MET A 131 8.83 20.69 9.34
C MET A 131 9.67 20.01 10.42
N THR A 132 9.00 19.43 11.42
CA THR A 132 9.59 18.88 12.66
C THR A 132 8.53 18.19 13.51
N CYS A 133 7.38 18.84 13.68
CA CYS A 133 6.17 18.25 14.24
C CYS A 133 5.17 17.99 13.10
N ALA A 134 4.38 16.92 13.19
CA ALA A 134 3.33 16.63 12.22
C ALA A 134 2.27 17.74 12.15
N SER A 135 2.03 18.50 13.22
CA SER A 135 1.15 19.67 13.18
C SER A 135 1.57 20.70 12.12
N CYS A 136 2.85 20.75 11.69
CA CYS A 136 3.31 21.54 10.55
C CYS A 136 2.56 21.23 9.24
N VAL A 137 2.05 20.01 9.07
CA VAL A 137 1.19 19.63 7.92
C VAL A 137 0.02 20.60 7.82
N HIS A 138 -0.72 20.79 8.91
CA HIS A 138 -1.89 21.65 8.97
C HIS A 138 -1.55 23.17 8.88
N SER A 139 -0.28 23.52 9.07
CA SER A 139 0.23 24.87 8.76
C SER A 139 0.35 25.03 7.23
N ILE A 140 1.10 24.13 6.58
CA ILE A 140 1.37 24.17 5.12
C ILE A 140 0.09 23.90 4.32
N GLU A 141 -0.53 22.73 4.54
CA GLU A 141 -1.81 22.32 3.95
C GLU A 141 -2.92 23.36 4.24
N GLY A 142 -2.83 24.08 5.36
CA GLY A 142 -3.77 25.14 5.74
C GLY A 142 -3.60 26.40 4.89
N MET A 143 -2.43 27.06 4.96
CA MET A 143 -2.19 28.33 4.27
C MET A 143 -1.97 28.21 2.75
N ILE A 144 -1.19 27.21 2.31
CA ILE A 144 -0.75 27.07 0.91
C ILE A 144 -1.89 26.62 0.00
N SER A 145 -2.85 25.87 0.54
CA SER A 145 -4.05 25.46 -0.22
C SER A 145 -4.97 26.64 -0.64
N GLN A 146 -4.72 27.85 -0.13
CA GLN A 146 -5.59 29.02 -0.29
C GLN A 146 -5.03 30.09 -1.25
N LEU A 147 -4.14 29.71 -2.17
CA LEU A 147 -3.68 30.56 -3.29
C LEU A 147 -4.09 29.96 -4.65
N GLU A 148 -4.03 30.78 -5.70
CA GLU A 148 -4.47 30.35 -7.05
C GLU A 148 -3.58 29.25 -7.63
N GLY A 149 -4.22 28.24 -8.23
CA GLY A 149 -3.55 27.19 -9.00
C GLY A 149 -2.90 26.07 -8.19
N VAL A 150 -3.29 25.90 -6.92
CA VAL A 150 -2.76 24.86 -5.98
C VAL A 150 -3.61 23.58 -5.92
N GLN A 151 -4.89 23.68 -6.26
CA GLN A 151 -5.90 22.63 -6.48
C GLN A 151 -5.93 21.47 -5.47
N GLN A 152 -5.00 20.50 -5.51
CA GLN A 152 -4.96 19.38 -4.56
C GLN A 152 -3.57 19.23 -3.94
N ILE A 153 -3.49 19.19 -2.62
CA ILE A 153 -2.22 19.26 -1.88
C ILE A 153 -2.16 18.20 -0.77
N SER A 154 -1.00 17.57 -0.65
CA SER A 154 -0.67 16.51 0.32
C SER A 154 0.79 16.71 0.78
N VAL A 155 1.09 16.65 2.09
CA VAL A 155 2.45 16.84 2.62
C VAL A 155 2.72 15.92 3.83
N SER A 156 3.94 15.41 3.96
CA SER A 156 4.29 14.41 4.99
C SER A 156 5.68 14.58 5.64
N LEU A 157 5.69 14.49 6.99
CA LEU A 157 6.88 14.39 7.85
C LEU A 157 7.74 13.15 7.55
N ALA A 158 7.18 12.13 6.92
CA ALA A 158 7.88 10.90 6.54
C ALA A 158 9.10 11.17 5.65
N GLU A 159 9.05 12.23 4.83
CA GLU A 159 10.13 12.64 3.91
C GLU A 159 10.45 14.14 3.97
N GLY A 160 9.55 14.96 4.54
CA GLY A 160 9.58 16.42 4.48
C GLY A 160 9.16 16.96 3.12
N THR A 161 8.32 16.21 2.38
CA THR A 161 7.96 16.48 0.98
C THR A 161 6.48 16.67 0.81
N ALA A 162 6.11 17.50 -0.16
CA ALA A 162 4.73 17.70 -0.62
C ALA A 162 4.55 17.18 -2.05
N THR A 163 3.44 16.49 -2.31
CA THR A 163 2.99 16.15 -3.67
C THR A 163 1.71 16.93 -3.91
N VAL A 164 1.71 17.77 -4.94
CA VAL A 164 0.63 18.74 -5.16
C VAL A 164 0.31 18.87 -6.65
N LEU A 165 -0.98 19.00 -6.94
CA LEU A 165 -1.56 19.14 -8.27
C LEU A 165 -1.63 20.64 -8.55
N TYR A 166 -0.69 21.15 -9.35
CA TYR A 166 -0.65 22.56 -9.73
C TYR A 166 -1.29 22.80 -11.10
N ASN A 167 -1.72 24.04 -11.34
CA ASN A 167 -2.28 24.50 -12.61
C ASN A 167 -1.24 25.28 -13.41
N PRO A 168 -0.49 24.65 -14.34
CA PRO A 168 0.59 25.31 -15.07
C PRO A 168 0.07 26.52 -15.87
N ALA A 169 -1.16 26.42 -16.41
CA ALA A 169 -1.84 27.52 -17.09
C ALA A 169 -2.22 28.73 -16.18
N VAL A 170 -2.05 28.61 -14.85
CA VAL A 170 -2.44 29.61 -13.85
C VAL A 170 -1.26 30.04 -12.95
N ILE A 171 -0.25 29.18 -12.70
CA ILE A 171 0.89 29.46 -11.81
C ILE A 171 2.13 28.62 -12.16
N SER A 172 3.31 29.07 -11.74
CA SER A 172 4.58 28.35 -11.87
C SER A 172 4.99 27.59 -10.58
N PRO A 173 5.62 26.42 -10.67
CA PRO A 173 6.27 25.77 -9.52
C PRO A 173 7.26 26.70 -8.80
N GLU A 174 7.96 27.60 -9.51
CA GLU A 174 8.87 28.56 -8.90
C GLU A 174 8.14 29.61 -8.03
N GLU A 175 6.86 29.91 -8.33
CA GLU A 175 5.97 30.70 -7.46
C GLU A 175 5.45 29.87 -6.27
N LEU A 176 5.18 28.59 -6.50
CA LEU A 176 4.69 27.63 -5.53
C LEU A 176 5.67 27.52 -4.34
N ARG A 177 6.96 27.26 -4.60
CA ARG A 177 7.98 27.28 -3.53
C ARG A 177 8.09 28.65 -2.84
N ALA A 178 7.96 29.75 -3.58
CA ALA A 178 8.02 31.10 -3.02
C ALA A 178 6.90 31.39 -2.01
N ALA A 179 5.75 30.69 -2.07
CA ALA A 179 4.67 30.88 -1.10
C ALA A 179 5.02 30.33 0.31
N ILE A 180 5.75 29.21 0.34
CA ILE A 180 6.34 28.64 1.57
C ILE A 180 7.49 29.52 2.07
N GLU A 181 8.29 30.07 1.14
CA GLU A 181 9.40 30.97 1.44
C GLU A 181 8.93 32.35 1.97
N ASP A 182 7.72 32.78 1.60
CA ASP A 182 7.02 33.94 2.18
C ASP A 182 6.53 33.64 3.60
N MET A 183 5.94 32.46 3.81
CA MET A 183 5.37 31.99 5.08
C MET A 183 6.41 31.91 6.20
N GLY A 184 7.66 31.67 5.80
CA GLY A 184 8.85 31.73 6.65
C GLY A 184 9.55 30.39 6.83
N PHE A 185 9.62 29.60 5.76
CA PHE A 185 10.37 28.35 5.68
C PHE A 185 11.23 28.36 4.40
N GLU A 186 11.68 27.21 3.92
CA GLU A 186 12.32 27.09 2.60
C GLU A 186 11.71 25.93 1.83
N ALA A 187 11.64 26.05 0.50
CA ALA A 187 11.09 25.03 -0.38
C ALA A 187 11.83 24.92 -1.72
N SER A 188 12.00 23.68 -2.20
CA SER A 188 12.69 23.36 -3.47
C SER A 188 11.81 22.55 -4.43
N VAL A 189 11.80 22.93 -5.70
CA VAL A 189 10.99 22.27 -6.76
C VAL A 189 11.74 21.08 -7.36
N VAL A 190 11.70 19.95 -6.65
CA VAL A 190 12.41 18.73 -7.09
C VAL A 190 11.70 18.06 -8.28
N VAL A 20 -2.39 -9.84 -0.12
CA VAL A 20 -3.10 -9.81 1.17
C VAL A 20 -3.15 -11.18 1.85
N THR A 21 -3.60 -11.17 3.11
CA THR A 21 -3.67 -12.29 4.07
C THR A 21 -5.06 -12.92 4.16
N LEU A 22 -5.10 -14.20 4.53
CA LEU A 22 -6.34 -15.02 4.63
C LEU A 22 -6.31 -16.01 5.80
N GLN A 23 -7.44 -16.17 6.50
CA GLN A 23 -7.59 -17.14 7.58
C GLN A 23 -8.27 -18.41 7.11
N LEU A 24 -7.47 -19.46 7.09
CA LEU A 24 -7.88 -20.80 6.66
C LEU A 24 -7.32 -21.89 7.55
N ARG A 25 -8.18 -22.83 7.93
CA ARG A 25 -7.79 -24.01 8.69
C ARG A 25 -7.64 -25.18 7.72
N ILE A 26 -6.45 -25.76 7.62
CA ILE A 26 -6.18 -26.96 6.79
C ILE A 26 -6.25 -28.21 7.68
N ASP A 27 -6.88 -29.27 7.19
CA ASP A 27 -7.03 -30.54 7.91
C ASP A 27 -5.94 -31.54 7.49
N GLY A 28 -5.10 -31.92 8.45
CA GLY A 28 -4.00 -32.87 8.28
C GLY A 28 -2.63 -32.27 8.58
N MET A 29 -2.49 -30.95 8.71
CA MET A 29 -1.22 -30.30 9.09
C MET A 29 -0.64 -30.80 10.43
N HIS A 30 -1.47 -31.37 11.32
CA HIS A 30 -1.00 -32.08 12.51
C HIS A 30 -0.07 -33.28 12.20
N CYS A 31 -0.16 -33.89 11.01
CA CYS A 31 0.77 -34.95 10.58
C CYS A 31 2.11 -34.40 10.04
N LYS A 32 2.24 -33.07 9.85
CA LYS A 32 3.31 -32.33 9.17
C LYS A 32 3.30 -32.57 7.65
N SER A 33 3.38 -33.83 7.21
CA SER A 33 3.46 -34.30 5.82
C SER A 33 2.41 -33.68 4.88
N CYS A 34 1.26 -33.27 5.41
CA CYS A 34 0.21 -32.52 4.72
C CYS A 34 0.74 -31.22 4.06
N VAL A 35 1.50 -30.41 4.79
CA VAL A 35 1.85 -29.07 4.30
C VAL A 35 2.92 -29.08 3.20
N LEU A 36 3.80 -30.10 3.20
CA LEU A 36 4.90 -30.27 2.24
C LEU A 36 4.40 -30.16 0.81
N ASN A 37 3.35 -30.93 0.49
CA ASN A 37 2.77 -30.97 -0.86
C ASN A 37 2.28 -29.56 -1.22
N ILE A 38 1.43 -28.96 -0.37
CA ILE A 38 0.77 -27.68 -0.66
C ILE A 38 1.79 -26.55 -0.87
N GLU A 39 2.91 -26.54 -0.13
CA GLU A 39 3.97 -25.54 -0.28
C GLU A 39 4.65 -25.61 -1.65
N GLU A 40 4.69 -26.79 -2.28
CA GLU A 40 5.29 -27.01 -3.59
C GLU A 40 4.44 -26.39 -4.72
N ASN A 41 3.15 -26.69 -4.72
CA ASN A 41 2.19 -26.37 -5.79
C ASN A 41 1.43 -25.04 -5.61
N ILE A 42 1.28 -24.51 -4.40
CA ILE A 42 0.62 -23.21 -4.17
C ILE A 42 1.68 -22.12 -3.99
N GLY A 43 1.56 -21.07 -4.81
CA GLY A 43 2.50 -19.95 -4.93
C GLY A 43 3.01 -19.69 -6.36
N GLN A 44 2.79 -20.62 -7.29
CA GLN A 44 3.17 -20.47 -8.72
C GLN A 44 2.01 -20.01 -9.61
N LEU A 45 0.82 -19.85 -9.00
CA LEU A 45 -0.42 -19.44 -9.63
C LEU A 45 -0.37 -17.96 -10.05
N LEU A 46 -1.43 -17.44 -10.67
CA LEU A 46 -1.47 -16.06 -11.17
C LEU A 46 -1.47 -15.04 -10.03
N GLY A 47 -2.47 -15.11 -9.13
CA GLY A 47 -2.59 -14.22 -7.97
C GLY A 47 -2.01 -14.80 -6.68
N VAL A 48 -2.01 -16.12 -6.46
CA VAL A 48 -1.37 -16.69 -5.25
C VAL A 48 0.15 -16.70 -5.45
N GLN A 49 0.85 -15.88 -4.66
CA GLN A 49 2.29 -15.68 -4.77
C GLN A 49 3.07 -16.54 -3.74
N SER A 50 2.56 -16.65 -2.52
CA SER A 50 3.25 -17.39 -1.43
C SER A 50 2.25 -18.05 -0.47
N ILE A 51 2.71 -19.06 0.27
CA ILE A 51 1.94 -19.77 1.32
C ILE A 51 2.81 -19.91 2.57
N GLN A 52 2.32 -19.37 3.68
CA GLN A 52 2.92 -19.49 5.02
C GLN A 52 2.02 -20.37 5.88
N VAL A 53 2.42 -20.67 7.13
CA VAL A 53 1.52 -21.30 8.09
C VAL A 53 1.66 -20.79 9.53
N SER A 54 0.68 -21.15 10.38
CA SER A 54 0.52 -20.68 11.76
C SER A 54 0.03 -21.84 12.66
N LEU A 55 0.83 -22.91 12.73
CA LEU A 55 0.57 -24.20 13.40
C LEU A 55 0.29 -24.13 14.90
N GLU A 56 0.72 -23.08 15.60
CA GLU A 56 0.35 -22.83 17.00
C GLU A 56 -1.18 -22.63 17.13
N ASN A 57 -1.81 -21.99 16.14
CA ASN A 57 -3.25 -21.72 16.10
C ASN A 57 -4.05 -22.64 15.14
N LYS A 58 -3.37 -23.56 14.41
CA LYS A 58 -3.97 -24.61 13.54
C LYS A 58 -4.36 -24.07 12.15
N THR A 59 -4.04 -22.79 11.87
CA THR A 59 -4.32 -22.06 10.64
C THR A 59 -3.10 -22.07 9.74
N ALA A 60 -3.35 -21.93 8.44
CA ALA A 60 -2.32 -21.59 7.46
C ALA A 60 -2.37 -20.08 7.23
N GLN A 61 -1.52 -19.55 6.35
CA GLN A 61 -1.56 -18.14 6.02
C GLN A 61 -1.18 -17.91 4.55
N VAL A 62 -2.16 -17.61 3.69
CA VAL A 62 -1.91 -17.53 2.23
C VAL A 62 -1.79 -16.08 1.76
N LYS A 63 -0.74 -15.84 0.97
CA LYS A 63 -0.39 -14.55 0.39
C LYS A 63 -0.85 -14.51 -1.08
N TYR A 64 -2.04 -13.95 -1.30
CA TYR A 64 -2.67 -13.86 -2.62
C TYR A 64 -2.94 -12.40 -3.02
N ASP A 65 -2.89 -12.12 -4.33
CA ASP A 65 -3.17 -10.81 -4.92
C ASP A 65 -4.65 -10.77 -5.38
N PRO A 66 -5.48 -9.90 -4.78
CA PRO A 66 -6.91 -9.85 -5.06
C PRO A 66 -7.23 -9.29 -6.46
N SER A 67 -6.23 -8.76 -7.18
CA SER A 67 -6.42 -8.23 -8.54
C SER A 67 -6.48 -9.36 -9.60
N CYS A 68 -6.15 -10.61 -9.22
CA CYS A 68 -6.16 -11.78 -10.10
C CYS A 68 -6.91 -13.02 -9.55
N THR A 69 -7.15 -13.12 -8.25
CA THR A 69 -7.91 -14.23 -7.62
C THR A 69 -8.73 -13.74 -6.44
N SER A 70 -9.43 -14.64 -5.76
CA SER A 70 -10.21 -14.37 -4.56
C SER A 70 -10.28 -15.64 -3.69
N PRO A 71 -10.61 -15.52 -2.38
CA PRO A 71 -10.61 -16.64 -1.46
C PRO A 71 -11.36 -17.88 -1.96
N VAL A 72 -12.56 -17.75 -2.53
CA VAL A 72 -13.29 -18.95 -3.00
C VAL A 72 -12.60 -19.58 -4.21
N ALA A 73 -12.11 -18.77 -5.15
CA ALA A 73 -11.50 -19.23 -6.40
C ALA A 73 -10.19 -19.99 -6.15
N LEU A 74 -9.35 -19.50 -5.23
CA LEU A 74 -8.13 -20.19 -4.81
C LEU A 74 -8.44 -21.44 -3.97
N GLN A 75 -9.32 -21.32 -2.98
CA GLN A 75 -9.54 -22.35 -1.99
C GLN A 75 -10.20 -23.61 -2.57
N ARG A 76 -11.19 -23.44 -3.46
CA ARG A 76 -11.78 -24.54 -4.23
C ARG A 76 -10.73 -25.32 -5.04
N ALA A 77 -9.65 -24.68 -5.50
CA ALA A 77 -8.53 -25.34 -6.16
C ALA A 77 -7.69 -26.15 -5.16
N ILE A 78 -7.19 -25.51 -4.09
CA ILE A 78 -6.18 -26.13 -3.21
C ILE A 78 -6.71 -27.36 -2.46
N GLU A 79 -8.01 -27.44 -2.14
CA GLU A 79 -8.60 -28.62 -1.50
C GLU A 79 -8.47 -29.91 -2.33
N ALA A 80 -8.52 -29.82 -3.66
CA ALA A 80 -8.52 -31.00 -4.53
C ALA A 80 -7.14 -31.36 -5.09
N LEU A 81 -6.06 -30.77 -4.55
CA LEU A 81 -4.69 -31.22 -4.82
C LEU A 81 -4.52 -32.72 -4.48
N PRO A 82 -4.81 -33.17 -3.24
CA PRO A 82 -4.86 -34.59 -2.87
C PRO A 82 -6.11 -35.29 -3.46
N PRO A 83 -6.28 -36.61 -3.21
CA PRO A 83 -7.51 -37.35 -3.49
C PRO A 83 -8.65 -36.98 -2.51
N GLY A 84 -8.81 -35.68 -2.20
CA GLY A 84 -9.75 -35.18 -1.20
C GLY A 84 -9.32 -35.42 0.24
N ASN A 85 -8.00 -35.52 0.49
CA ASN A 85 -7.46 -35.99 1.78
C ASN A 85 -7.10 -34.87 2.75
N PHE A 86 -6.50 -33.77 2.25
CA PHE A 86 -6.20 -32.56 2.99
C PHE A 86 -7.30 -31.54 2.70
N LYS A 87 -8.09 -31.19 3.72
CA LYS A 87 -9.28 -30.32 3.56
C LYS A 87 -8.91 -28.88 3.93
N VAL A 88 -9.74 -27.91 3.55
CA VAL A 88 -9.62 -26.51 3.98
C VAL A 88 -10.97 -26.00 4.48
N SER A 89 -10.98 -25.20 5.55
CA SER A 89 -12.16 -24.51 6.06
C SER A 89 -11.94 -22.99 6.24
N LEU A 90 -12.85 -22.20 5.68
CA LEU A 90 -12.96 -20.74 5.78
C LEU A 90 -14.20 -20.32 6.61
N THR A 120 -4.92 22.02 -17.75
CA THR A 120 -5.27 22.81 -16.55
C THR A 120 -4.86 22.16 -15.20
N CYS A 121 -3.99 21.15 -15.24
CA CYS A 121 -3.63 20.27 -14.15
C CYS A 121 -2.30 19.52 -14.45
N SER A 122 -1.29 19.75 -13.63
CA SER A 122 0.03 19.10 -13.67
C SER A 122 0.51 18.85 -12.24
N THR A 123 1.18 17.72 -11.98
CA THR A 123 1.64 17.36 -10.62
C THR A 123 3.14 17.63 -10.50
N THR A 124 3.59 18.16 -9.36
CA THR A 124 5.02 18.26 -9.03
C THR A 124 5.28 17.88 -7.58
N LEU A 125 6.55 17.58 -7.30
CA LEU A 125 7.07 17.12 -6.01
C LEU A 125 8.01 18.18 -5.43
N ILE A 126 7.86 18.53 -4.16
CA ILE A 126 8.65 19.57 -3.48
C ILE A 126 9.24 19.01 -2.17
N ALA A 127 10.52 19.26 -1.90
CA ALA A 127 11.19 18.97 -0.63
C ALA A 127 11.22 20.24 0.22
N ILE A 128 10.76 20.20 1.47
CA ILE A 128 10.48 21.40 2.29
C ILE A 128 11.14 21.32 3.67
N ALA A 129 11.58 22.49 4.17
CA ALA A 129 12.19 22.69 5.48
C ALA A 129 11.31 23.55 6.41
N GLY A 130 10.07 23.12 6.65
CA GLY A 130 9.23 23.72 7.69
C GLY A 130 8.17 22.77 8.23
N MET A 131 8.56 21.58 8.67
CA MET A 131 7.72 20.60 9.33
C MET A 131 8.49 19.99 10.50
N THR A 132 8.22 20.49 11.71
CA THR A 132 8.79 20.00 12.99
C THR A 132 7.88 18.96 13.67
N CYS A 133 6.56 19.09 13.47
CA CYS A 133 5.49 18.20 13.94
C CYS A 133 4.36 18.11 12.89
N ALA A 134 3.41 17.18 13.03
CA ALA A 134 2.21 17.13 12.19
C ALA A 134 1.41 18.45 12.20
N SER A 135 1.29 19.12 13.35
CA SER A 135 0.76 20.48 13.46
C SER A 135 1.42 21.47 12.48
N CYS A 136 2.73 21.33 12.22
CA CYS A 136 3.50 22.12 11.27
C CYS A 136 3.16 21.78 9.80
N VAL A 137 2.87 20.50 9.51
CA VAL A 137 2.31 20.07 8.20
C VAL A 137 0.95 20.72 8.00
N HIS A 138 0.05 20.58 8.98
CA HIS A 138 -1.32 21.11 8.88
C HIS A 138 -1.35 22.65 8.72
N SER A 139 -0.30 23.36 9.15
CA SER A 139 -0.11 24.78 8.86
C SER A 139 0.24 25.02 7.37
N ILE A 140 1.23 24.33 6.77
CA ILE A 140 1.55 24.49 5.33
C ILE A 140 0.40 24.03 4.45
N GLU A 141 -0.07 22.80 4.68
CA GLU A 141 -1.14 22.13 3.97
C GLU A 141 -2.47 22.92 4.09
N GLY A 142 -2.61 23.73 5.16
CA GLY A 142 -3.67 24.74 5.35
C GLY A 142 -3.43 26.04 4.56
N MET A 143 -2.34 26.76 4.86
CA MET A 143 -2.07 28.13 4.39
C MET A 143 -1.74 28.20 2.90
N ILE A 144 -0.96 27.26 2.37
CA ILE A 144 -0.62 27.25 0.93
C ILE A 144 -1.83 26.87 0.10
N SER A 145 -2.72 26.04 0.65
CA SER A 145 -3.99 25.65 0.03
C SER A 145 -5.03 26.80 -0.12
N GLN A 146 -4.71 28.03 0.27
CA GLN A 146 -5.56 29.23 0.16
C GLN A 146 -5.44 29.96 -1.20
N LEU A 147 -4.38 29.74 -1.98
CA LEU A 147 -4.07 30.53 -3.19
C LEU A 147 -4.45 29.80 -4.51
N GLU A 148 -4.49 30.52 -5.63
CA GLU A 148 -4.91 29.99 -6.94
C GLU A 148 -4.00 28.89 -7.49
N GLY A 149 -4.52 28.15 -8.47
CA GLY A 149 -3.80 27.13 -9.22
C GLY A 149 -3.44 25.85 -8.43
N VAL A 150 -3.10 25.96 -7.15
CA VAL A 150 -2.88 24.81 -6.24
C VAL A 150 -4.22 24.11 -5.92
N GLN A 151 -4.53 23.09 -6.73
CA GLN A 151 -5.75 22.31 -6.68
C GLN A 151 -5.78 21.36 -5.48
N GLN A 152 -4.67 20.66 -5.22
CA GLN A 152 -4.51 19.73 -4.11
C GLN A 152 -3.07 19.83 -3.60
N ILE A 153 -2.85 19.77 -2.28
CA ILE A 153 -1.51 19.66 -1.69
C ILE A 153 -1.49 18.59 -0.60
N SER A 154 -0.50 17.70 -0.67
CA SER A 154 -0.29 16.60 0.28
C SER A 154 1.18 16.56 0.74
N VAL A 155 1.49 17.02 1.96
CA VAL A 155 2.86 17.11 2.50
C VAL A 155 3.05 16.19 3.71
N SER A 156 4.21 15.53 3.76
CA SER A 156 4.53 14.48 4.73
C SER A 156 5.93 14.66 5.35
N LEU A 157 6.03 14.35 6.64
CA LEU A 157 7.25 14.37 7.45
C LEU A 157 8.21 13.19 7.23
N ALA A 158 7.74 12.13 6.59
CA ALA A 158 8.46 10.87 6.39
C ALA A 158 9.82 11.09 5.72
N GLU A 159 9.85 11.91 4.67
CA GLU A 159 11.06 12.39 3.99
C GLU A 159 11.15 13.93 4.05
N GLY A 160 10.04 14.62 4.40
CA GLY A 160 9.93 16.09 4.34
C GLY A 160 9.48 16.56 2.96
N THR A 161 8.56 15.84 2.30
CA THR A 161 8.20 16.05 0.88
C THR A 161 6.71 16.19 0.66
N ALA A 162 6.36 16.99 -0.35
CA ALA A 162 5.01 17.31 -0.76
C ALA A 162 4.74 16.92 -2.23
N THR A 163 3.64 16.21 -2.48
CA THR A 163 3.10 15.97 -3.82
C THR A 163 1.89 16.89 -3.98
N VAL A 164 1.91 17.74 -5.00
CA VAL A 164 0.93 18.82 -5.15
C VAL A 164 0.55 19.01 -6.62
N LEU A 165 -0.76 19.21 -6.85
CA LEU A 165 -1.37 19.40 -8.16
C LEU A 165 -1.55 20.90 -8.38
N TYR A 166 -0.83 21.44 -9.38
CA TYR A 166 -0.92 22.84 -9.78
C TYR A 166 -1.48 23.01 -11.20
N ASN A 167 -2.05 24.18 -11.48
CA ASN A 167 -2.53 24.54 -12.80
C ASN A 167 -1.46 25.38 -13.54
N PRO A 168 -0.83 24.84 -14.60
CA PRO A 168 0.32 25.47 -15.24
C PRO A 168 -0.08 26.66 -16.11
N ALA A 169 -1.37 26.83 -16.45
CA ALA A 169 -1.87 28.05 -17.11
C ALA A 169 -1.96 29.26 -16.15
N VAL A 170 -1.94 29.02 -14.84
CA VAL A 170 -2.21 30.01 -13.78
C VAL A 170 -1.01 30.26 -12.86
N ILE A 171 -0.18 29.24 -12.57
CA ILE A 171 0.94 29.34 -11.61
C ILE A 171 2.16 28.49 -12.03
N SER A 172 3.35 28.87 -11.59
CA SER A 172 4.63 28.17 -11.82
C SER A 172 5.07 27.36 -10.59
N PRO A 173 5.82 26.25 -10.76
CA PRO A 173 6.49 25.56 -9.65
C PRO A 173 7.33 26.47 -8.75
N GLU A 174 7.94 27.53 -9.30
CA GLU A 174 8.75 28.48 -8.50
C GLU A 174 7.87 29.39 -7.64
N GLU A 175 6.61 29.59 -8.03
CA GLU A 175 5.60 30.30 -7.24
C GLU A 175 5.07 29.43 -6.09
N LEU A 176 4.90 28.11 -6.32
CA LEU A 176 4.60 27.14 -5.25
C LEU A 176 5.71 27.22 -4.20
N ARG A 177 6.96 27.04 -4.64
CA ARG A 177 8.18 27.17 -3.84
C ARG A 177 8.23 28.50 -3.08
N ALA A 178 8.03 29.61 -3.79
CA ALA A 178 8.01 30.95 -3.21
C ALA A 178 6.88 31.17 -2.20
N ALA A 179 5.76 30.44 -2.27
CA ALA A 179 4.66 30.61 -1.30
C ALA A 179 5.04 30.07 0.10
N ILE A 180 5.89 29.04 0.14
CA ILE A 180 6.53 28.54 1.37
C ILE A 180 7.62 29.51 1.86
N GLU A 181 8.39 30.11 0.95
CA GLU A 181 9.37 31.15 1.31
C GLU A 181 8.68 32.42 1.89
N ASP A 182 7.54 32.81 1.31
CA ASP A 182 6.65 33.91 1.75
C ASP A 182 5.91 33.61 3.07
N MET A 183 5.72 32.32 3.39
CA MET A 183 5.19 31.84 4.67
C MET A 183 6.25 31.94 5.78
N GLY A 184 7.50 31.58 5.44
CA GLY A 184 8.68 31.74 6.30
C GLY A 184 9.49 30.47 6.55
N PHE A 185 9.58 29.58 5.56
CA PHE A 185 10.35 28.33 5.61
C PHE A 185 11.25 28.25 4.35
N GLU A 186 11.61 27.05 3.89
CA GLU A 186 12.27 26.85 2.60
C GLU A 186 11.67 25.67 1.83
N ALA A 187 11.69 25.77 0.51
CA ALA A 187 11.17 24.79 -0.42
C ALA A 187 12.12 24.53 -1.60
N SER A 188 12.07 23.32 -2.15
CA SER A 188 12.90 22.88 -3.27
C SER A 188 12.10 22.01 -4.25
N VAL A 189 12.05 22.41 -5.52
CA VAL A 189 11.29 21.73 -6.58
C VAL A 189 12.10 20.57 -7.17
N VAL A 190 12.11 19.47 -6.41
CA VAL A 190 12.69 18.19 -6.82
C VAL A 190 11.93 17.56 -8.01
N VAL A 20 -1.98 -10.10 0.29
CA VAL A 20 -2.67 -10.04 1.60
C VAL A 20 -2.68 -11.37 2.32
N THR A 21 -2.92 -11.29 3.64
CA THR A 21 -2.99 -12.43 4.56
C THR A 21 -4.44 -12.83 4.81
N LEU A 22 -4.67 -14.14 4.92
CA LEU A 22 -5.97 -14.78 5.13
C LEU A 22 -5.88 -16.01 6.03
N GLN A 23 -6.93 -16.28 6.81
CA GLN A 23 -7.04 -17.47 7.67
C GLN A 23 -7.80 -18.60 7.00
N LEU A 24 -7.18 -19.77 7.05
CA LEU A 24 -7.79 -21.03 6.68
C LEU A 24 -7.32 -22.16 7.59
N ARG A 25 -8.25 -23.04 7.94
CA ARG A 25 -7.96 -24.29 8.63
C ARG A 25 -7.91 -25.43 7.62
N ILE A 26 -6.77 -26.10 7.56
CA ILE A 26 -6.62 -27.35 6.79
C ILE A 26 -7.06 -28.52 7.66
N ASP A 27 -7.82 -29.44 7.09
CA ASP A 27 -8.20 -30.72 7.70
C ASP A 27 -7.27 -31.82 7.17
N GLY A 28 -6.92 -32.79 8.01
CA GLY A 28 -6.10 -33.93 7.61
C GLY A 28 -4.60 -33.62 7.53
N MET A 29 -4.21 -32.35 7.75
CA MET A 29 -2.81 -31.92 7.84
C MET A 29 -2.19 -32.39 9.14
N HIS A 30 -2.70 -31.91 10.28
CA HIS A 30 -2.23 -32.15 11.66
C HIS A 30 -0.76 -31.75 11.94
N CYS A 31 0.05 -31.47 10.92
CA CYS A 31 1.49 -31.31 11.00
C CYS A 31 2.08 -30.63 9.76
N LYS A 32 3.24 -29.98 9.92
CA LYS A 32 3.97 -29.36 8.81
C LYS A 32 4.19 -30.32 7.64
N SER A 33 4.34 -31.62 7.88
CA SER A 33 4.67 -32.62 6.86
C SER A 33 3.60 -32.68 5.75
N CYS A 34 2.31 -32.50 6.07
CA CYS A 34 1.25 -32.48 5.08
C CYS A 34 1.19 -31.20 4.25
N VAL A 35 1.81 -30.11 4.71
CA VAL A 35 1.94 -28.85 3.96
C VAL A 35 2.98 -28.91 2.83
N LEU A 36 3.79 -29.98 2.72
CA LEU A 36 4.83 -30.12 1.68
C LEU A 36 4.27 -29.99 0.26
N ASN A 37 3.38 -30.90 -0.16
CA ASN A 37 2.72 -30.82 -1.47
C ASN A 37 2.04 -29.47 -1.69
N ILE A 38 1.50 -28.85 -0.63
CA ILE A 38 0.91 -27.51 -0.67
C ILE A 38 1.98 -26.46 -1.02
N GLU A 39 3.13 -26.44 -0.34
CA GLU A 39 4.25 -25.56 -0.66
C GLU A 39 4.83 -25.81 -2.07
N GLU A 40 4.81 -27.05 -2.57
CA GLU A 40 5.21 -27.40 -3.94
C GLU A 40 4.26 -26.77 -4.98
N ASN A 41 2.96 -27.03 -4.86
CA ASN A 41 1.93 -26.68 -5.85
C ASN A 41 1.42 -25.25 -5.76
N ILE A 42 1.36 -24.70 -4.55
CA ILE A 42 0.66 -23.44 -4.27
C ILE A 42 1.66 -22.30 -4.08
N GLY A 43 1.49 -21.28 -4.93
CA GLY A 43 2.33 -20.08 -5.00
C GLY A 43 2.90 -19.81 -6.40
N GLN A 44 3.11 -20.86 -7.19
CA GLN A 44 3.53 -20.75 -8.60
C GLN A 44 2.38 -20.40 -9.54
N LEU A 45 1.18 -20.26 -8.98
CA LEU A 45 -0.10 -20.01 -9.63
C LEU A 45 -0.30 -18.52 -10.00
N LEU A 46 -1.49 -18.17 -10.48
CA LEU A 46 -1.85 -16.84 -10.99
C LEU A 46 -1.86 -15.78 -9.87
N GLY A 47 -2.92 -15.74 -9.06
CA GLY A 47 -3.04 -14.79 -7.94
C GLY A 47 -2.55 -15.35 -6.61
N VAL A 48 -2.53 -16.66 -6.37
CA VAL A 48 -1.85 -17.20 -5.17
C VAL A 48 -0.35 -17.21 -5.45
N GLN A 49 0.38 -16.33 -4.76
CA GLN A 49 1.78 -16.02 -5.02
C GLN A 49 2.72 -16.67 -4.01
N SER A 50 2.29 -16.84 -2.76
CA SER A 50 3.01 -17.65 -1.76
C SER A 50 2.09 -18.34 -0.74
N ILE A 51 2.66 -19.18 0.13
CA ILE A 51 1.96 -19.93 1.19
C ILE A 51 2.86 -20.06 2.45
N GLN A 52 2.31 -19.86 3.65
CA GLN A 52 3.02 -20.03 4.93
C GLN A 52 2.10 -20.65 6.01
N VAL A 53 2.54 -20.86 7.25
CA VAL A 53 1.79 -21.65 8.26
C VAL A 53 1.83 -21.07 9.68
N SER A 54 0.73 -21.29 10.42
CA SER A 54 0.50 -20.76 11.77
C SER A 54 0.05 -21.90 12.71
N LEU A 55 0.90 -22.93 12.83
CA LEU A 55 0.61 -24.23 13.46
C LEU A 55 0.34 -24.19 14.96
N GLU A 56 0.83 -23.16 15.65
CA GLU A 56 0.47 -22.88 17.06
C GLU A 56 -1.04 -22.68 17.24
N ASN A 57 -1.74 -22.18 16.20
CA ASN A 57 -3.17 -21.92 16.17
C ASN A 57 -3.90 -22.71 15.06
N LYS A 58 -3.25 -23.72 14.43
CA LYS A 58 -3.86 -24.72 13.54
C LYS A 58 -4.28 -24.20 12.14
N THR A 59 -3.98 -22.93 11.81
CA THR A 59 -4.27 -22.33 10.50
C THR A 59 -3.05 -22.39 9.61
N ALA A 60 -3.31 -22.43 8.31
CA ALA A 60 -2.34 -22.18 7.26
C ALA A 60 -2.62 -20.76 6.75
N GLN A 61 -1.63 -20.12 6.15
CA GLN A 61 -1.67 -18.71 5.84
C GLN A 61 -1.37 -18.47 4.36
N VAL A 62 -2.36 -18.01 3.61
CA VAL A 62 -2.26 -17.87 2.15
C VAL A 62 -1.91 -16.42 1.81
N LYS A 63 -0.97 -16.26 0.88
CA LYS A 63 -0.32 -15.00 0.52
C LYS A 63 -0.66 -14.73 -0.95
N TYR A 64 -1.86 -14.16 -1.16
CA TYR A 64 -2.45 -14.01 -2.50
C TYR A 64 -2.65 -12.54 -2.88
N ASP A 65 -2.66 -12.30 -4.18
CA ASP A 65 -2.87 -11.03 -4.85
C ASP A 65 -4.35 -10.93 -5.27
N PRO A 66 -5.16 -10.07 -4.62
CA PRO A 66 -6.58 -9.91 -4.93
C PRO A 66 -6.85 -9.27 -6.30
N SER A 67 -5.81 -8.87 -7.05
CA SER A 67 -5.97 -8.39 -8.43
C SER A 67 -6.11 -9.56 -9.43
N CYS A 68 -5.70 -10.78 -9.05
CA CYS A 68 -5.67 -11.96 -9.91
C CYS A 68 -6.48 -13.17 -9.39
N THR A 69 -6.86 -13.21 -8.11
CA THR A 69 -7.75 -14.24 -7.53
C THR A 69 -8.62 -13.65 -6.42
N SER A 70 -9.41 -14.50 -5.76
CA SER A 70 -10.33 -14.17 -4.66
C SER A 70 -10.53 -15.42 -3.77
N PRO A 71 -10.91 -15.27 -2.48
CA PRO A 71 -10.90 -16.37 -1.51
C PRO A 71 -11.65 -17.64 -1.95
N VAL A 72 -12.94 -17.60 -2.29
CA VAL A 72 -13.67 -18.84 -2.63
C VAL A 72 -13.07 -19.55 -3.85
N ALA A 73 -12.61 -18.79 -4.85
CA ALA A 73 -12.01 -19.30 -6.08
C ALA A 73 -10.62 -19.92 -5.85
N LEU A 74 -9.80 -19.29 -5.01
CA LEU A 74 -8.47 -19.80 -4.64
C LEU A 74 -8.57 -21.04 -3.76
N GLN A 75 -9.55 -21.04 -2.86
CA GLN A 75 -9.79 -22.11 -1.89
C GLN A 75 -10.29 -23.39 -2.56
N ARG A 76 -11.20 -23.27 -3.54
CA ARG A 76 -11.71 -24.39 -4.34
C ARG A 76 -10.59 -25.27 -4.94
N ALA A 77 -9.45 -24.68 -5.35
CA ALA A 77 -8.30 -25.44 -5.86
C ALA A 77 -7.58 -26.23 -4.76
N ILE A 78 -7.04 -25.55 -3.75
CA ILE A 78 -6.31 -26.13 -2.60
C ILE A 78 -7.13 -27.09 -1.73
N GLU A 79 -8.47 -27.01 -1.78
CA GLU A 79 -9.40 -27.97 -1.18
C GLU A 79 -9.36 -29.36 -1.87
N ALA A 80 -8.97 -29.43 -3.15
CA ALA A 80 -8.77 -30.68 -3.92
C ALA A 80 -7.38 -30.78 -4.58
N LEU A 81 -6.39 -30.09 -3.99
CA LEU A 81 -4.96 -30.18 -4.26
C LEU A 81 -4.44 -31.64 -4.16
N PRO A 82 -4.62 -32.35 -3.02
CA PRO A 82 -4.30 -33.77 -2.89
C PRO A 82 -5.45 -34.66 -3.41
N PRO A 83 -5.31 -36.01 -3.35
CA PRO A 83 -6.40 -36.96 -3.58
C PRO A 83 -7.43 -36.96 -2.41
N GLY A 84 -8.00 -35.80 -2.10
CA GLY A 84 -8.97 -35.59 -1.00
C GLY A 84 -8.36 -35.76 0.40
N ASN A 85 -7.03 -35.74 0.52
CA ASN A 85 -6.31 -36.14 1.73
C ASN A 85 -6.21 -34.99 2.75
N PHE A 86 -6.10 -33.77 2.22
CA PHE A 86 -6.10 -32.50 2.93
C PHE A 86 -7.25 -31.66 2.38
N LYS A 87 -8.09 -31.11 3.26
CA LYS A 87 -9.28 -30.30 2.91
C LYS A 87 -9.17 -28.90 3.51
N VAL A 88 -10.08 -27.96 3.19
CA VAL A 88 -10.00 -26.59 3.74
C VAL A 88 -11.33 -26.09 4.30
N SER A 89 -11.28 -25.54 5.52
CA SER A 89 -12.42 -24.92 6.20
C SER A 89 -12.15 -23.44 6.47
N LEU A 90 -12.99 -22.60 5.88
CA LEU A 90 -13.02 -21.15 6.11
C LEU A 90 -14.14 -20.77 7.11
N THR A 120 -3.90 22.36 -18.42
CA THR A 120 -4.46 22.95 -17.19
C THR A 120 -4.16 22.15 -15.92
N CYS A 121 -3.30 21.13 -15.99
CA CYS A 121 -3.11 20.12 -14.95
C CYS A 121 -1.73 19.44 -15.00
N SER A 122 -0.93 19.60 -13.94
CA SER A 122 0.39 18.96 -13.79
C SER A 122 0.66 18.61 -12.33
N THR A 123 1.36 17.49 -12.08
CA THR A 123 1.76 17.06 -10.74
C THR A 123 3.19 17.51 -10.46
N THR A 124 3.49 17.97 -9.25
CA THR A 124 4.84 18.31 -8.81
C THR A 124 5.04 17.95 -7.34
N LEU A 125 6.29 17.63 -7.00
CA LEU A 125 6.77 17.22 -5.66
C LEU A 125 7.79 18.23 -5.13
N ILE A 126 7.76 18.52 -3.82
CA ILE A 126 8.50 19.60 -3.15
C ILE A 126 9.19 19.09 -1.87
N ALA A 127 10.45 19.46 -1.65
CA ALA A 127 11.20 19.24 -0.42
C ALA A 127 11.23 20.53 0.44
N ILE A 128 10.87 20.45 1.73
CA ILE A 128 10.79 21.64 2.62
C ILE A 128 11.71 21.49 3.83
N ALA A 129 12.69 22.37 3.98
CA ALA A 129 13.59 22.44 5.14
C ALA A 129 13.04 23.39 6.21
N GLY A 130 11.82 23.12 6.65
CA GLY A 130 11.14 23.82 7.74
C GLY A 130 9.98 23.01 8.29
N MET A 131 10.25 21.76 8.65
CA MET A 131 9.23 20.82 9.15
C MET A 131 9.81 19.89 10.21
N THR A 132 8.97 19.54 11.19
CA THR A 132 9.42 18.86 12.42
C THR A 132 8.26 18.21 13.17
N CYS A 133 7.13 18.91 13.30
CA CYS A 133 5.92 18.44 13.97
C CYS A 133 4.78 18.30 12.95
N ALA A 134 3.82 17.40 13.17
CA ALA A 134 2.65 17.27 12.30
C ALA A 134 1.77 18.54 12.25
N SER A 135 1.79 19.38 13.28
CA SER A 135 1.16 20.71 13.24
C SER A 135 1.74 21.63 12.14
N CYS A 136 2.97 21.38 11.65
CA CYS A 136 3.51 22.03 10.46
C CYS A 136 2.67 21.74 9.21
N VAL A 137 2.02 20.58 9.13
CA VAL A 137 1.17 20.18 7.99
C VAL A 137 0.05 21.19 7.81
N HIS A 138 -0.74 21.45 8.87
CA HIS A 138 -1.92 22.30 8.72
C HIS A 138 -1.54 23.74 8.33
N SER A 139 -0.32 24.18 8.67
CA SER A 139 0.26 25.44 8.22
C SER A 139 0.62 25.39 6.72
N ILE A 140 1.51 24.48 6.30
CA ILE A 140 2.06 24.40 4.92
C ILE A 140 1.02 23.97 3.89
N GLU A 141 0.18 22.98 4.21
CA GLU A 141 -0.99 22.62 3.40
C GLU A 141 -1.89 23.84 3.22
N GLY A 142 -1.99 24.73 4.22
CA GLY A 142 -2.69 26.02 4.14
C GLY A 142 -1.98 27.04 3.26
N MET A 143 -0.65 27.11 3.18
CA MET A 143 0.04 27.99 2.20
C MET A 143 -0.47 27.71 0.79
N ILE A 144 -0.53 26.42 0.41
CA ILE A 144 -1.00 25.98 -0.90
C ILE A 144 -2.53 26.07 -1.04
N SER A 145 -3.28 25.51 -0.09
CA SER A 145 -4.74 25.34 -0.20
C SER A 145 -5.56 26.65 -0.10
N GLN A 146 -4.93 27.79 0.18
CA GLN A 146 -5.56 29.12 0.23
C GLN A 146 -5.66 29.85 -1.11
N LEU A 147 -4.84 29.51 -2.10
CA LEU A 147 -4.68 30.30 -3.33
C LEU A 147 -5.46 29.76 -4.54
N GLU A 148 -5.02 30.08 -5.76
CA GLU A 148 -5.58 29.60 -7.03
C GLU A 148 -4.57 28.78 -7.83
N GLY A 149 -5.11 27.84 -8.61
CA GLY A 149 -4.34 26.80 -9.31
C GLY A 149 -4.04 25.55 -8.47
N VAL A 150 -4.76 25.31 -7.37
CA VAL A 150 -4.55 24.23 -6.38
C VAL A 150 -5.69 23.19 -6.43
N GLN A 151 -5.47 22.08 -7.15
CA GLN A 151 -6.51 21.06 -7.35
C GLN A 151 -6.50 19.99 -6.24
N GLN A 152 -5.32 19.46 -5.92
CA GLN A 152 -5.08 18.61 -4.75
C GLN A 152 -3.71 18.95 -4.17
N ILE A 153 -3.54 18.88 -2.85
CA ILE A 153 -2.22 18.93 -2.21
C ILE A 153 -2.15 17.94 -1.04
N SER A 154 -0.98 17.34 -0.87
CA SER A 154 -0.63 16.34 0.15
C SER A 154 0.78 16.60 0.67
N VAL A 155 1.07 16.26 1.93
CA VAL A 155 2.42 16.25 2.51
C VAL A 155 2.66 15.01 3.37
N SER A 156 3.87 14.47 3.26
CA SER A 156 4.38 13.32 3.99
C SER A 156 5.64 13.75 4.75
N LEU A 157 5.42 14.44 5.87
CA LEU A 157 6.44 14.99 6.77
C LEU A 157 7.45 13.93 7.24
N ALA A 158 6.98 12.68 7.29
CA ALA A 158 7.76 11.44 7.44
C ALA A 158 9.04 11.43 6.59
N GLU A 159 8.89 11.73 5.29
CA GLU A 159 9.96 11.89 4.31
C GLU A 159 10.44 13.34 4.24
N GLY A 160 9.55 14.29 4.54
CA GLY A 160 9.77 15.74 4.46
C GLY A 160 9.34 16.33 3.12
N THR A 161 8.36 15.70 2.43
CA THR A 161 8.02 16.03 1.05
C THR A 161 6.53 16.21 0.83
N ALA A 162 6.17 17.21 0.04
CA ALA A 162 4.81 17.48 -0.41
C ALA A 162 4.62 17.11 -1.89
N THR A 163 3.42 16.65 -2.28
CA THR A 163 3.05 16.40 -3.68
C THR A 163 1.70 17.05 -3.96
N VAL A 164 1.61 17.76 -5.09
CA VAL A 164 0.49 18.64 -5.42
C VAL A 164 0.14 18.54 -6.90
N LEU A 165 -1.17 18.62 -7.19
CA LEU A 165 -1.74 18.76 -8.53
C LEU A 165 -2.02 20.26 -8.74
N TYR A 166 -1.15 20.90 -9.52
CA TYR A 166 -1.21 22.34 -9.80
C TYR A 166 -1.64 22.64 -11.25
N ASN A 167 -2.18 23.84 -11.48
CA ASN A 167 -2.54 24.33 -12.81
C ASN A 167 -1.45 25.28 -13.36
N PRO A 168 -0.69 24.87 -14.39
CA PRO A 168 0.48 25.60 -14.87
C PRO A 168 0.13 26.86 -15.68
N ALA A 169 -1.14 27.04 -16.07
CA ALA A 169 -1.65 28.28 -16.69
C ALA A 169 -1.99 29.37 -15.65
N VAL A 170 -2.02 29.03 -14.37
CA VAL A 170 -2.45 29.91 -13.26
C VAL A 170 -1.33 30.12 -12.23
N ILE A 171 -0.60 29.06 -11.86
CA ILE A 171 0.46 29.12 -10.84
C ILE A 171 1.73 28.39 -11.30
N SER A 172 2.89 28.92 -10.94
CA SER A 172 4.20 28.34 -11.24
C SER A 172 4.77 27.51 -10.07
N PRO A 173 5.60 26.47 -10.31
CA PRO A 173 6.39 25.82 -9.27
C PRO A 173 7.23 26.82 -8.45
N GLU A 174 7.66 27.93 -9.07
CA GLU A 174 8.36 29.00 -8.33
C GLU A 174 7.45 29.73 -7.33
N GLU A 175 6.14 29.83 -7.60
CA GLU A 175 5.15 30.40 -6.69
C GLU A 175 4.84 29.47 -5.50
N LEU A 176 4.92 28.15 -5.71
CA LEU A 176 4.81 27.14 -4.65
C LEU A 176 5.93 27.35 -3.62
N ARG A 177 7.19 27.40 -4.10
CA ARG A 177 8.36 27.70 -3.27
C ARG A 177 8.23 29.06 -2.57
N ALA A 178 7.87 30.11 -3.32
CA ALA A 178 7.75 31.47 -2.79
C ALA A 178 6.72 31.59 -1.66
N ALA A 179 5.67 30.75 -1.61
CA ALA A 179 4.66 30.81 -0.55
C ALA A 179 5.24 30.39 0.82
N ILE A 180 6.08 29.35 0.86
CA ILE A 180 6.76 28.89 2.07
C ILE A 180 7.86 29.89 2.50
N GLU A 181 8.59 30.44 1.53
CA GLU A 181 9.59 31.47 1.78
C GLU A 181 8.98 32.80 2.29
N ASP A 182 7.70 33.07 2.02
CA ASP A 182 6.96 34.22 2.59
C ASP A 182 6.57 34.04 4.07
N MET A 183 6.51 32.79 4.55
CA MET A 183 6.25 32.50 5.97
C MET A 183 7.56 32.62 6.77
N GLY A 184 8.61 31.96 6.28
CA GLY A 184 9.97 32.01 6.84
C GLY A 184 10.60 30.65 7.04
N PHE A 185 10.58 29.84 5.99
CA PHE A 185 11.26 28.53 5.89
C PHE A 185 11.92 28.43 4.50
N GLU A 186 12.37 27.25 4.07
CA GLU A 186 12.89 27.02 2.73
C GLU A 186 12.17 25.84 2.08
N ALA A 187 11.70 26.08 0.86
CA ALA A 187 11.12 25.07 -0.02
C ALA A 187 11.98 24.95 -1.28
N SER A 188 12.02 23.76 -1.86
CA SER A 188 12.66 23.49 -3.14
C SER A 188 11.81 22.50 -3.93
N VAL A 189 11.58 22.79 -5.21
CA VAL A 189 10.77 21.92 -6.07
C VAL A 189 11.64 20.80 -6.65
N VAL A 190 11.25 19.56 -6.36
CA VAL A 190 12.00 18.33 -6.67
C VAL A 190 11.22 17.49 -7.70
N VAL A 20 -2.29 -9.64 -0.48
CA VAL A 20 -3.35 -9.67 0.51
C VAL A 20 -3.36 -11.04 1.19
N THR A 21 -3.89 -11.06 2.42
CA THR A 21 -3.82 -12.22 3.32
C THR A 21 -5.23 -12.68 3.68
N LEU A 22 -5.36 -13.98 3.97
CA LEU A 22 -6.58 -14.59 4.48
C LEU A 22 -6.32 -15.68 5.53
N GLN A 23 -7.40 -16.22 6.09
CA GLN A 23 -7.38 -17.29 7.09
C GLN A 23 -7.96 -18.59 6.57
N LEU A 24 -7.25 -19.66 6.92
CA LEU A 24 -7.73 -21.03 6.75
C LEU A 24 -7.24 -21.99 7.82
N ARG A 25 -8.12 -22.90 8.23
CA ARG A 25 -7.81 -24.05 9.07
C ARG A 25 -7.79 -25.30 8.20
N ILE A 26 -6.61 -25.90 8.01
CA ILE A 26 -6.45 -27.16 7.25
C ILE A 26 -6.71 -28.36 8.16
N ASP A 27 -7.39 -29.39 7.67
CA ASP A 27 -7.64 -30.65 8.38
C ASP A 27 -6.66 -31.74 7.93
N GLY A 28 -5.93 -32.32 8.90
CA GLY A 28 -4.97 -33.41 8.68
C GLY A 28 -3.50 -33.03 8.93
N MET A 29 -3.20 -31.75 9.10
CA MET A 29 -1.84 -31.20 9.34
C MET A 29 -1.08 -31.75 10.57
N HIS A 30 -1.70 -32.56 11.42
CA HIS A 30 -1.00 -33.33 12.47
C HIS A 30 0.11 -34.27 11.89
N CYS A 31 -0.01 -34.66 10.62
CA CYS A 31 1.06 -35.31 9.87
C CYS A 31 1.77 -34.24 9.03
N LYS A 32 3.07 -34.00 9.24
CA LYS A 32 3.81 -32.92 8.54
C LYS A 32 3.77 -33.03 7.00
N SER A 33 3.64 -34.26 6.48
CA SER A 33 3.39 -34.52 5.06
C SER A 33 2.19 -33.79 4.44
N CYS A 34 1.16 -33.46 5.22
CA CYS A 34 -0.02 -32.73 4.75
C CYS A 34 0.36 -31.34 4.23
N VAL A 35 1.10 -30.56 5.01
CA VAL A 35 1.48 -29.19 4.62
C VAL A 35 2.58 -29.15 3.54
N LEU A 36 3.45 -30.18 3.49
CA LEU A 36 4.60 -30.23 2.59
C LEU A 36 4.18 -30.07 1.12
N ASN A 37 3.28 -30.92 0.64
CA ASN A 37 2.81 -30.87 -0.76
C ASN A 37 2.05 -29.57 -1.06
N ILE A 38 1.29 -29.02 -0.10
CA ILE A 38 0.69 -27.67 -0.21
C ILE A 38 1.78 -26.60 -0.41
N GLU A 39 2.85 -26.61 0.40
CA GLU A 39 3.96 -25.64 0.34
C GLU A 39 4.71 -25.68 -1.00
N GLU A 40 4.84 -26.87 -1.61
CA GLU A 40 5.49 -27.00 -2.91
C GLU A 40 4.67 -26.36 -4.05
N ASN A 41 3.34 -26.54 -4.04
CA ASN A 41 2.46 -26.16 -5.15
C ASN A 41 1.88 -24.74 -5.06
N ILE A 42 1.64 -24.19 -3.87
CA ILE A 42 0.92 -22.91 -3.72
C ILE A 42 1.93 -21.77 -3.59
N GLY A 43 1.87 -20.84 -4.55
CA GLY A 43 2.87 -19.79 -4.78
C GLY A 43 3.28 -19.64 -6.26
N GLN A 44 2.82 -20.58 -7.11
CA GLN A 44 3.06 -20.63 -8.57
C GLN A 44 1.86 -20.11 -9.39
N LEU A 45 0.70 -19.97 -8.73
CA LEU A 45 -0.61 -19.75 -9.34
C LEU A 45 -0.81 -18.29 -9.74
N LEU A 46 -1.60 -18.08 -10.79
CA LEU A 46 -2.14 -16.80 -11.30
C LEU A 46 -2.09 -15.66 -10.29
N GLY A 47 -2.83 -15.76 -9.17
CA GLY A 47 -2.85 -14.75 -8.12
C GLY A 47 -2.31 -15.19 -6.75
N VAL A 48 -1.51 -16.26 -6.62
CA VAL A 48 -0.81 -16.57 -5.36
C VAL A 48 0.71 -16.48 -5.57
N GLN A 49 1.36 -15.56 -4.85
CA GLN A 49 2.81 -15.34 -4.94
C GLN A 49 3.59 -16.17 -3.92
N SER A 50 3.11 -16.33 -2.69
CA SER A 50 3.80 -17.13 -1.66
C SER A 50 2.86 -17.83 -0.67
N ILE A 51 3.38 -18.78 0.10
CA ILE A 51 2.65 -19.54 1.13
C ILE A 51 3.36 -19.48 2.50
N GLN A 52 2.58 -19.46 3.58
CA GLN A 52 3.00 -19.22 4.97
C GLN A 52 2.19 -20.13 5.92
N VAL A 53 2.67 -20.39 7.14
CA VAL A 53 2.05 -21.35 8.08
C VAL A 53 2.08 -20.84 9.53
N SER A 54 1.04 -21.14 10.30
CA SER A 54 0.78 -20.57 11.64
C SER A 54 0.27 -21.67 12.62
N LEU A 55 1.09 -22.71 12.81
CA LEU A 55 0.78 -23.97 13.51
C LEU A 55 0.39 -23.82 14.98
N GLU A 56 0.88 -22.81 15.70
CA GLU A 56 0.48 -22.53 17.09
C GLU A 56 -1.01 -22.18 17.23
N ASN A 57 -1.65 -21.77 16.12
CA ASN A 57 -3.09 -21.51 16.00
C ASN A 57 -3.80 -22.49 15.03
N LYS A 58 -3.06 -23.46 14.45
CA LYS A 58 -3.54 -24.43 13.46
C LYS A 58 -4.14 -23.75 12.20
N THR A 59 -3.76 -22.49 11.94
CA THR A 59 -4.08 -21.76 10.71
C THR A 59 -2.90 -21.87 9.76
N ALA A 60 -3.21 -21.78 8.48
CA ALA A 60 -2.24 -21.62 7.41
C ALA A 60 -2.51 -20.25 6.75
N GLN A 61 -1.50 -19.66 6.11
CA GLN A 61 -1.55 -18.29 5.63
C GLN A 61 -1.17 -18.26 4.15
N VAL A 62 -1.99 -17.64 3.31
CA VAL A 62 -1.71 -17.52 1.87
C VAL A 62 -1.56 -16.05 1.47
N LYS A 63 -0.53 -15.78 0.68
CA LYS A 63 -0.08 -14.45 0.27
C LYS A 63 -0.50 -14.29 -1.21
N TYR A 64 -1.79 -14.00 -1.36
CA TYR A 64 -2.52 -13.95 -2.64
C TYR A 64 -2.66 -12.48 -3.10
N ASP A 65 -3.19 -12.17 -4.28
CA ASP A 65 -3.56 -10.79 -4.64
C ASP A 65 -5.04 -10.68 -5.05
N PRO A 66 -5.74 -9.58 -4.68
CA PRO A 66 -7.17 -9.45 -4.88
C PRO A 66 -7.54 -9.00 -6.31
N SER A 67 -6.57 -8.88 -7.22
CA SER A 67 -6.84 -8.49 -8.60
C SER A 67 -7.17 -9.73 -9.45
N CYS A 68 -6.35 -10.78 -9.35
CA CYS A 68 -6.40 -11.94 -10.26
C CYS A 68 -7.11 -13.19 -9.71
N THR A 69 -7.33 -13.29 -8.39
CA THR A 69 -7.98 -14.42 -7.73
C THR A 69 -8.80 -13.97 -6.54
N SER A 70 -9.42 -14.90 -5.82
CA SER A 70 -10.32 -14.64 -4.70
C SER A 70 -10.54 -15.89 -3.82
N PRO A 71 -10.96 -15.76 -2.55
CA PRO A 71 -11.09 -16.85 -1.60
C PRO A 71 -11.80 -18.12 -2.10
N VAL A 72 -12.93 -18.01 -2.83
CA VAL A 72 -13.66 -19.20 -3.31
C VAL A 72 -12.91 -19.94 -4.42
N ALA A 73 -12.21 -19.21 -5.29
CA ALA A 73 -11.35 -19.77 -6.33
C ALA A 73 -10.14 -20.49 -5.72
N LEU A 74 -9.54 -19.87 -4.69
CA LEU A 74 -8.42 -20.44 -3.95
C LEU A 74 -8.83 -21.69 -3.16
N GLN A 75 -9.94 -21.66 -2.42
CA GLN A 75 -10.43 -22.82 -1.68
C GLN A 75 -10.65 -24.02 -2.62
N ARG A 76 -11.39 -23.81 -3.72
CA ARG A 76 -11.63 -24.81 -4.78
C ARG A 76 -10.33 -25.41 -5.34
N ALA A 77 -9.31 -24.57 -5.59
CA ALA A 77 -8.00 -24.99 -6.11
C ALA A 77 -7.18 -25.78 -5.09
N ILE A 78 -6.87 -25.19 -3.93
CA ILE A 78 -5.90 -25.76 -2.99
C ILE A 78 -6.43 -27.01 -2.28
N GLU A 79 -7.73 -27.08 -2.00
CA GLU A 79 -8.37 -28.26 -1.41
C GLU A 79 -8.44 -29.45 -2.41
N ALA A 80 -8.16 -29.22 -3.70
CA ALA A 80 -8.11 -30.27 -4.72
C ALA A 80 -6.69 -30.61 -5.18
N LEU A 81 -5.66 -30.05 -4.54
CA LEU A 81 -4.27 -30.50 -4.73
C LEU A 81 -4.15 -32.00 -4.40
N PRO A 82 -4.52 -32.46 -3.19
CA PRO A 82 -4.66 -33.88 -2.91
C PRO A 82 -5.89 -34.45 -3.62
N PRO A 83 -6.05 -35.78 -3.64
CA PRO A 83 -7.26 -36.47 -4.10
C PRO A 83 -8.37 -36.36 -3.04
N GLY A 84 -8.72 -35.14 -2.63
CA GLY A 84 -9.74 -34.88 -1.60
C GLY A 84 -9.29 -35.24 -0.17
N ASN A 85 -7.98 -35.22 0.09
CA ASN A 85 -7.36 -35.80 1.31
C ASN A 85 -7.01 -34.81 2.44
N PHE A 86 -7.01 -33.49 2.14
CA PHE A 86 -6.73 -32.42 3.10
C PHE A 86 -7.77 -31.30 2.91
N LYS A 87 -8.63 -31.05 3.88
CA LYS A 87 -9.73 -30.06 3.74
C LYS A 87 -9.31 -28.70 4.27
N VAL A 88 -9.95 -27.62 3.81
CA VAL A 88 -9.78 -26.29 4.40
C VAL A 88 -11.11 -25.68 4.86
N SER A 89 -11.12 -25.07 6.05
CA SER A 89 -12.28 -24.35 6.58
C SER A 89 -12.02 -22.83 6.66
N LEU A 90 -12.88 -22.09 5.97
CA LEU A 90 -12.93 -20.62 5.83
C LEU A 90 -14.14 -20.04 6.62
N THR A 120 -4.43 21.26 -18.59
CA THR A 120 -5.03 22.10 -17.54
C THR A 120 -4.59 21.73 -16.12
N CYS A 121 -3.86 20.62 -15.97
CA CYS A 121 -3.55 19.99 -14.70
C CYS A 121 -2.21 19.23 -14.71
N SER A 122 -1.34 19.52 -13.73
CA SER A 122 -0.03 18.89 -13.56
C SER A 122 0.33 18.70 -12.08
N THR A 123 0.99 17.58 -11.73
CA THR A 123 1.53 17.37 -10.37
C THR A 123 3.03 17.66 -10.34
N THR A 124 3.53 18.21 -9.24
CA THR A 124 4.97 18.29 -8.93
C THR A 124 5.22 18.00 -7.45
N LEU A 125 6.51 17.79 -7.13
CA LEU A 125 7.04 17.42 -5.82
C LEU A 125 7.98 18.51 -5.30
N ILE A 126 7.82 18.91 -4.03
CA ILE A 126 8.58 19.97 -3.33
C ILE A 126 9.28 19.37 -2.11
N ALA A 127 10.55 19.73 -1.86
CA ALA A 127 11.31 19.37 -0.66
C ALA A 127 11.37 20.56 0.32
N ILE A 128 10.95 20.38 1.58
CA ILE A 128 10.89 21.46 2.59
C ILE A 128 11.75 21.14 3.82
N ALA A 129 12.58 22.09 4.26
CA ALA A 129 13.49 21.97 5.41
C ALA A 129 13.15 22.96 6.54
N GLY A 130 11.90 22.92 6.98
CA GLY A 130 11.40 23.67 8.14
C GLY A 130 10.11 23.07 8.65
N MET A 131 10.09 21.77 8.95
CA MET A 131 8.86 21.08 9.34
C MET A 131 9.07 20.20 10.57
N THR A 132 8.05 20.17 11.43
CA THR A 132 8.03 19.54 12.75
C THR A 132 6.58 19.43 13.20
N CYS A 133 6.15 18.21 13.52
CA CYS A 133 4.79 17.85 13.93
C CYS A 133 3.73 17.87 12.81
N ALA A 134 2.64 17.17 13.10
CA ALA A 134 1.42 17.20 12.30
C ALA A 134 0.84 18.61 12.15
N SER A 135 1.00 19.47 13.16
CA SER A 135 0.56 20.87 13.08
C SER A 135 1.33 21.68 12.05
N CYS A 136 2.59 21.35 11.74
CA CYS A 136 3.28 21.98 10.61
C CYS A 136 2.65 21.55 9.27
N VAL A 137 2.41 20.25 9.09
CA VAL A 137 1.70 19.73 7.91
C VAL A 137 0.38 20.47 7.73
N HIS A 138 -0.48 20.48 8.75
CA HIS A 138 -1.81 21.09 8.63
C HIS A 138 -1.77 22.64 8.56
N SER A 139 -0.66 23.26 8.96
CA SER A 139 -0.38 24.69 8.70
C SER A 139 0.01 24.92 7.22
N ILE A 140 0.92 24.13 6.64
CA ILE A 140 1.33 24.26 5.23
C ILE A 140 0.17 23.90 4.29
N GLU A 141 -0.41 22.71 4.46
CA GLU A 141 -1.60 22.20 3.78
C GLU A 141 -2.81 23.17 3.93
N GLY A 142 -2.87 23.90 5.06
CA GLY A 142 -3.85 24.97 5.33
C GLY A 142 -3.58 26.27 4.57
N MET A 143 -2.35 26.79 4.64
CA MET A 143 -1.94 28.06 4.03
C MET A 143 -1.76 28.00 2.51
N ILE A 144 -0.94 27.06 2.03
CA ILE A 144 -0.48 26.98 0.62
C ILE A 144 -1.59 26.58 -0.34
N SER A 145 -2.64 25.97 0.19
CA SER A 145 -3.89 25.67 -0.53
C SER A 145 -4.77 26.89 -0.89
N GLN A 146 -4.37 28.13 -0.55
CA GLN A 146 -5.23 29.33 -0.64
C GLN A 146 -4.70 30.46 -1.55
N LEU A 147 -3.99 30.16 -2.65
CA LEU A 147 -3.30 31.15 -3.49
C LEU A 147 -3.61 31.12 -5.01
N GLU A 148 -4.65 30.37 -5.39
CA GLU A 148 -5.20 30.22 -6.74
C GLU A 148 -4.36 29.34 -7.67
N GLY A 149 -4.95 28.24 -8.15
CA GLY A 149 -4.31 27.28 -9.05
C GLY A 149 -3.72 26.05 -8.36
N VAL A 150 -4.17 25.72 -7.15
CA VAL A 150 -3.72 24.59 -6.29
C VAL A 150 -4.89 23.64 -6.01
N GLN A 151 -5.01 22.58 -6.81
CA GLN A 151 -6.17 21.67 -6.80
C GLN A 151 -6.14 20.73 -5.59
N GLN A 152 -5.06 19.96 -5.44
CA GLN A 152 -4.91 18.89 -4.44
C GLN A 152 -3.49 18.90 -3.90
N ILE A 153 -3.30 18.90 -2.58
CA ILE A 153 -2.01 19.13 -1.91
C ILE A 153 -1.86 18.19 -0.70
N SER A 154 -0.74 17.48 -0.62
CA SER A 154 -0.40 16.59 0.49
C SER A 154 1.09 16.65 0.84
N VAL A 155 1.44 16.84 2.11
CA VAL A 155 2.80 17.05 2.62
C VAL A 155 3.04 16.24 3.89
N SER A 156 4.24 15.66 4.00
CA SER A 156 4.61 14.78 5.12
C SER A 156 6.07 14.93 5.57
N LEU A 157 6.31 14.78 6.87
CA LEU A 157 7.62 14.95 7.50
C LEU A 157 8.63 13.82 7.19
N ALA A 158 8.16 12.61 6.85
CA ALA A 158 8.95 11.38 6.73
C ALA A 158 10.15 11.51 5.79
N GLU A 159 9.95 12.15 4.64
CA GLU A 159 11.02 12.57 3.73
C GLU A 159 11.13 14.11 3.72
N GLY A 160 10.14 14.82 4.28
CA GLY A 160 10.07 16.28 4.31
C GLY A 160 9.62 16.83 2.96
N THR A 161 8.53 16.28 2.40
CA THR A 161 8.12 16.51 1.01
C THR A 161 6.62 16.71 0.81
N ALA A 162 6.28 17.55 -0.17
CA ALA A 162 4.91 17.81 -0.64
C ALA A 162 4.69 17.32 -2.08
N THR A 163 3.52 16.72 -2.36
CA THR A 163 3.01 16.43 -3.70
C THR A 163 1.80 17.32 -3.91
N VAL A 164 1.79 18.10 -4.99
CA VAL A 164 0.74 19.09 -5.23
C VAL A 164 0.38 19.14 -6.72
N LEU A 165 -0.93 19.16 -7.00
CA LEU A 165 -1.57 19.26 -8.30
C LEU A 165 -1.88 20.74 -8.53
N TYR A 166 -1.22 21.35 -9.50
CA TYR A 166 -1.41 22.74 -9.88
C TYR A 166 -2.06 22.91 -11.27
N ASN A 167 -2.59 24.11 -11.52
CA ASN A 167 -3.21 24.54 -12.77
C ASN A 167 -2.18 25.31 -13.63
N PRO A 168 -1.51 24.68 -14.62
CA PRO A 168 -0.36 25.30 -15.30
C PRO A 168 -0.69 26.51 -16.18
N ALA A 169 -1.97 26.78 -16.47
CA ALA A 169 -2.40 28.03 -17.10
C ALA A 169 -2.48 29.20 -16.09
N VAL A 170 -2.65 28.89 -14.80
CA VAL A 170 -2.84 29.85 -13.70
C VAL A 170 -1.52 30.15 -12.99
N ILE A 171 -0.77 29.12 -12.59
CA ILE A 171 0.42 29.26 -11.74
C ILE A 171 1.61 28.43 -12.26
N SER A 172 2.82 28.92 -12.00
CA SER A 172 4.09 28.27 -12.31
C SER A 172 4.68 27.52 -11.10
N PRO A 173 5.32 26.35 -11.28
CA PRO A 173 5.93 25.60 -10.19
C PRO A 173 7.10 26.32 -9.52
N GLU A 174 7.70 27.35 -10.14
CA GLU A 174 8.76 28.14 -9.49
C GLU A 174 8.21 29.01 -8.35
N GLU A 175 6.92 29.37 -8.45
CA GLU A 175 6.17 30.18 -7.49
C GLU A 175 5.76 29.39 -6.23
N LEU A 176 5.73 28.05 -6.30
CA LEU A 176 5.27 27.17 -5.21
C LEU A 176 6.21 27.24 -4.00
N ARG A 177 7.52 26.96 -4.19
CA ARG A 177 8.51 27.03 -3.11
C ARG A 177 8.55 28.41 -2.44
N ALA A 178 8.40 29.47 -3.23
CA ALA A 178 8.41 30.85 -2.76
C ALA A 178 7.27 31.15 -1.76
N ALA A 179 6.14 30.45 -1.84
CA ALA A 179 5.03 30.60 -0.89
C ALA A 179 5.35 30.01 0.50
N ILE A 180 6.12 28.91 0.55
CA ILE A 180 6.65 28.34 1.80
C ILE A 180 7.78 29.21 2.37
N GLU A 181 8.66 29.74 1.51
CA GLU A 181 9.70 30.69 1.92
C GLU A 181 9.11 32.05 2.35
N ASP A 182 7.92 32.43 1.86
CA ASP A 182 7.12 33.57 2.34
C ASP A 182 6.49 33.31 3.71
N MET A 183 6.22 32.04 4.05
CA MET A 183 5.67 31.63 5.36
C MET A 183 6.71 31.71 6.47
N GLY A 184 7.96 31.33 6.14
CA GLY A 184 9.14 31.47 7.01
C GLY A 184 10.10 30.28 7.06
N PHE A 185 9.92 29.30 6.16
CA PHE A 185 10.70 28.06 6.11
C PHE A 185 11.60 28.06 4.85
N GLU A 186 12.15 26.91 4.48
CA GLU A 186 12.94 26.72 3.25
C GLU A 186 12.38 25.59 2.40
N ALA A 187 12.25 25.87 1.10
CA ALA A 187 11.63 25.00 0.11
C ALA A 187 12.44 24.94 -1.19
N SER A 188 12.46 23.76 -1.80
CA SER A 188 13.06 23.50 -3.11
C SER A 188 12.06 22.77 -4.00
N VAL A 189 11.99 23.12 -5.28
CA VAL A 189 11.13 22.41 -6.25
C VAL A 189 11.93 21.24 -6.81
N VAL A 190 11.52 20.03 -6.47
CA VAL A 190 12.20 18.76 -6.78
C VAL A 190 11.36 18.02 -7.82
N VAL A 20 -2.87 -9.76 0.10
CA VAL A 20 -3.63 -9.86 1.36
C VAL A 20 -3.52 -11.25 1.98
N THR A 21 -3.73 -11.30 3.29
CA THR A 21 -3.68 -12.52 4.12
C THR A 21 -5.07 -13.11 4.30
N LEU A 22 -5.11 -14.43 4.49
CA LEU A 22 -6.31 -15.28 4.53
C LEU A 22 -6.15 -16.29 5.66
N GLN A 23 -7.13 -16.41 6.56
CA GLN A 23 -7.03 -17.34 7.68
C GLN A 23 -7.89 -18.59 7.46
N LEU A 24 -7.20 -19.73 7.35
CA LEU A 24 -7.81 -21.00 6.98
C LEU A 24 -7.37 -22.19 7.83
N ARG A 25 -8.35 -23.06 8.09
CA ARG A 25 -8.18 -24.26 8.91
C ARG A 25 -8.24 -25.52 8.03
N ILE A 26 -7.08 -26.12 7.87
CA ILE A 26 -6.85 -27.36 7.11
C ILE A 26 -7.22 -28.61 7.95
N ASP A 27 -7.61 -29.70 7.29
CA ASP A 27 -7.77 -31.04 7.89
C ASP A 27 -6.62 -31.95 7.47
N GLY A 28 -6.12 -32.77 8.39
CA GLY A 28 -4.98 -33.67 8.22
C GLY A 28 -3.63 -33.06 8.64
N MET A 29 -3.58 -31.75 8.96
CA MET A 29 -2.35 -31.04 9.37
C MET A 29 -1.75 -31.49 10.71
N HIS A 30 -2.42 -32.38 11.47
CA HIS A 30 -1.81 -33.09 12.59
C HIS A 30 -0.64 -33.99 12.11
N CYS A 31 -0.66 -34.39 10.84
CA CYS A 31 0.47 -35.02 10.14
C CYS A 31 1.16 -33.93 9.30
N LYS A 32 2.42 -33.57 9.60
CA LYS A 32 3.09 -32.45 8.94
C LYS A 32 3.17 -32.64 7.41
N SER A 33 3.26 -33.89 6.95
CA SER A 33 3.21 -34.29 5.54
C SER A 33 2.02 -33.72 4.76
N CYS A 34 0.92 -33.33 5.44
CA CYS A 34 -0.20 -32.59 4.84
C CYS A 34 0.23 -31.25 4.22
N VAL A 35 0.99 -30.43 4.95
CA VAL A 35 1.28 -29.05 4.53
C VAL A 35 2.27 -28.96 3.36
N LEU A 36 3.18 -29.95 3.25
CA LEU A 36 4.28 -29.96 2.28
C LEU A 36 3.75 -29.93 0.83
N ASN A 37 2.78 -30.79 0.50
CA ASN A 37 2.17 -30.81 -0.84
C ASN A 37 1.58 -29.43 -1.20
N ILE A 38 0.92 -28.77 -0.25
CA ILE A 38 0.35 -27.44 -0.45
C ILE A 38 1.47 -26.41 -0.69
N GLU A 39 2.52 -26.43 0.13
CA GLU A 39 3.64 -25.48 0.11
C GLU A 39 4.49 -25.57 -1.17
N GLU A 40 4.57 -26.76 -1.79
CA GLU A 40 5.19 -26.93 -3.10
C GLU A 40 4.33 -26.32 -4.23
N ASN A 41 3.06 -26.68 -4.28
CA ASN A 41 2.17 -26.43 -5.41
C ASN A 41 1.36 -25.12 -5.37
N ILE A 42 1.39 -24.39 -4.25
CA ILE A 42 0.80 -23.05 -4.11
C ILE A 42 1.90 -22.09 -3.66
N GLY A 43 2.03 -20.97 -4.38
CA GLY A 43 3.08 -19.95 -4.16
C GLY A 43 3.75 -19.42 -5.43
N GLN A 44 3.44 -19.99 -6.59
CA GLN A 44 3.94 -19.56 -7.91
C GLN A 44 2.82 -19.02 -8.83
N LEU A 45 1.56 -19.11 -8.40
CA LEU A 45 0.38 -18.83 -9.23
C LEU A 45 0.25 -17.34 -9.55
N LEU A 46 -0.38 -17.03 -10.70
CA LEU A 46 -0.68 -15.67 -11.12
C LEU A 46 -1.35 -14.77 -10.05
N GLY A 47 -2.13 -15.36 -9.13
CA GLY A 47 -2.74 -14.67 -7.98
C GLY A 47 -2.20 -15.07 -6.61
N VAL A 48 -1.13 -15.87 -6.47
CA VAL A 48 -0.45 -16.10 -5.18
C VAL A 48 1.03 -15.75 -5.29
N GLN A 49 1.47 -14.75 -4.53
CA GLN A 49 2.90 -14.39 -4.43
C GLN A 49 3.66 -15.45 -3.63
N SER A 50 3.15 -15.78 -2.44
CA SER A 50 3.74 -16.79 -1.56
C SER A 50 2.69 -17.48 -0.66
N ILE A 51 2.98 -18.69 -0.21
CA ILE A 51 2.22 -19.42 0.84
C ILE A 51 2.94 -19.25 2.20
N GLN A 52 2.25 -19.36 3.33
CA GLN A 52 2.86 -19.28 4.66
C GLN A 52 2.26 -20.34 5.61
N VAL A 53 3.08 -20.91 6.50
CA VAL A 53 2.71 -21.98 7.44
C VAL A 53 2.65 -21.39 8.85
N SER A 54 1.53 -21.61 9.56
CA SER A 54 1.26 -20.98 10.86
C SER A 54 0.73 -22.00 11.89
N LEU A 55 1.45 -23.11 12.12
CA LEU A 55 0.98 -24.22 12.95
C LEU A 55 0.89 -23.86 14.44
N GLU A 56 1.68 -22.90 14.91
CA GLU A 56 1.58 -22.34 16.26
C GLU A 56 0.36 -21.41 16.43
N ASN A 57 -0.22 -20.93 15.33
CA ASN A 57 -1.52 -20.24 15.30
C ASN A 57 -2.65 -21.23 14.94
N LYS A 58 -2.33 -22.48 14.56
CA LYS A 58 -3.24 -23.61 14.29
C LYS A 58 -3.99 -23.49 12.95
N THR A 59 -3.54 -22.57 12.08
CA THR A 59 -4.06 -22.28 10.74
C THR A 59 -2.94 -22.40 9.71
N ALA A 60 -3.32 -22.25 8.45
CA ALA A 60 -2.43 -22.03 7.33
C ALA A 60 -2.65 -20.59 6.83
N GLN A 61 -1.76 -20.10 5.96
CA GLN A 61 -1.77 -18.70 5.55
C GLN A 61 -1.44 -18.58 4.06
N VAL A 62 -2.07 -17.64 3.34
CA VAL A 62 -1.72 -17.42 1.92
C VAL A 62 -1.73 -15.92 1.59
N LYS A 63 -0.67 -15.50 0.89
CA LYS A 63 -0.42 -14.13 0.46
C LYS A 63 -0.84 -14.00 -1.02
N TYR A 64 -2.14 -13.83 -1.22
CA TYR A 64 -2.80 -13.78 -2.53
C TYR A 64 -3.11 -12.35 -2.97
N ASP A 65 -3.10 -12.10 -4.28
CA ASP A 65 -3.53 -10.83 -4.88
C ASP A 65 -4.95 -10.97 -5.46
N PRO A 66 -5.93 -10.15 -5.02
CA PRO A 66 -7.28 -10.09 -5.58
C PRO A 66 -7.35 -9.68 -7.07
N SER A 67 -6.21 -9.43 -7.74
CA SER A 67 -6.11 -9.12 -9.17
C SER A 67 -6.54 -10.30 -10.06
N CYS A 68 -6.24 -11.53 -9.62
CA CYS A 68 -6.40 -12.75 -10.43
C CYS A 68 -7.32 -13.81 -9.82
N THR A 69 -7.51 -13.78 -8.50
CA THR A 69 -8.24 -14.80 -7.72
C THR A 69 -9.04 -14.17 -6.58
N SER A 70 -9.71 -14.99 -5.79
CA SER A 70 -10.68 -14.62 -4.75
C SER A 70 -10.90 -15.81 -3.80
N PRO A 71 -11.09 -15.60 -2.48
CA PRO A 71 -11.09 -16.66 -1.45
C PRO A 71 -11.80 -17.97 -1.81
N VAL A 72 -13.04 -17.96 -2.32
CA VAL A 72 -13.77 -19.20 -2.66
C VAL A 72 -13.18 -19.94 -3.87
N ALA A 73 -12.71 -19.20 -4.88
CA ALA A 73 -12.10 -19.75 -6.09
C ALA A 73 -10.70 -20.32 -5.80
N LEU A 74 -9.99 -19.64 -4.91
CA LEU A 74 -8.69 -20.00 -4.37
C LEU A 74 -8.80 -21.25 -3.50
N GLN A 75 -9.75 -21.29 -2.56
CA GLN A 75 -10.01 -22.44 -1.69
C GLN A 75 -10.21 -23.72 -2.51
N ARG A 76 -11.13 -23.67 -3.49
CA ARG A 76 -11.45 -24.80 -4.39
C ARG A 76 -10.22 -25.30 -5.16
N ALA A 77 -9.34 -24.39 -5.60
CA ALA A 77 -8.12 -24.74 -6.34
C ALA A 77 -7.08 -25.45 -5.45
N ILE A 78 -6.85 -24.99 -4.22
CA ILE A 78 -5.88 -25.62 -3.31
C ILE A 78 -6.38 -26.94 -2.70
N GLU A 79 -7.66 -27.04 -2.36
CA GLU A 79 -8.22 -28.17 -1.60
C GLU A 79 -8.09 -29.51 -2.34
N ALA A 80 -8.19 -29.52 -3.67
CA ALA A 80 -8.14 -30.76 -4.45
C ALA A 80 -6.73 -31.13 -4.96
N LEU A 81 -5.68 -30.49 -4.45
CA LEU A 81 -4.29 -30.96 -4.67
C LEU A 81 -4.09 -32.43 -4.26
N PRO A 82 -4.55 -32.88 -3.08
CA PRO A 82 -4.57 -34.30 -2.72
C PRO A 82 -5.77 -35.05 -3.33
N PRO A 83 -5.78 -36.40 -3.24
CA PRO A 83 -6.92 -37.25 -3.55
C PRO A 83 -7.96 -37.20 -2.41
N GLY A 84 -8.54 -36.02 -2.19
CA GLY A 84 -9.59 -35.76 -1.19
C GLY A 84 -9.13 -35.91 0.27
N ASN A 85 -7.82 -35.77 0.54
CA ASN A 85 -7.21 -36.14 1.82
C ASN A 85 -7.10 -34.97 2.81
N PHE A 86 -6.93 -33.74 2.29
CA PHE A 86 -6.76 -32.52 3.08
C PHE A 86 -7.87 -31.53 2.72
N LYS A 87 -8.74 -31.18 3.67
CA LYS A 87 -9.87 -30.25 3.46
C LYS A 87 -9.53 -28.83 3.95
N VAL A 88 -10.21 -27.81 3.43
CA VAL A 88 -10.19 -26.45 3.99
C VAL A 88 -11.54 -26.09 4.58
N SER A 89 -11.55 -25.44 5.75
CA SER A 89 -12.74 -24.78 6.30
C SER A 89 -12.56 -23.25 6.33
N LEU A 90 -13.55 -22.53 5.80
CA LEU A 90 -13.64 -21.06 5.70
C LEU A 90 -15.05 -20.53 6.02
N THR A 120 -6.73 20.66 -17.55
CA THR A 120 -6.18 21.85 -16.87
C THR A 120 -5.68 21.47 -15.48
N CYS A 121 -4.53 20.79 -15.42
CA CYS A 121 -3.95 20.17 -14.22
C CYS A 121 -2.63 19.42 -14.51
N SER A 122 -1.64 19.54 -13.62
CA SER A 122 -0.41 18.75 -13.59
C SER A 122 0.10 18.55 -12.14
N THR A 123 0.66 17.38 -11.77
CA THR A 123 1.18 17.12 -10.41
C THR A 123 2.70 17.33 -10.33
N THR A 124 3.21 17.79 -9.18
CA THR A 124 4.65 17.91 -8.88
C THR A 124 5.00 17.55 -7.44
N LEU A 125 6.30 17.36 -7.21
CA LEU A 125 6.94 17.14 -5.91
C LEU A 125 7.71 18.40 -5.44
N ILE A 126 7.57 18.78 -4.17
CA ILE A 126 8.40 19.80 -3.51
C ILE A 126 9.09 19.15 -2.30
N ALA A 127 10.38 19.40 -2.09
CA ALA A 127 11.10 19.01 -0.87
C ALA A 127 11.17 20.25 0.04
N ILE A 128 10.91 20.12 1.34
CA ILE A 128 10.73 21.28 2.25
C ILE A 128 11.60 21.13 3.49
N ALA A 129 12.14 22.26 3.96
CA ALA A 129 13.10 22.37 5.06
C ALA A 129 12.70 23.43 6.10
N GLY A 130 11.54 23.21 6.71
CA GLY A 130 11.14 23.90 7.94
C GLY A 130 9.88 23.34 8.57
N MET A 131 9.83 22.01 8.72
CA MET A 131 8.72 21.30 9.36
C MET A 131 9.16 20.58 10.62
N THR A 132 8.26 20.57 11.60
CA THR A 132 8.37 19.94 12.91
C THR A 132 6.96 19.78 13.43
N CYS A 133 6.59 18.57 13.83
CA CYS A 133 5.23 18.17 14.28
C CYS A 133 4.23 18.04 13.13
N ALA A 134 3.26 17.13 13.26
CA ALA A 134 2.13 17.00 12.33
C ALA A 134 1.38 18.34 12.15
N SER A 135 1.36 19.20 13.17
CA SER A 135 0.74 20.52 13.08
C SER A 135 1.42 21.42 12.04
N CYS A 136 2.74 21.33 11.81
CA CYS A 136 3.37 22.09 10.74
C CYS A 136 2.94 21.61 9.34
N VAL A 137 2.77 20.30 9.16
CA VAL A 137 2.16 19.75 7.93
C VAL A 137 0.75 20.33 7.76
N HIS A 138 -0.14 20.17 8.74
CA HIS A 138 -1.52 20.68 8.62
C HIS A 138 -1.58 22.22 8.47
N SER A 139 -0.56 22.94 8.93
CA SER A 139 -0.38 24.38 8.70
C SER A 139 -0.03 24.69 7.23
N ILE A 140 1.03 24.09 6.68
CA ILE A 140 1.47 24.33 5.28
C ILE A 140 0.40 23.84 4.28
N GLU A 141 -0.07 22.60 4.49
CA GLU A 141 -1.12 21.92 3.74
C GLU A 141 -2.47 22.68 3.82
N GLY A 142 -2.67 23.47 4.90
CA GLY A 142 -3.73 24.46 5.10
C GLY A 142 -3.54 25.76 4.32
N MET A 143 -2.41 26.45 4.55
CA MET A 143 -2.14 27.82 4.07
C MET A 143 -1.88 27.89 2.57
N ILE A 144 -0.95 27.09 2.06
CA ILE A 144 -0.48 27.20 0.66
C ILE A 144 -1.60 26.84 -0.31
N SER A 145 -2.51 25.96 0.10
CA SER A 145 -3.73 25.59 -0.64
C SER A 145 -4.65 26.77 -0.99
N GLN A 146 -4.56 27.91 -0.29
CA GLN A 146 -5.54 29.00 -0.36
C GLN A 146 -5.21 30.16 -1.31
N LEU A 147 -4.29 29.97 -2.26
CA LEU A 147 -4.02 30.89 -3.38
C LEU A 147 -4.29 30.20 -4.74
N GLU A 148 -4.30 30.93 -5.86
CA GLU A 148 -4.73 30.36 -7.15
C GLU A 148 -3.82 29.23 -7.68
N GLY A 149 -4.36 28.48 -8.64
CA GLY A 149 -3.67 27.41 -9.38
C GLY A 149 -3.46 26.08 -8.64
N VAL A 150 -3.27 26.07 -7.32
CA VAL A 150 -3.10 24.84 -6.50
C VAL A 150 -4.42 24.11 -6.23
N GLN A 151 -4.69 23.09 -7.02
CA GLN A 151 -5.92 22.27 -6.96
C GLN A 151 -5.89 21.26 -5.79
N GLN A 152 -4.74 20.64 -5.52
CA GLN A 152 -4.59 19.62 -4.46
C GLN A 152 -3.21 19.74 -3.81
N ILE A 153 -3.09 19.58 -2.49
CA ILE A 153 -1.79 19.54 -1.80
C ILE A 153 -1.82 18.56 -0.61
N SER A 154 -0.84 17.66 -0.55
CA SER A 154 -0.65 16.71 0.55
C SER A 154 0.83 16.60 0.93
N VAL A 155 1.19 16.83 2.20
CA VAL A 155 2.58 16.98 2.66
C VAL A 155 2.86 16.00 3.82
N SER A 156 4.09 15.53 3.97
CA SER A 156 4.53 14.71 5.10
C SER A 156 5.97 15.02 5.55
N LEU A 157 6.20 14.92 6.87
CA LEU A 157 7.50 15.00 7.54
C LEU A 157 8.39 13.78 7.33
N ALA A 158 7.82 12.66 6.90
CA ALA A 158 8.49 11.35 6.79
C ALA A 158 9.77 11.44 5.96
N GLU A 159 9.68 12.09 4.80
CA GLU A 159 10.79 12.48 3.93
C GLU A 159 11.02 14.00 3.94
N GLY A 160 10.04 14.79 4.40
CA GLY A 160 10.02 16.26 4.31
C GLY A 160 9.58 16.73 2.92
N THR A 161 8.44 16.22 2.42
CA THR A 161 8.02 16.41 1.01
C THR A 161 6.52 16.69 0.86
N ALA A 162 6.19 17.48 -0.16
CA ALA A 162 4.83 17.78 -0.62
C ALA A 162 4.55 17.16 -1.98
N THR A 163 3.38 16.52 -2.14
CA THR A 163 2.84 16.09 -3.44
C THR A 163 1.64 16.99 -3.74
N VAL A 164 1.71 17.75 -4.83
CA VAL A 164 0.77 18.84 -5.10
C VAL A 164 0.39 18.93 -6.60
N LEU A 165 -0.90 19.16 -6.86
CA LEU A 165 -1.50 19.38 -8.17
C LEU A 165 -1.62 20.89 -8.40
N TYR A 166 -0.95 21.38 -9.44
CA TYR A 166 -0.99 22.78 -9.87
C TYR A 166 -1.53 22.93 -11.31
N ASN A 167 -2.03 24.11 -11.64
CA ASN A 167 -2.47 24.50 -12.97
C ASN A 167 -1.31 25.24 -13.67
N PRO A 168 -0.74 24.70 -14.76
CA PRO A 168 0.48 25.21 -15.39
C PRO A 168 0.26 26.48 -16.22
N ALA A 169 -0.99 26.91 -16.43
CA ALA A 169 -1.33 28.21 -17.02
C ALA A 169 -1.40 29.33 -15.96
N VAL A 170 -2.06 29.03 -14.84
CA VAL A 170 -2.41 30.01 -13.79
C VAL A 170 -1.26 30.23 -12.80
N ILE A 171 -0.38 29.24 -12.58
CA ILE A 171 0.79 29.33 -11.68
C ILE A 171 1.95 28.48 -12.22
N SER A 172 3.19 28.93 -12.04
CA SER A 172 4.37 28.13 -12.39
C SER A 172 5.09 27.60 -11.11
N PRO A 173 5.73 26.41 -11.14
CA PRO A 173 6.24 25.71 -9.96
C PRO A 173 7.17 26.51 -9.05
N GLU A 174 7.96 27.43 -9.59
CA GLU A 174 8.83 28.31 -8.79
C GLU A 174 8.07 29.17 -7.76
N GLU A 175 6.80 29.47 -8.05
CA GLU A 175 5.91 30.26 -7.19
C GLU A 175 5.46 29.48 -5.96
N LEU A 176 5.31 28.15 -6.09
CA LEU A 176 5.00 27.23 -4.99
C LEU A 176 6.13 27.33 -3.95
N ARG A 177 7.38 27.22 -4.41
CA ARG A 177 8.59 27.38 -3.60
C ARG A 177 8.62 28.72 -2.86
N ALA A 178 8.33 29.84 -3.55
CA ALA A 178 8.31 31.18 -2.93
C ALA A 178 7.23 31.34 -1.84
N ALA A 179 6.10 30.61 -1.95
CA ALA A 179 4.97 30.70 -1.01
C ALA A 179 5.30 30.10 0.37
N ILE A 180 6.15 29.07 0.40
CA ILE A 180 6.67 28.46 1.63
C ILE A 180 7.75 29.35 2.30
N GLU A 181 8.55 30.08 1.52
CA GLU A 181 9.43 31.11 2.09
C GLU A 181 8.62 32.29 2.66
N ASP A 182 7.49 32.65 2.04
CA ASP A 182 6.53 33.65 2.57
C ASP A 182 5.86 33.18 3.88
N MET A 183 5.68 31.87 4.08
CA MET A 183 5.21 31.30 5.34
C MET A 183 6.30 31.29 6.42
N GLY A 184 7.56 31.20 6.00
CA GLY A 184 8.75 31.39 6.82
C GLY A 184 9.64 30.16 6.97
N PHE A 185 9.69 29.31 5.94
CA PHE A 185 10.47 28.07 5.90
C PHE A 185 11.37 28.07 4.64
N GLU A 186 11.80 26.90 4.15
CA GLU A 186 12.45 26.78 2.84
C GLU A 186 11.88 25.62 2.04
N ALA A 187 11.86 25.79 0.72
CA ALA A 187 11.29 24.85 -0.24
C ALA A 187 12.15 24.70 -1.50
N SER A 188 12.32 23.46 -1.94
CA SER A 188 13.05 23.05 -3.14
C SER A 188 12.08 22.43 -4.16
N VAL A 189 12.09 22.95 -5.38
CA VAL A 189 11.15 22.57 -6.45
C VAL A 189 11.68 21.34 -7.19
N VAL A 190 11.85 20.24 -6.45
CA VAL A 190 12.54 19.03 -6.92
C VAL A 190 11.79 18.36 -8.08
#